data_8WEY
#
_entry.id   8WEY
#
_cell.length_a   1.00
_cell.length_b   1.00
_cell.length_c   1.00
_cell.angle_alpha   90.00
_cell.angle_beta   90.00
_cell.angle_gamma   90.00
#
_symmetry.space_group_name_H-M   'P 1'
#
loop_
_entity.id
_entity.type
_entity.pdbx_description
1 polymer 'Photosystem I P700 chlorophyll a apoprotein A1'
2 polymer 'Photosystem I P700 chlorophyll a apoprotein A2'
3 polymer 'Photosystem I iron-sulfur center'
4 polymer 'Photosystem I reaction center subunit II'
5 polymer 'Photosystem I reaction center subunit IV'
6 polymer 'Photosystem I reaction center subunit III'
7 polymer 'Photosystem I reaction center subunit VIII'
8 polymer 'Photosystem I reaction center subunit IX'
9 polymer 'Photosystem I reaction center subunit X'
10 polymer 'Photosystem I reaction center subunit XI'
11 polymer 'Photosystem I reaction center subunit XII'
12 polymer 'Photosystem I subunit O'
13 polymer Lhcr1
14 polymer Lhcr2
15 polymer Lhcr3
16 non-polymer 'CHLOROPHYLL A ISOMER'
17 non-polymer 'CHLOROPHYLL A'
18 non-polymer PHYLLOQUINONE
19 non-polymer 1,2-DIPALMITOYL-PHOSPHATIDYL-GLYCEROLE
20 non-polymer BETA-CAROTENE
21 non-polymer 'IRON/SULFUR CLUSTER'
22 non-polymer DODECYL-BETA-D-MALTOSIDE
23 non-polymer 'UNKNOWN LIGAND'
24 non-polymer 'DIGALACTOSYL DIACYL GLYCEROL (DGDG)'
25 non-polymer Zeaxanthin
26 water water
#
loop_
_entity_poly.entity_id
_entity_poly.type
_entity_poly.pdbx_seq_one_letter_code
_entity_poly.pdbx_strand_id
1 'polypeptide(L)'
;MTLTTDKKVKVVVDRDVVATSFEKWAKPGHFSRSLAKGPKTTTWIWNLHADAHDFDSHTSSLEEVSRKIFSAHFGQLAII
FIWLSGMYFHGARFSNYVAWLSNPTGIKPSAQVVWPIVGQQILNADVGGGIQGIQITSGLFQLWRASGIVNELQLYVTAI
GGLVMAGLMMFAGWFHYHKAAPKLEWFQNVESMLNHHLAGLLGLGSLSWAGHQIHVSLPVNKLLDAGVAPSSIPLPHEFI
LNRNLMAELYPSFQQGLAPFFTLNWKQYSDILTFKGGLSPVTGGLWLTDVAHHHLAIAVLFIVAGHMYRTNWGIGHSMKQ
LLEAHKGPLTGEGHKGLYEVLTTSWHANLAINLAMLGSLSIIVAHHMYSMPPYPYLATDYPTQLSLFTHHMWIGGFCIVG
AGAHAAIYMVRDYSPTVNYNNVLDRMIRHRDAIISHLNWVCIFLGTHSFGLYIHNDTMRALGRAQDMFSDTAIQLQPVLA
QWIQQIHTLAPGNTAVNALATASYAFGADTVTVGSKIAMMPIKLGTADFMVHHIHAFTIHVTVLILLKGVLFARNSRLIP
DKANLGFRFPCDGPGRGGTCQVSAWDHVFLGLFWMYNALSVVIFHFSWKMQSDVWGTVSSNGTVSHITGGNFAQSAITIN
GWLRDFLWAQASQVIQSYGSSLSAYGLMFLGAHFVWAFSLMFLFSGRGYWQELIESIVWAHNKLKVAPSIAPRALSITQG
RAVGVAHYLLGGIATTWAFFLARIISVG
;
A
2 'polypeptide(L)'
;MTTKFPKFSQALASDPTTRRIWYGIATAHDFETHDGMTEENLYQKIFASHFGHLALIFLWTSGNLFHVAWQGNFEQWIAN
PLKTKPLAHAIWDPHFGQAALKAFTRGETVANISYSGLYHWWYTIGLRNNVELYSGALGLLVLSAVFLLAGWLHIQPKFK
PSLSWFKNNESRLNHHLAGLFGVSSLAWTGHLVHVAIPASRGQHVGWDNFISVAPHPAGLQPFFTGNWSVYAQSPDSMQH
VFGTNQGAGTAILTFLGGFHPQTQSLWLTDMAHHHLAIAVIFIVAGHMYRTNFGIGHNLKTILEAHRPPSGRLGKGHIGI
YQTLTNSLHFQLGLALACLSVVTSLVAQHMYAMPPYAYMAYDYVTQAALYTHHQYIAGLLIVGAFAHGAIFFIRDYDPEQ
NQDNVLARMLTHKEAIISHLSWVSLFLGFHTLGLYVHNDVVVAFGNPEKQILIEPIFAQWIQATSGKALYGFHVLLSSST
SNATTAAQQLWLPGWLEAINNESNSLFLTIGPGDFLVHHAIALGLHTTTLILVKGALDARGSKLMPDKKDFGYSFPCDGP
GRGGTCDISAWDAFYLAMFWMLNTIGWITFYWHWKHLSLWQGNVAQFNESSTYLMGWLRDYLWLNSSPLINGYNPYGMNS
LSVWAWMFLFAHLVWATGFMFLISWRGYWQELIETLAWAHERTPLANLIKWKDKPVALSIVQARLVGLVHFTVGYILTYA
AFVIASTAGKFS
;
B
3 'polypeptide(L)'
;MAHTVKIYDNCIGCTQCVRACPLDVLEMVPWDGCKAGQMASAPRTEDCVGCKRCETACPTDFLSIRVYLGGETTRSMGLA
Y
;
C
4 'polypeptide(L)'
;MLNLKMPSPNFLGSTGGWLRCAETEEKYAMTWSSNREHVFEMPTGGAATMNAGDNLLYLARKEQALALATQLRTQFKIQD
YKIYRIFPSGEVQYLHPKDGVLPYLVNEGREQVGRIKATIGKNVNPAQVKFTSKATYDR
;
D
5 'polypeptide(L)' MLKKGSLVKILRPESYWFNEVGTVVSVETSKVLYPVLVRFEKVNYSGLNSTSFALEELQEI E
6 'polypeptide(L)'
;MKLSRLFILACMCVCVDGATADVLTTCQQNEAFHKREANEIRQLQNRQSKYDANSGGYLALQAQIDQVHKRFDKYGELLC
GQDGLPHLITDGDWRHAREFTIPAILFLYITGWIGWVGRSYLQYTKQTKNPTEQEIILDLPMAFKYMLSGFLWPLSAWQE
YRSGKLLAKEDEISVSPR
;
F
7 'polypeptide(L)' MSASYLPSILVPTVGLILPFATMAILFVAIEK I
8 'polypeptide(L)' MNLKKYLSTAPVVATLWLFLTAGILIELNRFYPDSLFY J
9 'polypeptide(L)' MIQFPSSIPVIMVISNLLALAIGRYAIQNPSNETPIIGLNLAQLVATTSFGHIIGVATILGLSNMGII K
10 'polypeptide(L)'
;MSDYIKPYNNDPFVGHLATPINSSSLTRGYLAQLPIYRSGLSPFLRGLEIGMAHGYFLIGPFVELGPLRNTEMKYLAGLL
SAVGLVVILTLGMLLYGYVSFTNDSQDVESLEGWRQLASGFLLGAVGGAGFAYLLIYSFIL
;
L
11 'polypeptide(L)' MITDNQVFVALIMALVCGYLAVKLAAQL M
12 'polypeptide(L)'
;MYGFVSVLPVASGVQRGQFACTSLKGFHGRVARFQQARLPSAGRARSVGASSLRMFEISDGEQYPLNPAVILIAIIGWSA
AAAVPSNIPVLGGTGLTQAFLASIQRLLAQYPTGPKLDDPFWFYLVVYHVGLFALLIFGQIGYAGYARGTYKRSS
;
O
13 'polypeptide(L)'
;MYAFVSAVPLAQRSKLCLKKTNGRSLNRDCAFGYGTLRMEQSPAMPFLSKPPNLSPDMPGYRGFDPLRLSDAFDVNWLLE
GEVKNGRVAMLACLHFFVTEYYQFPFYAGAPKLAAPAHDYFVKSGAMIQILVFIGFLEMVLHRGKVLYSDMEWKGRKPGE
LGFNPLNLPNDKAMKDREINNGRLAMLGFAGIIHGEFLNGKMPIEQITNFQPLQ
;
1,4
14 'polypeptide(L)'
;MAFISALSCASLKTGVVGRKVCGLKGAAAGLRMQAPSGAAMPSMPFLKRPSKLDGSLPGGEGCFDPLGFTEVFSLEWMRE
AEVKHCRVAMLAVLGVIAQEFGTLDFYHAQSKLQLSPDLHNQFVQNGALQQVLLFVCAWEFFVGLPALIESLEGRREPGY
FGFDPLKLGGTYGSAQWKRMAAGELRNGRLAMIAFGGFFHQQLLTKQGIIEQLTHFSPLKSS
;
2,5
15 'polypeptide(L)'
;MFVWTSTWVAGGVLGSVSQRRGVCVSRQLRMTEAARDSGTSRSVPFVPAPAAVRKSGLAGSEAEFDPLQITSYLPISWMR
ESEVKHGRIAMLAFVGTLAQQAYQFPWYKGAPTTLVGAHDHFVTTALAQILLFTSAFEILAGVPAAIQTVRGSGRLPGYY
GFDPLGLWGKDEASRKRMELAEVKNGRLAMIAMLALWHQEALSGGMGVIEQLVKQKFTP
;
3
#
# COMPACT_ATOMS: atom_id res chain seq x y z
N LYS A 8 47.45 -25.80 2.42
CA LYS A 8 46.00 -26.02 2.05
C LYS A 8 45.25 -24.68 2.15
N VAL A 9 45.27 -24.05 3.33
CA VAL A 9 44.76 -22.65 3.53
C VAL A 9 45.89 -21.70 3.12
N LYS A 10 45.74 -21.04 1.97
CA LYS A 10 46.80 -20.16 1.38
C LYS A 10 46.18 -18.89 0.81
N VAL A 11 46.95 -17.81 0.79
CA VAL A 11 46.62 -16.54 0.08
C VAL A 11 47.08 -16.71 -1.37
N VAL A 12 46.14 -16.60 -2.31
CA VAL A 12 46.42 -16.60 -3.78
C VAL A 12 45.55 -15.49 -4.41
N VAL A 13 46.20 -14.52 -5.04
CA VAL A 13 45.54 -13.35 -5.71
C VAL A 13 46.03 -13.27 -7.15
N ASP A 14 45.22 -12.66 -8.02
CA ASP A 14 45.63 -12.15 -9.35
C ASP A 14 45.98 -10.67 -9.21
N ARG A 15 47.08 -10.23 -9.84
CA ARG A 15 47.64 -8.86 -9.72
C ARG A 15 47.19 -8.03 -10.94
N ASP A 16 47.00 -6.71 -10.75
CA ASP A 16 46.67 -5.71 -11.79
C ASP A 16 45.59 -6.27 -12.73
N VAL A 17 44.50 -6.77 -12.15
CA VAL A 17 43.47 -7.58 -12.85
C VAL A 17 42.51 -6.66 -13.62
N VAL A 18 42.31 -5.43 -13.15
CA VAL A 18 41.38 -4.43 -13.76
C VAL A 18 42.05 -3.05 -13.75
N ALA A 19 42.27 -2.46 -14.91
CA ALA A 19 42.83 -1.10 -15.09
C ALA A 19 41.87 -0.07 -14.49
N THR A 20 42.43 0.93 -13.79
CA THR A 20 41.69 2.05 -13.17
C THR A 20 41.54 3.14 -14.25
N SER A 21 40.39 3.13 -14.91
CA SER A 21 40.04 4.01 -16.05
C SER A 21 38.61 4.52 -15.87
N PHE A 22 38.37 5.78 -16.22
CA PHE A 22 37.02 6.39 -16.28
C PHE A 22 36.27 5.97 -17.54
N GLU A 23 36.91 5.24 -18.46
CA GLU A 23 36.32 4.79 -19.74
C GLU A 23 34.90 4.22 -19.50
N LYS A 24 34.75 3.27 -18.58
CA LYS A 24 33.47 2.55 -18.35
C LYS A 24 32.47 3.42 -17.58
N TRP A 25 32.93 4.44 -16.86
CA TRP A 25 32.05 5.43 -16.16
C TRP A 25 31.23 6.18 -17.22
N ALA A 26 31.84 6.46 -18.37
CA ALA A 26 31.23 7.16 -19.53
C ALA A 26 30.42 6.19 -20.40
N LYS A 27 30.40 4.89 -20.06
CA LYS A 27 29.63 3.83 -20.76
C LYS A 27 28.59 3.25 -19.81
N PRO A 28 27.47 3.96 -19.55
CA PRO A 28 26.40 3.43 -18.71
C PRO A 28 26.00 1.99 -19.11
N GLY A 29 25.95 1.08 -18.13
CA GLY A 29 25.49 -0.31 -18.34
C GLY A 29 26.54 -1.17 -19.04
N HIS A 30 27.81 -0.76 -19.00
CA HIS A 30 28.99 -1.56 -19.44
C HIS A 30 28.95 -3.00 -18.88
N PHE A 31 28.46 -3.17 -17.65
CA PHE A 31 28.53 -4.43 -16.86
C PHE A 31 27.59 -5.50 -17.40
N SER A 32 26.61 -5.13 -18.22
CA SER A 32 25.55 -6.03 -18.77
C SER A 32 25.64 -6.05 -20.30
N ARG A 33 25.64 -7.24 -20.90
CA ARG A 33 25.61 -7.44 -22.38
C ARG A 33 24.32 -6.86 -22.95
N SER A 34 23.20 -6.97 -22.22
CA SER A 34 21.86 -6.46 -22.62
C SER A 34 21.83 -4.91 -22.57
N LEU A 35 22.50 -4.29 -21.60
CA LEU A 35 22.44 -2.81 -21.36
C LEU A 35 23.58 -2.07 -22.07
N ALA A 36 24.74 -2.70 -22.31
CA ALA A 36 25.95 -2.01 -22.82
C ALA A 36 25.64 -1.26 -24.12
N LYS A 37 24.71 -1.76 -24.95
CA LYS A 37 24.30 -1.18 -26.25
C LYS A 37 23.58 0.18 -26.07
N GLY A 38 23.07 0.48 -24.88
CA GLY A 38 22.48 1.79 -24.53
C GLY A 38 20.98 1.84 -24.78
N PRO A 39 20.28 2.93 -24.37
CA PRO A 39 18.82 2.98 -24.39
C PRO A 39 18.18 3.23 -25.76
N LYS A 40 17.08 2.53 -26.04
CA LYS A 40 16.07 2.89 -27.08
C LYS A 40 14.76 3.30 -26.39
N THR A 41 14.57 2.93 -25.13
CA THR A 41 13.36 3.23 -24.33
C THR A 41 13.79 3.57 -22.91
N THR A 42 12.91 4.17 -22.12
CA THR A 42 13.20 4.60 -20.73
C THR A 42 13.36 3.39 -19.82
N THR A 43 12.82 2.23 -20.21
CA THR A 43 12.94 0.96 -19.46
C THR A 43 14.41 0.66 -19.16
N TRP A 44 15.28 0.96 -20.13
CA TRP A 44 16.75 0.78 -20.04
C TRP A 44 17.31 1.52 -18.81
N ILE A 45 16.83 2.73 -18.55
CA ILE A 45 17.34 3.60 -17.44
C ILE A 45 17.04 2.89 -16.11
N TRP A 46 15.84 2.35 -15.95
CA TRP A 46 15.44 1.62 -14.72
C TRP A 46 16.26 0.34 -14.59
N ASN A 47 16.37 -0.41 -15.70
CA ASN A 47 17.10 -1.70 -15.78
C ASN A 47 18.56 -1.52 -15.36
N LEU A 48 19.18 -0.42 -15.78
CA LEU A 48 20.58 -0.07 -15.41
C LEU A 48 20.71 -0.12 -13.89
N HIS A 49 19.77 0.49 -13.17
CA HIS A 49 19.82 0.62 -11.70
C HIS A 49 19.41 -0.70 -11.04
N ALA A 50 18.34 -1.34 -11.52
CA ALA A 50 17.82 -2.61 -10.97
C ALA A 50 18.88 -3.70 -11.02
N ASP A 51 19.77 -3.66 -12.01
CA ASP A 51 20.73 -4.76 -12.31
C ASP A 51 22.16 -4.43 -11.82
N ALA A 52 22.42 -3.19 -11.40
CA ALA A 52 23.80 -2.69 -11.14
C ALA A 52 24.55 -3.61 -10.17
N HIS A 53 23.89 -4.16 -9.14
CA HIS A 53 24.56 -4.98 -8.10
C HIS A 53 24.21 -6.45 -8.21
N ASP A 54 23.51 -6.86 -9.26
CA ASP A 54 23.16 -8.29 -9.50
C ASP A 54 24.36 -8.92 -10.20
N PHE A 55 25.48 -9.07 -9.49
CA PHE A 55 26.82 -9.41 -10.05
C PHE A 55 26.78 -10.77 -10.74
N ASP A 56 26.03 -11.75 -10.20
CA ASP A 56 25.96 -13.13 -10.75
C ASP A 56 25.08 -13.18 -12.02
N SER A 57 24.41 -12.09 -12.40
CA SER A 57 23.75 -11.90 -13.72
C SER A 57 24.74 -11.33 -14.75
N HIS A 58 25.71 -10.52 -14.31
CA HIS A 58 26.70 -9.85 -15.19
C HIS A 58 27.65 -10.89 -15.80
N THR A 59 28.20 -11.77 -14.96
CA THR A 59 29.23 -12.79 -15.31
C THR A 59 28.80 -14.16 -14.75
N SER A 60 29.24 -15.23 -15.42
CA SER A 60 29.04 -16.65 -15.01
C SER A 60 30.18 -17.12 -14.09
N SER A 61 31.24 -16.33 -13.96
CA SER A 61 32.45 -16.67 -13.15
C SER A 61 32.19 -16.38 -11.67
N LEU A 62 32.17 -17.43 -10.84
CA LEU A 62 32.01 -17.31 -9.37
C LEU A 62 33.15 -16.47 -8.80
N GLU A 63 34.36 -16.59 -9.38
CA GLU A 63 35.55 -15.82 -8.96
C GLU A 63 35.26 -14.32 -9.12
N GLU A 64 34.83 -13.91 -10.31
CA GLU A 64 34.59 -12.48 -10.64
C GLU A 64 33.44 -11.93 -9.79
N VAL A 65 32.41 -12.73 -9.51
CA VAL A 65 31.30 -12.34 -8.58
C VAL A 65 31.90 -12.11 -7.19
N SER A 66 32.67 -13.07 -6.66
CA SER A 66 33.28 -13.03 -5.30
C SER A 66 34.11 -11.76 -5.11
N ARG A 67 34.93 -11.43 -6.11
CA ARG A 67 35.84 -10.26 -6.08
C ARG A 67 35.07 -8.94 -6.05
N LYS A 68 33.97 -8.85 -6.82
CA LYS A 68 33.09 -7.67 -6.79
C LYS A 68 32.50 -7.52 -5.39
N ILE A 69 32.05 -8.64 -4.82
CA ILE A 69 31.35 -8.67 -3.50
C ILE A 69 32.32 -8.13 -2.45
N PHE A 70 33.52 -8.69 -2.39
CA PHE A 70 34.58 -8.34 -1.40
C PHE A 70 34.88 -6.84 -1.48
N SER A 71 35.11 -6.33 -2.69
CA SER A 71 35.40 -4.90 -2.97
C SER A 71 34.19 -4.01 -2.65
N ALA A 72 32.97 -4.39 -3.07
CA ALA A 72 31.72 -3.68 -2.73
C ALA A 72 31.56 -3.59 -1.20
N HIS A 73 31.97 -4.63 -0.47
CA HIS A 73 31.86 -4.67 1.01
C HIS A 73 32.70 -3.55 1.60
N PHE A 74 33.88 -3.29 1.03
CA PHE A 74 34.77 -2.21 1.50
C PHE A 74 34.11 -0.87 1.24
N GLY A 75 33.42 -0.74 0.11
CA GLY A 75 32.61 0.45 -0.21
C GLY A 75 31.60 0.70 0.88
N GLN A 76 30.91 -0.35 1.34
CA GLN A 76 29.87 -0.26 2.40
C GLN A 76 30.53 0.18 3.70
N LEU A 77 31.64 -0.43 4.10
CA LEU A 77 32.36 -0.04 5.35
C LEU A 77 32.85 1.42 5.24
N ALA A 78 33.38 1.83 4.09
CA ALA A 78 33.82 3.23 3.84
C ALA A 78 32.67 4.20 4.15
N ILE A 79 31.48 3.90 3.62
CA ILE A 79 30.26 4.72 3.79
C ILE A 79 29.88 4.72 5.27
N ILE A 80 29.92 3.56 5.93
CA ILE A 80 29.56 3.45 7.36
C ILE A 80 30.52 4.35 8.15
N PHE A 81 31.79 4.36 7.77
CA PHE A 81 32.83 5.16 8.47
C PHE A 81 32.57 6.65 8.26
N ILE A 82 32.10 7.05 7.09
CA ILE A 82 31.74 8.48 6.79
C ILE A 82 30.57 8.88 7.69
N TRP A 83 29.54 8.03 7.75
CA TRP A 83 28.33 8.20 8.59
C TRP A 83 28.71 8.30 10.08
N LEU A 84 29.44 7.33 10.61
CA LEU A 84 29.92 7.37 12.02
C LEU A 84 30.71 8.65 12.27
N SER A 85 31.70 8.93 11.42
CA SER A 85 32.55 10.14 11.48
C SER A 85 31.64 11.36 11.59
N GLY A 86 30.64 11.45 10.70
CA GLY A 86 29.62 12.50 10.72
C GLY A 86 28.99 12.62 12.08
N MET A 87 28.59 11.50 12.68
CA MET A 87 27.87 11.51 13.98
C MET A 87 28.79 12.07 15.04
N TYR A 88 30.07 11.68 15.06
CA TYR A 88 31.09 12.16 16.02
C TYR A 88 31.37 13.65 15.77
N PHE A 89 31.52 14.07 14.51
CA PHE A 89 31.80 15.48 14.15
C PHE A 89 30.62 16.38 14.55
N HIS A 90 29.38 15.95 14.26
CA HIS A 90 28.17 16.71 14.67
C HIS A 90 28.12 16.80 16.20
N GLY A 91 28.49 15.73 16.90
CA GLY A 91 28.67 15.72 18.35
C GLY A 91 29.67 16.76 18.80
N ALA A 92 30.82 16.83 18.12
CA ALA A 92 31.95 17.70 18.48
C ALA A 92 31.57 19.17 18.25
N ARG A 93 30.89 19.46 17.13
CA ARG A 93 30.83 20.83 16.54
C ARG A 93 29.45 21.47 16.77
N PHE A 94 28.36 20.70 16.72
CA PHE A 94 26.97 21.24 16.66
C PHE A 94 26.08 20.66 17.76
N SER A 95 26.66 20.24 18.88
CA SER A 95 25.90 19.51 19.94
C SER A 95 26.02 20.19 21.30
N ASN A 96 25.11 19.83 22.20
CA ASN A 96 25.13 20.21 23.63
C ASN A 96 25.65 19.05 24.48
N TYR A 97 26.46 18.14 23.92
CA TYR A 97 26.94 16.92 24.61
C TYR A 97 27.68 17.28 25.89
N VAL A 98 28.63 18.21 25.80
CA VAL A 98 29.47 18.60 26.98
C VAL A 98 28.55 19.12 28.09
N ALA A 99 27.62 20.02 27.76
CA ALA A 99 26.64 20.57 28.72
C ALA A 99 25.77 19.44 29.26
N TRP A 100 25.32 18.53 28.38
CA TRP A 100 24.45 17.38 28.74
C TRP A 100 25.15 16.49 29.78
N LEU A 101 26.46 16.29 29.68
CA LEU A 101 27.23 15.48 30.68
C LEU A 101 27.00 16.02 32.10
N SER A 102 26.89 17.35 32.25
CA SER A 102 26.73 18.04 33.57
C SER A 102 25.27 18.02 34.04
N ASN A 103 24.29 17.77 33.15
CA ASN A 103 22.84 17.71 33.50
C ASN A 103 22.12 16.72 32.58
N PRO A 104 22.38 15.40 32.71
CA PRO A 104 21.85 14.41 31.77
C PRO A 104 20.32 14.29 31.76
N THR A 105 19.68 14.51 32.91
CA THR A 105 18.22 14.39 33.13
C THR A 105 17.50 15.66 32.66
N GLY A 106 18.16 16.81 32.69
CA GLY A 106 17.56 18.14 32.42
C GLY A 106 17.70 18.57 30.98
N ILE A 107 18.87 18.36 30.39
CA ILE A 107 19.20 18.80 29.00
C ILE A 107 18.77 17.70 28.02
N LYS A 108 18.19 18.11 26.89
CA LYS A 108 17.78 17.21 25.78
C LYS A 108 18.95 17.09 24.83
N PRO A 109 19.45 15.87 24.50
CA PRO A 109 20.54 15.73 23.54
C PRO A 109 20.16 16.35 22.19
N SER A 110 21.06 17.15 21.62
CA SER A 110 20.88 17.82 20.31
C SER A 110 22.22 17.87 19.59
N ALA A 111 22.28 17.39 18.35
CA ALA A 111 23.49 17.38 17.51
C ALA A 111 23.15 17.68 16.04
N GLN A 112 22.02 18.34 15.78
CA GLN A 112 21.69 18.87 14.44
C GLN A 112 21.16 20.29 14.60
N VAL A 113 21.83 21.26 13.99
CA VAL A 113 21.42 22.69 13.97
C VAL A 113 21.01 23.02 12.55
N VAL A 114 19.82 23.58 12.35
CA VAL A 114 19.37 23.97 10.98
C VAL A 114 19.74 25.44 10.74
N TRP A 115 20.03 25.78 9.49
CA TRP A 115 20.30 27.15 9.04
C TRP A 115 19.02 28.00 9.04
N PRO A 116 19.14 29.31 9.34
CA PRO A 116 18.01 30.24 9.25
C PRO A 116 17.70 30.56 7.78
N ILE A 117 16.63 29.96 7.27
CA ILE A 117 16.16 30.14 5.88
C ILE A 117 14.69 29.73 5.85
N VAL A 118 13.87 30.52 5.16
CA VAL A 118 12.41 30.31 4.94
C VAL A 118 11.70 29.95 6.26
N GLY A 119 12.22 30.41 7.41
CA GLY A 119 11.62 30.22 8.75
C GLY A 119 11.86 28.84 9.35
N GLN A 120 12.74 28.01 8.78
CA GLN A 120 12.96 26.62 9.27
C GLN A 120 13.74 26.62 10.58
N GLN A 121 14.31 27.75 11.01
CA GLN A 121 15.05 27.88 12.29
C GLN A 121 14.12 27.68 13.50
N ILE A 122 12.80 27.66 13.30
CA ILE A 122 11.84 27.21 14.35
C ILE A 122 12.23 25.80 14.85
N LEU A 123 12.86 24.97 14.01
CA LEU A 123 13.22 23.57 14.35
C LEU A 123 14.43 23.52 15.29
N ASN A 124 15.14 24.63 15.46
CA ASN A 124 16.20 24.76 16.50
C ASN A 124 15.50 24.91 17.85
N ALA A 125 15.20 23.78 18.49
CA ALA A 125 14.39 23.68 19.73
C ALA A 125 15.20 24.18 20.93
N ASP A 126 14.52 24.60 21.99
CA ASP A 126 15.13 25.01 23.28
C ASP A 126 15.50 23.73 24.04
N VAL A 127 16.62 23.12 23.65
CA VAL A 127 17.07 21.77 24.12
C VAL A 127 17.93 21.93 25.39
N GLY A 128 18.42 23.14 25.66
CA GLY A 128 19.32 23.44 26.79
C GLY A 128 20.78 23.27 26.40
N GLY A 129 21.68 23.48 27.36
CA GLY A 129 23.14 23.37 27.18
C GLY A 129 23.68 24.41 26.21
N GLY A 130 23.08 25.59 26.18
CA GLY A 130 23.58 26.77 25.45
C GLY A 130 23.63 26.58 23.94
N ILE A 131 22.74 25.76 23.37
CA ILE A 131 22.51 25.68 21.90
C ILE A 131 21.00 25.55 21.64
N GLN A 132 20.60 25.80 20.40
CA GLN A 132 19.25 25.52 19.87
C GLN A 132 19.43 24.58 18.68
N GLY A 133 18.73 23.44 18.67
CA GLY A 133 18.86 22.44 17.61
C GLY A 133 17.79 21.38 17.70
N ILE A 134 17.89 20.38 16.84
CA ILE A 134 16.95 19.23 16.79
C ILE A 134 17.35 18.29 17.92
N GLN A 135 16.39 17.86 18.72
CA GLN A 135 16.59 16.82 19.75
C GLN A 135 16.84 15.47 19.06
N ILE A 136 17.95 14.81 19.37
CA ILE A 136 18.34 13.53 18.74
C ILE A 136 17.86 12.38 19.61
N THR A 137 17.52 11.25 18.99
CA THR A 137 16.95 10.05 19.65
C THR A 137 17.79 8.81 19.32
N SER A 138 18.97 8.98 18.74
CA SER A 138 19.89 7.89 18.34
C SER A 138 20.60 7.30 19.56
N GLY A 139 20.58 8.00 20.69
CA GLY A 139 21.25 7.59 21.93
C GLY A 139 22.75 7.75 21.86
N LEU A 140 23.27 8.63 20.99
CA LEU A 140 24.73 8.81 20.81
C LEU A 140 25.35 9.33 22.11
N PHE A 141 24.70 10.27 22.80
CA PHE A 141 25.24 10.89 24.03
C PHE A 141 25.43 9.80 25.10
N GLN A 142 24.46 8.90 25.23
CA GLN A 142 24.47 7.80 26.23
C GLN A 142 25.59 6.82 25.88
N LEU A 143 25.76 6.52 24.59
CA LEU A 143 26.89 5.70 24.06
C LEU A 143 28.21 6.39 24.41
N TRP A 144 28.36 7.67 24.06
CA TRP A 144 29.63 8.42 24.25
C TRP A 144 29.94 8.56 25.74
N ARG A 145 28.92 8.73 26.58
CA ARG A 145 29.10 8.83 28.05
C ARG A 145 29.58 7.47 28.57
N ALA A 146 29.02 6.37 28.09
CA ALA A 146 29.41 5.00 28.50
C ALA A 146 30.85 4.74 28.08
N SER A 147 31.29 5.33 26.96
CA SER A 147 32.65 5.16 26.39
C SER A 147 33.66 6.05 27.11
N GLY A 148 33.21 6.98 27.97
CA GLY A 148 34.10 7.84 28.77
C GLY A 148 34.48 9.13 28.05
N ILE A 149 33.80 9.49 26.96
CA ILE A 149 34.07 10.74 26.21
C ILE A 149 33.53 11.93 27.01
N VAL A 150 34.36 12.91 27.34
CA VAL A 150 33.98 14.06 28.21
C VAL A 150 34.16 15.40 27.51
N ASN A 151 34.86 15.46 26.36
CA ASN A 151 35.19 16.73 25.68
C ASN A 151 35.06 16.57 24.16
N GLU A 152 35.05 17.71 23.46
CA GLU A 152 34.77 17.82 22.01
C GLU A 152 36.01 17.38 21.23
N LEU A 153 37.21 17.56 21.78
CA LEU A 153 38.49 17.10 21.17
C LEU A 153 38.42 15.58 20.93
N GLN A 154 37.98 14.81 21.92
CA GLN A 154 37.84 13.33 21.84
C GLN A 154 36.86 12.97 20.71
N LEU A 155 35.74 13.68 20.60
CA LEU A 155 34.74 13.47 19.52
C LEU A 155 35.33 13.88 18.17
N TYR A 156 36.08 14.99 18.11
CA TYR A 156 36.68 15.49 16.86
C TYR A 156 37.66 14.45 16.31
N VAL A 157 38.53 13.96 17.19
CA VAL A 157 39.61 13.00 16.84
C VAL A 157 38.99 11.69 16.38
N THR A 158 37.86 11.28 16.97
CA THR A 158 37.11 10.07 16.55
C THR A 158 36.55 10.31 15.15
N ALA A 159 35.99 11.48 14.89
CA ALA A 159 35.45 11.91 13.57
C ALA A 159 36.56 11.89 12.51
N ILE A 160 37.74 12.45 12.82
CA ILE A 160 38.92 12.42 11.91
C ILE A 160 39.34 10.96 11.69
N GLY A 161 39.50 10.19 12.79
CA GLY A 161 39.80 8.75 12.73
C GLY A 161 38.83 8.02 11.81
N GLY A 162 37.54 8.35 11.91
CA GLY A 162 36.49 7.78 11.06
C GLY A 162 36.76 8.05 9.60
N LEU A 163 37.17 9.27 9.26
CA LEU A 163 37.41 9.68 7.85
C LEU A 163 38.63 8.91 7.32
N VAL A 164 39.65 8.70 8.16
CA VAL A 164 40.87 7.93 7.81
C VAL A 164 40.48 6.47 7.57
N MET A 165 39.60 5.91 8.40
CA MET A 165 39.09 4.52 8.20
C MET A 165 38.26 4.45 6.92
N ALA A 166 37.40 5.45 6.65
CA ALA A 166 36.63 5.54 5.39
C ALA A 166 37.59 5.54 4.18
N GLY A 167 38.62 6.39 4.21
CA GLY A 167 39.68 6.43 3.19
C GLY A 167 40.33 5.07 3.00
N LEU A 168 40.74 4.42 4.09
CA LEU A 168 41.41 3.09 4.08
C LEU A 168 40.47 2.04 3.49
N MET A 169 39.17 2.10 3.82
CA MET A 169 38.18 1.14 3.28
C MET A 169 38.09 1.36 1.78
N MET A 170 38.09 2.61 1.31
CA MET A 170 37.97 2.94 -0.13
C MET A 170 39.21 2.42 -0.86
N PHE A 171 40.41 2.73 -0.36
CA PHE A 171 41.70 2.19 -0.88
C PHE A 171 41.65 0.66 -0.99
N ALA A 172 41.25 -0.03 0.09
CA ALA A 172 41.19 -1.51 0.19
C ALA A 172 40.19 -2.08 -0.83
N GLY A 173 39.01 -1.46 -0.96
CA GLY A 173 38.01 -1.87 -1.95
C GLY A 173 38.59 -1.75 -3.35
N TRP A 174 39.21 -0.61 -3.63
CA TRP A 174 39.86 -0.34 -4.93
C TRP A 174 40.98 -1.37 -5.12
N PHE A 175 41.78 -1.57 -4.08
CA PHE A 175 43.03 -2.38 -4.12
C PHE A 175 42.67 -3.84 -4.40
N HIS A 176 41.67 -4.38 -3.69
CA HIS A 176 41.30 -5.81 -3.76
C HIS A 176 40.42 -6.09 -4.97
N TYR A 177 40.00 -5.08 -5.73
CA TYR A 177 39.35 -5.29 -7.05
C TYR A 177 40.34 -5.08 -8.19
N HIS A 178 41.10 -3.98 -8.15
CA HIS A 178 41.91 -3.51 -9.31
C HIS A 178 43.34 -4.03 -9.25
N LYS A 179 43.94 -4.16 -8.06
CA LYS A 179 45.40 -4.42 -7.91
C LYS A 179 45.66 -5.86 -7.44
N ALA A 180 44.97 -6.33 -6.39
CA ALA A 180 45.22 -7.63 -5.75
C ALA A 180 43.91 -8.33 -5.44
N ALA A 181 43.29 -8.94 -6.45
CA ALA A 181 41.97 -9.62 -6.35
C ALA A 181 42.20 -11.07 -5.91
N PRO A 182 41.69 -11.51 -4.74
CA PRO A 182 41.82 -12.90 -4.31
C PRO A 182 41.11 -13.87 -5.28
N LYS A 183 41.65 -15.08 -5.41
CA LYS A 183 41.09 -16.14 -6.29
C LYS A 183 39.91 -16.80 -5.56
N LEU A 184 39.08 -17.54 -6.29
CA LEU A 184 37.90 -18.23 -5.74
C LEU A 184 38.28 -19.07 -4.51
N GLU A 185 39.35 -19.87 -4.62
CA GLU A 185 39.83 -20.78 -3.54
C GLU A 185 40.17 -20.01 -2.26
N TRP A 186 40.52 -18.72 -2.35
CA TRP A 186 40.71 -17.87 -1.15
C TRP A 186 39.38 -17.74 -0.41
N PHE A 187 38.32 -17.38 -1.13
CA PHE A 187 36.97 -17.09 -0.56
C PHE A 187 36.37 -18.36 0.05
N GLN A 188 36.67 -19.54 -0.53
CA GLN A 188 36.07 -20.83 -0.14
C GLN A 188 36.73 -21.39 1.14
N ASN A 189 37.65 -20.65 1.75
CA ASN A 189 38.27 -20.98 3.05
C ASN A 189 37.31 -20.60 4.19
N VAL A 190 36.17 -21.29 4.27
CA VAL A 190 35.10 -21.05 5.28
C VAL A 190 35.60 -21.41 6.69
N GLU A 191 36.33 -22.51 6.85
CA GLU A 191 36.93 -22.93 8.15
C GLU A 191 37.84 -21.81 8.69
N SER A 192 38.80 -21.36 7.88
CA SER A 192 39.71 -20.25 8.23
C SER A 192 38.89 -19.00 8.53
N MET A 193 37.92 -18.68 7.67
CA MET A 193 37.14 -17.43 7.80
C MET A 193 36.48 -17.42 9.17
N LEU A 194 35.90 -18.55 9.56
CA LEU A 194 35.11 -18.69 10.81
C LEU A 194 36.03 -18.63 12.01
N ASN A 195 37.20 -19.27 11.95
CA ASN A 195 38.24 -19.18 13.04
C ASN A 195 38.61 -17.71 13.26
N HIS A 196 38.96 -17.00 12.19
CA HIS A 196 39.33 -15.55 12.24
C HIS A 196 38.17 -14.69 12.70
N HIS A 197 36.97 -14.89 12.15
CA HIS A 197 35.81 -14.04 12.52
C HIS A 197 35.39 -14.32 13.96
N LEU A 198 35.46 -15.57 14.41
CA LEU A 198 35.09 -15.94 15.80
C LEU A 198 36.16 -15.42 16.76
N ALA A 199 37.41 -15.85 16.61
CA ALA A 199 38.51 -15.52 17.54
C ALA A 199 39.03 -14.10 17.29
N GLY A 200 39.19 -13.72 16.02
CA GLY A 200 39.84 -12.45 15.62
C GLY A 200 38.89 -11.27 15.68
N LEU A 201 37.70 -11.38 15.07
CA LEU A 201 36.76 -10.24 14.97
C LEU A 201 35.96 -10.11 16.27
N LEU A 202 35.20 -11.13 16.64
CA LEU A 202 34.28 -11.10 17.81
C LEU A 202 35.07 -11.26 19.11
N GLY A 203 35.93 -12.28 19.18
CA GLY A 203 36.78 -12.55 20.36
C GLY A 203 37.66 -11.36 20.72
N LEU A 204 38.51 -10.90 19.80
CA LEU A 204 39.47 -9.80 20.07
C LEU A 204 38.74 -8.46 20.09
N GLY A 205 37.64 -8.33 19.36
CA GLY A 205 36.78 -7.15 19.45
C GLY A 205 36.31 -6.95 20.87
N SER A 206 35.78 -8.03 21.46
CA SER A 206 35.19 -8.05 22.81
C SER A 206 36.31 -7.92 23.83
N LEU A 207 37.46 -8.58 23.59
CA LEU A 207 38.62 -8.48 24.51
C LEU A 207 39.13 -7.03 24.56
N SER A 208 39.38 -6.45 23.39
CA SER A 208 39.92 -5.07 23.24
C SER A 208 38.90 -4.06 23.76
N TRP A 209 37.61 -4.26 23.48
CA TRP A 209 36.57 -3.38 24.05
C TRP A 209 36.55 -3.51 25.58
N ALA A 210 36.59 -4.72 26.12
CA ALA A 210 36.65 -4.96 27.58
C ALA A 210 37.82 -4.16 28.15
N GLY A 211 38.91 -4.10 27.40
CA GLY A 211 40.12 -3.31 27.72
C GLY A 211 39.78 -1.86 27.87
N HIS A 212 39.09 -1.28 26.88
CA HIS A 212 38.62 0.13 26.91
C HIS A 212 37.79 0.33 28.18
N GLN A 213 36.84 -0.58 28.43
CA GLN A 213 35.87 -0.44 29.55
C GLN A 213 36.61 -0.40 30.87
N ILE A 214 37.47 -1.39 31.13
CA ILE A 214 38.25 -1.49 32.39
C ILE A 214 39.13 -0.25 32.58
N HIS A 215 39.74 0.28 31.51
CA HIS A 215 40.80 1.32 31.60
C HIS A 215 40.23 2.73 31.45
N VAL A 216 39.09 2.92 30.78
CA VAL A 216 38.58 4.27 30.38
C VAL A 216 37.15 4.44 30.88
N SER A 217 36.23 3.65 30.36
CA SER A 217 34.78 3.73 30.68
C SER A 217 34.58 3.65 32.20
N LEU A 218 35.13 2.61 32.84
CA LEU A 218 34.94 2.35 34.30
C LEU A 218 35.36 3.58 35.10
N PRO A 219 36.64 4.03 35.05
CA PRO A 219 37.08 5.15 35.88
C PRO A 219 36.35 6.46 35.57
N VAL A 220 36.14 6.78 34.28
CA VAL A 220 35.44 8.03 33.87
C VAL A 220 34.01 7.98 34.43
N ASN A 221 33.30 6.87 34.28
CA ASN A 221 31.87 6.76 34.66
C ASN A 221 31.72 6.70 36.19
N LYS A 222 32.63 6.04 36.90
CA LYS A 222 32.63 6.02 38.38
C LYS A 222 32.72 7.45 38.93
N LEU A 223 33.62 8.27 38.37
CA LEU A 223 33.80 9.68 38.79
C LEU A 223 32.59 10.53 38.38
N LEU A 224 32.07 10.33 37.16
CA LEU A 224 30.83 11.03 36.70
C LEU A 224 29.67 10.69 37.63
N ASP A 225 29.52 9.42 37.99
CA ASP A 225 28.38 8.90 38.82
C ASP A 225 28.51 9.41 40.26
N ALA A 226 29.74 9.66 40.73
CA ALA A 226 30.04 10.25 42.05
C ALA A 226 29.66 11.74 42.06
N GLY A 227 29.63 12.37 40.89
CA GLY A 227 29.21 13.78 40.68
C GLY A 227 30.38 14.71 40.42
N VAL A 228 31.56 14.17 40.04
CA VAL A 228 32.74 14.99 39.67
C VAL A 228 32.42 15.70 38.35
N ALA A 229 32.80 16.97 38.23
CA ALA A 229 32.62 17.79 37.00
C ALA A 229 33.40 17.13 35.87
N PRO A 230 32.78 16.89 34.69
CA PRO A 230 33.47 16.18 33.60
C PRO A 230 34.82 16.79 33.20
N SER A 231 34.98 18.11 33.31
CA SER A 231 36.24 18.85 33.05
C SER A 231 37.29 18.49 34.10
N SER A 232 36.88 18.22 35.35
CA SER A 232 37.76 17.90 36.51
C SER A 232 38.19 16.43 36.49
N ILE A 233 37.56 15.58 35.68
CA ILE A 233 37.89 14.13 35.58
C ILE A 233 39.24 14.00 34.88
N PRO A 234 40.18 13.16 35.38
CA PRO A 234 41.43 12.92 34.68
C PRO A 234 41.18 12.35 33.27
N LEU A 235 41.99 12.75 32.29
CA LEU A 235 41.91 12.20 30.91
C LEU A 235 42.25 10.71 30.95
N PRO A 236 41.66 9.87 30.06
CA PRO A 236 41.77 8.42 30.15
C PRO A 236 43.19 7.87 30.35
N HIS A 237 44.16 8.44 29.64
CA HIS A 237 45.60 8.02 29.68
C HIS A 237 46.20 8.17 31.08
N GLU A 238 45.70 9.11 31.89
CA GLU A 238 46.18 9.33 33.29
C GLU A 238 45.83 8.13 34.16
N PHE A 239 44.69 7.45 33.90
CA PHE A 239 44.30 6.21 34.60
C PHE A 239 45.27 5.07 34.24
N ILE A 240 45.80 5.08 33.01
CA ILE A 240 46.78 4.07 32.51
C ILE A 240 48.17 4.41 33.05
N LEU A 241 48.60 5.67 32.93
CA LEU A 241 49.95 6.12 33.38
C LEU A 241 50.04 6.01 34.91
N ASN A 242 49.22 6.75 35.64
CA ASN A 242 49.20 6.75 37.13
C ASN A 242 48.29 5.62 37.62
N ARG A 243 48.87 4.53 38.12
CA ARG A 243 48.14 3.34 38.64
C ARG A 243 47.52 3.66 40.00
N ASN A 244 48.10 4.60 40.76
CA ASN A 244 47.58 5.06 42.08
C ASN A 244 46.20 5.70 41.89
N LEU A 245 46.06 6.56 40.87
CA LEU A 245 44.78 7.15 40.41
C LEU A 245 43.74 6.05 40.25
N MET A 246 44.10 4.98 39.55
CA MET A 246 43.22 3.84 39.22
C MET A 246 42.95 3.01 40.48
N ALA A 247 43.98 2.77 41.29
CA ALA A 247 43.94 2.00 42.55
C ALA A 247 43.01 2.66 43.58
N GLU A 248 42.91 4.00 43.58
CA GLU A 248 41.95 4.77 44.43
C GLU A 248 40.51 4.35 44.09
N LEU A 249 40.19 4.24 42.80
CA LEU A 249 38.83 3.95 42.30
C LEU A 249 38.54 2.45 42.43
N TYR A 250 39.47 1.60 41.97
CA TYR A 250 39.34 0.11 42.00
C TYR A 250 40.60 -0.47 42.64
N PRO A 251 40.57 -0.80 43.96
CA PRO A 251 41.77 -1.25 44.67
C PRO A 251 42.50 -2.47 44.09
N SER A 252 41.82 -3.35 43.34
CA SER A 252 42.41 -4.55 42.68
C SER A 252 43.62 -4.17 41.83
N PHE A 253 43.64 -2.95 41.26
CA PHE A 253 44.74 -2.40 40.42
C PHE A 253 46.02 -2.23 41.23
N GLN A 254 45.98 -2.31 42.57
CA GLN A 254 47.21 -2.38 43.42
C GLN A 254 47.97 -3.67 43.09
N GLN A 255 47.27 -4.81 43.04
CA GLN A 255 47.84 -6.16 42.82
C GLN A 255 48.26 -6.35 41.36
N GLY A 256 47.80 -5.48 40.44
CA GLY A 256 48.24 -5.46 39.03
C GLY A 256 47.72 -6.66 38.27
N LEU A 257 48.55 -7.29 37.45
CA LEU A 257 48.17 -8.44 36.59
C LEU A 257 48.58 -9.77 37.22
N ALA A 258 49.22 -9.76 38.40
CA ALA A 258 49.66 -10.98 39.11
C ALA A 258 48.46 -11.87 39.42
N PRO A 259 47.32 -11.34 39.89
CA PRO A 259 46.13 -12.16 40.13
C PRO A 259 45.52 -12.83 38.88
N PHE A 260 45.77 -12.31 37.67
CA PHE A 260 45.29 -12.89 36.40
C PHE A 260 46.09 -14.16 36.07
N PHE A 261 47.42 -14.09 36.12
CA PHE A 261 48.35 -15.18 35.67
C PHE A 261 48.37 -16.31 36.72
N THR A 262 48.53 -15.95 37.99
CA THR A 262 48.09 -16.76 39.13
C THR A 262 46.57 -16.71 39.07
N LEU A 263 45.85 -17.82 39.23
CA LEU A 263 44.39 -17.86 38.90
C LEU A 263 43.58 -17.40 40.13
N ASN A 264 44.01 -16.29 40.74
CA ASN A 264 43.35 -15.66 41.92
C ASN A 264 42.42 -14.57 41.37
N TRP A 265 41.43 -14.98 40.56
CA TRP A 265 40.60 -14.06 39.74
C TRP A 265 39.60 -13.30 40.63
N LYS A 266 39.28 -13.84 41.80
CA LYS A 266 38.36 -13.19 42.78
C LYS A 266 38.92 -11.83 43.21
N GLN A 267 40.23 -11.59 43.09
CA GLN A 267 40.87 -10.30 43.41
C GLN A 267 40.29 -9.16 42.55
N TYR A 268 39.79 -9.46 41.34
CA TYR A 268 39.20 -8.46 40.40
C TYR A 268 37.68 -8.33 40.61
N SER A 269 37.17 -8.67 41.79
CA SER A 269 35.74 -8.57 42.16
C SER A 269 35.24 -7.12 42.05
N ASP A 270 36.13 -6.12 42.19
CA ASP A 270 35.76 -4.68 42.10
C ASP A 270 35.49 -4.30 40.64
N ILE A 271 36.37 -4.69 39.70
CA ILE A 271 36.29 -4.28 38.26
C ILE A 271 35.40 -5.25 37.47
N LEU A 272 35.35 -6.53 37.86
CA LEU A 272 34.55 -7.58 37.17
C LEU A 272 33.52 -8.13 38.15
N THR A 273 32.25 -7.80 37.95
CA THR A 273 31.15 -8.08 38.91
C THR A 273 30.07 -8.94 38.27
N PHE A 274 29.12 -9.41 39.07
CA PHE A 274 27.87 -10.07 38.64
C PHE A 274 26.75 -9.50 39.51
N LYS A 275 26.56 -8.18 39.43
CA LYS A 275 25.58 -7.43 40.26
C LYS A 275 24.18 -7.66 39.69
N GLY A 276 24.05 -7.68 38.36
CA GLY A 276 22.73 -7.67 37.70
C GLY A 276 22.04 -6.35 37.94
N GLY A 277 20.76 -6.24 37.60
CA GLY A 277 19.99 -5.00 37.81
C GLY A 277 20.64 -3.81 37.12
N LEU A 278 20.50 -2.63 37.72
CA LEU A 278 20.85 -1.32 37.11
C LEU A 278 21.47 -0.42 38.18
N SER A 279 22.33 0.51 37.74
CA SER A 279 22.79 1.65 38.56
C SER A 279 21.55 2.44 39.00
N PRO A 280 21.37 2.69 40.33
CA PRO A 280 20.36 3.63 40.80
C PRO A 280 20.65 5.09 40.38
N VAL A 281 21.90 5.40 40.03
CA VAL A 281 22.33 6.77 39.60
C VAL A 281 21.92 6.98 38.14
N THR A 282 22.35 6.11 37.23
CA THR A 282 22.25 6.32 35.75
C THR A 282 21.06 5.55 35.15
N GLY A 283 20.54 4.54 35.85
CA GLY A 283 19.50 3.64 35.33
C GLY A 283 20.02 2.76 34.21
N GLY A 284 21.35 2.60 34.12
CA GLY A 284 22.02 1.74 33.14
C GLY A 284 22.59 0.50 33.80
N LEU A 285 22.95 -0.50 33.01
CA LEU A 285 23.74 -1.67 33.47
C LEU A 285 25.03 -1.17 34.12
N TRP A 286 25.43 -1.79 35.23
CA TRP A 286 26.73 -1.57 35.90
C TRP A 286 27.83 -1.84 34.87
N LEU A 287 28.74 -0.89 34.66
CA LEU A 287 29.80 -1.06 33.63
C LEU A 287 30.78 -2.15 34.05
N THR A 288 30.86 -2.48 35.34
CA THR A 288 31.70 -3.60 35.86
C THR A 288 31.08 -4.93 35.46
N ASP A 289 29.75 -4.99 35.33
CA ASP A 289 29.02 -6.15 34.78
C ASP A 289 29.35 -6.24 33.28
N VAL A 290 29.27 -5.13 32.56
CA VAL A 290 29.48 -5.06 31.08
C VAL A 290 30.93 -5.43 30.76
N ALA A 291 31.92 -4.86 31.48
CA ALA A 291 33.35 -5.18 31.28
C ALA A 291 33.58 -6.70 31.46
N HIS A 292 33.00 -7.30 32.48
CA HIS A 292 33.10 -8.75 32.81
C HIS A 292 32.38 -9.60 31.75
N HIS A 293 31.17 -9.18 31.35
CA HIS A 293 30.45 -9.78 30.22
C HIS A 293 31.39 -9.88 29.01
N HIS A 294 32.04 -8.77 28.66
CA HIS A 294 32.85 -8.65 27.43
C HIS A 294 34.10 -9.50 27.54
N LEU A 295 34.63 -9.65 28.75
CA LEU A 295 35.81 -10.52 29.03
C LEU A 295 35.39 -11.97 28.82
N ALA A 296 34.27 -12.39 29.42
CA ALA A 296 33.72 -13.75 29.38
C ALA A 296 33.36 -14.15 27.94
N ILE A 297 32.70 -13.25 27.21
CA ILE A 297 32.34 -13.40 25.77
C ILE A 297 33.62 -13.52 24.93
N ALA A 298 34.58 -12.61 25.13
CA ALA A 298 35.86 -12.59 24.40
C ALA A 298 36.51 -13.98 24.49
N VAL A 299 36.62 -14.54 25.69
CA VAL A 299 37.25 -15.86 25.93
C VAL A 299 36.46 -16.91 25.14
N LEU A 300 35.13 -16.88 25.26
CA LEU A 300 34.23 -17.85 24.61
C LEU A 300 34.53 -17.86 23.12
N PHE A 301 34.64 -16.68 22.50
CA PHE A 301 34.79 -16.48 21.04
C PHE A 301 36.20 -16.87 20.60
N ILE A 302 37.22 -16.45 21.34
CA ILE A 302 38.63 -16.84 21.02
C ILE A 302 38.72 -18.38 21.07
N VAL A 303 38.18 -19.02 22.11
CA VAL A 303 38.11 -20.51 22.23
C VAL A 303 37.29 -21.07 21.05
N ALA A 304 36.11 -20.52 20.75
CA ALA A 304 35.21 -21.00 19.68
C ALA A 304 35.95 -20.99 18.33
N GLY A 305 36.79 -19.99 18.07
CA GLY A 305 37.48 -19.81 16.80
C GLY A 305 38.70 -20.71 16.66
N HIS A 306 38.83 -21.73 17.50
CA HIS A 306 39.85 -22.81 17.35
C HIS A 306 39.16 -24.10 16.94
N MET A 307 37.91 -24.02 16.47
CA MET A 307 37.12 -25.23 16.21
C MET A 307 37.56 -25.86 14.89
N TYR A 308 37.82 -25.05 13.86
CA TYR A 308 37.80 -25.49 12.44
C TYR A 308 39.22 -25.72 11.95
N ARG A 309 39.41 -26.83 11.24
CA ARG A 309 40.71 -27.25 10.69
C ARG A 309 41.17 -26.22 9.66
N THR A 310 42.41 -25.78 9.77
CA THR A 310 43.07 -24.89 8.78
C THR A 310 44.32 -25.63 8.26
N ASN A 311 45.51 -25.30 8.76
CA ASN A 311 46.80 -25.71 8.16
C ASN A 311 47.59 -26.69 9.04
N TRP A 312 47.03 -27.16 10.17
CA TRP A 312 47.81 -27.89 11.21
C TRP A 312 47.10 -29.16 11.67
N GLY A 313 46.23 -29.75 10.85
CA GLY A 313 45.61 -31.06 11.12
C GLY A 313 44.47 -30.96 12.11
N ILE A 314 44.76 -30.45 13.31
CA ILE A 314 43.79 -30.25 14.43
C ILE A 314 42.60 -29.43 13.92
N GLY A 315 41.43 -29.63 14.53
CA GLY A 315 40.20 -28.88 14.23
C GLY A 315 39.25 -29.69 13.38
N HIS A 316 38.02 -29.20 13.22
CA HIS A 316 36.94 -29.94 12.56
C HIS A 316 36.88 -29.56 11.08
N SER A 317 36.59 -30.55 10.23
CA SER A 317 36.11 -30.33 8.86
C SER A 317 34.60 -30.08 8.95
N MET A 318 34.16 -28.92 8.50
CA MET A 318 32.71 -28.56 8.50
C MET A 318 31.98 -29.52 7.56
N LYS A 319 32.65 -29.96 6.49
CA LYS A 319 32.13 -30.99 5.56
C LYS A 319 31.86 -32.28 6.35
N GLN A 320 32.84 -32.76 7.13
CA GLN A 320 32.74 -34.01 7.93
C GLN A 320 31.64 -33.86 8.97
N LEU A 321 31.55 -32.70 9.63
CA LEU A 321 30.51 -32.42 10.65
C LEU A 321 29.13 -32.54 10.01
N LEU A 322 28.90 -31.82 8.91
CA LEU A 322 27.59 -31.80 8.23
C LEU A 322 27.22 -33.23 7.82
N GLU A 323 28.12 -33.94 7.15
CA GLU A 323 27.85 -35.31 6.61
C GLU A 323 27.63 -36.32 7.74
N ALA A 324 28.20 -36.10 8.93
CA ALA A 324 28.04 -36.97 10.12
C ALA A 324 26.63 -36.85 10.70
N HIS A 325 25.96 -35.70 10.52
CA HIS A 325 24.65 -35.42 11.16
C HIS A 325 23.56 -35.97 10.25
N LYS A 326 23.47 -37.30 10.21
CA LYS A 326 22.56 -38.11 9.37
C LYS A 326 21.82 -39.11 10.26
N GLY A 327 20.49 -39.10 10.23
CA GLY A 327 19.64 -40.01 11.00
C GLY A 327 18.71 -40.80 10.07
N PRO A 328 17.94 -41.77 10.62
CA PRO A 328 17.06 -42.60 9.79
C PRO A 328 15.81 -41.93 9.18
N LEU A 329 15.44 -40.73 9.65
CA LEU A 329 14.20 -40.02 9.25
C LEU A 329 14.49 -38.92 8.21
N THR A 330 15.76 -38.57 7.98
CA THR A 330 16.18 -37.38 7.19
C THR A 330 17.16 -37.75 6.06
N GLY A 331 17.07 -38.98 5.54
CA GLY A 331 17.80 -39.43 4.33
C GLY A 331 19.29 -39.21 4.48
N GLU A 332 19.90 -38.48 3.54
CA GLU A 332 21.36 -38.19 3.50
C GLU A 332 21.70 -37.03 4.43
N GLY A 333 20.72 -36.45 5.14
CA GLY A 333 20.94 -35.46 6.20
C GLY A 333 21.52 -34.19 5.63
N HIS A 334 22.70 -33.79 6.11
CA HIS A 334 23.34 -32.49 5.73
C HIS A 334 24.40 -32.69 4.64
N LYS A 335 24.38 -33.83 3.94
CA LYS A 335 25.25 -34.07 2.76
C LYS A 335 24.90 -33.05 1.68
N GLY A 336 25.91 -32.38 1.11
CA GLY A 336 25.76 -31.41 0.02
C GLY A 336 25.82 -29.98 0.53
N LEU A 337 25.35 -29.71 1.75
CA LEU A 337 25.19 -28.32 2.27
C LEU A 337 26.53 -27.60 2.29
N TYR A 338 27.64 -28.30 2.53
CA TYR A 338 28.98 -27.70 2.48
C TYR A 338 29.27 -27.19 1.07
N GLU A 339 28.91 -27.98 0.06
CA GLU A 339 29.07 -27.62 -1.37
C GLU A 339 28.16 -26.43 -1.68
N VAL A 340 26.90 -26.50 -1.24
CA VAL A 340 25.89 -25.41 -1.44
C VAL A 340 26.51 -24.10 -0.91
N LEU A 341 26.99 -24.11 0.33
CA LEU A 341 27.39 -22.87 1.04
C LEU A 341 28.79 -22.39 0.61
N THR A 342 29.57 -23.20 -0.10
CA THR A 342 30.91 -22.80 -0.61
C THR A 342 30.83 -22.42 -2.09
N THR A 343 29.66 -22.56 -2.74
CA THR A 343 29.48 -22.28 -4.19
C THR A 343 28.38 -21.24 -4.43
N SER A 344 27.62 -20.84 -3.43
CA SER A 344 26.53 -19.85 -3.60
C SER A 344 26.64 -18.75 -2.56
N TRP A 345 26.87 -17.51 -3.01
CA TRP A 345 26.79 -16.27 -2.21
C TRP A 345 25.36 -16.06 -1.67
N HIS A 346 24.35 -16.30 -2.50
CA HIS A 346 22.91 -16.11 -2.15
C HIS A 346 22.51 -17.01 -0.98
N ALA A 347 22.94 -18.28 -0.99
CA ALA A 347 22.69 -19.23 0.12
C ALA A 347 23.21 -18.63 1.42
N ASN A 348 24.43 -18.10 1.38
CA ASN A 348 25.08 -17.51 2.57
C ASN A 348 24.34 -16.24 2.98
N LEU A 349 23.95 -15.41 2.02
CA LEU A 349 23.26 -14.13 2.32
C LEU A 349 21.92 -14.46 2.95
N ALA A 350 21.25 -15.53 2.49
CA ALA A 350 19.96 -16.02 3.04
C ALA A 350 20.12 -16.29 4.55
N ILE A 351 21.02 -17.20 4.94
CA ILE A 351 21.30 -17.53 6.37
C ILE A 351 21.68 -16.25 7.12
N ASN A 352 22.64 -15.50 6.58
CA ASN A 352 23.29 -14.39 7.30
C ASN A 352 22.28 -13.26 7.56
N LEU A 353 21.36 -13.03 6.62
CA LEU A 353 20.32 -11.99 6.79
C LEU A 353 19.31 -12.48 7.83
N ALA A 354 18.97 -13.77 7.82
CA ALA A 354 17.99 -14.36 8.75
C ALA A 354 18.48 -14.11 10.18
N MET A 355 19.77 -14.38 10.42
CA MET A 355 20.41 -14.33 11.76
C MET A 355 20.69 -12.89 12.16
N LEU A 356 21.24 -12.09 11.25
CA LEU A 356 21.52 -10.66 11.53
C LEU A 356 20.21 -9.92 11.79
N GLY A 357 19.18 -10.20 10.98
CA GLY A 357 17.83 -9.65 11.18
C GLY A 357 17.25 -10.07 12.51
N SER A 358 17.33 -11.36 12.82
CA SER A 358 16.82 -11.93 14.09
C SER A 358 17.61 -11.34 15.26
N LEU A 359 18.90 -11.05 15.04
CA LEU A 359 19.78 -10.43 16.06
C LEU A 359 19.33 -9.01 16.35
N SER A 360 19.03 -8.22 15.31
CA SER A 360 18.55 -6.83 15.45
C SER A 360 17.31 -6.81 16.35
N ILE A 361 16.41 -7.78 16.17
CA ILE A 361 15.16 -7.94 16.98
C ILE A 361 15.51 -8.31 18.43
N ILE A 362 16.41 -9.27 18.66
CA ILE A 362 16.88 -9.63 20.02
C ILE A 362 17.51 -8.39 20.69
N VAL A 363 18.35 -7.65 19.97
CA VAL A 363 19.00 -6.40 20.44
C VAL A 363 17.90 -5.41 20.89
N ALA A 364 16.85 -5.24 20.10
CA ALA A 364 15.75 -4.32 20.44
C ALA A 364 15.20 -4.68 21.83
N HIS A 365 14.93 -5.97 22.06
CA HIS A 365 14.29 -6.48 23.32
C HIS A 365 15.26 -6.37 24.49
N HIS A 366 16.53 -6.65 24.28
CA HIS A 366 17.54 -6.73 25.36
C HIS A 366 17.91 -5.31 25.78
N MET A 367 17.98 -4.38 24.83
CA MET A 367 18.46 -3.00 25.09
C MET A 367 17.40 -2.18 25.85
N TYR A 368 16.11 -2.36 25.61
CA TYR A 368 15.07 -1.61 26.37
C TYR A 368 15.00 -2.13 27.82
N SER A 369 15.14 -3.45 28.01
CA SER A 369 14.81 -4.17 29.26
C SER A 369 16.01 -4.20 30.20
N MET A 370 17.20 -4.13 29.62
CA MET A 370 18.48 -4.12 30.36
C MET A 370 19.26 -2.92 29.84
N PRO A 371 18.74 -1.69 30.07
CA PRO A 371 19.23 -0.48 29.41
C PRO A 371 20.74 -0.42 29.62
N PRO A 372 21.54 -0.64 28.57
CA PRO A 372 22.98 -0.79 28.74
C PRO A 372 23.75 0.51 28.94
N TYR A 373 23.18 1.66 28.58
CA TYR A 373 23.88 2.98 28.57
C TYR A 373 23.36 3.85 29.70
N PRO A 374 24.22 4.69 30.31
CA PRO A 374 23.78 5.56 31.41
C PRO A 374 22.84 6.65 30.88
N TYR A 375 21.70 6.85 31.56
CA TYR A 375 20.67 7.87 31.25
C TYR A 375 19.95 7.54 29.93
N LEU A 376 20.01 6.29 29.48
CA LEU A 376 19.24 5.79 28.32
C LEU A 376 17.81 5.53 28.77
N ALA A 377 17.67 4.76 29.87
CA ALA A 377 16.38 4.23 30.39
C ALA A 377 15.35 5.36 30.52
N THR A 378 15.76 6.53 31.02
CA THR A 378 14.86 7.68 31.32
C THR A 378 14.87 8.70 30.18
N ASP A 379 15.67 8.49 29.12
CA ASP A 379 15.53 9.21 27.83
C ASP A 379 14.53 8.40 26.99
N TYR A 380 13.24 8.60 27.22
CA TYR A 380 12.17 7.76 26.61
C TYR A 380 12.22 7.88 25.10
N PRO A 381 12.49 9.08 24.51
CA PRO A 381 12.61 9.19 23.06
C PRO A 381 13.63 8.21 22.49
N THR A 382 14.80 8.13 23.12
CA THR A 382 15.90 7.22 22.71
C THR A 382 15.47 5.76 22.88
N GLN A 383 14.92 5.39 24.05
CA GLN A 383 14.43 4.02 24.30
C GLN A 383 13.43 3.63 23.21
N LEU A 384 12.43 4.47 22.94
CA LEU A 384 11.39 4.13 21.94
C LEU A 384 12.03 4.04 20.56
N SER A 385 12.90 4.99 20.23
CA SER A 385 13.56 5.10 18.91
C SER A 385 14.43 3.86 18.66
N LEU A 386 15.24 3.45 19.64
CA LEU A 386 16.22 2.34 19.47
C LEU A 386 15.48 1.02 19.32
N PHE A 387 14.46 0.78 20.12
CA PHE A 387 13.63 -0.44 20.02
C PHE A 387 13.04 -0.54 18.61
N THR A 388 12.31 0.51 18.22
CA THR A 388 11.59 0.62 16.93
C THR A 388 12.57 0.46 15.76
N HIS A 389 13.65 1.24 15.76
CA HIS A 389 14.66 1.20 14.69
C HIS A 389 15.14 -0.25 14.50
N HIS A 390 15.56 -0.91 15.58
CA HIS A 390 16.23 -2.22 15.49
C HIS A 390 15.21 -3.29 15.13
N MET A 391 13.96 -3.08 15.48
CA MET A 391 12.84 -3.95 15.01
C MET A 391 12.75 -3.86 13.48
N TRP A 392 12.68 -2.66 12.92
CA TRP A 392 12.56 -2.45 11.45
C TRP A 392 13.75 -3.06 10.72
N ILE A 393 14.97 -2.76 11.15
CA ILE A 393 16.19 -3.29 10.48
C ILE A 393 16.10 -4.84 10.48
N GLY A 394 15.71 -5.42 11.61
CA GLY A 394 15.53 -6.87 11.77
C GLY A 394 14.51 -7.43 10.80
N GLY A 395 13.35 -6.79 10.70
CA GLY A 395 12.26 -7.20 9.80
C GLY A 395 12.71 -7.21 8.36
N PHE A 396 13.38 -6.15 7.91
CA PHE A 396 13.81 -6.02 6.51
C PHE A 396 14.81 -7.14 6.20
N CYS A 397 15.75 -7.39 7.09
CA CYS A 397 16.79 -8.43 6.93
C CYS A 397 16.14 -9.81 6.79
N ILE A 398 15.17 -10.14 7.64
CA ILE A 398 14.48 -11.46 7.60
C ILE A 398 13.78 -11.63 6.24
N VAL A 399 13.11 -10.60 5.74
CA VAL A 399 12.43 -10.69 4.41
C VAL A 399 13.49 -10.89 3.32
N GLY A 400 14.60 -10.16 3.41
CA GLY A 400 15.78 -10.35 2.56
C GLY A 400 16.27 -11.78 2.56
N ALA A 401 16.27 -12.44 3.72
CA ALA A 401 16.71 -13.85 3.86
C ALA A 401 15.84 -14.70 2.95
N GLY A 402 14.53 -14.42 2.93
CA GLY A 402 13.56 -15.08 2.06
C GLY A 402 13.91 -14.88 0.60
N ALA A 403 14.24 -13.64 0.22
CA ALA A 403 14.57 -13.25 -1.16
C ALA A 403 15.79 -14.07 -1.62
N HIS A 404 16.86 -14.07 -0.84
CA HIS A 404 18.14 -14.71 -1.21
C HIS A 404 18.04 -16.24 -1.12
N ALA A 405 17.27 -16.79 -0.17
CA ALA A 405 16.96 -18.23 -0.13
C ALA A 405 16.28 -18.65 -1.44
N ALA A 406 15.32 -17.85 -1.91
CA ALA A 406 14.58 -18.12 -3.17
C ALA A 406 15.50 -17.91 -4.37
N ILE A 407 16.37 -16.90 -4.34
CA ILE A 407 17.32 -16.65 -5.45
C ILE A 407 18.24 -17.85 -5.55
N TYR A 408 18.70 -18.38 -4.41
CA TYR A 408 19.49 -19.63 -4.35
C TYR A 408 18.73 -20.74 -5.07
N MET A 409 17.46 -20.93 -4.74
CA MET A 409 16.62 -22.04 -5.28
C MET A 409 16.52 -21.91 -6.80
N VAL A 410 16.35 -20.71 -7.33
CA VAL A 410 16.19 -20.50 -8.81
C VAL A 410 17.55 -20.64 -9.51
N ARG A 411 18.58 -19.95 -9.02
CA ARG A 411 19.84 -19.75 -9.78
C ARG A 411 20.90 -20.81 -9.46
N ASP A 412 21.01 -21.25 -8.20
CA ASP A 412 22.20 -21.97 -7.69
C ASP A 412 21.87 -23.42 -7.33
N TYR A 413 20.63 -23.73 -6.96
CA TYR A 413 20.19 -25.09 -6.58
C TYR A 413 20.44 -26.08 -7.72
N SER A 414 20.97 -27.26 -7.39
CA SER A 414 21.11 -28.43 -8.29
C SER A 414 20.57 -29.66 -7.57
N PRO A 415 19.86 -30.57 -8.28
CA PRO A 415 19.38 -31.81 -7.65
C PRO A 415 20.51 -32.77 -7.29
N THR A 416 21.64 -32.70 -7.99
CA THR A 416 22.83 -33.56 -7.79
C THR A 416 23.44 -33.28 -6.41
N VAL A 417 23.69 -32.01 -6.10
CA VAL A 417 24.26 -31.56 -4.79
C VAL A 417 23.25 -31.96 -3.70
N ASN A 418 21.99 -31.58 -3.89
CA ASN A 418 20.88 -31.77 -2.92
C ASN A 418 20.11 -33.04 -3.30
N TYR A 419 20.73 -34.20 -3.15
CA TYR A 419 20.11 -35.52 -3.46
C TYR A 419 19.75 -36.24 -2.15
N ASN A 420 18.46 -36.29 -1.84
CA ASN A 420 17.91 -36.96 -0.62
C ASN A 420 18.53 -36.37 0.65
N ASN A 421 18.96 -35.11 0.60
CA ASN A 421 19.44 -34.35 1.78
C ASN A 421 18.24 -33.57 2.34
N VAL A 422 18.44 -32.90 3.47
CA VAL A 422 17.34 -32.21 4.20
C VAL A 422 16.67 -31.18 3.27
N LEU A 423 17.41 -30.54 2.35
CA LEU A 423 16.85 -29.53 1.42
C LEU A 423 15.91 -30.21 0.41
N ASP A 424 16.39 -31.27 -0.25
CA ASP A 424 15.61 -32.09 -1.21
C ASP A 424 14.34 -32.60 -0.54
N ARG A 425 14.48 -33.17 0.66
CA ARG A 425 13.38 -33.82 1.41
C ARG A 425 12.32 -32.78 1.77
N MET A 426 12.74 -31.54 2.08
CA MET A 426 11.81 -30.41 2.36
C MET A 426 10.97 -30.12 1.11
N ILE A 427 11.61 -30.02 -0.06
CA ILE A 427 10.95 -29.75 -1.36
C ILE A 427 9.95 -30.88 -1.63
N ARG A 428 10.30 -32.13 -1.27
CA ARG A 428 9.49 -33.33 -1.55
C ARG A 428 8.26 -33.43 -0.63
N HIS A 429 8.11 -32.58 0.39
CA HIS A 429 6.85 -32.48 1.18
C HIS A 429 6.49 -31.01 1.39
N ARG A 430 6.78 -30.15 0.42
CA ARG A 430 6.40 -28.71 0.44
C ARG A 430 4.88 -28.58 0.61
N ASP A 431 4.09 -29.47 0.00
CA ASP A 431 2.60 -29.47 0.13
C ASP A 431 2.20 -29.69 1.59
N ALA A 432 2.80 -30.67 2.27
CA ALA A 432 2.55 -30.94 3.70
C ALA A 432 2.98 -29.74 4.54
N ILE A 433 4.18 -29.18 4.28
CA ILE A 433 4.72 -28.03 5.04
C ILE A 433 3.75 -26.85 4.91
N ILE A 434 3.42 -26.46 3.68
CA ILE A 434 2.67 -25.19 3.40
C ILE A 434 1.21 -25.37 3.80
N SER A 435 0.63 -26.56 3.63
CA SER A 435 -0.78 -26.82 4.04
C SER A 435 -0.92 -26.66 5.56
N HIS A 436 0.04 -27.20 6.32
CA HIS A 436 0.05 -27.17 7.81
C HIS A 436 0.28 -25.73 8.30
N LEU A 437 1.25 -25.03 7.71
CA LEU A 437 1.54 -23.63 8.08
C LEU A 437 0.35 -22.73 7.72
N ASN A 438 -0.28 -22.95 6.56
CA ASN A 438 -1.53 -22.28 6.16
C ASN A 438 -2.57 -22.45 7.26
N TRP A 439 -2.78 -23.71 7.67
CA TRP A 439 -3.76 -24.06 8.72
C TRP A 439 -3.45 -23.30 10.00
N VAL A 440 -2.18 -23.31 10.42
CA VAL A 440 -1.70 -22.70 11.69
C VAL A 440 -1.97 -21.19 11.60
N CYS A 441 -1.81 -20.59 10.41
CA CYS A 441 -2.08 -19.15 10.18
C CYS A 441 -3.57 -18.88 10.36
N ILE A 442 -4.44 -19.72 9.82
CA ILE A 442 -5.92 -19.55 9.98
C ILE A 442 -6.29 -19.79 11.46
N PHE A 443 -5.76 -20.83 12.10
CA PHE A 443 -6.00 -21.11 13.54
C PHE A 443 -5.58 -19.90 14.38
N LEU A 444 -4.37 -19.39 14.17
CA LEU A 444 -3.80 -18.27 14.95
C LEU A 444 -4.60 -17.00 14.67
N GLY A 445 -4.93 -16.74 13.41
CA GLY A 445 -5.60 -15.49 13.02
C GLY A 445 -6.98 -15.41 13.63
N THR A 446 -7.75 -16.49 13.52
CA THR A 446 -9.12 -16.58 14.07
C THR A 446 -9.08 -16.47 15.58
N HIS A 447 -8.18 -17.17 16.26
CA HIS A 447 -8.14 -17.29 17.75
C HIS A 447 -7.30 -16.17 18.39
N SER A 448 -6.68 -15.30 17.60
CA SER A 448 -5.94 -14.12 18.14
C SER A 448 -6.75 -12.87 17.80
N PHE A 449 -6.95 -12.60 16.51
CA PHE A 449 -7.67 -11.38 16.05
C PHE A 449 -9.14 -11.53 16.40
N GLY A 450 -9.68 -12.75 16.32
CA GLY A 450 -11.08 -13.05 16.68
C GLY A 450 -11.42 -12.60 18.09
N LEU A 451 -10.46 -12.69 19.03
CA LEU A 451 -10.67 -12.32 20.46
C LEU A 451 -10.92 -10.81 20.55
N TYR A 452 -10.17 -10.00 19.78
CA TYR A 452 -10.35 -8.53 19.66
C TYR A 452 -11.74 -8.22 19.10
N ILE A 453 -12.13 -8.92 18.03
CA ILE A 453 -13.42 -8.67 17.35
C ILE A 453 -14.56 -9.10 18.29
N HIS A 454 -14.45 -10.28 18.90
CA HIS A 454 -15.38 -10.73 19.97
C HIS A 454 -15.52 -9.58 20.98
N ASN A 455 -14.41 -9.07 21.48
CA ASN A 455 -14.35 -8.05 22.55
C ASN A 455 -14.99 -6.74 22.07
N ASP A 456 -14.65 -6.27 20.86
CA ASP A 456 -15.24 -5.04 20.29
C ASP A 456 -16.75 -5.21 20.28
N THR A 457 -17.22 -6.37 19.83
CA THR A 457 -18.64 -6.70 19.68
C THR A 457 -19.32 -6.69 21.06
N MET A 458 -18.77 -7.41 22.03
CA MET A 458 -19.34 -7.50 23.41
C MET A 458 -19.35 -6.11 24.07
N ARG A 459 -18.29 -5.33 23.94
CA ARG A 459 -18.23 -3.97 24.53
C ARG A 459 -19.27 -3.06 23.86
N ALA A 460 -19.39 -3.10 22.54
CA ALA A 460 -20.36 -2.30 21.76
C ALA A 460 -21.79 -2.68 22.14
N LEU A 461 -22.04 -3.95 22.49
CA LEU A 461 -23.39 -4.48 22.83
C LEU A 461 -23.66 -4.32 24.33
N GLY A 462 -22.76 -3.68 25.09
CA GLY A 462 -22.92 -3.45 26.53
C GLY A 462 -22.80 -4.73 27.32
N ARG A 463 -21.84 -5.59 26.96
CA ARG A 463 -21.66 -6.96 27.51
C ARG A 463 -20.19 -7.13 27.95
N ALA A 464 -19.70 -6.21 28.80
CA ALA A 464 -18.34 -6.21 29.36
C ALA A 464 -18.04 -7.51 30.11
N GLN A 465 -19.05 -8.14 30.74
CA GLN A 465 -18.90 -9.43 31.49
C GLN A 465 -18.74 -10.62 30.54
N ASP A 466 -18.91 -10.42 29.22
CA ASP A 466 -18.77 -11.48 28.19
C ASP A 466 -17.45 -11.34 27.44
N MET A 467 -16.58 -10.41 27.86
CA MET A 467 -15.32 -10.10 27.16
C MET A 467 -14.20 -11.03 27.60
N PHE A 468 -13.18 -11.15 26.77
CA PHE A 468 -11.83 -11.64 27.16
C PHE A 468 -11.08 -10.46 27.77
N SER A 469 -10.99 -10.43 29.09
CA SER A 469 -10.35 -9.34 29.85
C SER A 469 -9.94 -9.83 31.24
N ASP A 470 -9.13 -9.03 31.94
CA ASP A 470 -8.67 -9.30 33.32
C ASP A 470 -9.88 -9.34 34.28
N THR A 471 -10.98 -8.67 33.95
CA THR A 471 -12.18 -8.51 34.82
C THR A 471 -13.36 -9.37 34.33
N ALA A 472 -13.21 -10.17 33.27
CA ALA A 472 -14.31 -11.01 32.72
C ALA A 472 -13.79 -12.44 32.42
N ILE A 473 -13.70 -12.86 31.16
CA ILE A 473 -13.11 -14.17 30.75
C ILE A 473 -11.59 -13.97 30.62
N GLN A 474 -10.83 -14.31 31.65
CA GLN A 474 -9.37 -14.04 31.73
C GLN A 474 -8.59 -15.04 30.87
N LEU A 475 -7.63 -14.53 30.10
CA LEU A 475 -6.61 -15.31 29.36
C LEU A 475 -5.25 -14.89 29.92
N GLN A 476 -4.89 -15.42 31.08
CA GLN A 476 -3.62 -15.11 31.77
C GLN A 476 -2.48 -15.80 31.03
N PRO A 477 -1.39 -15.08 30.65
CA PRO A 477 -0.23 -15.70 30.05
C PRO A 477 0.59 -16.37 31.16
N VAL A 478 0.07 -17.49 31.68
CA VAL A 478 0.52 -18.11 32.95
C VAL A 478 1.95 -18.61 32.78
N LEU A 479 2.33 -19.05 31.58
CA LEU A 479 3.69 -19.56 31.31
C LEU A 479 4.68 -18.39 31.36
N ALA A 480 4.34 -17.26 30.74
CA ALA A 480 5.16 -16.02 30.78
C ALA A 480 5.24 -15.51 32.22
N GLN A 481 4.11 -15.51 32.94
CA GLN A 481 4.02 -15.12 34.37
C GLN A 481 4.92 -16.03 35.20
N TRP A 482 4.82 -17.34 34.99
CA TRP A 482 5.66 -18.35 35.68
C TRP A 482 7.15 -18.09 35.40
N ILE A 483 7.53 -17.79 34.15
CA ILE A 483 8.95 -17.52 33.77
C ILE A 483 9.42 -16.23 34.46
N GLN A 484 8.56 -15.21 34.56
CA GLN A 484 8.91 -13.96 35.26
C GLN A 484 9.28 -14.27 36.71
N GLN A 485 8.49 -15.12 37.36
CA GLN A 485 8.68 -15.52 38.78
C GLN A 485 10.05 -16.19 38.92
N ILE A 486 10.36 -17.16 38.05
CA ILE A 486 11.63 -17.94 38.08
C ILE A 486 12.82 -16.97 37.96
N HIS A 487 12.74 -16.00 37.08
CA HIS A 487 13.80 -14.98 36.82
C HIS A 487 13.93 -14.02 38.00
N THR A 488 12.82 -13.73 38.68
CA THR A 488 12.79 -12.92 39.91
C THR A 488 13.45 -13.69 41.05
N LEU A 489 13.22 -15.01 41.13
CA LEU A 489 13.75 -15.89 42.21
C LEU A 489 15.17 -16.35 41.89
N ALA A 490 15.71 -16.04 40.70
CA ALA A 490 17.04 -16.52 40.23
C ALA A 490 18.16 -16.04 41.15
N PRO A 491 18.32 -14.73 41.44
CA PRO A 491 19.49 -14.25 42.16
C PRO A 491 19.61 -14.87 43.56
N GLY A 492 20.76 -15.49 43.85
CA GLY A 492 21.04 -16.20 45.11
C GLY A 492 20.53 -17.64 45.13
N ASN A 493 19.87 -18.10 44.07
CA ASN A 493 19.11 -19.38 44.02
C ASN A 493 19.65 -20.24 42.86
N THR A 494 19.19 -19.99 41.63
CA THR A 494 19.67 -20.67 40.39
C THR A 494 20.77 -19.84 39.73
N ALA A 495 20.94 -18.58 40.13
CA ALA A 495 22.07 -17.70 39.80
C ALA A 495 22.69 -17.22 41.12
N VAL A 496 23.36 -18.12 41.84
CA VAL A 496 23.75 -17.96 43.28
C VAL A 496 24.61 -16.69 43.46
N ASN A 497 25.51 -16.40 42.52
CA ASN A 497 26.47 -15.27 42.62
C ASN A 497 25.88 -13.98 42.03
N ALA A 498 24.73 -14.04 41.35
CA ALA A 498 24.02 -12.85 40.87
C ALA A 498 23.37 -12.15 42.07
N LEU A 499 23.62 -10.86 42.25
CA LEU A 499 23.07 -10.06 43.39
C LEU A 499 21.63 -9.63 43.09
N ALA A 500 21.30 -9.38 41.82
CA ALA A 500 19.97 -8.89 41.39
C ALA A 500 19.57 -9.56 40.06
N THR A 501 18.30 -9.45 39.71
CA THR A 501 17.68 -9.99 38.48
C THR A 501 18.47 -9.49 37.26
N ALA A 502 18.50 -10.26 36.17
CA ALA A 502 19.01 -9.81 34.86
C ALA A 502 18.26 -8.53 34.45
N SER A 503 16.94 -8.51 34.65
CA SER A 503 16.07 -7.37 34.27
C SER A 503 14.98 -7.14 35.32
N TYR A 504 14.74 -5.88 35.65
CA TYR A 504 13.60 -5.44 36.50
C TYR A 504 12.29 -5.59 35.73
N ALA A 505 12.32 -5.80 34.41
CA ALA A 505 11.12 -6.13 33.59
C ALA A 505 10.43 -7.39 34.15
N PHE A 506 11.19 -8.35 34.65
CA PHE A 506 10.69 -9.66 35.16
C PHE A 506 10.06 -9.54 36.54
N GLY A 507 10.50 -8.57 37.35
CA GLY A 507 10.02 -8.46 38.75
C GLY A 507 11.02 -7.73 39.62
N ALA A 508 10.75 -7.72 40.94
CA ALA A 508 11.55 -7.01 41.97
C ALA A 508 11.26 -5.52 41.87
N ASP A 509 12.29 -4.65 41.90
CA ASP A 509 12.12 -3.23 42.30
C ASP A 509 11.78 -2.37 41.08
N THR A 510 11.26 -1.17 41.36
CA THR A 510 11.12 -0.03 40.41
C THR A 510 12.39 0.83 40.53
N VAL A 511 13.20 0.90 39.48
CA VAL A 511 14.39 1.79 39.41
C VAL A 511 13.94 3.15 38.86
N THR A 512 14.22 4.21 39.60
CA THR A 512 13.98 5.62 39.20
C THR A 512 15.32 6.35 39.08
N VAL A 513 15.42 7.26 38.11
CA VAL A 513 16.53 8.23 37.95
C VAL A 513 15.89 9.62 37.93
N GLY A 514 16.23 10.44 38.93
CA GLY A 514 15.41 11.60 39.32
C GLY A 514 14.06 11.10 39.79
N SER A 515 12.98 11.59 39.16
CA SER A 515 11.59 11.15 39.42
C SER A 515 11.14 10.11 38.38
N LYS A 516 11.88 9.97 37.27
CA LYS A 516 11.45 9.19 36.08
C LYS A 516 11.79 7.71 36.27
N ILE A 517 10.88 6.83 35.84
CA ILE A 517 11.03 5.35 35.93
C ILE A 517 11.98 4.88 34.83
N ALA A 518 13.11 4.28 35.20
CA ALA A 518 14.09 3.64 34.28
C ALA A 518 13.54 2.28 33.84
N MET A 519 13.27 1.39 34.79
CA MET A 519 12.67 0.06 34.52
C MET A 519 11.88 -0.38 35.76
N MET A 520 10.89 -1.22 35.54
CA MET A 520 10.10 -1.83 36.63
C MET A 520 9.41 -3.07 36.08
N PRO A 521 8.86 -3.96 36.94
CA PRO A 521 8.20 -5.18 36.48
C PRO A 521 7.12 -4.89 35.44
N ILE A 522 7.20 -5.54 34.28
CA ILE A 522 6.18 -5.45 33.21
C ILE A 522 5.19 -6.60 33.41
N LYS A 523 4.09 -6.30 34.09
CA LYS A 523 3.01 -7.26 34.45
C LYS A 523 2.26 -7.65 33.17
N LEU A 524 2.13 -8.96 32.93
CA LEU A 524 1.44 -9.54 31.76
C LEU A 524 0.04 -10.01 32.17
N GLY A 525 -0.98 -9.51 31.49
CA GLY A 525 -2.38 -9.92 31.70
C GLY A 525 -3.03 -10.32 30.39
N THR A 526 -4.36 -10.28 30.35
CA THR A 526 -5.16 -10.72 29.21
C THR A 526 -4.76 -9.94 27.97
N ALA A 527 -4.57 -8.62 28.07
CA ALA A 527 -4.18 -7.75 26.94
C ALA A 527 -2.85 -8.22 26.36
N ASP A 528 -1.92 -8.65 27.22
CA ASP A 528 -0.55 -9.08 26.84
C ASP A 528 -0.61 -10.47 26.19
N PHE A 529 -1.40 -11.39 26.74
CA PHE A 529 -1.67 -12.72 26.13
C PHE A 529 -2.18 -12.52 24.70
N MET A 530 -3.18 -11.65 24.52
CA MET A 530 -3.87 -11.44 23.24
C MET A 530 -2.89 -10.90 22.19
N VAL A 531 -2.09 -9.89 22.54
CA VAL A 531 -1.21 -9.22 21.55
C VAL A 531 -0.07 -10.16 21.19
N HIS A 532 0.35 -11.03 22.12
CA HIS A 532 1.41 -12.02 21.85
C HIS A 532 0.95 -13.02 20.79
N HIS A 533 -0.32 -13.41 20.83
CA HIS A 533 -0.91 -14.34 19.83
C HIS A 533 -1.10 -13.62 18.49
N ILE A 534 -1.31 -12.29 18.49
CA ILE A 534 -1.25 -11.47 17.24
C ILE A 534 0.16 -11.55 16.65
N HIS A 535 1.19 -11.34 17.47
CA HIS A 535 2.60 -11.44 17.02
C HIS A 535 2.90 -12.83 16.48
N ALA A 536 2.55 -13.88 17.22
CA ALA A 536 2.70 -15.28 16.75
C ALA A 536 2.04 -15.38 15.36
N PHE A 537 0.83 -14.85 15.24
CA PHE A 537 0.02 -14.87 14.01
C PHE A 537 0.77 -14.17 12.87
N THR A 538 1.15 -12.91 13.04
CA THR A 538 1.71 -12.07 11.95
C THR A 538 3.05 -12.67 11.50
N ILE A 539 3.82 -13.26 12.42
CA ILE A 539 5.12 -13.92 12.10
C ILE A 539 4.87 -15.21 11.31
N HIS A 540 3.91 -16.06 11.72
CA HIS A 540 3.58 -17.32 11.00
C HIS A 540 3.14 -17.02 9.56
N VAL A 541 2.34 -15.98 9.34
CA VAL A 541 1.86 -15.63 7.98
C VAL A 541 3.05 -15.15 7.14
N THR A 542 3.88 -14.27 7.68
CA THR A 542 5.07 -13.75 6.97
C THR A 542 5.91 -14.95 6.54
N VAL A 543 6.08 -15.91 7.45
CA VAL A 543 6.85 -17.14 7.18
C VAL A 543 6.15 -17.91 6.07
N LEU A 544 4.82 -18.00 6.12
CA LEU A 544 4.02 -18.71 5.10
C LEU A 544 4.40 -18.16 3.73
N ILE A 545 4.31 -16.84 3.58
CA ILE A 545 4.53 -16.14 2.29
C ILE A 545 5.97 -16.41 1.81
N LEU A 546 6.95 -16.15 2.66
CA LEU A 546 8.38 -16.21 2.25
C LEU A 546 8.79 -17.67 2.02
N LEU A 547 8.38 -18.58 2.91
CA LEU A 547 8.71 -20.03 2.80
C LEU A 547 8.05 -20.63 1.57
N LYS A 548 6.80 -20.26 1.31
CA LYS A 548 6.09 -20.69 0.09
C LYS A 548 6.91 -20.22 -1.12
N GLY A 549 7.43 -18.99 -1.06
CA GLY A 549 8.26 -18.41 -2.12
C GLY A 549 9.46 -19.29 -2.39
N VAL A 550 10.12 -19.76 -1.33
CA VAL A 550 11.37 -20.55 -1.45
C VAL A 550 11.03 -21.96 -1.96
N LEU A 551 10.12 -22.66 -1.29
CA LEU A 551 9.81 -24.09 -1.59
C LEU A 551 9.16 -24.24 -2.97
N PHE A 552 8.48 -23.22 -3.48
CA PHE A 552 7.84 -23.23 -4.83
C PHE A 552 8.55 -22.27 -5.80
N ALA A 553 9.80 -21.89 -5.52
CA ALA A 553 10.57 -20.94 -6.37
C ALA A 553 10.82 -21.55 -7.76
N ARG A 554 11.04 -22.86 -7.84
CA ARG A 554 11.53 -23.57 -9.06
C ARG A 554 10.38 -24.16 -9.85
N ASN A 555 9.30 -24.55 -9.18
CA ASN A 555 8.13 -25.16 -9.83
C ASN A 555 6.98 -25.27 -8.83
N SER A 556 5.78 -25.38 -9.38
CA SER A 556 4.53 -25.75 -8.68
C SER A 556 3.73 -26.63 -9.64
N ARG A 557 2.57 -27.11 -9.22
CA ARG A 557 1.61 -27.81 -10.10
C ARG A 557 1.10 -26.81 -11.16
N LEU A 558 1.01 -25.53 -10.82
CA LEU A 558 0.55 -24.46 -11.74
C LEU A 558 1.63 -24.17 -12.80
N ILE A 559 2.88 -23.93 -12.38
CA ILE A 559 4.01 -23.55 -13.27
C ILE A 559 5.12 -24.58 -13.12
N PRO A 560 5.08 -25.71 -13.88
CA PRO A 560 6.08 -26.77 -13.74
C PRO A 560 7.53 -26.42 -14.10
N ASP A 561 7.78 -25.31 -14.79
CA ASP A 561 9.13 -24.89 -15.25
C ASP A 561 9.46 -23.50 -14.70
N LYS A 562 8.98 -23.17 -13.50
CA LYS A 562 9.05 -21.79 -12.96
C LYS A 562 10.51 -21.31 -12.90
N ALA A 563 11.47 -22.19 -12.58
CA ALA A 563 12.91 -21.86 -12.49
C ALA A 563 13.41 -21.25 -13.80
N ASN A 564 12.92 -21.73 -14.95
CA ASN A 564 13.32 -21.22 -16.29
C ASN A 564 12.87 -19.77 -16.45
N LEU A 565 11.71 -19.40 -15.90
CA LEU A 565 11.16 -18.02 -15.98
C LEU A 565 11.98 -17.08 -15.09
N GLY A 566 12.63 -17.63 -14.06
CA GLY A 566 13.64 -16.94 -13.24
C GLY A 566 13.11 -16.60 -11.86
N PHE A 567 13.89 -15.83 -11.11
CA PHE A 567 13.53 -15.35 -9.75
C PHE A 567 12.46 -14.28 -9.88
N ARG A 568 12.70 -13.32 -10.78
CA ARG A 568 11.93 -12.07 -10.86
C ARG A 568 11.31 -11.96 -12.25
N PHE A 569 10.01 -12.18 -12.32
CA PHE A 569 9.20 -12.10 -13.55
C PHE A 569 7.77 -11.83 -13.12
N PRO A 570 6.98 -11.09 -13.93
CA PRO A 570 5.69 -10.59 -13.46
C PRO A 570 4.64 -11.68 -13.25
N CYS A 571 4.69 -12.73 -14.06
CA CYS A 571 3.62 -13.74 -14.25
C CYS A 571 4.05 -14.71 -15.34
N ASP A 572 3.21 -15.69 -15.62
CA ASP A 572 3.27 -16.49 -16.87
C ASP A 572 1.93 -16.34 -17.61
N GLY A 573 1.41 -15.12 -17.65
CA GLY A 573 0.24 -14.75 -18.45
C GLY A 573 -1.09 -15.09 -17.82
N PRO A 574 -2.19 -14.62 -18.44
CA PRO A 574 -3.53 -14.74 -17.87
C PRO A 574 -4.13 -16.15 -17.94
N GLY A 575 -3.48 -17.06 -18.65
CA GLY A 575 -3.92 -18.46 -18.76
C GLY A 575 -3.72 -19.22 -17.45
N ARG A 576 -4.15 -20.47 -17.42
CA ARG A 576 -4.22 -21.32 -16.19
C ARG A 576 -5.05 -20.57 -15.13
N GLY A 577 -6.05 -19.79 -15.56
CA GLY A 577 -6.87 -18.96 -14.67
C GLY A 577 -6.26 -17.60 -14.34
N GLY A 578 -4.95 -17.41 -14.59
CA GLY A 578 -4.19 -16.19 -14.26
C GLY A 578 -3.04 -16.52 -13.34
N THR A 579 -1.82 -16.09 -13.67
CA THR A 579 -0.58 -16.50 -12.98
C THR A 579 0.21 -15.28 -12.52
N CYS A 580 -0.45 -14.15 -12.30
CA CYS A 580 0.17 -12.96 -11.68
C CYS A 580 0.87 -13.37 -10.39
N GLN A 581 2.09 -12.88 -10.17
CA GLN A 581 2.78 -12.93 -8.87
C GLN A 581 3.00 -14.39 -8.45
N VAL A 582 3.34 -15.28 -9.38
CA VAL A 582 3.79 -16.67 -9.05
C VAL A 582 5.27 -16.66 -8.68
N SER A 583 6.04 -15.67 -9.12
CA SER A 583 7.53 -15.68 -8.98
C SER A 583 7.91 -15.61 -7.51
N ALA A 584 9.09 -16.12 -7.18
CA ALA A 584 9.69 -16.00 -5.83
C ALA A 584 9.76 -14.51 -5.45
N TRP A 585 10.20 -13.65 -6.38
CA TRP A 585 10.26 -12.18 -6.16
C TRP A 585 8.91 -11.63 -5.65
N ASP A 586 7.82 -12.05 -6.26
CA ASP A 586 6.45 -11.60 -5.88
C ASP A 586 6.09 -12.09 -4.47
N HIS A 587 6.58 -13.26 -4.02
CA HIS A 587 6.42 -13.72 -2.62
C HIS A 587 7.14 -12.77 -1.66
N VAL A 588 8.32 -12.29 -2.05
CA VAL A 588 9.12 -11.33 -1.25
C VAL A 588 8.32 -10.02 -1.16
N PHE A 589 7.77 -9.61 -2.29
CA PHE A 589 6.92 -8.40 -2.42
C PHE A 589 5.79 -8.51 -1.38
N LEU A 590 5.08 -9.63 -1.36
CA LEU A 590 3.93 -9.83 -0.45
C LEU A 590 4.43 -9.96 0.99
N GLY A 591 5.56 -10.65 1.20
CA GLY A 591 6.24 -10.80 2.50
C GLY A 591 6.53 -9.46 3.15
N LEU A 592 6.92 -8.45 2.36
CA LEU A 592 7.27 -7.09 2.87
C LEU A 592 6.07 -6.45 3.56
N PHE A 593 4.89 -6.51 2.96
CA PHE A 593 3.64 -5.95 3.54
C PHE A 593 3.34 -6.61 4.88
N TRP A 594 3.51 -7.93 4.96
CA TRP A 594 3.19 -8.69 6.18
C TRP A 594 4.25 -8.44 7.25
N MET A 595 5.49 -8.30 6.84
CA MET A 595 6.56 -7.89 7.77
C MET A 595 6.18 -6.52 8.32
N TYR A 596 5.76 -5.61 7.44
CA TYR A 596 5.36 -4.24 7.82
C TYR A 596 4.20 -4.34 8.83
N ASN A 597 3.23 -5.20 8.52
CA ASN A 597 2.03 -5.44 9.38
C ASN A 597 2.49 -5.97 10.74
N ALA A 598 3.23 -7.08 10.73
CA ALA A 598 3.77 -7.74 11.93
C ALA A 598 4.52 -6.73 12.82
N LEU A 599 5.49 -6.01 12.27
CA LEU A 599 6.41 -5.16 13.07
C LEU A 599 5.70 -3.89 13.54
N SER A 600 4.79 -3.34 12.72
CA SER A 600 3.96 -2.18 13.11
C SER A 600 3.26 -2.51 14.44
N VAL A 601 2.68 -3.71 14.55
CA VAL A 601 1.92 -4.14 15.75
C VAL A 601 2.90 -4.34 16.90
N VAL A 602 4.12 -4.83 16.63
CA VAL A 602 5.16 -5.02 17.67
C VAL A 602 5.50 -3.66 18.29
N ILE A 603 5.83 -2.66 17.48
CA ILE A 603 6.31 -1.33 17.97
C ILE A 603 5.14 -0.54 18.60
N PHE A 604 3.91 -0.76 18.15
CA PHE A 604 2.68 -0.21 18.78
C PHE A 604 2.45 -0.86 20.15
N HIS A 605 2.55 -2.19 20.22
CA HIS A 605 2.51 -2.96 21.49
C HIS A 605 3.55 -2.35 22.43
N PHE A 606 4.78 -2.19 21.96
CA PHE A 606 5.89 -1.65 22.78
C PHE A 606 5.52 -0.26 23.29
N SER A 607 5.22 0.67 22.37
CA SER A 607 4.97 2.10 22.67
C SER A 607 3.90 2.21 23.74
N TRP A 608 2.77 1.54 23.53
CA TRP A 608 1.59 1.67 24.41
C TRP A 608 1.88 0.99 25.77
N LYS A 609 2.40 -0.23 25.75
CA LYS A 609 2.66 -0.99 26.99
C LYS A 609 3.62 -0.19 27.87
N MET A 610 4.71 0.31 27.29
CA MET A 610 5.75 1.05 28.05
C MET A 610 5.15 2.34 28.62
N GLN A 611 4.35 3.07 27.84
CA GLN A 611 3.73 4.33 28.27
C GLN A 611 2.68 4.07 29.35
N SER A 612 1.93 2.99 29.22
CA SER A 612 0.78 2.65 30.09
C SER A 612 1.26 2.12 31.43
N ASP A 613 2.26 1.23 31.41
CA ASP A 613 2.55 0.28 32.51
C ASP A 613 3.99 0.40 33.03
N VAL A 614 4.90 1.13 32.36
CA VAL A 614 6.35 1.15 32.74
C VAL A 614 6.82 2.59 32.96
N TRP A 615 6.91 3.38 31.89
CA TRP A 615 7.44 4.76 31.88
C TRP A 615 6.52 5.69 32.67
N GLY A 616 7.09 6.74 33.26
CA GLY A 616 6.34 7.74 34.03
C GLY A 616 7.17 8.28 35.19
N THR A 617 6.49 8.92 36.14
CA THR A 617 7.11 9.62 37.28
C THR A 617 6.73 8.90 38.59
N VAL A 618 7.62 8.98 39.59
CA VAL A 618 7.38 8.50 40.98
C VAL A 618 7.52 9.72 41.90
N SER A 619 6.47 10.04 42.64
CA SER A 619 6.38 11.21 43.56
C SER A 619 7.23 10.97 44.82
N SER A 620 7.35 11.99 45.67
CA SER A 620 8.05 11.94 46.99
C SER A 620 7.40 10.89 47.89
N ASN A 621 6.06 10.81 47.87
CA ASN A 621 5.25 9.77 48.55
C ASN A 621 5.65 8.38 48.05
N GLY A 622 5.89 8.25 46.74
CA GLY A 622 6.37 7.03 46.07
C GLY A 622 5.24 6.31 45.34
N THR A 623 4.32 7.07 44.73
CA THR A 623 3.19 6.54 43.90
C THR A 623 3.57 6.73 42.42
N VAL A 624 3.53 5.64 41.64
CA VAL A 624 3.88 5.65 40.19
C VAL A 624 2.70 6.24 39.42
N SER A 625 2.96 7.29 38.65
CA SER A 625 2.03 7.85 37.62
C SER A 625 2.63 7.58 36.25
N HIS A 626 2.03 6.67 35.48
CA HIS A 626 2.49 6.29 34.12
C HIS A 626 2.01 7.35 33.13
N ILE A 627 2.67 7.43 31.97
CA ILE A 627 2.39 8.46 30.93
C ILE A 627 0.92 8.36 30.51
N THR A 628 0.41 7.17 30.20
CA THR A 628 -1.01 6.96 29.82
C THR A 628 -1.78 6.22 30.93
N GLY A 629 -1.29 6.29 32.18
CA GLY A 629 -2.02 5.91 33.40
C GLY A 629 -2.71 4.56 33.32
N GLY A 630 -1.98 3.52 32.92
CA GLY A 630 -2.40 2.11 33.02
C GLY A 630 -3.62 1.79 32.17
N ASN A 631 -3.85 2.49 31.06
CA ASN A 631 -5.06 2.29 30.21
C ASN A 631 -4.88 1.06 29.30
N PHE A 632 -3.68 0.48 29.17
CA PHE A 632 -3.40 -0.67 28.27
C PHE A 632 -4.28 -1.88 28.62
N ALA A 633 -4.35 -2.28 29.89
CA ALA A 633 -5.05 -3.51 30.33
C ALA A 633 -6.50 -3.54 29.85
N GLN A 634 -7.24 -2.42 29.91
CA GLN A 634 -8.69 -2.39 29.58
C GLN A 634 -8.94 -1.83 28.17
N SER A 635 -8.02 -1.07 27.58
CA SER A 635 -8.19 -0.46 26.24
C SER A 635 -7.59 -1.35 25.15
N ALA A 636 -6.49 -2.05 25.42
CA ALA A 636 -5.74 -2.80 24.38
C ALA A 636 -6.37 -4.16 24.09
N ILE A 637 -7.56 -4.45 24.60
CA ILE A 637 -8.30 -5.74 24.38
C ILE A 637 -9.41 -5.55 23.33
N THR A 638 -9.55 -4.35 22.78
CA THR A 638 -10.47 -4.05 21.66
C THR A 638 -9.68 -3.28 20.58
N ILE A 639 -10.09 -3.40 19.31
CA ILE A 639 -9.51 -2.59 18.21
C ILE A 639 -9.89 -1.11 18.46
N ASN A 640 -11.11 -0.86 18.92
CA ASN A 640 -11.58 0.51 19.21
C ASN A 640 -10.65 1.17 20.24
N GLY A 641 -10.20 0.41 21.24
CA GLY A 641 -9.24 0.90 22.25
C GLY A 641 -7.91 1.27 21.64
N TRP A 642 -7.42 0.47 20.69
CA TRP A 642 -6.19 0.79 19.91
C TRP A 642 -6.42 2.05 19.07
N LEU A 643 -7.55 2.12 18.37
CA LEU A 643 -7.86 3.30 17.51
C LEU A 643 -7.92 4.56 18.38
N ARG A 644 -8.64 4.50 19.49
CA ARG A 644 -9.01 5.69 20.29
C ARG A 644 -7.91 6.00 21.30
N ASP A 645 -7.57 5.04 22.16
CA ASP A 645 -6.69 5.29 23.33
C ASP A 645 -5.23 5.29 22.89
N PHE A 646 -4.91 4.70 21.73
CA PHE A 646 -3.52 4.71 21.19
C PHE A 646 -3.41 5.71 20.03
N LEU A 647 -3.93 5.40 18.84
CA LEU A 647 -3.66 6.25 17.64
C LEU A 647 -4.25 7.65 17.86
N TRP A 648 -5.55 7.74 18.08
CA TRP A 648 -6.26 9.05 18.21
C TRP A 648 -5.61 9.85 19.34
N ALA A 649 -5.53 9.30 20.55
CA ALA A 649 -5.03 10.00 21.76
C ALA A 649 -3.56 10.41 21.58
N GLN A 650 -2.71 9.52 21.11
CA GLN A 650 -1.25 9.78 21.07
C GLN A 650 -0.85 10.56 19.82
N ALA A 651 -1.70 10.61 18.78
CA ALA A 651 -1.45 11.46 17.59
C ALA A 651 -1.64 12.94 17.93
N SER A 652 -2.25 13.26 19.08
CA SER A 652 -2.48 14.65 19.54
C SER A 652 -1.18 15.47 19.40
N GLN A 653 -0.04 14.91 19.81
CA GLN A 653 1.26 15.64 19.84
C GLN A 653 1.69 15.99 18.41
N VAL A 654 1.65 15.04 17.47
CA VAL A 654 2.18 15.26 16.11
C VAL A 654 1.26 16.25 15.36
N ILE A 655 -0.06 16.15 15.53
CA ILE A 655 -1.01 17.04 14.78
C ILE A 655 -1.08 18.44 15.40
N GLN A 656 -0.69 18.62 16.67
CA GLN A 656 -0.65 19.95 17.34
C GLN A 656 0.76 20.57 17.26
N SER A 657 1.65 19.99 16.46
CA SER A 657 3.09 20.34 16.43
C SER A 657 3.36 21.62 15.62
N TYR A 658 2.44 22.06 14.78
CA TYR A 658 2.62 23.26 13.91
C TYR A 658 2.88 24.49 14.78
N GLY A 659 3.85 25.32 14.39
CA GLY A 659 4.26 26.54 15.11
C GLY A 659 5.15 26.25 16.30
N SER A 660 5.59 25.01 16.48
CA SER A 660 6.53 24.57 17.55
C SER A 660 7.77 23.98 16.90
N SER A 661 8.77 23.66 17.71
CA SER A 661 10.04 23.02 17.28
C SER A 661 9.80 21.60 16.77
N LEU A 662 8.65 20.98 17.09
CA LEU A 662 8.29 19.62 16.63
C LEU A 662 7.49 19.69 15.32
N SER A 663 7.35 20.87 14.70
CA SER A 663 6.52 21.07 13.48
C SER A 663 7.02 20.18 12.33
N ALA A 664 8.33 19.89 12.25
CA ALA A 664 8.91 19.01 11.21
C ALA A 664 8.24 17.63 11.30
N TYR A 665 7.93 17.15 12.50
CA TYR A 665 7.25 15.85 12.69
C TYR A 665 5.82 15.94 12.16
N GLY A 666 5.11 17.03 12.44
CA GLY A 666 3.78 17.28 11.86
C GLY A 666 3.84 17.25 10.35
N LEU A 667 4.82 17.91 9.76
CA LEU A 667 4.97 17.97 8.28
C LEU A 667 5.26 16.57 7.74
N MET A 668 6.19 15.86 8.37
CA MET A 668 6.64 14.51 7.94
C MET A 668 5.50 13.50 8.16
N PHE A 669 4.68 13.70 9.18
CA PHE A 669 3.48 12.87 9.44
C PHE A 669 2.55 12.95 8.21
N LEU A 670 2.24 14.15 7.75
CA LEU A 670 1.41 14.38 6.53
C LEU A 670 2.17 13.92 5.29
N GLY A 671 3.43 14.30 5.15
CA GLY A 671 4.27 13.89 4.01
C GLY A 671 4.29 12.39 3.85
N ALA A 672 4.48 11.66 4.96
CA ALA A 672 4.55 10.19 4.98
C ALA A 672 3.18 9.59 4.63
N HIS A 673 2.09 10.15 5.12
CA HIS A 673 0.71 9.73 4.73
C HIS A 673 0.56 9.89 3.21
N PHE A 674 1.06 10.99 2.66
CA PHE A 674 0.97 11.30 1.21
C PHE A 674 1.68 10.20 0.42
N VAL A 675 2.92 9.90 0.79
CA VAL A 675 3.79 8.91 0.08
C VAL A 675 3.14 7.53 0.17
N TRP A 676 2.61 7.19 1.34
CA TRP A 676 1.87 5.92 1.55
C TRP A 676 0.71 5.83 0.56
N ALA A 677 -0.12 6.87 0.51
CA ALA A 677 -1.33 6.89 -0.34
C ALA A 677 -0.91 6.82 -1.81
N PHE A 678 0.11 7.58 -2.18
CA PHE A 678 0.69 7.64 -3.54
C PHE A 678 1.08 6.23 -4.02
N SER A 679 1.59 5.41 -3.10
CA SER A 679 2.01 4.01 -3.34
C SER A 679 0.85 3.20 -3.92
N LEU A 680 -0.36 3.50 -3.48
CA LEU A 680 -1.55 2.70 -3.86
C LEU A 680 -1.81 2.86 -5.36
N MET A 681 -1.44 3.98 -5.96
CA MET A 681 -1.55 4.22 -7.42
C MET A 681 -0.81 3.10 -8.16
N PHE A 682 0.39 2.75 -7.71
CA PHE A 682 1.28 1.73 -8.32
C PHE A 682 0.78 0.33 -8.00
N LEU A 683 0.35 0.09 -6.76
CA LEU A 683 -0.04 -1.26 -6.29
C LEU A 683 -1.38 -1.69 -6.87
N PHE A 684 -2.30 -0.75 -7.06
CA PHE A 684 -3.70 -1.07 -7.47
C PHE A 684 -3.85 -1.05 -8.99
N SER A 685 -2.92 -0.43 -9.73
CA SER A 685 -3.04 -0.23 -11.20
C SER A 685 -2.14 -1.22 -11.93
N GLY A 686 -2.16 -1.13 -13.26
CA GLY A 686 -1.34 -1.98 -14.14
C GLY A 686 -0.77 -1.15 -15.26
N ARG A 687 0.41 -1.52 -15.76
CA ARG A 687 1.19 -0.69 -16.70
C ARG A 687 0.45 -0.51 -18.03
N GLY A 688 -0.43 -1.45 -18.40
CA GLY A 688 -1.20 -1.38 -19.65
C GLY A 688 -1.95 -0.06 -19.75
N TYR A 689 -2.62 0.34 -18.66
CA TYR A 689 -3.29 1.66 -18.58
C TYR A 689 -2.26 2.77 -18.85
N TRP A 690 -1.13 2.71 -18.15
CA TRP A 690 -0.13 3.80 -18.13
C TRP A 690 0.56 3.91 -19.49
N GLN A 691 0.90 2.77 -20.10
CA GLN A 691 1.53 2.79 -21.43
C GLN A 691 0.58 3.45 -22.43
N GLU A 692 -0.71 3.15 -22.35
CA GLU A 692 -1.71 3.75 -23.28
C GLU A 692 -1.81 5.26 -23.02
N LEU A 693 -1.82 5.71 -21.77
CA LEU A 693 -1.87 7.16 -21.43
C LEU A 693 -0.65 7.85 -22.05
N ILE A 694 0.53 7.29 -21.84
CA ILE A 694 1.82 7.83 -22.36
C ILE A 694 1.75 7.99 -23.89
N GLU A 695 1.09 7.07 -24.60
CA GLU A 695 0.92 7.14 -26.08
C GLU A 695 0.28 8.48 -26.48
N SER A 696 -0.76 8.92 -25.78
CA SER A 696 -1.46 10.20 -26.03
C SER A 696 -0.55 11.38 -25.70
N ILE A 697 0.20 11.27 -24.60
CA ILE A 697 1.16 12.34 -24.18
C ILE A 697 2.27 12.41 -25.22
N VAL A 698 2.79 11.25 -25.66
CA VAL A 698 3.85 11.18 -26.71
C VAL A 698 3.31 11.84 -27.99
N TRP A 699 2.05 11.58 -28.35
CA TRP A 699 1.42 12.24 -29.52
C TRP A 699 1.58 13.77 -29.46
N ALA A 700 1.28 14.38 -28.31
CA ALA A 700 1.33 15.85 -28.11
C ALA A 700 2.77 16.35 -28.29
N HIS A 701 3.75 15.60 -27.81
CA HIS A 701 5.19 15.93 -27.95
C HIS A 701 5.60 15.84 -29.43
N ASN A 702 5.19 14.77 -30.11
CA ASN A 702 5.43 14.58 -31.56
C ASN A 702 4.84 15.78 -32.32
N LYS A 703 3.61 16.19 -31.98
CA LYS A 703 2.91 17.32 -32.64
C LYS A 703 3.77 18.59 -32.55
N LEU A 704 4.47 18.81 -31.43
CA LEU A 704 5.30 20.02 -31.20
C LEU A 704 6.77 19.73 -31.48
N LYS A 705 7.08 18.58 -32.09
CA LYS A 705 8.46 18.15 -32.46
C LYS A 705 9.34 18.23 -31.21
N VAL A 706 8.88 17.66 -30.10
CA VAL A 706 9.63 17.63 -28.81
C VAL A 706 9.43 16.26 -28.16
N ALA A 707 9.30 15.20 -28.96
CA ALA A 707 9.24 13.81 -28.46
C ALA A 707 10.67 13.33 -28.30
N PRO A 708 11.04 12.69 -27.17
CA PRO A 708 12.42 12.23 -26.98
C PRO A 708 12.71 11.00 -27.83
N SER A 709 13.98 10.81 -28.23
CA SER A 709 14.47 9.59 -28.92
C SER A 709 14.42 8.38 -27.97
N ILE A 710 14.69 8.57 -26.68
CA ILE A 710 14.53 7.50 -25.64
C ILE A 710 13.03 7.39 -25.35
N ALA A 711 12.37 6.44 -26.00
CA ALA A 711 10.90 6.31 -26.05
C ALA A 711 10.38 6.14 -24.63
N PRO A 712 9.42 6.98 -24.17
CA PRO A 712 8.81 6.78 -22.86
C PRO A 712 8.03 5.46 -22.75
N ARG A 713 8.33 4.67 -21.73
CA ARG A 713 7.59 3.43 -21.40
C ARG A 713 7.01 3.57 -19.99
N ALA A 714 5.83 3.01 -19.78
CA ALA A 714 5.30 2.70 -18.43
C ALA A 714 6.34 1.81 -17.74
N LEU A 715 6.41 1.89 -16.42
CA LEU A 715 7.32 1.04 -15.62
C LEU A 715 6.99 -0.41 -15.94
N SER A 716 7.96 -1.33 -15.84
CA SER A 716 7.71 -2.78 -15.99
C SER A 716 6.65 -3.20 -14.97
N ILE A 717 6.02 -4.35 -15.16
CA ILE A 717 5.02 -4.88 -14.18
C ILE A 717 5.72 -5.03 -12.83
N THR A 718 6.93 -5.57 -12.83
CA THR A 718 7.71 -5.81 -11.60
C THR A 718 8.08 -4.47 -10.96
N GLN A 719 8.51 -3.49 -11.74
CA GLN A 719 8.93 -2.18 -11.17
C GLN A 719 7.72 -1.49 -10.53
N GLY A 720 6.55 -1.55 -11.18
CA GLY A 720 5.29 -1.05 -10.61
C GLY A 720 5.09 -1.57 -9.19
N ARG A 721 5.28 -2.88 -9.00
CA ARG A 721 5.18 -3.54 -7.69
C ARG A 721 6.28 -3.05 -6.77
N ALA A 722 7.51 -2.94 -7.28
CA ALA A 722 8.68 -2.52 -6.47
C ALA A 722 8.46 -1.10 -5.98
N VAL A 723 8.02 -0.22 -6.88
CA VAL A 723 7.73 1.21 -6.55
C VAL A 723 6.60 1.23 -5.52
N GLY A 724 5.57 0.43 -5.76
CA GLY A 724 4.39 0.35 -4.89
C GLY A 724 4.79 0.00 -3.47
N VAL A 725 5.51 -1.09 -3.28
CA VAL A 725 5.84 -1.58 -1.91
C VAL A 725 6.85 -0.62 -1.26
N ALA A 726 7.79 -0.07 -2.02
CA ALA A 726 8.81 0.89 -1.51
C ALA A 726 8.14 2.15 -0.97
N HIS A 727 7.16 2.71 -1.67
CA HIS A 727 6.45 3.92 -1.21
C HIS A 727 5.51 3.57 -0.05
N TYR A 728 4.90 2.39 -0.10
CA TYR A 728 3.99 1.89 0.96
C TYR A 728 4.79 1.83 2.27
N LEU A 729 5.94 1.15 2.24
CA LEU A 729 6.81 1.00 3.43
C LEU A 729 7.39 2.34 3.84
N LEU A 730 7.92 3.12 2.91
CA LEU A 730 8.52 4.43 3.26
C LEU A 730 7.44 5.28 3.95
N GLY A 731 6.29 5.41 3.29
CA GLY A 731 5.14 6.20 3.79
C GLY A 731 4.68 5.67 5.13
N GLY A 732 4.42 4.36 5.23
CA GLY A 732 3.87 3.77 6.46
C GLY A 732 4.84 3.91 7.61
N ILE A 733 6.11 3.56 7.39
CA ILE A 733 7.14 3.59 8.46
C ILE A 733 7.39 5.05 8.87
N ALA A 734 7.60 5.96 7.92
CA ALA A 734 7.89 7.38 8.22
C ALA A 734 6.72 8.01 8.97
N THR A 735 5.49 7.60 8.69
CA THR A 735 4.29 8.09 9.42
C THR A 735 4.44 7.73 10.89
N THR A 736 4.74 6.47 11.19
CA THR A 736 4.90 5.98 12.57
C THR A 736 6.07 6.70 13.23
N TRP A 737 7.16 6.89 12.48
CA TRP A 737 8.37 7.59 12.96
C TRP A 737 7.98 8.98 13.48
N ALA A 738 7.25 9.75 12.67
CA ALA A 738 6.83 11.14 12.99
C ALA A 738 5.89 11.11 14.19
N PHE A 739 4.93 10.17 14.18
CA PHE A 739 3.96 9.92 15.28
C PHE A 739 4.72 9.67 16.59
N PHE A 740 5.61 8.68 16.59
CA PHE A 740 6.40 8.23 17.76
C PHE A 740 7.25 9.37 18.30
N LEU A 741 8.06 10.00 17.45
CA LEU A 741 9.05 11.00 17.91
C LEU A 741 8.31 12.23 18.46
N ALA A 742 7.29 12.72 17.76
CA ALA A 742 6.47 13.86 18.24
C ALA A 742 5.85 13.51 19.60
N ARG A 743 5.29 12.31 19.70
CA ARG A 743 4.58 11.83 20.91
C ARG A 743 5.57 11.83 22.07
N ILE A 744 6.67 11.10 21.90
CA ILE A 744 7.56 10.73 23.04
C ILE A 744 8.44 11.93 23.39
N ILE A 745 8.88 12.74 22.43
CA ILE A 745 9.68 13.96 22.74
C ILE A 745 8.81 14.94 23.55
N SER A 746 7.49 14.95 23.32
CA SER A 746 6.51 15.82 24.02
C SER A 746 6.22 15.29 25.43
N VAL A 747 5.78 14.03 25.56
CA VAL A 747 5.27 13.45 26.84
C VAL A 747 6.41 12.81 27.64
N GLY A 748 7.40 12.23 26.96
CA GLY A 748 8.62 11.67 27.58
C GLY A 748 9.66 12.74 27.83
N THR B 2 -28.06 -25.37 -21.01
CA THR B 2 -29.29 -25.01 -20.21
C THR B 2 -29.69 -26.18 -19.30
N THR B 3 -28.70 -26.88 -18.72
CA THR B 3 -28.88 -28.10 -17.89
C THR B 3 -27.94 -28.08 -16.67
N LYS B 4 -27.50 -26.88 -16.24
CA LYS B 4 -26.50 -26.65 -15.15
C LYS B 4 -26.26 -25.14 -15.05
N PHE B 5 -26.17 -24.61 -13.83
CA PHE B 5 -26.00 -23.15 -13.59
C PHE B 5 -24.65 -22.69 -14.15
N PRO B 6 -24.55 -21.56 -14.89
CA PRO B 6 -25.69 -20.77 -15.36
C PRO B 6 -26.28 -21.35 -16.65
N LYS B 7 -27.61 -21.41 -16.77
CA LYS B 7 -28.32 -21.94 -17.97
C LYS B 7 -28.03 -21.05 -19.19
N PHE B 8 -27.73 -19.78 -18.99
CA PHE B 8 -27.56 -18.76 -20.06
C PHE B 8 -26.15 -18.78 -20.68
N SER B 9 -25.19 -19.53 -20.12
CA SER B 9 -23.80 -19.65 -20.65
C SER B 9 -23.31 -21.09 -20.54
N GLN B 10 -23.25 -21.80 -21.68
CA GLN B 10 -22.73 -23.20 -21.76
C GLN B 10 -21.22 -23.20 -21.46
N ALA B 11 -20.50 -22.17 -21.91
CA ALA B 11 -19.05 -21.99 -21.67
C ALA B 11 -18.76 -21.93 -20.17
N LEU B 12 -19.61 -21.24 -19.39
CA LEU B 12 -19.48 -21.17 -17.92
C LEU B 12 -19.98 -22.48 -17.29
N ALA B 13 -21.10 -23.03 -17.77
CA ALA B 13 -21.74 -24.24 -17.21
C ALA B 13 -20.80 -25.45 -17.31
N SER B 14 -19.93 -25.49 -18.32
CA SER B 14 -18.94 -26.58 -18.57
C SER B 14 -17.69 -26.44 -17.69
N ASP B 15 -17.45 -25.25 -17.12
CA ASP B 15 -16.31 -24.96 -16.21
C ASP B 15 -16.42 -25.87 -14.99
N PRO B 16 -15.43 -26.76 -14.71
CA PRO B 16 -15.51 -27.69 -13.59
C PRO B 16 -15.10 -27.09 -12.23
N THR B 17 -14.83 -25.78 -12.18
CA THR B 17 -14.24 -25.06 -11.03
C THR B 17 -15.27 -24.13 -10.40
N THR B 18 -14.90 -23.53 -9.28
CA THR B 18 -15.72 -22.55 -8.52
C THR B 18 -15.94 -21.29 -9.35
N ARG B 19 -15.08 -21.02 -10.35
CA ARG B 19 -15.22 -19.89 -11.31
C ARG B 19 -16.61 -19.91 -11.96
N ARG B 20 -17.15 -21.07 -12.29
CA ARG B 20 -18.50 -21.25 -12.88
C ARG B 20 -19.54 -20.44 -12.09
N ILE B 21 -19.51 -20.57 -10.77
CA ILE B 21 -20.55 -19.99 -9.86
C ILE B 21 -20.39 -18.47 -9.87
N TRP B 22 -19.17 -18.01 -9.60
CA TRP B 22 -18.83 -16.56 -9.54
C TRP B 22 -19.23 -15.88 -10.86
N TYR B 23 -18.80 -16.43 -11.99
CA TYR B 23 -19.00 -15.81 -13.33
C TYR B 23 -20.48 -15.90 -13.72
N GLY B 24 -21.16 -16.97 -13.30
CA GLY B 24 -22.62 -17.10 -13.45
C GLY B 24 -23.32 -15.90 -12.81
N ILE B 25 -22.98 -15.59 -11.57
CA ILE B 25 -23.59 -14.45 -10.81
C ILE B 25 -23.24 -13.14 -11.54
N ALA B 26 -21.96 -12.94 -11.84
CA ALA B 26 -21.40 -11.65 -12.33
C ALA B 26 -21.88 -11.30 -13.74
N THR B 27 -22.32 -12.28 -14.53
CA THR B 27 -22.71 -12.08 -15.95
C THR B 27 -24.22 -12.29 -16.11
N ALA B 28 -24.95 -12.58 -15.04
CA ALA B 28 -26.40 -12.87 -15.06
C ALA B 28 -27.19 -11.74 -15.74
N HIS B 29 -26.78 -10.48 -15.64
CA HIS B 29 -27.55 -9.32 -16.17
C HIS B 29 -26.99 -8.78 -17.48
N ASP B 30 -25.87 -9.33 -17.97
CA ASP B 30 -25.28 -8.97 -19.29
C ASP B 30 -26.00 -9.78 -20.37
N PHE B 31 -27.28 -9.47 -20.57
CA PHE B 31 -28.24 -10.24 -21.42
C PHE B 31 -27.69 -10.40 -22.84
N GLU B 32 -27.08 -9.35 -23.40
CA GLU B 32 -26.46 -9.32 -24.77
C GLU B 32 -25.57 -10.55 -25.00
N THR B 33 -24.79 -10.97 -24.00
CA THR B 33 -23.73 -12.01 -24.13
C THR B 33 -24.29 -13.42 -23.84
N HIS B 34 -25.58 -13.54 -23.49
CA HIS B 34 -26.21 -14.83 -23.11
C HIS B 34 -26.48 -15.68 -24.35
N ASP B 35 -26.40 -17.00 -24.18
CA ASP B 35 -26.50 -18.01 -25.26
C ASP B 35 -27.82 -17.79 -26.01
N GLY B 36 -27.75 -17.64 -27.34
CA GLY B 36 -28.91 -17.51 -28.23
C GLY B 36 -29.74 -16.27 -27.98
N MET B 37 -29.12 -15.20 -27.44
CA MET B 37 -29.80 -13.90 -27.23
C MET B 37 -30.02 -13.26 -28.60
N THR B 38 -31.24 -12.81 -28.87
CA THR B 38 -31.63 -12.01 -30.05
C THR B 38 -31.93 -10.59 -29.57
N GLU B 39 -31.92 -9.60 -30.47
CA GLU B 39 -32.19 -8.18 -30.15
C GLU B 39 -33.59 -8.07 -29.55
N GLU B 40 -34.58 -8.77 -30.13
CA GLU B 40 -36.00 -8.69 -29.69
C GLU B 40 -36.12 -9.21 -28.25
N ASN B 41 -35.50 -10.35 -27.94
CA ASN B 41 -35.54 -11.01 -26.61
C ASN B 41 -34.79 -10.13 -25.59
N LEU B 42 -33.65 -9.54 -25.96
CA LEU B 42 -32.88 -8.60 -25.11
C LEU B 42 -33.82 -7.50 -24.59
N TYR B 43 -34.43 -6.73 -25.50
CA TYR B 43 -35.32 -5.58 -25.18
C TYR B 43 -36.45 -6.04 -24.26
N GLN B 44 -37.10 -7.14 -24.62
CA GLN B 44 -38.28 -7.68 -23.89
C GLN B 44 -37.87 -8.08 -22.48
N LYS B 45 -36.69 -8.67 -22.32
CA LYS B 45 -36.14 -9.09 -20.99
C LYS B 45 -35.88 -7.84 -20.14
N ILE B 46 -35.31 -6.79 -20.75
CA ILE B 46 -34.94 -5.52 -20.07
C ILE B 46 -36.23 -4.85 -19.59
N PHE B 47 -37.20 -4.71 -20.49
CA PHE B 47 -38.53 -4.13 -20.19
C PHE B 47 -39.16 -4.83 -18.98
N ALA B 48 -39.16 -6.16 -18.93
CA ALA B 48 -39.75 -6.95 -17.82
C ALA B 48 -38.92 -6.78 -16.54
N SER B 49 -37.59 -6.74 -16.65
CA SER B 49 -36.67 -6.50 -15.53
C SER B 49 -36.90 -5.10 -14.93
N HIS B 50 -37.30 -4.15 -15.78
CA HIS B 50 -37.55 -2.74 -15.38
C HIS B 50 -38.75 -2.69 -14.45
N PHE B 51 -39.74 -3.55 -14.71
CA PHE B 51 -40.97 -3.65 -13.89
C PHE B 51 -40.58 -4.20 -12.52
N GLY B 52 -39.72 -5.22 -12.49
CA GLY B 52 -39.19 -5.80 -11.24
C GLY B 52 -38.53 -4.74 -10.38
N HIS B 53 -37.66 -3.94 -10.99
CA HIS B 53 -36.88 -2.85 -10.34
C HIS B 53 -37.82 -1.75 -9.81
N LEU B 54 -38.75 -1.27 -10.63
CA LEU B 54 -39.77 -0.28 -10.18
C LEU B 54 -40.56 -0.83 -8.98
N ALA B 55 -41.02 -2.07 -9.03
CA ALA B 55 -41.78 -2.70 -7.93
C ALA B 55 -40.94 -2.70 -6.65
N LEU B 56 -39.63 -2.90 -6.80
CA LEU B 56 -38.67 -2.92 -5.68
C LEU B 56 -38.65 -1.52 -5.05
N ILE B 57 -38.66 -0.48 -5.87
CA ILE B 57 -38.59 0.93 -5.38
C ILE B 57 -39.85 1.19 -4.54
N PHE B 58 -41.02 0.73 -5.01
CA PHE B 58 -42.31 0.97 -4.32
C PHE B 58 -42.40 0.11 -3.04
N LEU B 59 -41.83 -1.10 -3.01
CA LEU B 59 -41.78 -1.95 -1.78
C LEU B 59 -40.88 -1.32 -0.70
N TRP B 60 -39.69 -0.88 -1.09
CA TRP B 60 -38.73 -0.12 -0.23
C TRP B 60 -39.40 1.13 0.39
N THR B 61 -40.06 1.92 -0.43
CA THR B 61 -40.77 3.15 0.01
C THR B 61 -41.88 2.76 0.98
N SER B 62 -42.63 1.71 0.64
CA SER B 62 -43.70 1.13 1.47
C SER B 62 -43.13 0.78 2.84
N GLY B 63 -41.98 0.09 2.85
CA GLY B 63 -41.27 -0.31 4.08
C GLY B 63 -41.04 0.89 4.96
N ASN B 64 -40.56 1.99 4.39
CA ASN B 64 -40.18 3.23 5.11
C ASN B 64 -41.43 3.84 5.74
N LEU B 65 -42.50 4.01 4.98
CA LEU B 65 -43.81 4.49 5.48
C LEU B 65 -44.36 3.56 6.58
N PHE B 66 -44.38 2.25 6.33
CA PHE B 66 -44.96 1.25 7.25
C PHE B 66 -44.18 1.25 8.57
N HIS B 67 -42.86 1.29 8.51
CA HIS B 67 -42.01 1.22 9.71
C HIS B 67 -42.21 2.47 10.55
N VAL B 68 -42.28 3.63 9.89
CA VAL B 68 -42.47 4.91 10.61
C VAL B 68 -43.87 4.91 11.22
N ALA B 69 -44.88 4.44 10.49
CA ALA B 69 -46.28 4.36 10.97
C ALA B 69 -46.36 3.46 12.20
N TRP B 70 -45.73 2.29 12.13
CA TRP B 70 -45.87 1.19 13.11
C TRP B 70 -44.96 1.41 14.33
N GLN B 71 -43.71 1.84 14.13
CA GLN B 71 -42.67 1.88 15.18
C GLN B 71 -42.12 3.30 15.40
N GLY B 72 -42.49 4.28 14.57
CA GLY B 72 -41.88 5.62 14.60
C GLY B 72 -42.54 6.50 15.64
N ASN B 73 -42.18 7.78 15.64
CA ASN B 73 -42.74 8.80 16.57
C ASN B 73 -43.18 10.03 15.76
N PHE B 74 -43.68 9.81 14.54
CA PHE B 74 -44.05 10.88 13.58
C PHE B 74 -44.98 11.88 14.26
N GLU B 75 -46.02 11.38 14.90
CA GLU B 75 -47.06 12.20 15.58
C GLU B 75 -46.38 13.08 16.66
N GLN B 76 -45.48 12.47 17.43
CA GLN B 76 -44.75 13.17 18.53
C GLN B 76 -43.77 14.15 17.92
N TRP B 77 -43.15 13.80 16.78
CA TRP B 77 -42.17 14.66 16.07
C TRP B 77 -42.87 15.90 15.49
N ILE B 78 -44.07 15.76 14.92
CA ILE B 78 -44.90 16.90 14.40
C ILE B 78 -45.07 17.95 15.49
N ALA B 79 -45.37 17.51 16.73
CA ALA B 79 -45.65 18.37 17.90
C ALA B 79 -44.43 19.23 18.25
N ASN B 80 -43.20 18.72 18.05
CA ASN B 80 -41.95 19.37 18.52
C ASN B 80 -40.80 19.03 17.56
N PRO B 81 -40.80 19.57 16.31
CA PRO B 81 -39.88 19.13 15.27
C PRO B 81 -38.41 19.50 15.49
N LEU B 82 -38.14 20.52 16.31
CA LEU B 82 -36.78 21.05 16.58
C LEU B 82 -36.08 20.25 17.68
N LYS B 83 -36.82 19.67 18.62
CA LYS B 83 -36.27 18.96 19.82
C LYS B 83 -36.30 17.44 19.60
N THR B 84 -37.45 16.90 19.18
CA THR B 84 -37.71 15.45 19.01
C THR B 84 -36.85 14.88 17.87
N LYS B 85 -36.25 13.71 18.09
CA LYS B 85 -35.47 12.96 17.06
C LYS B 85 -36.42 11.97 16.40
N PRO B 86 -36.54 12.00 15.06
CA PRO B 86 -37.43 11.07 14.35
C PRO B 86 -36.85 9.65 14.44
N LEU B 87 -37.72 8.64 14.55
CA LEU B 87 -37.30 7.22 14.65
C LEU B 87 -37.42 6.55 13.28
N ALA B 88 -36.38 5.82 12.87
CA ALA B 88 -36.38 4.97 11.66
C ALA B 88 -37.31 3.76 11.87
N HIS B 89 -37.02 2.94 12.87
CA HIS B 89 -37.67 1.62 13.11
C HIS B 89 -37.15 1.05 14.42
N ALA B 90 -37.85 0.05 14.93
CA ALA B 90 -37.50 -0.61 16.20
C ALA B 90 -36.28 -1.51 15.99
N ILE B 91 -35.52 -1.68 17.06
CA ILE B 91 -34.42 -2.68 17.14
C ILE B 91 -34.98 -3.91 17.84
N TRP B 92 -34.84 -5.08 17.24
CA TRP B 92 -34.97 -6.38 17.92
C TRP B 92 -33.69 -7.15 17.64
N ASP B 93 -32.76 -7.13 18.60
CA ASP B 93 -31.45 -7.79 18.48
C ASP B 93 -31.16 -8.54 19.77
N PRO B 94 -31.25 -9.88 19.78
CA PRO B 94 -30.99 -10.64 21.00
C PRO B 94 -29.51 -10.72 21.43
N HIS B 95 -28.59 -10.14 20.65
CA HIS B 95 -27.16 -9.98 21.04
C HIS B 95 -26.97 -8.75 21.95
N PHE B 96 -27.95 -7.85 21.99
CA PHE B 96 -27.95 -6.65 22.87
C PHE B 96 -27.85 -7.10 24.33
N GLY B 97 -26.88 -6.55 25.05
CA GLY B 97 -26.88 -6.51 26.52
C GLY B 97 -27.89 -5.48 27.02
N GLN B 98 -28.15 -5.47 28.32
CA GLN B 98 -29.10 -4.54 28.98
C GLN B 98 -28.65 -3.10 28.78
N ALA B 99 -27.35 -2.82 28.91
CA ALA B 99 -26.78 -1.45 28.76
C ALA B 99 -27.08 -0.94 27.34
N ALA B 100 -27.03 -1.81 26.33
CA ALA B 100 -27.29 -1.44 24.91
C ALA B 100 -28.77 -1.16 24.72
N LEU B 101 -29.65 -1.97 25.33
CA LEU B 101 -31.12 -1.75 25.26
C LEU B 101 -31.44 -0.35 25.79
N LYS B 102 -30.85 0.02 26.93
CA LYS B 102 -31.01 1.35 27.56
C LYS B 102 -30.44 2.43 26.63
N ALA B 103 -29.21 2.27 26.13
CA ALA B 103 -28.52 3.26 25.26
C ALA B 103 -29.38 3.60 24.04
N PHE B 104 -30.08 2.62 23.46
CA PHE B 104 -30.89 2.76 22.21
C PHE B 104 -32.37 2.99 22.54
N THR B 105 -32.74 3.05 23.82
CA THR B 105 -34.13 3.38 24.25
C THR B 105 -34.40 4.83 23.88
N ARG B 106 -35.42 5.04 23.04
CA ARG B 106 -35.92 6.36 22.57
C ARG B 106 -37.38 6.44 23.00
N GLY B 107 -37.65 7.09 24.14
CA GLY B 107 -38.96 7.04 24.81
C GLY B 107 -39.17 5.71 25.51
N GLU B 108 -40.16 4.93 25.05
CA GLU B 108 -40.53 3.61 25.62
C GLU B 108 -40.08 2.47 24.69
N THR B 109 -39.43 2.79 23.57
CA THR B 109 -39.04 1.84 22.51
C THR B 109 -37.52 1.84 22.31
N VAL B 110 -36.95 0.68 22.02
CA VAL B 110 -35.55 0.52 21.54
C VAL B 110 -35.60 0.67 20.02
N ALA B 111 -34.96 1.71 19.47
CA ALA B 111 -35.16 2.18 18.08
C ALA B 111 -33.92 2.88 17.54
N ASN B 112 -33.83 2.95 16.21
CA ASN B 112 -32.83 3.78 15.49
C ASN B 112 -33.46 5.14 15.20
N ILE B 113 -32.67 6.20 15.27
CA ILE B 113 -33.06 7.57 14.82
C ILE B 113 -32.90 7.62 13.30
N SER B 114 -33.86 8.24 12.61
CA SER B 114 -33.89 8.40 11.14
C SER B 114 -33.05 9.62 10.75
N TYR B 115 -32.17 9.47 9.76
CA TYR B 115 -31.35 10.57 9.19
C TYR B 115 -31.63 10.70 7.70
N SER B 116 -32.77 10.18 7.26
CA SER B 116 -33.15 10.12 5.83
C SER B 116 -33.99 11.35 5.46
N GLY B 117 -34.45 12.12 6.44
CA GLY B 117 -35.25 13.34 6.23
C GLY B 117 -36.68 13.03 5.83
N LEU B 118 -37.14 11.79 6.04
CA LEU B 118 -38.50 11.37 5.61
C LEU B 118 -39.53 12.16 6.40
N TYR B 119 -39.34 12.35 7.71
CA TYR B 119 -40.34 13.04 8.58
C TYR B 119 -40.53 14.48 8.08
N HIS B 120 -39.42 15.17 7.76
CA HIS B 120 -39.40 16.58 7.27
C HIS B 120 -40.16 16.66 5.94
N TRP B 121 -39.85 15.76 5.03
CA TRP B 121 -40.47 15.68 3.69
C TRP B 121 -41.97 15.39 3.83
N TRP B 122 -42.30 14.31 4.54
CA TRP B 122 -43.70 13.85 4.69
C TRP B 122 -44.53 14.95 5.38
N TYR B 123 -43.96 15.59 6.41
CA TYR B 123 -44.63 16.68 7.15
C TYR B 123 -44.89 17.85 6.19
N THR B 124 -43.90 18.22 5.38
CA THR B 124 -44.00 19.34 4.40
C THR B 124 -45.11 19.05 3.39
N ILE B 125 -45.26 17.81 2.91
CA ILE B 125 -46.25 17.47 1.85
C ILE B 125 -47.61 17.15 2.47
N GLY B 126 -47.79 17.30 3.78
CA GLY B 126 -49.14 17.33 4.39
C GLY B 126 -49.49 16.11 5.22
N LEU B 127 -48.61 15.11 5.36
CA LEU B 127 -48.87 13.92 6.22
C LEU B 127 -48.78 14.32 7.70
N ARG B 128 -49.80 14.00 8.50
CA ARG B 128 -49.97 14.53 9.88
C ARG B 128 -50.15 13.41 10.91
N ASN B 129 -50.41 12.15 10.50
CA ASN B 129 -50.64 11.05 11.48
C ASN B 129 -50.24 9.70 10.86
N ASN B 130 -50.16 8.66 11.72
CA ASN B 130 -49.58 7.34 11.39
C ASN B 130 -50.51 6.59 10.44
N VAL B 131 -51.82 6.84 10.51
CA VAL B 131 -52.83 6.18 9.62
C VAL B 131 -52.66 6.66 8.18
N GLU B 132 -52.31 7.93 7.96
CA GLU B 132 -52.01 8.50 6.62
C GLU B 132 -50.72 7.87 6.07
N LEU B 133 -49.64 7.80 6.88
CA LEU B 133 -48.38 7.11 6.50
C LEU B 133 -48.71 5.65 6.11
N TYR B 134 -49.43 4.95 6.98
CA TYR B 134 -49.80 3.52 6.80
C TYR B 134 -50.58 3.34 5.50
N SER B 135 -51.55 4.22 5.25
CA SER B 135 -52.36 4.22 4.01
C SER B 135 -51.42 4.33 2.81
N GLY B 136 -50.44 5.23 2.91
CA GLY B 136 -49.33 5.38 1.94
C GLY B 136 -48.65 4.04 1.70
N ALA B 137 -48.25 3.34 2.77
CA ALA B 137 -47.56 2.04 2.73
C ALA B 137 -48.40 1.03 1.94
N LEU B 138 -49.68 0.87 2.31
CA LEU B 138 -50.64 -0.05 1.63
C LEU B 138 -50.81 0.35 0.15
N GLY B 139 -51.04 1.63 -0.12
CA GLY B 139 -51.12 2.19 -1.47
C GLY B 139 -49.90 1.82 -2.33
N LEU B 140 -48.70 1.89 -1.76
CA LEU B 140 -47.45 1.59 -2.50
C LEU B 140 -47.23 0.08 -2.62
N LEU B 141 -47.78 -0.73 -1.70
CA LEU B 141 -47.74 -2.22 -1.83
C LEU B 141 -48.58 -2.61 -3.04
N VAL B 142 -49.69 -1.89 -3.27
CA VAL B 142 -50.60 -2.13 -4.42
C VAL B 142 -49.87 -1.75 -5.70
N LEU B 143 -49.17 -0.61 -5.71
CA LEU B 143 -48.39 -0.12 -6.88
C LEU B 143 -47.30 -1.13 -7.24
N SER B 144 -46.54 -1.62 -6.26
CA SER B 144 -45.55 -2.72 -6.37
C SER B 144 -46.20 -3.95 -7.04
N ALA B 145 -47.29 -4.45 -6.46
CA ALA B 145 -48.07 -5.61 -6.98
C ALA B 145 -48.48 -5.37 -8.44
N VAL B 146 -48.95 -4.16 -8.75
CA VAL B 146 -49.40 -3.76 -10.11
C VAL B 146 -48.20 -3.86 -11.08
N PHE B 147 -47.04 -3.33 -10.70
CA PHE B 147 -45.85 -3.32 -11.57
C PHE B 147 -45.37 -4.76 -11.75
N LEU B 148 -45.53 -5.61 -10.73
CA LEU B 148 -45.15 -7.04 -10.81
C LEU B 148 -46.08 -7.76 -11.79
N LEU B 149 -47.36 -7.38 -11.79
CA LEU B 149 -48.38 -7.92 -12.74
C LEU B 149 -48.01 -7.45 -14.16
N ALA B 150 -47.77 -6.16 -14.36
CA ALA B 150 -47.30 -5.55 -15.63
C ALA B 150 -46.03 -6.25 -16.12
N GLY B 151 -45.01 -6.35 -15.26
CA GLY B 151 -43.76 -7.06 -15.55
C GLY B 151 -44.03 -8.47 -16.06
N TRP B 152 -44.86 -9.21 -15.34
CA TRP B 152 -45.24 -10.60 -15.70
C TRP B 152 -45.99 -10.60 -17.04
N LEU B 153 -46.93 -9.67 -17.21
CA LEU B 153 -47.80 -9.63 -18.41
C LEU B 153 -46.91 -9.49 -19.65
N HIS B 154 -45.94 -8.58 -19.62
CA HIS B 154 -45.16 -8.14 -20.79
C HIS B 154 -44.05 -9.14 -21.18
N ILE B 155 -43.91 -10.28 -20.48
CA ILE B 155 -43.09 -11.42 -20.99
C ILE B 155 -43.98 -12.64 -21.28
N GLN B 156 -45.30 -12.45 -21.35
CA GLN B 156 -46.27 -13.45 -21.91
C GLN B 156 -46.37 -13.21 -23.42
N PRO B 157 -46.41 -14.28 -24.25
CA PRO B 157 -46.23 -14.15 -25.71
C PRO B 157 -47.03 -13.04 -26.41
N LYS B 158 -48.31 -12.87 -26.06
CA LYS B 158 -49.22 -11.90 -26.71
C LYS B 158 -48.90 -10.46 -26.28
N PHE B 159 -48.18 -10.27 -25.18
CA PHE B 159 -47.93 -8.95 -24.54
C PHE B 159 -46.46 -8.54 -24.63
N LYS B 160 -45.61 -9.38 -25.23
CA LYS B 160 -44.20 -9.03 -25.57
C LYS B 160 -44.23 -7.95 -26.64
N PRO B 161 -43.81 -6.69 -26.34
CA PRO B 161 -43.79 -5.63 -27.33
C PRO B 161 -42.69 -5.90 -28.38
N SER B 162 -42.96 -5.53 -29.64
CA SER B 162 -42.05 -5.75 -30.81
C SER B 162 -40.84 -4.82 -30.70
N LEU B 163 -39.76 -5.13 -31.42
CA LEU B 163 -38.52 -4.32 -31.41
C LEU B 163 -38.80 -2.90 -31.94
N SER B 164 -39.67 -2.76 -32.95
CA SER B 164 -40.09 -1.47 -33.54
C SER B 164 -40.76 -0.59 -32.48
N TRP B 165 -41.57 -1.17 -31.60
CA TRP B 165 -42.20 -0.47 -30.46
C TRP B 165 -41.12 0.18 -29.59
N PHE B 166 -40.09 -0.59 -29.25
CA PHE B 166 -39.01 -0.17 -28.32
C PHE B 166 -38.14 0.91 -28.94
N LYS B 167 -38.10 1.02 -30.27
CA LYS B 167 -37.28 2.02 -31.01
C LYS B 167 -38.15 3.18 -31.51
N ASN B 168 -39.38 3.30 -31.02
CA ASN B 168 -40.26 4.47 -31.30
C ASN B 168 -39.82 5.62 -30.38
N ASN B 169 -38.79 6.36 -30.82
CA ASN B 169 -38.15 7.47 -30.04
C ASN B 169 -39.13 8.64 -29.88
N GLU B 170 -39.70 9.13 -30.98
CA GLU B 170 -40.55 10.34 -31.01
C GLU B 170 -41.73 10.19 -30.03
N SER B 171 -42.37 9.03 -30.04
CA SER B 171 -43.54 8.73 -29.19
C SER B 171 -43.12 8.71 -27.73
N ARG B 172 -42.03 8.01 -27.43
CA ARG B 172 -41.59 7.82 -26.02
C ARG B 172 -41.26 9.21 -25.47
N LEU B 173 -40.61 10.07 -26.26
CA LEU B 173 -40.19 11.42 -25.81
C LEU B 173 -41.41 12.31 -25.55
N ASN B 174 -42.37 12.33 -26.47
CA ASN B 174 -43.65 13.08 -26.29
C ASN B 174 -44.31 12.69 -24.97
N HIS B 175 -44.56 11.39 -24.78
CA HIS B 175 -45.22 10.82 -23.57
C HIS B 175 -44.41 11.08 -22.31
N HIS B 176 -43.10 10.86 -22.35
CA HIS B 176 -42.23 11.00 -21.16
C HIS B 176 -42.17 12.48 -20.77
N LEU B 177 -42.13 13.38 -21.76
CA LEU B 177 -42.05 14.83 -21.49
C LEU B 177 -43.41 15.29 -20.98
N ALA B 178 -44.44 15.19 -21.82
CA ALA B 178 -45.80 15.71 -21.53
C ALA B 178 -46.44 14.91 -20.37
N GLY B 179 -46.28 13.59 -20.35
CA GLY B 179 -46.94 12.69 -19.39
C GLY B 179 -46.11 12.46 -18.14
N LEU B 180 -44.93 11.84 -18.28
CA LEU B 180 -44.16 11.33 -17.11
C LEU B 180 -43.63 12.51 -16.29
N PHE B 181 -43.09 13.54 -16.96
CA PHE B 181 -42.56 14.76 -16.30
C PHE B 181 -43.70 15.78 -16.13
N GLY B 182 -44.33 16.16 -17.24
CA GLY B 182 -45.32 17.24 -17.29
C GLY B 182 -46.51 16.96 -16.39
N VAL B 183 -47.24 15.89 -16.65
CA VAL B 183 -48.53 15.60 -15.95
C VAL B 183 -48.24 15.23 -14.51
N SER B 184 -47.12 14.56 -14.24
CA SER B 184 -46.71 14.22 -12.85
C SER B 184 -46.57 15.54 -12.08
N SER B 185 -45.89 16.52 -12.66
CA SER B 185 -45.65 17.88 -12.07
C SER B 185 -46.99 18.61 -11.93
N LEU B 186 -47.87 18.51 -12.93
CA LEU B 186 -49.26 19.08 -12.85
C LEU B 186 -50.05 18.42 -11.70
N ALA B 187 -50.10 17.10 -11.65
CA ALA B 187 -50.78 16.31 -10.59
C ALA B 187 -50.16 16.64 -9.21
N TRP B 188 -48.84 16.74 -9.14
CA TRP B 188 -48.14 17.07 -7.87
C TRP B 188 -48.54 18.48 -7.41
N THR B 189 -48.62 19.43 -8.34
CA THR B 189 -49.11 20.80 -8.06
C THR B 189 -50.46 20.66 -7.37
N GLY B 190 -51.31 19.77 -7.89
CA GLY B 190 -52.63 19.46 -7.33
C GLY B 190 -52.51 19.07 -5.88
N HIS B 191 -51.54 18.21 -5.54
CA HIS B 191 -51.31 17.76 -4.15
C HIS B 191 -50.94 18.97 -3.28
N LEU B 192 -49.98 19.78 -3.72
CA LEU B 192 -49.49 20.95 -2.94
C LEU B 192 -50.63 21.92 -2.67
N VAL B 193 -51.41 22.24 -3.69
CA VAL B 193 -52.52 23.23 -3.62
C VAL B 193 -53.66 22.66 -2.76
N HIS B 194 -54.00 21.38 -2.90
CA HIS B 194 -55.19 20.76 -2.27
C HIS B 194 -54.91 20.24 -0.86
N VAL B 195 -53.69 19.75 -0.59
CA VAL B 195 -53.40 18.94 0.63
C VAL B 195 -52.29 19.62 1.44
N ALA B 196 -51.11 19.78 0.85
CA ALA B 196 -49.89 20.23 1.55
C ALA B 196 -50.06 21.68 2.03
N ILE B 197 -50.59 22.56 1.18
CA ILE B 197 -50.71 24.01 1.53
C ILE B 197 -51.79 24.13 2.60
N PRO B 198 -53.00 23.53 2.44
CA PRO B 198 -53.97 23.48 3.53
C PRO B 198 -53.39 22.95 4.85
N ALA B 199 -52.68 21.82 4.80
CA ALA B 199 -52.05 21.20 5.99
C ALA B 199 -51.10 22.22 6.64
N SER B 200 -50.37 22.99 5.84
CA SER B 200 -49.42 24.04 6.30
C SER B 200 -50.16 25.15 7.07
N ARG B 201 -51.45 25.35 6.77
CA ARG B 201 -52.32 26.38 7.40
C ARG B 201 -53.31 25.74 8.38
N GLY B 202 -53.03 24.51 8.83
CA GLY B 202 -53.80 23.80 9.87
C GLY B 202 -55.20 23.39 9.43
N GLN B 203 -55.48 23.44 8.12
CA GLN B 203 -56.76 23.00 7.52
C GLN B 203 -56.56 21.56 7.06
N HIS B 204 -57.28 20.60 7.66
CA HIS B 204 -57.23 19.18 7.24
C HIS B 204 -57.99 19.02 5.93
N VAL B 205 -57.27 18.67 4.86
CA VAL B 205 -57.88 18.17 3.59
C VAL B 205 -57.30 16.78 3.36
N GLY B 206 -58.17 15.79 3.24
CA GLY B 206 -57.80 14.41 2.89
C GLY B 206 -58.83 13.83 1.96
N TRP B 207 -58.75 12.51 1.74
CA TRP B 207 -59.67 11.74 0.87
C TRP B 207 -61.12 11.96 1.34
N ASP B 208 -61.32 12.08 2.65
CA ASP B 208 -62.65 12.22 3.33
C ASP B 208 -63.41 13.46 2.85
N ASN B 209 -62.75 14.57 2.52
CA ASN B 209 -63.40 15.90 2.34
C ASN B 209 -62.90 16.69 1.13
N PHE B 210 -61.90 16.21 0.37
CA PHE B 210 -61.17 17.04 -0.63
C PHE B 210 -62.09 17.46 -1.78
N ILE B 211 -63.17 16.72 -2.04
CA ILE B 211 -64.21 17.04 -3.07
C ILE B 211 -64.89 18.37 -2.70
N SER B 212 -65.22 18.56 -1.42
CA SER B 212 -66.01 19.69 -0.89
C SER B 212 -65.11 20.92 -0.63
N VAL B 213 -63.90 20.71 -0.14
CA VAL B 213 -63.00 21.78 0.37
C VAL B 213 -62.19 22.36 -0.79
N ALA B 214 -62.54 23.57 -1.25
CA ALA B 214 -61.85 24.30 -2.33
C ALA B 214 -60.50 24.82 -1.82
N PRO B 215 -59.37 24.58 -2.55
CA PRO B 215 -58.06 25.07 -2.10
C PRO B 215 -57.85 26.59 -2.17
N HIS B 216 -58.73 27.32 -2.86
CA HIS B 216 -58.77 28.82 -2.87
C HIS B 216 -60.21 29.29 -2.71
N PRO B 217 -60.47 30.36 -1.91
CA PRO B 217 -61.82 30.92 -1.77
C PRO B 217 -62.53 31.27 -3.08
N ALA B 218 -61.82 31.83 -4.05
CA ALA B 218 -62.33 32.28 -5.37
C ALA B 218 -62.63 31.10 -6.29
N GLY B 219 -62.22 29.87 -5.94
CA GLY B 219 -62.46 28.65 -6.73
C GLY B 219 -61.68 28.66 -8.03
N LEU B 220 -62.26 28.14 -9.11
CA LEU B 220 -61.63 28.08 -10.46
C LEU B 220 -62.16 29.20 -11.36
N GLN B 221 -62.96 30.14 -10.83
CA GLN B 221 -63.52 31.29 -11.59
C GLN B 221 -62.37 32.16 -12.11
N PRO B 222 -61.37 32.54 -11.27
CA PRO B 222 -60.20 33.30 -11.75
C PRO B 222 -59.44 32.62 -12.90
N PHE B 223 -59.28 31.30 -12.83
CA PHE B 223 -58.45 30.47 -13.74
C PHE B 223 -59.04 30.45 -15.15
N PHE B 224 -60.38 30.51 -15.30
CA PHE B 224 -61.09 30.44 -16.61
C PHE B 224 -61.37 31.86 -17.13
N THR B 225 -61.55 32.84 -16.24
CA THR B 225 -61.66 34.29 -16.59
C THR B 225 -60.27 34.89 -16.87
N GLY B 226 -59.20 34.21 -16.45
CA GLY B 226 -57.81 34.61 -16.71
C GLY B 226 -57.29 35.63 -15.69
N ASN B 227 -58.04 35.85 -14.60
CA ASN B 227 -57.70 36.80 -13.51
C ASN B 227 -56.79 36.07 -12.51
N TRP B 228 -55.63 35.60 -12.98
CA TRP B 228 -54.75 34.63 -12.27
C TRP B 228 -54.10 35.27 -11.05
N SER B 229 -53.96 36.59 -11.02
CA SER B 229 -53.36 37.38 -9.90
C SER B 229 -54.04 37.03 -8.58
N VAL B 230 -55.34 36.68 -8.61
CA VAL B 230 -56.17 36.33 -7.42
C VAL B 230 -55.47 35.23 -6.60
N TYR B 231 -54.83 34.26 -7.26
CA TYR B 231 -54.20 33.08 -6.59
C TYR B 231 -52.93 33.47 -5.85
N ALA B 232 -52.33 34.64 -6.13
CA ALA B 232 -51.09 35.12 -5.50
C ALA B 232 -51.39 36.12 -4.36
N GLN B 233 -52.64 36.58 -4.22
CA GLN B 233 -53.02 37.60 -3.20
C GLN B 233 -52.99 36.94 -1.81
N SER B 234 -52.62 37.71 -0.78
CA SER B 234 -52.64 37.28 0.64
C SER B 234 -51.79 36.03 0.82
N PRO B 235 -50.46 36.10 0.60
CA PRO B 235 -49.57 35.01 0.94
C PRO B 235 -49.47 34.84 2.47
N ASP B 236 -48.98 33.69 2.92
CA ASP B 236 -48.67 33.45 4.36
C ASP B 236 -47.78 34.60 4.85
N SER B 237 -48.17 35.25 5.94
CA SER B 237 -47.39 36.36 6.58
C SER B 237 -46.04 35.80 7.03
N MET B 238 -45.09 36.70 7.32
CA MET B 238 -43.76 36.36 7.87
C MET B 238 -43.87 35.90 9.34
N GLN B 239 -45.07 35.99 9.94
CA GLN B 239 -45.35 35.56 11.33
C GLN B 239 -46.10 34.21 11.34
N HIS B 240 -46.31 33.59 10.17
CA HIS B 240 -47.08 32.33 10.02
C HIS B 240 -46.45 31.22 10.86
N VAL B 241 -47.23 30.57 11.72
CA VAL B 241 -46.82 29.37 12.51
C VAL B 241 -47.22 28.14 11.69
N PHE B 242 -46.25 27.47 11.08
CA PHE B 242 -46.45 26.35 10.11
C PHE B 242 -47.27 25.25 10.78
N GLY B 243 -48.23 24.69 10.04
CA GLY B 243 -49.18 23.68 10.52
C GLY B 243 -50.42 24.29 11.17
N THR B 244 -50.47 25.63 11.30
CA THR B 244 -51.58 26.37 11.95
C THR B 244 -52.10 27.49 11.05
N ASN B 245 -53.25 28.06 11.41
CA ASN B 245 -53.90 29.20 10.70
C ASN B 245 -53.30 30.54 11.17
N GLN B 246 -52.47 30.53 12.22
CA GLN B 246 -51.93 31.75 12.88
C GLN B 246 -50.97 32.43 11.89
N GLY B 247 -51.41 33.55 11.30
CA GLY B 247 -50.64 34.32 10.29
C GLY B 247 -50.69 33.68 8.92
N ALA B 248 -51.62 32.74 8.70
CA ALA B 248 -51.81 32.01 7.42
C ALA B 248 -52.45 32.95 6.40
N GLY B 249 -52.06 32.79 5.12
CA GLY B 249 -52.66 33.49 3.98
C GLY B 249 -53.67 32.61 3.27
N THR B 250 -54.11 33.03 2.07
CA THR B 250 -55.04 32.26 1.19
C THR B 250 -54.38 31.92 -0.15
N ALA B 251 -53.26 32.56 -0.51
CA ALA B 251 -52.57 32.38 -1.82
C ALA B 251 -52.30 30.89 -2.02
N ILE B 252 -52.36 30.41 -3.26
CA ILE B 252 -51.94 29.02 -3.62
C ILE B 252 -50.76 29.03 -4.59
N LEU B 253 -50.52 30.16 -5.29
CA LEU B 253 -49.41 30.31 -6.25
C LEU B 253 -48.74 31.67 -6.04
N THR B 254 -47.49 31.69 -5.59
CA THR B 254 -46.75 32.93 -5.25
C THR B 254 -45.36 32.90 -5.89
N PHE B 255 -44.67 34.03 -5.84
CA PHE B 255 -43.23 34.18 -6.17
C PHE B 255 -42.61 35.06 -5.10
N LEU B 256 -42.59 34.54 -3.88
CA LEU B 256 -42.06 35.24 -2.67
C LEU B 256 -40.54 35.21 -2.71
N GLY B 257 -39.93 34.08 -3.08
CA GLY B 257 -38.47 33.89 -3.02
C GLY B 257 -37.99 33.79 -1.59
N GLY B 258 -36.81 33.23 -1.38
CA GLY B 258 -36.27 32.98 -0.03
C GLY B 258 -37.13 32.00 0.76
N PHE B 259 -37.09 32.12 2.09
CA PHE B 259 -37.50 31.06 3.02
C PHE B 259 -38.66 31.53 3.88
N HIS B 260 -39.51 30.57 4.25
CA HIS B 260 -40.42 30.65 5.40
C HIS B 260 -39.55 30.86 6.64
N PRO B 261 -39.66 32.01 7.34
CA PRO B 261 -38.76 32.33 8.45
C PRO B 261 -38.77 31.31 9.61
N GLN B 262 -39.91 30.68 9.89
CA GLN B 262 -40.05 29.67 10.97
C GLN B 262 -39.37 28.36 10.55
N THR B 263 -39.80 27.78 9.43
CA THR B 263 -39.39 26.41 8.99
C THR B 263 -38.05 26.48 8.24
N GLN B 264 -37.57 27.68 7.91
CA GLN B 264 -36.29 27.94 7.19
C GLN B 264 -36.24 27.07 5.94
N SER B 265 -37.37 27.01 5.24
CA SER B 265 -37.55 26.20 4.01
C SER B 265 -38.35 27.01 3.01
N LEU B 266 -38.32 26.57 1.76
CA LEU B 266 -39.02 27.22 0.64
C LEU B 266 -40.52 27.30 0.97
N TRP B 267 -41.16 28.41 0.60
CA TRP B 267 -42.62 28.58 0.69
C TRP B 267 -43.30 27.50 -0.13
N LEU B 268 -44.32 26.84 0.43
CA LEU B 268 -45.09 25.78 -0.26
C LEU B 268 -45.80 26.35 -1.50
N THR B 269 -46.20 27.63 -1.46
CA THR B 269 -46.91 28.32 -2.55
C THR B 269 -45.94 28.64 -3.68
N ASP B 270 -44.65 28.85 -3.37
CA ASP B 270 -43.60 28.99 -4.39
C ASP B 270 -43.44 27.62 -5.07
N MET B 271 -43.37 26.56 -4.26
CA MET B 271 -43.14 25.19 -4.77
C MET B 271 -44.36 24.75 -5.59
N ALA B 272 -45.58 25.13 -5.21
CA ALA B 272 -46.81 24.86 -5.99
C ALA B 272 -46.69 25.50 -7.38
N HIS B 273 -46.33 26.78 -7.42
CA HIS B 273 -46.24 27.62 -8.64
C HIS B 273 -45.05 27.19 -9.52
N HIS B 274 -43.90 26.88 -8.91
CA HIS B 274 -42.77 26.23 -9.61
C HIS B 274 -43.31 25.06 -10.44
N HIS B 275 -44.03 24.15 -9.79
CA HIS B 275 -44.40 22.83 -10.37
C HIS B 275 -45.45 23.03 -11.47
N LEU B 276 -46.22 24.12 -11.37
CA LEU B 276 -47.26 24.47 -12.37
C LEU B 276 -46.52 24.95 -13.62
N ALA B 277 -45.55 25.84 -13.43
CA ALA B 277 -44.66 26.38 -14.50
C ALA B 277 -43.94 25.24 -15.22
N ILE B 278 -43.30 24.35 -14.45
CA ILE B 278 -42.57 23.14 -14.94
C ILE B 278 -43.54 22.22 -15.69
N ALA B 279 -44.70 21.89 -15.11
CA ALA B 279 -45.72 21.01 -15.72
C ALA B 279 -46.08 21.51 -17.12
N VAL B 280 -46.37 22.81 -17.26
CA VAL B 280 -46.76 23.44 -18.56
C VAL B 280 -45.59 23.33 -19.53
N ILE B 281 -44.37 23.65 -19.09
CA ILE B 281 -43.17 23.64 -19.97
C ILE B 281 -43.00 22.22 -20.53
N PHE B 282 -43.19 21.20 -19.69
CA PHE B 282 -43.00 19.78 -20.07
C PHE B 282 -44.14 19.33 -20.99
N ILE B 283 -45.39 19.71 -20.70
CA ILE B 283 -46.56 19.35 -21.56
C ILE B 283 -46.36 19.96 -22.96
N VAL B 284 -45.96 21.22 -23.06
CA VAL B 284 -45.62 21.89 -24.36
C VAL B 284 -44.42 21.17 -25.00
N ALA B 285 -43.33 20.97 -24.26
CA ALA B 285 -42.09 20.29 -24.75
C ALA B 285 -42.42 18.91 -25.35
N GLY B 286 -43.38 18.18 -24.78
CA GLY B 286 -43.76 16.82 -25.22
C GLY B 286 -44.75 16.83 -26.39
N HIS B 287 -44.90 17.96 -27.09
CA HIS B 287 -45.65 18.07 -28.38
C HIS B 287 -44.69 18.42 -29.51
N MET B 288 -43.41 18.08 -29.36
CA MET B 288 -42.34 18.44 -30.32
C MET B 288 -42.32 17.43 -31.46
N TYR B 289 -42.40 16.14 -31.15
CA TYR B 289 -41.93 15.03 -32.03
C TYR B 289 -43.13 14.39 -32.75
N ARG B 290 -42.91 14.04 -34.01
CA ARG B 290 -43.93 13.47 -34.94
C ARG B 290 -44.23 12.05 -34.48
N THR B 291 -45.51 11.77 -34.19
CA THR B 291 -46.02 10.41 -33.86
C THR B 291 -46.95 9.99 -35.00
N ASN B 292 -48.27 9.99 -34.78
CA ASN B 292 -49.27 9.39 -35.71
C ASN B 292 -50.22 10.44 -36.29
N PHE B 293 -49.94 11.75 -36.12
CA PHE B 293 -50.92 12.85 -36.40
C PHE B 293 -50.33 13.91 -37.35
N GLY B 294 -49.27 13.58 -38.10
CA GLY B 294 -48.74 14.36 -39.24
C GLY B 294 -48.32 15.77 -38.88
N ILE B 295 -47.90 16.00 -37.63
CA ILE B 295 -47.25 17.26 -37.16
C ILE B 295 -46.12 16.87 -36.21
N GLY B 296 -45.20 17.79 -35.95
CA GLY B 296 -44.04 17.58 -35.07
C GLY B 296 -42.79 17.27 -35.86
N HIS B 297 -41.68 17.06 -35.14
CA HIS B 297 -40.33 16.86 -35.71
C HIS B 297 -40.02 15.37 -35.82
N ASN B 298 -39.20 15.02 -36.82
CA ASN B 298 -38.45 13.75 -36.92
C ASN B 298 -37.06 14.02 -36.31
N LEU B 299 -36.66 13.22 -35.32
CA LEU B 299 -35.36 13.37 -34.60
C LEU B 299 -34.19 13.18 -35.56
N LYS B 300 -34.29 12.24 -36.50
CA LYS B 300 -33.27 12.01 -37.56
C LYS B 300 -33.13 13.28 -38.40
N THR B 301 -34.26 13.86 -38.84
CA THR B 301 -34.33 15.08 -39.69
C THR B 301 -33.66 16.25 -38.97
N ILE B 302 -33.88 16.39 -37.65
CA ILE B 302 -33.23 17.46 -36.82
C ILE B 302 -31.72 17.20 -36.82
N LEU B 303 -31.29 16.00 -36.43
CA LEU B 303 -29.87 15.61 -36.28
C LEU B 303 -29.14 15.85 -37.61
N GLU B 304 -29.65 15.26 -38.70
CA GLU B 304 -29.01 15.30 -40.05
C GLU B 304 -28.84 16.75 -40.54
N ALA B 305 -29.73 17.67 -40.13
CA ALA B 305 -29.70 19.09 -40.55
C ALA B 305 -28.58 19.86 -39.84
N HIS B 306 -28.08 19.38 -38.70
CA HIS B 306 -27.09 20.10 -37.86
C HIS B 306 -25.66 19.73 -38.29
N ARG B 307 -25.32 20.14 -39.51
CA ARG B 307 -23.97 20.01 -40.12
C ARG B 307 -23.49 21.41 -40.48
N PRO B 308 -22.55 22.01 -39.70
CA PRO B 308 -22.03 23.34 -40.01
C PRO B 308 -21.48 23.39 -41.43
N PRO B 309 -21.86 24.39 -42.25
CA PRO B 309 -21.54 24.40 -43.67
C PRO B 309 -20.04 24.52 -43.98
N SER B 310 -19.25 25.04 -43.04
CA SER B 310 -17.76 25.14 -43.10
C SER B 310 -17.15 23.77 -43.36
N GLY B 311 -17.73 22.71 -42.81
CA GLY B 311 -17.19 21.33 -42.82
C GLY B 311 -16.27 21.08 -41.64
N ARG B 312 -16.33 21.92 -40.61
CA ARG B 312 -15.46 21.85 -39.40
C ARG B 312 -15.89 20.69 -38.50
N LEU B 313 -17.15 20.23 -38.60
CA LEU B 313 -17.65 19.01 -37.90
C LEU B 313 -17.93 17.89 -38.91
N GLY B 314 -17.23 17.90 -40.06
CA GLY B 314 -17.36 16.90 -41.13
C GLY B 314 -18.79 16.72 -41.54
N LYS B 315 -19.33 15.50 -41.39
CA LYS B 315 -20.74 15.15 -41.72
C LYS B 315 -21.66 15.47 -40.53
N GLY B 316 -21.16 16.15 -39.49
CA GLY B 316 -21.97 16.68 -38.39
C GLY B 316 -22.59 15.54 -37.59
N HIS B 317 -23.91 15.46 -37.57
CA HIS B 317 -24.70 14.48 -36.77
C HIS B 317 -25.35 13.42 -37.68
N ILE B 318 -24.96 13.35 -38.95
CA ILE B 318 -25.43 12.29 -39.89
C ILE B 318 -24.95 10.94 -39.33
N GLY B 319 -25.89 10.02 -39.11
CA GLY B 319 -25.61 8.66 -38.59
C GLY B 319 -25.84 8.55 -37.10
N ILE B 320 -25.80 9.66 -36.35
CA ILE B 320 -25.92 9.69 -34.87
C ILE B 320 -27.27 9.10 -34.47
N TYR B 321 -28.35 9.45 -35.17
CA TYR B 321 -29.71 8.93 -34.89
C TYR B 321 -29.69 7.40 -34.82
N GLN B 322 -29.16 6.76 -35.87
CA GLN B 322 -29.12 5.28 -36.01
C GLN B 322 -28.24 4.69 -34.90
N THR B 323 -27.06 5.28 -34.71
CA THR B 323 -26.05 4.83 -33.72
C THR B 323 -26.70 4.81 -32.33
N LEU B 324 -27.38 5.89 -31.94
CA LEU B 324 -28.01 6.04 -30.60
C LEU B 324 -29.19 5.06 -30.47
N THR B 325 -30.09 5.06 -31.45
CA THR B 325 -31.31 4.22 -31.48
C THR B 325 -30.94 2.73 -31.36
N ASN B 326 -29.83 2.31 -31.94
CA ASN B 326 -29.43 0.88 -32.05
C ASN B 326 -28.51 0.46 -30.91
N SER B 327 -28.06 1.39 -30.06
CA SER B 327 -27.19 1.06 -28.90
C SER B 327 -27.91 1.37 -27.59
N LEU B 328 -28.25 0.32 -26.83
CA LEU B 328 -28.74 0.46 -25.43
C LEU B 328 -27.65 1.04 -24.52
N HIS B 329 -26.38 0.79 -24.82
CA HIS B 329 -25.24 1.28 -24.00
C HIS B 329 -25.03 2.78 -24.19
N PHE B 330 -25.22 3.29 -25.41
CA PHE B 330 -25.18 4.73 -25.72
C PHE B 330 -26.30 5.39 -24.90
N GLN B 331 -27.47 4.78 -24.95
CA GLN B 331 -28.70 5.27 -24.27
C GLN B 331 -28.46 5.27 -22.76
N LEU B 332 -27.93 4.18 -22.21
CA LEU B 332 -27.68 4.04 -20.75
C LEU B 332 -26.61 5.05 -20.34
N GLY B 333 -25.54 5.18 -21.13
CA GLY B 333 -24.47 6.18 -20.93
C GLY B 333 -25.03 7.60 -20.80
N LEU B 334 -25.76 8.09 -21.81
CA LEU B 334 -26.39 9.43 -21.79
C LEU B 334 -27.31 9.55 -20.57
N ALA B 335 -28.13 8.53 -20.31
CA ALA B 335 -29.12 8.51 -19.22
C ALA B 335 -28.40 8.65 -17.88
N LEU B 336 -27.33 7.89 -17.68
CA LEU B 336 -26.55 7.89 -16.42
C LEU B 336 -25.85 9.24 -16.29
N ALA B 337 -25.35 9.80 -17.40
CA ALA B 337 -24.63 11.08 -17.41
C ALA B 337 -25.56 12.19 -16.91
N CYS B 338 -26.74 12.28 -17.49
CA CYS B 338 -27.77 13.32 -17.17
C CYS B 338 -28.34 13.11 -15.77
N LEU B 339 -28.62 11.86 -15.40
CA LEU B 339 -29.13 11.52 -14.05
C LEU B 339 -28.07 11.86 -12.98
N SER B 340 -26.80 11.60 -13.24
CA SER B 340 -25.68 11.97 -12.33
C SER B 340 -25.72 13.47 -12.08
N VAL B 341 -25.83 14.24 -13.16
CA VAL B 341 -25.81 15.72 -13.08
C VAL B 341 -27.03 16.14 -12.26
N VAL B 342 -28.18 15.52 -12.49
CA VAL B 342 -29.43 15.85 -11.76
C VAL B 342 -29.22 15.56 -10.28
N THR B 343 -28.57 14.43 -9.94
CA THR B 343 -28.35 13.97 -8.55
C THR B 343 -27.42 14.97 -7.84
N SER B 344 -26.35 15.40 -8.50
CA SER B 344 -25.45 16.47 -7.99
C SER B 344 -26.23 17.79 -7.81
N LEU B 345 -27.05 18.17 -8.78
CA LEU B 345 -27.84 19.42 -8.69
C LEU B 345 -28.82 19.33 -7.53
N VAL B 346 -29.48 18.18 -7.36
CA VAL B 346 -30.35 17.90 -6.19
C VAL B 346 -29.52 18.14 -4.92
N ALA B 347 -28.31 17.57 -4.84
CA ALA B 347 -27.45 17.69 -3.64
C ALA B 347 -27.20 19.17 -3.37
N GLN B 348 -26.81 19.93 -4.40
CA GLN B 348 -26.34 21.34 -4.25
C GLN B 348 -27.52 22.24 -3.90
N HIS B 349 -28.62 22.09 -4.62
CA HIS B 349 -29.80 22.98 -4.52
C HIS B 349 -30.61 22.71 -3.26
N MET B 350 -30.67 21.45 -2.80
CA MET B 350 -31.48 21.07 -1.61
C MET B 350 -30.82 21.58 -0.31
N TYR B 351 -29.48 21.58 -0.21
CA TYR B 351 -28.79 22.12 0.98
C TYR B 351 -28.93 23.65 0.99
N ALA B 352 -28.81 24.28 -0.18
CA ALA B 352 -28.74 25.75 -0.32
C ALA B 352 -30.14 26.35 -0.17
N MET B 353 -31.15 25.65 -0.71
CA MET B 353 -32.57 26.11 -0.78
C MET B 353 -33.44 25.01 -0.20
N PRO B 354 -33.37 24.81 1.14
CA PRO B 354 -34.04 23.68 1.81
C PRO B 354 -35.51 23.65 1.43
N PRO B 355 -36.00 22.58 0.79
CA PRO B 355 -37.43 22.48 0.49
C PRO B 355 -38.32 22.06 1.65
N TYR B 356 -37.77 21.46 2.70
CA TYR B 356 -38.56 20.71 3.72
C TYR B 356 -38.47 21.39 5.08
N ALA B 357 -39.63 21.58 5.70
CA ALA B 357 -39.84 22.32 6.97
C ALA B 357 -38.92 21.78 8.05
N TYR B 358 -38.09 22.65 8.63
CA TYR B 358 -37.22 22.38 9.81
C TYR B 358 -36.01 21.52 9.47
N MET B 359 -35.87 21.01 8.25
CA MET B 359 -34.75 20.07 7.92
C MET B 359 -33.42 20.83 7.93
N ALA B 360 -33.43 22.16 7.72
CA ALA B 360 -32.25 23.04 7.86
C ALA B 360 -31.67 22.93 9.28
N TYR B 361 -32.50 22.64 10.29
CA TYR B 361 -32.10 22.50 11.72
C TYR B 361 -31.66 21.06 12.03
N ASP B 362 -32.10 20.05 11.27
CA ASP B 362 -31.68 18.64 11.43
C ASP B 362 -30.33 18.47 10.71
N TYR B 363 -29.25 18.74 11.42
CA TYR B 363 -27.89 18.86 10.83
C TYR B 363 -27.45 17.50 10.31
N VAL B 364 -27.73 16.43 11.05
CA VAL B 364 -27.27 15.07 10.67
C VAL B 364 -27.93 14.73 9.34
N THR B 365 -29.23 14.99 9.22
CA THR B 365 -30.03 14.72 7.98
C THR B 365 -29.45 15.52 6.81
N GLN B 366 -29.21 16.82 6.99
CA GLN B 366 -28.61 17.71 5.95
C GLN B 366 -27.31 17.08 5.43
N ALA B 367 -26.39 16.77 6.34
CA ALA B 367 -25.08 16.15 6.04
C ALA B 367 -25.30 14.78 5.39
N ALA B 368 -26.19 13.94 5.95
CA ALA B 368 -26.45 12.59 5.43
C ALA B 368 -26.92 12.70 3.98
N LEU B 369 -27.87 13.59 3.70
CA LEU B 369 -28.52 13.70 2.38
C LEU B 369 -27.55 14.23 1.34
N TYR B 370 -26.77 15.27 1.67
CA TYR B 370 -25.76 15.81 0.74
C TYR B 370 -24.80 14.70 0.32
N THR B 371 -24.23 14.00 1.31
CA THR B 371 -23.22 12.94 1.13
C THR B 371 -23.82 11.78 0.33
N HIS B 372 -24.95 11.24 0.78
CA HIS B 372 -25.69 10.16 0.08
C HIS B 372 -25.81 10.48 -1.42
N HIS B 373 -26.31 11.65 -1.76
CA HIS B 373 -26.64 12.01 -3.16
C HIS B 373 -25.38 12.28 -3.97
N GLN B 374 -24.31 12.82 -3.37
CA GLN B 374 -23.07 13.08 -4.12
C GLN B 374 -22.40 11.73 -4.43
N TYR B 375 -22.48 10.74 -3.54
CA TYR B 375 -21.91 9.40 -3.78
C TYR B 375 -22.72 8.71 -4.87
N ILE B 376 -24.06 8.83 -4.85
CA ILE B 376 -24.92 8.29 -5.94
C ILE B 376 -24.55 8.98 -7.26
N ALA B 377 -24.52 10.32 -7.31
CA ALA B 377 -24.09 11.09 -8.50
C ALA B 377 -22.72 10.59 -9.01
N GLY B 378 -21.76 10.39 -8.10
CA GLY B 378 -20.43 9.88 -8.43
C GLY B 378 -20.51 8.48 -9.06
N LEU B 379 -21.29 7.59 -8.48
CA LEU B 379 -21.44 6.23 -9.04
C LEU B 379 -22.07 6.35 -10.44
N LEU B 380 -23.02 7.25 -10.62
CA LEU B 380 -23.81 7.34 -11.88
C LEU B 380 -22.90 7.81 -13.01
N ILE B 381 -22.06 8.82 -12.77
CA ILE B 381 -21.19 9.40 -13.84
C ILE B 381 -20.11 8.38 -14.21
N VAL B 382 -19.59 7.59 -13.27
CA VAL B 382 -18.60 6.51 -13.59
C VAL B 382 -19.30 5.49 -14.51
N GLY B 383 -20.51 5.07 -14.14
CA GLY B 383 -21.37 4.16 -14.93
C GLY B 383 -21.66 4.68 -16.33
N ALA B 384 -21.97 5.97 -16.45
CA ALA B 384 -22.24 6.64 -17.74
C ALA B 384 -21.05 6.43 -18.68
N PHE B 385 -19.84 6.67 -18.17
CA PHE B 385 -18.60 6.55 -18.95
C PHE B 385 -18.29 5.08 -19.22
N ALA B 386 -18.61 4.20 -18.28
CA ALA B 386 -18.41 2.74 -18.43
C ALA B 386 -19.24 2.28 -19.62
N HIS B 387 -20.50 2.69 -19.70
CA HIS B 387 -21.42 2.33 -20.80
C HIS B 387 -21.00 3.05 -22.10
N GLY B 388 -20.39 4.25 -22.01
CA GLY B 388 -19.72 4.92 -23.13
C GLY B 388 -18.63 4.04 -23.73
N ALA B 389 -17.74 3.49 -22.91
CA ALA B 389 -16.66 2.55 -23.30
C ALA B 389 -17.27 1.28 -23.89
N ILE B 390 -18.28 0.70 -23.24
CA ILE B 390 -18.91 -0.57 -23.69
C ILE B 390 -19.53 -0.32 -25.06
N PHE B 391 -20.18 0.84 -25.23
CA PHE B 391 -20.81 1.26 -26.50
C PHE B 391 -19.77 1.20 -27.63
N PHE B 392 -18.56 1.72 -27.38
CA PHE B 392 -17.51 1.87 -28.42
C PHE B 392 -17.05 0.48 -28.89
N ILE B 393 -16.97 -0.48 -27.96
CA ILE B 393 -16.51 -1.87 -28.26
C ILE B 393 -17.63 -2.63 -28.97
N ARG B 394 -18.82 -2.66 -28.36
CA ARG B 394 -19.91 -3.60 -28.74
C ARG B 394 -20.81 -3.05 -29.85
N ASP B 395 -21.08 -1.74 -29.87
CA ASP B 395 -22.17 -1.16 -30.70
C ASP B 395 -21.66 -0.21 -31.78
N TYR B 396 -20.52 0.45 -31.55
CA TYR B 396 -20.01 1.48 -32.48
C TYR B 396 -19.52 0.81 -33.77
N ASP B 397 -20.09 1.23 -34.89
CA ASP B 397 -19.70 0.82 -36.27
C ASP B 397 -19.07 2.03 -36.95
N PRO B 398 -17.74 2.05 -37.19
CA PRO B 398 -17.09 3.17 -37.87
C PRO B 398 -17.72 3.53 -39.22
N GLU B 399 -18.07 2.53 -40.03
CA GLU B 399 -18.61 2.67 -41.41
C GLU B 399 -19.92 3.48 -41.37
N GLN B 400 -20.75 3.28 -40.35
CA GLN B 400 -22.08 3.93 -40.20
C GLN B 400 -21.96 5.31 -39.55
N ASN B 401 -20.76 5.69 -39.07
CA ASN B 401 -20.51 7.00 -38.41
C ASN B 401 -19.41 7.78 -39.15
N GLN B 402 -19.11 7.42 -40.40
CA GLN B 402 -18.00 8.04 -41.20
C GLN B 402 -18.05 9.56 -41.09
N ASP B 403 -17.01 10.15 -40.50
CA ASP B 403 -16.73 11.62 -40.54
C ASP B 403 -17.82 12.41 -39.78
N ASN B 404 -18.58 11.76 -38.89
CA ASN B 404 -19.57 12.45 -38.01
C ASN B 404 -18.86 12.82 -36.70
N VAL B 405 -19.55 13.53 -35.83
CA VAL B 405 -18.98 14.11 -34.57
C VAL B 405 -18.42 13.00 -33.69
N LEU B 406 -19.04 11.83 -33.68
CA LEU B 406 -18.65 10.68 -32.83
C LEU B 406 -17.34 10.08 -33.36
N ALA B 407 -17.26 9.79 -34.66
CA ALA B 407 -16.04 9.29 -35.34
C ALA B 407 -14.90 10.31 -35.17
N ARG B 408 -15.22 11.60 -35.23
CA ARG B 408 -14.21 12.69 -35.11
C ARG B 408 -13.59 12.69 -33.71
N MET B 409 -14.32 12.28 -32.67
CA MET B 409 -13.78 12.14 -31.29
C MET B 409 -12.62 11.14 -31.30
N LEU B 410 -12.83 9.96 -31.89
CA LEU B 410 -11.79 8.91 -31.99
C LEU B 410 -10.61 9.44 -32.80
N THR B 411 -10.88 10.24 -33.84
CA THR B 411 -9.87 10.78 -34.79
C THR B 411 -8.86 11.66 -34.04
N HIS B 412 -9.29 12.40 -33.00
CA HIS B 412 -8.37 13.25 -32.20
C HIS B 412 -8.40 12.83 -30.72
N LYS B 413 -8.54 11.53 -30.44
CA LYS B 413 -8.52 11.01 -29.05
C LYS B 413 -7.22 11.42 -28.36
N GLU B 414 -6.08 11.41 -29.05
CA GLU B 414 -4.76 11.75 -28.44
C GLU B 414 -4.74 13.23 -28.03
N ALA B 415 -5.32 14.12 -28.84
CA ALA B 415 -5.45 15.57 -28.52
C ALA B 415 -6.28 15.74 -27.24
N ILE B 416 -7.40 15.01 -27.14
CA ILE B 416 -8.35 15.11 -25.99
C ILE B 416 -7.64 14.59 -24.74
N ILE B 417 -7.04 13.40 -24.80
CA ILE B 417 -6.43 12.72 -23.63
C ILE B 417 -5.23 13.56 -23.16
N SER B 418 -4.41 14.03 -24.09
CA SER B 418 -3.17 14.80 -23.80
C SER B 418 -3.55 16.13 -23.10
N HIS B 419 -4.65 16.78 -23.49
CA HIS B 419 -5.12 18.06 -22.88
C HIS B 419 -5.74 17.81 -21.50
N LEU B 420 -6.50 16.72 -21.33
CA LEU B 420 -7.04 16.31 -20.00
C LEU B 420 -5.87 15.98 -19.06
N SER B 421 -4.82 15.37 -19.60
CA SER B 421 -3.59 15.05 -18.85
C SER B 421 -2.96 16.37 -18.40
N TRP B 422 -2.89 17.34 -19.31
CA TRP B 422 -2.29 18.65 -19.02
C TRP B 422 -3.04 19.35 -17.88
N VAL B 423 -4.36 19.47 -18.00
CA VAL B 423 -5.18 20.24 -17.01
C VAL B 423 -5.10 19.53 -15.66
N SER B 424 -5.15 18.19 -15.63
CA SER B 424 -5.03 17.35 -14.41
C SER B 424 -3.67 17.63 -13.75
N LEU B 425 -2.59 17.55 -14.52
CA LEU B 425 -1.21 17.82 -14.02
C LEU B 425 -1.15 19.24 -13.47
N PHE B 426 -1.65 20.21 -14.24
CA PHE B 426 -1.61 21.64 -13.85
C PHE B 426 -2.30 21.81 -12.49
N LEU B 427 -3.55 21.33 -12.37
CA LEU B 427 -4.37 21.47 -11.16
C LEU B 427 -3.69 20.75 -9.99
N GLY B 428 -3.17 19.55 -10.26
CA GLY B 428 -2.54 18.71 -9.23
C GLY B 428 -1.29 19.39 -8.69
N PHE B 429 -0.37 19.78 -9.56
CA PHE B 429 0.90 20.44 -9.17
C PHE B 429 0.61 21.68 -8.32
N HIS B 430 -0.30 22.54 -8.77
CA HIS B 430 -0.51 23.89 -8.18
C HIS B 430 -1.42 23.80 -6.94
N THR B 431 -2.42 22.92 -6.95
CA THR B 431 -3.33 22.78 -5.78
C THR B 431 -2.53 22.13 -4.64
N LEU B 432 -1.89 20.99 -4.89
CA LEU B 432 -1.03 20.33 -3.87
C LEU B 432 0.08 21.31 -3.49
N GLY B 433 0.70 21.93 -4.50
CA GLY B 433 1.76 22.94 -4.30
C GLY B 433 1.36 24.02 -3.31
N LEU B 434 0.19 24.62 -3.50
CA LEU B 434 -0.26 25.77 -2.69
C LEU B 434 -0.59 25.30 -1.26
N TYR B 435 -1.26 24.15 -1.13
CA TYR B 435 -1.56 23.56 0.20
C TYR B 435 -0.26 23.26 0.95
N VAL B 436 0.72 22.68 0.25
CA VAL B 436 2.00 22.30 0.90
C VAL B 436 2.77 23.56 1.28
N HIS B 437 2.82 24.56 0.39
CA HIS B 437 3.35 25.91 0.73
C HIS B 437 2.71 26.35 2.05
N ASN B 438 1.38 26.33 2.11
CA ASN B 438 0.62 26.83 3.28
C ASN B 438 0.97 25.98 4.51
N ASP B 439 0.98 24.66 4.39
CA ASP B 439 1.32 23.74 5.51
C ASP B 439 2.70 24.10 6.05
N VAL B 440 3.68 24.29 5.18
CA VAL B 440 5.10 24.51 5.60
C VAL B 440 5.20 25.86 6.31
N VAL B 441 4.69 26.95 5.72
CA VAL B 441 4.86 28.31 6.34
C VAL B 441 4.03 28.39 7.62
N VAL B 442 2.89 27.72 7.70
CA VAL B 442 2.07 27.65 8.95
C VAL B 442 2.84 26.81 9.98
N ALA B 443 3.40 25.67 9.56
CA ALA B 443 4.19 24.77 10.43
C ALA B 443 5.35 25.55 11.03
N PHE B 444 5.96 26.47 10.28
CA PHE B 444 7.09 27.31 10.72
C PHE B 444 6.61 28.59 11.42
N GLY B 445 5.32 28.68 11.75
CA GLY B 445 4.77 29.74 12.62
C GLY B 445 4.52 31.04 11.87
N ASN B 446 4.32 31.01 10.55
CA ASN B 446 4.17 32.20 9.68
C ASN B 446 2.95 32.04 8.78
N PRO B 447 1.72 32.00 9.34
CA PRO B 447 0.52 31.90 8.52
C PRO B 447 0.30 33.10 7.59
N GLU B 448 0.90 34.26 7.89
CA GLU B 448 0.87 35.49 7.05
C GLU B 448 1.68 35.30 5.75
N LYS B 449 2.53 34.28 5.65
CA LYS B 449 3.27 33.92 4.41
C LYS B 449 2.46 32.98 3.52
N GLN B 450 1.27 32.57 3.95
CA GLN B 450 0.40 31.68 3.14
C GLN B 450 0.05 32.36 1.83
N ILE B 451 -0.10 31.55 0.78
CA ILE B 451 -0.69 31.99 -0.51
C ILE B 451 -2.19 31.75 -0.37
N LEU B 452 -2.93 32.83 -0.11
CA LEU B 452 -4.39 32.81 0.15
C LEU B 452 -5.07 33.59 -0.97
N ILE B 453 -5.39 32.89 -2.07
CA ILE B 453 -5.99 33.50 -3.28
C ILE B 453 -7.49 33.65 -3.02
N GLU B 454 -7.99 34.87 -3.12
CA GLU B 454 -9.41 35.20 -2.92
C GLU B 454 -10.20 34.61 -4.09
N PRO B 455 -11.29 33.86 -3.83
CA PRO B 455 -12.12 33.31 -4.91
C PRO B 455 -13.01 34.42 -5.48
N ILE B 456 -12.38 35.42 -6.08
CA ILE B 456 -13.00 36.73 -6.45
C ILE B 456 -14.01 36.54 -7.56
N PHE B 457 -13.81 35.55 -8.46
CA PHE B 457 -14.78 35.26 -9.56
C PHE B 457 -16.07 34.71 -8.93
N ALA B 458 -15.96 33.76 -8.01
CA ALA B 458 -17.11 33.14 -7.31
C ALA B 458 -17.78 34.19 -6.41
N GLN B 459 -17.00 35.05 -5.76
CA GLN B 459 -17.52 36.16 -4.93
C GLN B 459 -18.31 37.14 -5.80
N TRP B 460 -17.78 37.46 -6.97
CA TRP B 460 -18.44 38.33 -7.96
C TRP B 460 -19.77 37.70 -8.40
N ILE B 461 -19.81 36.38 -8.63
CA ILE B 461 -21.07 35.67 -8.99
C ILE B 461 -22.06 35.79 -7.84
N GLN B 462 -21.62 35.66 -6.57
CA GLN B 462 -22.52 35.80 -5.40
C GLN B 462 -23.13 37.21 -5.44
N ALA B 463 -22.32 38.20 -5.81
CA ALA B 463 -22.72 39.63 -5.89
C ALA B 463 -23.71 39.84 -7.04
N THR B 464 -23.57 39.14 -8.17
CA THR B 464 -24.54 39.22 -9.31
C THR B 464 -25.93 38.75 -8.85
N SER B 465 -26.01 37.80 -7.90
CA SER B 465 -27.29 37.28 -7.35
C SER B 465 -27.71 38.08 -6.11
N GLY B 466 -26.95 39.12 -5.74
CA GLY B 466 -27.38 40.17 -4.80
C GLY B 466 -26.69 40.14 -3.46
N LYS B 467 -25.61 39.36 -3.30
CA LYS B 467 -24.85 39.29 -2.03
C LYS B 467 -24.03 40.57 -1.89
N ALA B 468 -24.34 41.38 -0.88
CA ALA B 468 -23.76 42.73 -0.66
C ALA B 468 -22.36 42.64 -0.01
N LEU B 469 -22.02 41.50 0.59
CA LEU B 469 -20.93 41.34 1.60
C LEU B 469 -19.57 41.78 1.04
N TYR B 470 -19.28 41.47 -0.22
CA TYR B 470 -17.93 41.62 -0.82
C TYR B 470 -17.67 43.06 -1.28
N GLY B 471 -18.69 43.91 -1.28
CA GLY B 471 -18.57 45.34 -1.67
C GLY B 471 -18.74 45.56 -3.17
N PHE B 472 -18.97 44.51 -3.95
CA PHE B 472 -19.31 44.61 -5.40
C PHE B 472 -20.77 45.08 -5.50
N HIS B 473 -21.02 46.03 -6.39
CA HIS B 473 -22.37 46.58 -6.68
C HIS B 473 -22.69 46.31 -8.15
N VAL B 474 -23.07 45.07 -8.45
CA VAL B 474 -23.24 44.53 -9.83
C VAL B 474 -24.58 43.80 -9.89
N LEU B 475 -25.42 44.16 -10.87
CA LEU B 475 -26.71 43.51 -11.18
C LEU B 475 -27.59 43.47 -9.92
N LEU B 476 -27.89 42.32 -9.33
CA LEU B 476 -28.84 42.24 -8.19
C LEU B 476 -28.27 42.87 -6.91
N SER B 477 -26.95 43.02 -6.79
CA SER B 477 -26.30 43.75 -5.66
C SER B 477 -26.15 45.25 -5.98
N SER B 478 -26.63 45.71 -7.15
CA SER B 478 -26.75 47.14 -7.53
C SER B 478 -28.23 47.54 -7.47
N SER B 479 -28.55 48.60 -6.72
CA SER B 479 -29.93 49.12 -6.54
C SER B 479 -30.47 49.67 -7.86
N THR B 480 -29.60 50.20 -8.72
CA THR B 480 -29.96 50.93 -9.97
C THR B 480 -29.98 50.01 -11.19
N SER B 481 -29.48 48.77 -11.07
CA SER B 481 -29.45 47.78 -12.18
C SER B 481 -30.87 47.51 -12.67
N ASN B 482 -31.05 47.39 -13.99
CA ASN B 482 -32.35 47.03 -14.62
C ASN B 482 -32.74 45.60 -14.21
N ALA B 483 -31.77 44.75 -13.83
CA ALA B 483 -31.98 43.40 -13.27
C ALA B 483 -32.71 43.49 -11.93
N THR B 484 -32.22 44.35 -11.04
CA THR B 484 -32.76 44.61 -9.67
C THR B 484 -34.20 45.11 -9.78
N THR B 485 -34.44 46.20 -10.54
CA THR B 485 -35.72 46.95 -10.57
C THR B 485 -36.83 46.05 -11.15
N ALA B 486 -36.50 45.24 -12.15
CA ALA B 486 -37.42 44.30 -12.84
C ALA B 486 -38.02 43.30 -11.85
N ALA B 487 -37.23 42.84 -10.87
CA ALA B 487 -37.58 41.74 -9.94
C ALA B 487 -38.06 42.28 -8.58
N GLN B 488 -37.93 43.60 -8.33
CA GLN B 488 -38.18 44.24 -7.01
C GLN B 488 -39.57 43.91 -6.47
N GLN B 489 -40.59 43.82 -7.32
CA GLN B 489 -42.01 43.58 -6.92
C GLN B 489 -42.30 42.09 -6.82
N LEU B 490 -41.40 41.23 -7.34
CA LEU B 490 -41.56 39.75 -7.36
C LEU B 490 -40.70 39.14 -6.24
N TRP B 491 -39.69 38.35 -6.60
CA TRP B 491 -39.00 37.40 -5.67
C TRP B 491 -37.84 38.10 -4.98
N LEU B 492 -37.47 39.31 -5.38
CA LEU B 492 -36.15 39.89 -5.03
C LEU B 492 -36.06 40.23 -3.54
N PRO B 493 -37.09 40.84 -2.89
CA PRO B 493 -37.03 41.11 -1.46
C PRO B 493 -36.76 39.85 -0.63
N GLY B 494 -37.53 38.78 -0.86
CA GLY B 494 -37.38 37.49 -0.17
C GLY B 494 -36.02 36.87 -0.45
N TRP B 495 -35.57 36.92 -1.69
CA TRP B 495 -34.29 36.34 -2.15
C TRP B 495 -33.10 37.09 -1.54
N LEU B 496 -33.14 38.43 -1.58
CA LEU B 496 -32.06 39.30 -1.03
C LEU B 496 -31.95 39.10 0.48
N GLU B 497 -33.08 38.96 1.17
CA GLU B 497 -33.11 38.68 2.63
C GLU B 497 -32.35 37.37 2.91
N ALA B 498 -32.66 36.30 2.16
CA ALA B 498 -32.03 34.96 2.31
C ALA B 498 -30.54 35.05 1.96
N ILE B 499 -30.18 35.64 0.83
CA ILE B 499 -28.78 35.63 0.30
C ILE B 499 -27.87 36.50 1.18
N ASN B 500 -28.44 37.50 1.87
CA ASN B 500 -27.68 38.43 2.76
C ASN B 500 -27.84 38.02 4.23
N ASN B 501 -28.38 36.83 4.49
CA ASN B 501 -28.42 36.18 5.83
C ASN B 501 -27.25 35.19 5.90
N GLU B 502 -26.33 35.37 6.85
CA GLU B 502 -25.09 34.55 7.00
C GLU B 502 -25.37 33.29 7.84
N SER B 503 -26.58 33.11 8.36
CA SER B 503 -26.96 31.97 9.24
C SER B 503 -27.41 30.75 8.42
N ASN B 504 -27.87 30.95 7.18
CA ASN B 504 -28.38 29.85 6.30
C ASN B 504 -27.24 29.34 5.42
N SER B 505 -27.53 28.42 4.49
CA SER B 505 -26.56 27.82 3.54
C SER B 505 -26.75 28.38 2.12
N LEU B 506 -27.48 29.49 1.96
CA LEU B 506 -27.74 30.07 0.62
C LEU B 506 -26.58 31.00 0.26
N PHE B 507 -25.74 30.58 -0.67
CA PHE B 507 -24.52 31.32 -1.09
C PHE B 507 -23.69 31.60 0.16
N LEU B 508 -23.15 30.53 0.75
CA LEU B 508 -22.23 30.60 1.90
C LEU B 508 -21.12 31.60 1.56
N THR B 509 -20.71 32.42 2.52
CA THR B 509 -19.52 33.27 2.34
C THR B 509 -18.32 32.37 2.05
N ILE B 510 -17.50 32.77 1.09
CA ILE B 510 -16.32 31.99 0.61
C ILE B 510 -15.08 32.86 0.68
N GLY B 511 -13.96 32.24 0.99
CA GLY B 511 -12.64 32.87 1.10
C GLY B 511 -11.56 31.94 0.57
N PRO B 512 -10.27 32.22 0.85
CA PRO B 512 -9.17 31.44 0.30
C PRO B 512 -9.30 29.92 0.50
N GLY B 513 -9.82 29.49 1.64
CA GLY B 513 -10.09 28.06 1.93
C GLY B 513 -10.93 27.44 0.84
N ASP B 514 -11.95 28.18 0.38
CA ASP B 514 -12.94 27.71 -0.62
C ASP B 514 -12.29 27.67 -2.00
N PHE B 515 -11.40 28.63 -2.30
CA PHE B 515 -10.58 28.68 -3.55
C PHE B 515 -9.79 27.37 -3.70
N LEU B 516 -9.00 27.01 -2.69
CA LEU B 516 -8.07 25.85 -2.76
C LEU B 516 -8.87 24.55 -2.96
N VAL B 517 -9.94 24.34 -2.19
CA VAL B 517 -10.66 23.04 -2.23
C VAL B 517 -11.43 22.94 -3.56
N HIS B 518 -11.87 24.07 -4.14
CA HIS B 518 -12.53 24.09 -5.45
C HIS B 518 -11.55 23.61 -6.53
N HIS B 519 -10.27 23.97 -6.42
CA HIS B 519 -9.23 23.53 -7.37
C HIS B 519 -8.95 22.05 -7.12
N ALA B 520 -9.05 21.59 -5.86
CA ALA B 520 -9.00 20.16 -5.51
C ALA B 520 -10.16 19.44 -6.20
N ILE B 521 -11.35 20.01 -6.17
CA ILE B 521 -12.56 19.44 -6.82
C ILE B 521 -12.38 19.41 -8.34
N ALA B 522 -11.89 20.51 -8.94
CA ALA B 522 -11.55 20.59 -10.38
C ALA B 522 -10.52 19.50 -10.75
N LEU B 523 -9.49 19.33 -9.92
CA LEU B 523 -8.46 18.28 -10.13
C LEU B 523 -9.16 16.92 -10.22
N GLY B 524 -10.05 16.64 -9.28
CA GLY B 524 -10.73 15.34 -9.15
C GLY B 524 -11.67 15.10 -10.32
N LEU B 525 -12.43 16.12 -10.74
CA LEU B 525 -13.35 15.99 -11.88
C LEU B 525 -12.53 15.68 -13.14
N HIS B 526 -11.44 16.42 -13.39
CA HIS B 526 -10.61 16.33 -14.61
C HIS B 526 -9.90 14.97 -14.66
N THR B 527 -9.30 14.54 -13.55
CA THR B 527 -8.53 13.27 -13.48
C THR B 527 -9.50 12.09 -13.61
N THR B 528 -10.62 12.09 -12.90
CA THR B 528 -11.63 11.00 -13.01
C THR B 528 -12.10 10.95 -14.48
N THR B 529 -12.38 12.12 -15.05
CA THR B 529 -12.79 12.28 -16.46
C THR B 529 -11.69 11.73 -17.37
N LEU B 530 -10.43 12.11 -17.12
CA LEU B 530 -9.28 11.66 -17.92
C LEU B 530 -9.30 10.14 -17.99
N ILE B 531 -9.43 9.48 -16.83
CA ILE B 531 -9.35 7.99 -16.73
C ILE B 531 -10.48 7.39 -17.54
N LEU B 532 -11.70 7.92 -17.36
CA LEU B 532 -12.94 7.39 -17.98
C LEU B 532 -12.94 7.65 -19.48
N VAL B 533 -12.52 8.84 -19.90
CA VAL B 533 -12.47 9.23 -21.34
C VAL B 533 -11.35 8.43 -22.03
N LYS B 534 -10.15 8.39 -21.44
CA LYS B 534 -9.05 7.54 -21.95
C LYS B 534 -9.60 6.11 -22.09
N GLY B 535 -10.28 5.62 -21.05
CA GLY B 535 -10.93 4.30 -21.04
C GLY B 535 -11.82 4.11 -22.26
N ALA B 536 -12.67 5.10 -22.54
CA ALA B 536 -13.69 5.04 -23.62
C ALA B 536 -13.00 5.15 -24.99
N LEU B 537 -12.12 6.14 -25.18
CA LEU B 537 -11.49 6.44 -26.50
C LEU B 537 -10.42 5.39 -26.86
N ASP B 538 -9.78 4.75 -25.87
CA ASP B 538 -8.83 3.63 -26.10
C ASP B 538 -9.52 2.26 -25.97
N ALA B 539 -10.83 2.19 -25.67
CA ALA B 539 -11.59 0.94 -25.47
C ALA B 539 -11.44 0.00 -26.67
N ARG B 540 -11.45 0.57 -27.88
CA ARG B 540 -11.43 -0.19 -29.15
C ARG B 540 -10.01 -0.62 -29.50
N GLY B 541 -9.00 0.13 -29.04
CA GLY B 541 -7.60 -0.21 -29.32
C GLY B 541 -6.65 0.94 -29.05
N SER B 542 -5.38 0.58 -28.88
CA SER B 542 -4.24 1.48 -28.60
C SER B 542 -3.07 1.00 -29.44
N LYS B 543 -1.93 1.67 -29.38
CA LYS B 543 -0.68 1.18 -30.03
C LYS B 543 -0.27 -0.12 -29.34
N LEU B 544 -0.46 -0.20 -28.02
CA LEU B 544 -0.06 -1.38 -27.21
C LEU B 544 -0.94 -2.59 -27.55
N MET B 545 -2.22 -2.35 -27.85
CA MET B 545 -3.19 -3.42 -28.20
C MET B 545 -4.13 -2.91 -29.29
N PRO B 546 -3.69 -2.93 -30.58
CA PRO B 546 -4.46 -2.32 -31.65
C PRO B 546 -5.75 -3.07 -32.01
N ASP B 547 -5.95 -4.28 -31.48
CA ASP B 547 -7.13 -5.14 -31.75
C ASP B 547 -7.94 -5.35 -30.47
N LYS B 548 -7.87 -4.40 -29.52
CA LYS B 548 -8.48 -4.55 -28.18
C LYS B 548 -9.97 -4.85 -28.28
N LYS B 549 -10.67 -4.25 -29.25
CA LYS B 549 -12.15 -4.45 -29.43
C LYS B 549 -12.48 -5.94 -29.60
N ASP B 550 -11.56 -6.75 -30.15
CA ASP B 550 -11.73 -8.23 -30.34
C ASP B 550 -11.78 -8.97 -29.01
N PHE B 551 -11.25 -8.39 -27.92
CA PHE B 551 -11.17 -9.01 -26.58
C PHE B 551 -12.33 -8.52 -25.68
N GLY B 552 -13.02 -7.46 -26.09
CA GLY B 552 -14.24 -7.00 -25.39
C GLY B 552 -13.93 -6.00 -24.28
N TYR B 553 -14.96 -5.62 -23.53
CA TYR B 553 -14.89 -4.55 -22.51
C TYR B 553 -13.93 -4.97 -21.39
N SER B 554 -14.12 -6.18 -20.88
CA SER B 554 -13.44 -6.70 -19.67
C SER B 554 -12.65 -7.95 -20.06
N PHE B 555 -11.35 -7.92 -19.84
CA PHE B 555 -10.45 -9.09 -19.92
C PHE B 555 -9.29 -8.80 -19.00
N PRO B 556 -8.59 -9.83 -18.46
CA PRO B 556 -7.56 -9.61 -17.46
C PRO B 556 -6.44 -8.68 -17.94
N CYS B 557 -5.97 -8.93 -19.15
CA CYS B 557 -4.74 -8.33 -19.74
C CYS B 557 -4.50 -9.00 -21.09
N ASP B 558 -3.39 -8.66 -21.74
CA ASP B 558 -2.93 -9.39 -22.95
C ASP B 558 -1.58 -10.03 -22.67
N GLY B 559 -1.32 -10.37 -21.41
CA GLY B 559 -0.13 -11.11 -20.99
C GLY B 559 1.08 -10.20 -20.87
N PRO B 560 2.22 -10.77 -20.41
CA PRO B 560 3.40 -9.97 -20.11
C PRO B 560 4.25 -9.53 -21.32
N GLY B 561 3.85 -9.94 -22.53
CA GLY B 561 4.52 -9.52 -23.78
C GLY B 561 4.32 -8.04 -24.07
N ARG B 562 5.12 -7.49 -24.98
CA ARG B 562 5.07 -6.07 -25.43
C ARG B 562 5.21 -5.15 -24.22
N GLY B 563 6.05 -5.52 -23.26
CA GLY B 563 6.36 -4.70 -22.07
C GLY B 563 5.47 -5.03 -20.89
N GLY B 564 4.32 -5.69 -21.14
CA GLY B 564 3.33 -6.06 -20.11
C GLY B 564 2.09 -5.21 -20.25
N THR B 565 0.92 -5.80 -20.02
CA THR B 565 -0.39 -5.24 -20.45
C THR B 565 -1.44 -5.35 -19.35
N CYS B 566 -1.05 -5.42 -18.07
CA CYS B 566 -2.01 -5.41 -16.93
C CYS B 566 -2.92 -4.19 -17.06
N ASP B 567 -4.22 -4.36 -16.83
CA ASP B 567 -5.20 -3.25 -16.67
C ASP B 567 -5.32 -2.45 -17.98
N ILE B 568 -5.25 -3.14 -19.12
CA ILE B 568 -5.30 -2.52 -20.47
C ILE B 568 -6.75 -2.42 -20.95
N SER B 569 -7.67 -3.23 -20.43
CA SER B 569 -9.08 -3.26 -20.89
C SER B 569 -9.75 -1.94 -20.49
N ALA B 570 -10.81 -1.55 -21.19
CA ALA B 570 -11.63 -0.36 -20.85
C ALA B 570 -12.29 -0.56 -19.47
N TRP B 571 -12.66 -1.80 -19.12
CA TRP B 571 -13.18 -2.14 -17.77
C TRP B 571 -12.15 -1.71 -16.71
N ASP B 572 -10.86 -1.92 -16.97
CA ASP B 572 -9.77 -1.58 -16.02
C ASP B 572 -9.78 -0.06 -15.80
N ALA B 573 -10.11 0.73 -16.83
CA ALA B 573 -10.24 2.20 -16.71
C ALA B 573 -11.41 2.53 -15.77
N PHE B 574 -12.50 1.78 -15.87
CA PHE B 574 -13.65 1.90 -14.94
C PHE B 574 -13.15 1.67 -13.51
N TYR B 575 -12.43 0.56 -13.32
CA TYR B 575 -11.88 0.14 -12.01
C TYR B 575 -11.01 1.25 -11.43
N LEU B 576 -10.10 1.82 -12.23
CA LEU B 576 -9.18 2.90 -11.80
C LEU B 576 -9.94 4.19 -11.52
N ALA B 577 -10.91 4.54 -12.37
CA ALA B 577 -11.74 5.75 -12.24
C ALA B 577 -12.56 5.71 -10.94
N MET B 578 -12.98 4.53 -10.48
CA MET B 578 -13.78 4.40 -9.23
C MET B 578 -12.99 4.95 -8.04
N PHE B 579 -11.69 4.69 -7.98
CA PHE B 579 -10.84 5.18 -6.87
C PHE B 579 -10.85 6.70 -6.90
N TRP B 580 -10.70 7.27 -8.09
CA TRP B 580 -10.67 8.74 -8.29
C TRP B 580 -12.03 9.35 -8.02
N MET B 581 -13.10 8.65 -8.39
CA MET B 581 -14.47 9.13 -8.10
C MET B 581 -14.66 9.17 -6.58
N LEU B 582 -14.32 8.09 -5.86
CA LEU B 582 -14.44 8.03 -4.37
C LEU B 582 -13.59 9.13 -3.74
N ASN B 583 -12.35 9.26 -4.16
CA ASN B 583 -11.42 10.31 -3.69
C ASN B 583 -12.06 11.70 -3.85
N THR B 584 -12.54 11.99 -5.06
CA THR B 584 -13.10 13.30 -5.44
C THR B 584 -14.37 13.59 -4.63
N ILE B 585 -15.28 12.63 -4.51
CA ILE B 585 -16.54 12.80 -3.74
C ILE B 585 -16.16 12.97 -2.26
N GLY B 586 -15.11 12.28 -1.82
CA GLY B 586 -14.48 12.49 -0.51
C GLY B 586 -14.19 13.95 -0.27
N TRP B 587 -13.37 14.56 -1.14
CA TRP B 587 -12.98 16.00 -1.04
C TRP B 587 -14.22 16.88 -1.02
N ILE B 588 -15.15 16.64 -1.94
CA ILE B 588 -16.44 17.40 -2.04
C ILE B 588 -17.19 17.32 -0.72
N THR B 589 -17.39 16.10 -0.19
CA THR B 589 -18.28 15.87 0.98
C THR B 589 -17.57 16.29 2.27
N PHE B 590 -16.25 16.09 2.36
CA PHE B 590 -15.41 16.59 3.48
C PHE B 590 -15.61 18.10 3.57
N TYR B 591 -15.48 18.77 2.43
CA TYR B 591 -15.59 20.23 2.30
C TYR B 591 -16.98 20.67 2.75
N TRP B 592 -18.01 20.07 2.16
CA TRP B 592 -19.41 20.39 2.51
C TRP B 592 -19.57 20.29 4.03
N HIS B 593 -19.13 19.16 4.60
CA HIS B 593 -19.37 18.80 6.02
C HIS B 593 -18.62 19.77 6.93
N TRP B 594 -17.32 19.97 6.69
CA TRP B 594 -16.54 20.86 7.57
C TRP B 594 -17.08 22.30 7.48
N LYS B 595 -17.35 22.78 6.28
CA LYS B 595 -17.91 24.14 6.06
C LYS B 595 -19.21 24.26 6.87
N HIS B 596 -20.04 23.22 6.89
CA HIS B 596 -21.33 23.25 7.63
C HIS B 596 -21.12 23.09 9.14
N LEU B 597 -20.22 22.21 9.58
CA LEU B 597 -19.93 22.04 11.03
C LEU B 597 -19.55 23.40 11.62
N SER B 598 -18.67 24.12 10.92
CA SER B 598 -18.14 25.45 11.29
C SER B 598 -19.28 26.49 11.32
N LEU B 599 -20.12 26.52 10.29
CA LEU B 599 -21.33 27.37 10.20
C LEU B 599 -22.27 27.07 11.38
N TRP B 600 -22.59 25.80 11.59
CA TRP B 600 -23.60 25.34 12.59
C TRP B 600 -23.11 25.60 14.03
N GLN B 601 -21.81 25.42 14.29
CA GLN B 601 -21.15 25.74 15.58
C GLN B 601 -21.13 27.25 15.83
N GLY B 602 -21.20 28.06 14.78
CA GLY B 602 -21.02 29.52 14.84
C GLY B 602 -19.55 29.88 14.98
N ASN B 603 -18.67 29.07 14.39
CA ASN B 603 -17.19 29.25 14.37
C ASN B 603 -16.73 29.11 12.92
N VAL B 604 -17.27 29.94 12.05
CA VAL B 604 -16.88 30.05 10.61
C VAL B 604 -15.39 30.35 10.51
N ALA B 605 -14.85 31.13 11.46
CA ALA B 605 -13.42 31.50 11.58
C ALA B 605 -12.54 30.24 11.60
N GLN B 606 -12.98 29.15 12.26
CA GLN B 606 -12.22 27.88 12.35
C GLN B 606 -11.95 27.36 10.93
N PHE B 607 -13.00 27.17 10.14
CA PHE B 607 -12.90 26.71 8.73
C PHE B 607 -12.01 27.68 7.95
N ASN B 608 -12.28 28.98 8.05
CA ASN B 608 -11.63 30.04 7.22
C ASN B 608 -10.11 30.01 7.46
N GLU B 609 -9.68 29.79 8.70
CA GLU B 609 -8.24 29.83 9.10
C GLU B 609 -7.58 28.46 8.89
N SER B 610 -8.28 27.36 9.18
CA SER B 610 -7.69 25.99 9.24
C SER B 610 -7.75 25.31 7.85
N SER B 611 -8.66 25.72 6.97
CA SER B 611 -8.92 25.02 5.68
C SER B 611 -7.81 25.30 4.65
N THR B 612 -6.93 26.27 4.89
CA THR B 612 -5.93 26.71 3.88
C THR B 612 -4.68 25.85 3.94
N TYR B 613 -4.59 24.91 4.89
CA TYR B 613 -3.48 23.94 4.96
C TYR B 613 -4.05 22.59 5.41
N LEU B 614 -3.42 21.50 4.97
CA LEU B 614 -3.98 20.14 5.05
C LEU B 614 -3.93 19.59 6.48
N MET B 615 -3.01 20.06 7.32
CA MET B 615 -3.00 19.67 8.75
C MET B 615 -4.28 20.16 9.40
N GLY B 616 -4.79 21.32 8.97
CA GLY B 616 -6.07 21.88 9.45
C GLY B 616 -7.21 20.90 9.24
N TRP B 617 -7.28 20.30 8.07
CA TRP B 617 -8.28 19.27 7.73
C TRP B 617 -8.09 18.03 8.60
N LEU B 618 -6.86 17.53 8.73
CA LEU B 618 -6.60 16.30 9.52
C LEU B 618 -6.91 16.55 11.00
N ARG B 619 -6.45 17.69 11.53
CA ARG B 619 -6.56 18.01 12.97
C ARG B 619 -7.98 18.50 13.28
N ASP B 620 -8.39 19.61 12.65
CA ASP B 620 -9.60 20.36 13.06
C ASP B 620 -10.85 19.75 12.46
N TYR B 621 -10.74 18.93 11.41
CA TYR B 621 -11.91 18.23 10.84
C TYR B 621 -11.91 16.76 11.32
N LEU B 622 -10.98 15.94 10.85
CA LEU B 622 -11.03 14.47 11.09
C LEU B 622 -10.76 14.16 12.57
N TRP B 623 -9.61 14.57 13.09
CA TRP B 623 -9.22 14.20 14.47
C TRP B 623 -10.24 14.76 15.46
N LEU B 624 -10.50 16.06 15.40
CA LEU B 624 -11.38 16.75 16.38
C LEU B 624 -12.76 16.10 16.41
N ASN B 625 -13.35 15.81 15.24
CA ASN B 625 -14.77 15.36 15.16
C ASN B 625 -14.90 13.86 15.35
N SER B 626 -13.79 13.12 15.40
CA SER B 626 -13.77 11.65 15.65
C SER B 626 -14.15 11.31 17.09
N SER B 627 -14.01 12.24 18.04
CA SER B 627 -14.08 11.97 19.51
C SER B 627 -15.41 11.34 19.92
N PRO B 628 -16.59 11.91 19.54
CA PRO B 628 -17.87 11.30 19.92
C PRO B 628 -18.06 9.89 19.36
N LEU B 629 -17.64 9.70 18.10
CA LEU B 629 -17.75 8.44 17.33
C LEU B 629 -17.00 7.32 18.06
N ILE B 630 -15.72 7.52 18.31
CA ILE B 630 -14.80 6.44 18.81
C ILE B 630 -15.06 6.20 20.31
N ASN B 631 -15.80 7.09 20.96
CA ASN B 631 -16.29 6.91 22.35
C ASN B 631 -17.73 6.37 22.36
N GLY B 632 -18.26 5.93 21.22
CA GLY B 632 -19.57 5.23 21.16
C GLY B 632 -19.59 4.08 22.14
N TYR B 633 -18.46 3.41 22.30
CA TYR B 633 -18.18 2.45 23.39
C TYR B 633 -16.71 2.59 23.80
N ASN B 634 -16.45 2.27 25.05
CA ASN B 634 -15.13 2.42 25.70
C ASN B 634 -15.19 1.59 26.99
N PRO B 635 -14.08 1.45 27.75
CA PRO B 635 -14.09 0.65 28.98
C PRO B 635 -15.14 1.05 30.03
N TYR B 636 -15.59 2.30 30.02
CA TYR B 636 -16.47 2.92 31.05
C TYR B 636 -17.93 2.64 30.72
N GLY B 637 -18.24 2.39 29.45
CA GLY B 637 -19.55 1.92 28.98
C GLY B 637 -19.77 2.26 27.53
N MET B 638 -21.03 2.31 27.10
CA MET B 638 -21.40 2.62 25.71
C MET B 638 -22.65 3.48 25.68
N ASN B 639 -22.87 4.17 24.57
CA ASN B 639 -24.02 5.08 24.34
C ASN B 639 -24.59 4.76 22.95
N SER B 640 -25.55 5.54 22.49
CA SER B 640 -26.28 5.31 21.22
C SER B 640 -25.35 5.38 20.01
N LEU B 641 -24.15 5.95 20.14
CA LEU B 641 -23.18 6.04 19.02
C LEU B 641 -22.33 4.76 18.92
N SER B 642 -22.55 3.77 19.79
CA SER B 642 -21.80 2.49 19.80
C SER B 642 -21.88 1.85 18.42
N VAL B 643 -23.06 1.89 17.80
CA VAL B 643 -23.32 1.22 16.49
C VAL B 643 -22.50 1.92 15.40
N TRP B 644 -22.36 3.24 15.47
CA TRP B 644 -21.52 4.00 14.50
C TRP B 644 -20.04 3.74 14.78
N ALA B 645 -19.64 3.62 16.05
CA ALA B 645 -18.26 3.29 16.46
C ALA B 645 -17.90 1.89 15.93
N TRP B 646 -18.80 0.92 16.10
CA TRP B 646 -18.59 -0.46 15.64
C TRP B 646 -18.57 -0.48 14.10
N MET B 647 -19.49 0.23 13.46
CA MET B 647 -19.60 0.30 11.98
C MET B 647 -18.33 0.92 11.41
N PHE B 648 -17.83 1.96 12.07
CA PHE B 648 -16.63 2.72 11.68
C PHE B 648 -15.44 1.77 11.57
N LEU B 649 -15.26 0.92 12.56
CA LEU B 649 -14.14 -0.06 12.63
C LEU B 649 -14.35 -1.16 11.59
N PHE B 650 -15.57 -1.71 11.53
CA PHE B 650 -16.05 -2.65 10.51
C PHE B 650 -15.67 -2.16 9.10
N ALA B 651 -16.01 -0.89 8.80
CA ALA B 651 -15.75 -0.26 7.50
C ALA B 651 -14.23 -0.13 7.25
N HIS B 652 -13.44 0.25 8.24
CA HIS B 652 -11.95 0.29 8.12
C HIS B 652 -11.45 -1.14 7.81
N LEU B 653 -12.04 -2.15 8.45
CA LEU B 653 -11.63 -3.55 8.24
C LEU B 653 -11.95 -3.91 6.79
N VAL B 654 -13.16 -3.61 6.34
CA VAL B 654 -13.63 -3.99 4.98
C VAL B 654 -12.71 -3.28 3.98
N TRP B 655 -12.45 -1.99 4.17
CA TRP B 655 -11.55 -1.19 3.30
C TRP B 655 -10.19 -1.89 3.16
N ALA B 656 -9.56 -2.21 4.29
CA ALA B 656 -8.24 -2.87 4.38
C ALA B 656 -8.27 -4.27 3.75
N THR B 657 -9.35 -5.04 3.96
CA THR B 657 -9.52 -6.38 3.34
C THR B 657 -9.49 -6.24 1.80
N GLY B 658 -10.11 -5.19 1.25
CA GLY B 658 -10.05 -4.87 -0.18
C GLY B 658 -8.62 -4.78 -0.69
N PHE B 659 -7.70 -4.21 0.11
CA PHE B 659 -6.28 -4.02 -0.28
C PHE B 659 -5.66 -5.38 -0.61
N MET B 660 -6.06 -6.42 0.12
CA MET B 660 -5.54 -7.79 -0.11
C MET B 660 -5.80 -8.16 -1.57
N PHE B 661 -7.03 -7.96 -2.05
CA PHE B 661 -7.45 -8.34 -3.41
C PHE B 661 -6.80 -7.45 -4.46
N LEU B 662 -6.59 -6.17 -4.11
CA LEU B 662 -6.05 -5.15 -5.04
C LEU B 662 -4.52 -5.30 -5.17
N ILE B 663 -3.83 -5.70 -4.10
CA ILE B 663 -2.34 -5.70 -4.06
C ILE B 663 -1.81 -7.10 -4.41
N SER B 664 -2.35 -8.14 -3.77
CA SER B 664 -1.93 -9.54 -4.00
C SER B 664 -2.72 -10.07 -5.18
N TRP B 665 -2.06 -10.63 -6.20
CA TRP B 665 -2.72 -11.05 -7.46
C TRP B 665 -2.71 -12.58 -7.53
N ARG B 666 -3.32 -13.14 -8.56
CA ARG B 666 -3.94 -14.48 -8.52
C ARG B 666 -2.94 -15.62 -8.27
N GLY B 667 -1.79 -15.59 -8.93
CA GLY B 667 -0.87 -16.73 -8.98
C GLY B 667 -0.48 -17.18 -7.59
N TYR B 668 -0.21 -16.21 -6.69
CA TYR B 668 0.10 -16.48 -5.27
C TYR B 668 -0.96 -17.45 -4.70
N TRP B 669 -2.23 -17.09 -4.88
CA TRP B 669 -3.41 -17.75 -4.26
C TRP B 669 -3.67 -19.12 -4.88
N GLN B 670 -3.53 -19.25 -6.20
CA GLN B 670 -3.83 -20.51 -6.90
C GLN B 670 -2.86 -21.57 -6.40
N GLU B 671 -1.58 -21.21 -6.25
CA GLU B 671 -0.54 -22.13 -5.74
C GLU B 671 -0.88 -22.56 -4.31
N LEU B 672 -1.37 -21.65 -3.48
CA LEU B 672 -1.74 -21.92 -2.06
C LEU B 672 -2.95 -22.86 -2.03
N ILE B 673 -3.97 -22.59 -2.84
CA ILE B 673 -5.20 -23.43 -2.92
C ILE B 673 -4.82 -24.86 -3.32
N GLU B 674 -3.86 -25.02 -4.24
CA GLU B 674 -3.38 -26.35 -4.70
C GLU B 674 -2.94 -27.19 -3.50
N THR B 675 -2.23 -26.60 -2.54
CA THR B 675 -1.73 -27.29 -1.31
C THR B 675 -2.92 -27.64 -0.42
N LEU B 676 -3.92 -26.77 -0.34
CA LEU B 676 -5.12 -27.02 0.50
C LEU B 676 -5.92 -28.18 -0.08
N ALA B 677 -6.08 -28.22 -1.41
CA ALA B 677 -6.75 -29.35 -2.12
C ALA B 677 -5.96 -30.62 -1.82
N TRP B 678 -4.62 -30.56 -1.91
CA TRP B 678 -3.71 -31.68 -1.59
C TRP B 678 -4.02 -32.19 -0.17
N ALA B 679 -4.03 -31.28 0.81
CA ALA B 679 -4.19 -31.60 2.25
C ALA B 679 -5.55 -32.27 2.48
N HIS B 680 -6.61 -31.68 1.92
CA HIS B 680 -7.98 -32.19 2.14
C HIS B 680 -8.05 -33.67 1.71
N GLU B 681 -7.58 -33.97 0.50
CA GLU B 681 -7.66 -35.31 -0.13
C GLU B 681 -6.84 -36.34 0.68
N ARG B 682 -5.82 -35.90 1.42
CA ARG B 682 -4.91 -36.78 2.21
C ARG B 682 -5.23 -36.75 3.70
N THR B 683 -6.27 -36.06 4.15
CA THR B 683 -6.70 -36.03 5.57
C THR B 683 -7.78 -37.08 5.79
N PRO B 684 -7.56 -38.10 6.66
CA PRO B 684 -8.59 -39.11 6.93
C PRO B 684 -9.86 -38.48 7.51
N LEU B 685 -11.01 -39.10 7.24
CA LEU B 685 -12.38 -38.64 7.62
C LEU B 685 -12.78 -37.48 6.71
N ALA B 686 -12.01 -36.38 6.71
CA ALA B 686 -12.27 -35.20 5.86
C ALA B 686 -12.34 -35.62 4.38
N ASN B 687 -11.47 -36.53 3.92
CA ASN B 687 -11.33 -36.91 2.48
C ASN B 687 -12.49 -37.79 2.02
N LEU B 688 -13.39 -38.22 2.91
CA LEU B 688 -14.70 -38.82 2.51
C LEU B 688 -15.61 -37.75 1.87
N ILE B 689 -15.46 -36.49 2.28
CA ILE B 689 -16.22 -35.34 1.76
C ILE B 689 -15.48 -34.79 0.52
N LYS B 690 -16.17 -34.69 -0.62
CA LYS B 690 -15.60 -34.29 -1.92
C LYS B 690 -16.27 -32.99 -2.37
N TRP B 691 -15.49 -31.98 -2.76
CA TRP B 691 -16.04 -30.81 -3.50
C TRP B 691 -16.59 -31.29 -4.84
N LYS B 692 -17.69 -30.68 -5.28
CA LYS B 692 -18.26 -30.87 -6.64
C LYS B 692 -17.55 -29.93 -7.62
N ASP B 693 -17.27 -28.71 -7.17
CA ASP B 693 -16.56 -27.66 -7.95
C ASP B 693 -15.11 -27.60 -7.47
N LYS B 694 -14.18 -27.79 -8.39
CA LYS B 694 -12.74 -27.72 -8.06
C LYS B 694 -12.48 -26.32 -7.55
N PRO B 695 -11.95 -26.18 -6.30
CA PRO B 695 -11.61 -24.85 -5.80
C PRO B 695 -10.42 -24.27 -6.58
N VAL B 696 -10.57 -23.04 -7.06
CA VAL B 696 -9.50 -22.25 -7.74
C VAL B 696 -9.48 -20.85 -7.14
N ALA B 697 -8.34 -20.19 -7.24
CA ALA B 697 -8.19 -18.75 -6.92
C ALA B 697 -9.15 -17.94 -7.80
N LEU B 698 -9.64 -16.82 -7.28
CA LEU B 698 -10.50 -15.86 -8.02
C LEU B 698 -9.78 -15.45 -9.31
N SER B 699 -10.51 -15.06 -10.34
CA SER B 699 -9.91 -14.64 -11.63
C SER B 699 -9.21 -13.30 -11.44
N ILE B 700 -8.36 -12.92 -12.40
CA ILE B 700 -7.61 -11.63 -12.37
C ILE B 700 -8.62 -10.48 -12.27
N VAL B 701 -9.62 -10.45 -13.15
CA VAL B 701 -10.64 -9.37 -13.17
C VAL B 701 -11.51 -9.48 -11.91
N GLN B 702 -11.91 -10.69 -11.53
CA GLN B 702 -12.77 -10.91 -10.33
C GLN B 702 -12.14 -10.23 -9.12
N ALA B 703 -10.83 -10.42 -8.91
CA ALA B 703 -10.13 -9.89 -7.73
C ALA B 703 -10.11 -8.37 -7.77
N ARG B 704 -10.01 -7.79 -8.97
CA ARG B 704 -10.07 -6.32 -9.15
C ARG B 704 -11.44 -5.87 -8.66
N LEU B 705 -12.49 -6.58 -9.06
CA LEU B 705 -13.89 -6.25 -8.71
C LEU B 705 -14.12 -6.46 -7.21
N VAL B 706 -13.72 -7.62 -6.68
CA VAL B 706 -13.91 -7.95 -5.23
C VAL B 706 -13.11 -6.95 -4.38
N GLY B 707 -11.86 -6.67 -4.76
CA GLY B 707 -11.02 -5.66 -4.10
C GLY B 707 -11.67 -4.30 -4.13
N LEU B 708 -12.24 -3.92 -5.28
CA LEU B 708 -12.86 -2.58 -5.46
C LEU B 708 -14.12 -2.50 -4.62
N VAL B 709 -14.89 -3.59 -4.52
CA VAL B 709 -16.15 -3.62 -3.73
C VAL B 709 -15.83 -3.44 -2.25
N HIS B 710 -14.85 -4.17 -1.72
CA HIS B 710 -14.42 -4.04 -0.31
C HIS B 710 -13.94 -2.60 -0.10
N PHE B 711 -13.09 -2.11 -0.99
CA PHE B 711 -12.57 -0.72 -0.92
C PHE B 711 -13.74 0.27 -0.86
N THR B 712 -14.67 0.16 -1.81
CA THR B 712 -15.82 1.09 -1.96
C THR B 712 -16.75 0.97 -0.75
N VAL B 713 -17.08 -0.24 -0.33
CA VAL B 713 -17.99 -0.46 0.83
C VAL B 713 -17.33 0.16 2.07
N GLY B 714 -16.05 -0.14 2.30
CA GLY B 714 -15.32 0.38 3.45
C GLY B 714 -15.28 1.88 3.42
N TYR B 715 -15.00 2.44 2.25
CA TYR B 715 -14.88 3.90 2.01
C TYR B 715 -16.19 4.57 2.44
N ILE B 716 -17.31 4.07 1.91
CA ILE B 716 -18.67 4.62 2.11
C ILE B 716 -19.10 4.44 3.58
N LEU B 717 -19.06 3.23 4.12
CA LEU B 717 -19.52 2.95 5.51
C LEU B 717 -18.66 3.71 6.52
N THR B 718 -17.36 3.87 6.26
CA THR B 718 -16.46 4.60 7.18
C THR B 718 -16.99 6.04 7.26
N TYR B 719 -17.16 6.68 6.11
CA TYR B 719 -17.56 8.10 6.09
C TYR B 719 -18.97 8.24 6.62
N ALA B 720 -19.87 7.29 6.31
CA ALA B 720 -21.27 7.34 6.78
C ALA B 720 -21.26 7.38 8.31
N ALA B 721 -20.53 6.46 8.94
CA ALA B 721 -20.43 6.35 10.41
C ALA B 721 -19.84 7.65 10.98
N PHE B 722 -18.78 8.17 10.37
CA PHE B 722 -18.14 9.44 10.81
C PHE B 722 -19.10 10.64 10.64
N VAL B 723 -19.68 10.82 9.47
CA VAL B 723 -20.46 12.06 9.15
C VAL B 723 -21.70 12.08 10.05
N ILE B 724 -22.29 10.91 10.31
CA ILE B 724 -23.49 10.79 11.19
C ILE B 724 -23.09 11.01 12.65
N ALA B 725 -22.12 10.25 13.17
CA ALA B 725 -21.75 10.24 14.61
C ALA B 725 -21.09 11.57 15.00
N SER B 726 -20.23 12.12 14.13
CA SER B 726 -19.54 13.43 14.38
C SER B 726 -20.59 14.53 14.51
N THR B 727 -21.58 14.57 13.62
CA THR B 727 -22.64 15.60 13.60
C THR B 727 -23.62 15.34 14.75
N ALA B 728 -24.05 14.09 14.94
CA ALA B 728 -25.00 13.68 16.01
C ALA B 728 -24.37 13.94 17.39
N GLY B 729 -23.08 13.59 17.53
CA GLY B 729 -22.31 13.75 18.79
C GLY B 729 -22.07 15.21 19.15
N LYS B 730 -22.02 16.09 18.16
CA LYS B 730 -21.61 17.52 18.32
C LYS B 730 -22.82 18.40 18.64
N PHE B 731 -24.00 18.05 18.12
CA PHE B 731 -25.26 18.82 18.25
C PHE B 731 -26.32 17.94 18.93
N ALA C 2 -12.55 -24.05 -24.13
CA ALA C 2 -11.13 -24.02 -24.61
C ALA C 2 -10.77 -22.62 -25.10
N HIS C 3 -9.47 -22.33 -25.15
CA HIS C 3 -8.93 -21.09 -25.77
C HIS C 3 -8.89 -21.29 -27.28
N THR C 4 -8.97 -20.19 -28.04
CA THR C 4 -8.83 -20.14 -29.50
C THR C 4 -7.46 -19.55 -29.82
N VAL C 5 -6.67 -20.23 -30.64
CA VAL C 5 -5.35 -19.73 -31.14
C VAL C 5 -5.44 -19.65 -32.67
N LYS C 6 -5.21 -18.45 -33.21
CA LYS C 6 -5.27 -18.18 -34.67
C LYS C 6 -3.90 -17.73 -35.16
N ILE C 7 -3.55 -18.10 -36.38
CA ILE C 7 -2.31 -17.68 -37.07
C ILE C 7 -2.71 -16.82 -38.26
N TYR C 8 -2.22 -15.58 -38.33
CA TYR C 8 -2.53 -14.62 -39.42
C TYR C 8 -1.44 -14.74 -40.50
N ASP C 9 -1.72 -14.20 -41.68
CA ASP C 9 -0.92 -14.43 -42.92
C ASP C 9 0.45 -13.74 -42.84
N ASN C 10 0.66 -12.81 -41.92
CA ASN C 10 1.95 -12.08 -41.80
C ASN C 10 2.98 -12.95 -41.06
N CYS C 11 2.63 -14.19 -40.68
CA CYS C 11 3.57 -15.19 -40.10
C CYS C 11 4.77 -15.36 -41.03
N ILE C 12 5.99 -15.22 -40.50
CA ILE C 12 7.27 -15.31 -41.26
C ILE C 12 7.92 -16.69 -41.02
N GLY C 13 7.20 -17.62 -40.37
CA GLY C 13 7.63 -19.01 -40.14
C GLY C 13 8.92 -19.11 -39.35
N CYS C 14 9.08 -18.26 -38.32
CA CYS C 14 10.30 -18.16 -37.50
C CYS C 14 10.38 -19.32 -36.48
N THR C 15 9.25 -19.99 -36.21
CA THR C 15 9.11 -21.16 -35.30
C THR C 15 9.13 -20.75 -33.82
N GLN C 16 9.23 -19.46 -33.49
CA GLN C 16 9.51 -19.02 -32.10
C GLN C 16 8.29 -19.30 -31.21
N CYS C 17 7.07 -19.12 -31.73
CA CYS C 17 5.83 -19.43 -30.99
C CYS C 17 5.81 -20.92 -30.62
N VAL C 18 6.11 -21.80 -31.58
CA VAL C 18 6.07 -23.28 -31.40
C VAL C 18 7.11 -23.67 -30.33
N ARG C 19 8.31 -23.09 -30.39
CA ARG C 19 9.40 -23.37 -29.42
C ARG C 19 8.99 -22.89 -28.02
N ALA C 20 8.21 -21.83 -27.92
CA ALA C 20 7.82 -21.16 -26.66
C ALA C 20 6.67 -21.90 -25.98
N CYS C 21 5.85 -22.64 -26.72
CA CYS C 21 4.59 -23.23 -26.20
C CYS C 21 4.91 -24.36 -25.22
N PRO C 22 4.56 -24.21 -23.93
CA PRO C 22 4.85 -25.26 -22.95
C PRO C 22 3.82 -26.40 -22.95
N LEU C 23 2.79 -26.33 -23.78
CA LEU C 23 1.69 -27.33 -23.85
C LEU C 23 1.72 -28.12 -25.17
N ASP C 24 2.68 -27.87 -26.05
CA ASP C 24 2.72 -28.47 -27.42
C ASP C 24 1.35 -28.32 -28.09
N VAL C 25 0.87 -27.08 -28.17
CA VAL C 25 -0.40 -26.73 -28.86
C VAL C 25 -0.11 -26.53 -30.35
N LEU C 26 1.08 -26.01 -30.66
CA LEU C 26 1.43 -25.44 -31.97
C LEU C 26 2.40 -26.38 -32.69
N GLU C 27 2.47 -26.27 -34.01
CA GLU C 27 3.51 -26.93 -34.83
C GLU C 27 3.70 -26.15 -36.12
N MET C 28 4.86 -26.35 -36.76
CA MET C 28 5.20 -25.72 -38.05
C MET C 28 4.72 -26.64 -39.18
N VAL C 29 4.05 -26.06 -40.17
CA VAL C 29 3.50 -26.79 -41.35
C VAL C 29 4.08 -26.15 -42.60
N PRO C 30 4.30 -26.91 -43.70
CA PRO C 30 4.73 -26.33 -44.97
C PRO C 30 3.76 -25.26 -45.49
N TRP C 31 4.28 -24.21 -46.13
CA TRP C 31 3.51 -23.05 -46.62
C TRP C 31 4.36 -22.23 -47.60
N ASP C 32 3.80 -21.83 -48.74
CA ASP C 32 4.50 -21.07 -49.81
C ASP C 32 4.40 -19.55 -49.56
N GLY C 33 3.58 -19.13 -48.59
CA GLY C 33 3.22 -17.70 -48.35
C GLY C 33 4.37 -16.83 -47.90
N CYS C 34 5.40 -17.41 -47.27
CA CYS C 34 6.60 -16.68 -46.76
C CYS C 34 7.88 -17.40 -47.19
N LYS C 35 9.01 -16.71 -47.14
CA LYS C 35 10.33 -17.18 -47.63
C LYS C 35 10.79 -18.41 -46.82
N ALA C 36 10.51 -18.43 -45.51
CA ALA C 36 10.83 -19.54 -44.58
C ALA C 36 10.23 -20.86 -45.07
N GLY C 37 9.15 -20.81 -45.85
CA GLY C 37 8.52 -22.00 -46.45
C GLY C 37 7.68 -22.78 -45.45
N GLN C 38 7.22 -22.10 -44.39
CA GLN C 38 6.51 -22.74 -43.27
C GLN C 38 5.69 -21.70 -42.50
N MET C 39 4.61 -22.15 -41.88
CA MET C 39 3.68 -21.32 -41.09
C MET C 39 3.39 -22.02 -39.77
N ALA C 40 3.23 -21.26 -38.69
CA ALA C 40 2.71 -21.76 -37.39
C ALA C 40 1.32 -22.35 -37.63
N SER C 41 0.98 -23.38 -36.87
CA SER C 41 -0.35 -24.04 -36.86
C SER C 41 -0.70 -24.30 -35.40
N ALA C 42 -1.99 -24.31 -35.07
CA ALA C 42 -2.51 -24.53 -33.70
C ALA C 42 -3.49 -25.69 -33.72
N PRO C 43 -3.02 -26.95 -33.97
CA PRO C 43 -3.92 -28.11 -34.01
C PRO C 43 -4.42 -28.66 -32.68
N ARG C 44 -3.77 -28.33 -31.55
CA ARG C 44 -4.02 -28.96 -30.24
C ARG C 44 -4.39 -27.88 -29.20
N THR C 45 -5.37 -27.05 -29.50
CA THR C 45 -5.78 -25.90 -28.64
C THR C 45 -6.63 -26.40 -27.46
N GLU C 46 -7.07 -27.66 -27.49
CA GLU C 46 -7.70 -28.34 -26.32
C GLU C 46 -6.71 -28.38 -25.14
N ASP C 47 -5.40 -28.30 -25.41
CA ASP C 47 -4.33 -28.34 -24.39
C ASP C 47 -3.84 -26.93 -24.05
N CYS C 48 -4.35 -25.89 -24.74
CA CYS C 48 -3.85 -24.50 -24.59
C CYS C 48 -4.28 -23.97 -23.22
N VAL C 49 -3.32 -23.49 -22.44
CA VAL C 49 -3.63 -22.91 -21.10
C VAL C 49 -3.85 -21.39 -21.22
N GLY C 50 -3.50 -20.77 -22.36
CA GLY C 50 -3.70 -19.33 -22.58
C GLY C 50 -2.61 -18.47 -21.95
N CYS C 51 -1.39 -19.01 -21.80
CA CYS C 51 -0.25 -18.36 -21.13
C CYS C 51 0.32 -17.22 -21.99
N LYS C 52 0.07 -17.27 -23.30
CA LYS C 52 0.48 -16.24 -24.30
C LYS C 52 2.01 -16.16 -24.38
N ARG C 53 2.74 -17.22 -24.04
CA ARG C 53 4.20 -17.30 -24.31
C ARG C 53 4.44 -17.24 -25.82
N CYS C 54 3.51 -17.77 -26.63
CA CYS C 54 3.57 -17.78 -28.11
C CYS C 54 3.57 -16.34 -28.63
N GLU C 55 2.63 -15.53 -28.18
CA GLU C 55 2.49 -14.10 -28.57
C GLU C 55 3.74 -13.33 -28.15
N THR C 56 4.23 -13.54 -26.93
CA THR C 56 5.48 -12.90 -26.41
C THR C 56 6.63 -13.18 -27.39
N ALA C 57 6.69 -14.40 -27.93
CA ALA C 57 7.79 -14.87 -28.81
C ALA C 57 7.64 -14.34 -30.24
N CYS C 58 6.44 -13.96 -30.69
CA CYS C 58 6.16 -13.61 -32.10
C CYS C 58 6.77 -12.25 -32.44
N PRO C 59 7.70 -12.20 -33.43
CA PRO C 59 8.42 -10.98 -33.76
C PRO C 59 7.69 -10.01 -34.70
N THR C 60 6.57 -10.42 -35.29
CA THR C 60 5.88 -9.62 -36.34
C THR C 60 5.11 -8.49 -35.67
N ASP C 61 4.94 -7.38 -36.39
CA ASP C 61 4.17 -6.20 -35.94
C ASP C 61 3.02 -5.96 -36.91
N PHE C 62 1.77 -6.19 -36.50
CA PHE C 62 1.38 -6.73 -35.20
C PHE C 62 1.57 -8.26 -35.22
N LEU C 63 1.27 -8.91 -34.09
CA LEU C 63 1.32 -10.39 -33.88
C LEU C 63 0.76 -11.14 -35.09
N SER C 64 1.39 -12.25 -35.46
CA SER C 64 0.89 -13.23 -36.46
C SER C 64 0.15 -14.37 -35.75
N ILE C 65 0.39 -14.56 -34.46
CA ILE C 65 -0.31 -15.58 -33.63
C ILE C 65 -1.09 -14.81 -32.58
N ARG C 66 -2.34 -15.20 -32.37
CA ARG C 66 -3.24 -14.50 -31.43
C ARG C 66 -4.00 -15.53 -30.63
N VAL C 67 -4.03 -15.34 -29.31
CA VAL C 67 -4.71 -16.24 -28.34
C VAL C 67 -5.92 -15.48 -27.80
N TYR C 68 -7.10 -16.02 -28.06
CA TYR C 68 -8.40 -15.51 -27.55
C TYR C 68 -8.80 -16.45 -26.41
N LEU C 69 -8.64 -15.99 -25.17
CA LEU C 69 -9.02 -16.77 -23.96
C LEU C 69 -10.53 -17.03 -24.05
N GLY C 70 -10.94 -18.30 -23.93
CA GLY C 70 -12.33 -18.75 -24.04
C GLY C 70 -12.79 -19.48 -22.79
N GLY C 71 -13.68 -20.45 -22.96
CA GLY C 71 -14.32 -21.21 -21.87
C GLY C 71 -13.31 -22.06 -21.13
N GLU C 72 -13.30 -21.97 -19.80
CA GLU C 72 -12.29 -22.64 -18.94
C GLU C 72 -12.62 -24.13 -18.82
N THR C 73 -11.58 -24.96 -18.77
CA THR C 73 -11.64 -26.43 -18.61
C THR C 73 -10.58 -26.81 -17.56
N THR C 74 -10.61 -28.04 -17.06
CA THR C 74 -9.56 -28.57 -16.15
C THR C 74 -8.19 -28.30 -16.78
N ARG C 75 -8.04 -28.62 -18.07
CA ARG C 75 -6.79 -28.48 -18.86
C ARG C 75 -6.37 -27.01 -18.96
N SER C 76 -7.29 -26.13 -19.36
CA SER C 76 -6.98 -24.69 -19.63
C SER C 76 -6.70 -23.95 -18.32
N MET C 77 -7.28 -24.39 -17.20
CA MET C 77 -7.09 -23.75 -15.87
C MET C 77 -5.78 -24.25 -15.23
N GLY C 78 -5.13 -25.25 -15.85
CA GLY C 78 -3.83 -25.80 -15.43
C GLY C 78 -3.93 -26.54 -14.11
N LEU C 79 -5.05 -27.25 -13.89
CA LEU C 79 -5.36 -27.94 -12.61
C LEU C 79 -4.77 -29.34 -12.62
N ALA C 80 -4.03 -29.68 -11.57
CA ALA C 80 -3.45 -31.02 -11.30
C ALA C 80 -4.28 -31.76 -10.23
N TYR C 81 -5.49 -31.26 -9.93
CA TYR C 81 -6.50 -31.91 -9.05
C TYR C 81 -7.87 -31.81 -9.73
N GLU D 23 -7.94 -42.64 -12.69
CA GLU D 23 -8.80 -42.85 -11.47
C GLU D 23 -10.16 -42.19 -11.72
N THR D 24 -10.34 -40.91 -11.33
CA THR D 24 -11.51 -40.06 -11.66
C THR D 24 -11.16 -39.12 -12.82
N GLU D 25 -9.90 -38.65 -12.88
CA GLU D 25 -9.41 -37.62 -13.83
C GLU D 25 -8.38 -38.25 -14.79
N GLU D 26 -8.00 -37.49 -15.83
CA GLU D 26 -6.96 -37.88 -16.83
C GLU D 26 -5.58 -37.80 -16.18
N LYS D 27 -4.72 -38.77 -16.50
CA LYS D 27 -3.30 -38.84 -16.06
C LYS D 27 -2.42 -38.77 -17.30
N TYR D 28 -1.11 -38.57 -17.10
CA TYR D 28 -0.11 -38.50 -18.20
C TYR D 28 1.07 -39.41 -17.86
N ALA D 29 1.30 -40.40 -18.71
CA ALA D 29 2.49 -41.29 -18.66
C ALA D 29 3.55 -40.69 -19.56
N MET D 30 4.78 -40.59 -19.06
CA MET D 30 5.97 -40.16 -19.85
C MET D 30 6.97 -41.32 -19.83
N THR D 31 7.28 -41.88 -20.99
CA THR D 31 8.29 -42.95 -21.15
C THR D 31 9.51 -42.36 -21.84
N TRP D 32 10.71 -42.76 -21.44
CA TRP D 32 11.97 -42.46 -22.16
C TRP D 32 13.02 -43.50 -21.82
N SER D 33 14.08 -43.55 -22.62
CA SER D 33 15.27 -44.42 -22.41
C SER D 33 16.48 -43.52 -22.15
N SER D 34 17.39 -43.99 -21.30
CA SER D 34 18.68 -43.32 -20.97
C SER D 34 19.79 -44.37 -20.94
N ASN D 35 20.98 -44.02 -21.43
CA ASN D 35 22.20 -44.85 -21.36
C ASN D 35 22.73 -44.85 -19.92
N ARG D 36 22.70 -43.69 -19.24
CA ARG D 36 23.24 -43.47 -17.86
C ARG D 36 22.09 -43.29 -16.85
N GLU D 37 22.43 -43.35 -15.56
CA GLU D 37 21.49 -43.12 -14.42
C GLU D 37 21.60 -41.65 -13.99
N HIS D 38 21.17 -40.73 -14.85
CA HIS D 38 21.24 -39.26 -14.64
C HIS D 38 20.37 -38.87 -13.44
N VAL D 39 20.88 -37.99 -12.57
CA VAL D 39 20.06 -37.27 -11.56
C VAL D 39 19.35 -36.13 -12.29
N PHE D 40 18.02 -36.08 -12.21
CA PHE D 40 17.18 -35.03 -12.83
C PHE D 40 16.21 -34.47 -11.78
N GLU D 41 15.57 -33.35 -12.11
CA GLU D 41 14.60 -32.65 -11.25
C GLU D 41 13.21 -33.07 -11.68
N MET D 42 12.40 -33.58 -10.74
CA MET D 42 10.96 -33.85 -10.98
C MET D 42 10.25 -32.53 -11.22
N PRO D 43 9.28 -32.47 -12.17
CA PRO D 43 8.46 -31.26 -12.32
C PRO D 43 7.57 -31.00 -11.10
N THR D 44 7.41 -32.00 -10.23
CA THR D 44 6.69 -31.93 -8.93
C THR D 44 7.63 -31.57 -7.77
N GLY D 45 8.92 -31.35 -8.07
CA GLY D 45 9.93 -30.87 -7.09
C GLY D 45 10.78 -32.00 -6.58
N GLY D 46 12.09 -31.76 -6.45
CA GLY D 46 13.04 -32.69 -5.83
C GLY D 46 13.82 -33.51 -6.85
N ALA D 47 14.97 -34.03 -6.42
CA ALA D 47 15.90 -34.83 -7.25
C ALA D 47 15.34 -36.24 -7.41
N ALA D 48 15.49 -36.80 -8.62
CA ALA D 48 15.19 -38.20 -8.97
C ALA D 48 16.39 -38.74 -9.76
N THR D 49 16.55 -40.06 -9.80
CA THR D 49 17.56 -40.77 -10.64
C THR D 49 16.80 -41.61 -11.66
N MET D 50 16.95 -41.29 -12.95
CA MET D 50 16.36 -42.10 -14.06
C MET D 50 17.17 -43.39 -14.19
N ASN D 51 16.54 -44.48 -14.62
CA ASN D 51 17.15 -45.81 -14.82
C ASN D 51 18.01 -45.78 -16.08
N ALA D 52 19.16 -46.47 -16.08
CA ALA D 52 20.01 -46.71 -17.26
C ALA D 52 19.29 -47.75 -18.14
N GLY D 53 18.30 -47.29 -18.90
CA GLY D 53 17.33 -48.11 -19.64
C GLY D 53 15.98 -47.41 -19.73
N ASP D 54 14.89 -48.17 -19.69
CA ASP D 54 13.50 -47.68 -19.83
C ASP D 54 13.06 -46.95 -18.54
N ASN D 55 12.37 -45.83 -18.71
CA ASN D 55 11.83 -44.96 -17.64
C ASN D 55 10.36 -44.70 -17.91
N LEU D 56 9.54 -44.69 -16.86
CA LEU D 56 8.07 -44.43 -16.92
C LEU D 56 7.68 -43.60 -15.70
N LEU D 57 7.21 -42.37 -15.92
CA LEU D 57 6.65 -41.47 -14.87
C LEU D 57 5.17 -41.22 -15.19
N TYR D 58 4.33 -41.21 -14.16
CA TYR D 58 2.92 -40.76 -14.21
C TYR D 58 2.88 -39.32 -13.66
N LEU D 59 2.28 -38.41 -14.42
CA LEU D 59 2.15 -36.98 -14.07
C LEU D 59 0.70 -36.54 -14.24
N ALA D 60 0.27 -35.58 -13.43
CA ALA D 60 -1.12 -35.07 -13.37
C ALA D 60 -1.43 -34.21 -14.60
N ARG D 61 -0.44 -33.52 -15.17
CA ARG D 61 -0.64 -32.49 -16.21
C ARG D 61 0.27 -32.73 -17.41
N LYS D 62 -0.25 -32.48 -18.61
CA LYS D 62 0.55 -32.52 -19.87
C LYS D 62 1.74 -31.58 -19.75
N GLU D 63 1.55 -30.41 -19.12
CA GLU D 63 2.61 -29.38 -18.97
C GLU D 63 3.77 -29.92 -18.12
N GLN D 64 3.49 -30.74 -17.11
CA GLN D 64 4.54 -31.37 -16.26
C GLN D 64 5.38 -32.30 -17.14
N ALA D 65 4.74 -33.14 -17.94
CA ALA D 65 5.40 -34.10 -18.86
C ALA D 65 6.28 -33.32 -19.84
N LEU D 66 5.74 -32.29 -20.49
CA LEU D 66 6.50 -31.47 -21.46
C LEU D 66 7.63 -30.69 -20.77
N ALA D 67 7.41 -30.19 -19.55
CA ALA D 67 8.44 -29.48 -18.76
C ALA D 67 9.61 -30.43 -18.48
N LEU D 68 9.29 -31.68 -18.11
CA LEU D 68 10.30 -32.74 -17.92
C LEU D 68 10.96 -33.06 -19.28
N ALA D 69 10.18 -33.18 -20.35
CA ALA D 69 10.69 -33.49 -21.71
C ALA D 69 11.70 -32.44 -22.14
N THR D 70 11.38 -31.14 -21.97
CA THR D 70 12.31 -30.01 -22.23
C THR D 70 13.61 -30.24 -21.47
N GLN D 71 13.51 -30.59 -20.17
CA GLN D 71 14.67 -30.86 -19.28
C GLN D 71 15.50 -32.01 -19.85
N LEU D 72 14.85 -33.15 -20.16
CA LEU D 72 15.51 -34.37 -20.71
C LEU D 72 16.27 -34.02 -22.00
N ARG D 73 15.60 -33.30 -22.91
CA ARG D 73 16.14 -32.91 -24.24
C ARG D 73 17.34 -31.96 -24.08
N THR D 74 17.20 -30.89 -23.29
CA THR D 74 18.18 -29.78 -23.17
C THR D 74 19.40 -30.24 -22.35
N GLN D 75 19.17 -30.90 -21.20
CA GLN D 75 20.24 -31.22 -20.22
C GLN D 75 20.93 -32.54 -20.58
N PHE D 76 20.16 -33.59 -20.89
CA PHE D 76 20.63 -34.98 -21.02
C PHE D 76 20.58 -35.48 -22.47
N LYS D 77 20.17 -34.62 -23.42
CA LYS D 77 20.11 -34.92 -24.88
C LYS D 77 19.36 -36.24 -25.12
N ILE D 78 18.28 -36.46 -24.35
CA ILE D 78 17.33 -37.59 -24.52
C ILE D 78 16.25 -37.11 -25.50
N GLN D 79 16.12 -37.77 -26.65
CA GLN D 79 15.21 -37.38 -27.76
C GLN D 79 14.05 -38.37 -27.89
N ASP D 80 14.14 -39.56 -27.28
CA ASP D 80 13.20 -40.70 -27.52
C ASP D 80 12.05 -40.69 -26.50
N TYR D 81 11.80 -39.57 -25.81
CA TYR D 81 10.69 -39.46 -24.84
C TYR D 81 9.36 -39.54 -25.60
N LYS D 82 8.37 -40.17 -24.96
CA LYS D 82 6.98 -40.30 -25.47
C LYS D 82 6.02 -39.99 -24.31
N ILE D 83 5.07 -39.08 -24.54
CA ILE D 83 4.07 -38.67 -23.52
C ILE D 83 2.71 -39.21 -23.99
N TYR D 84 1.99 -39.84 -23.06
CA TYR D 84 0.64 -40.43 -23.29
C TYR D 84 -0.35 -39.79 -22.32
N ARG D 85 -1.60 -39.66 -22.77
CA ARG D 85 -2.77 -39.36 -21.91
C ARG D 85 -3.45 -40.68 -21.55
N ILE D 86 -3.55 -41.00 -20.26
CA ILE D 86 -4.33 -42.15 -19.72
C ILE D 86 -5.69 -41.60 -19.26
N PHE D 87 -6.78 -42.08 -19.86
CA PHE D 87 -8.17 -41.74 -19.45
C PHE D 87 -8.60 -42.69 -18.32
N PRO D 88 -9.51 -42.26 -17.41
CA PRO D 88 -9.98 -43.13 -16.33
C PRO D 88 -10.74 -44.37 -16.83
N SER D 89 -11.31 -44.30 -18.05
CA SER D 89 -11.91 -45.45 -18.79
C SER D 89 -10.87 -46.55 -19.02
N GLY D 90 -9.60 -46.17 -19.25
CA GLY D 90 -8.48 -47.08 -19.56
C GLY D 90 -7.83 -46.78 -20.89
N GLU D 91 -8.44 -45.91 -21.71
CA GLU D 91 -7.90 -45.48 -23.04
C GLU D 91 -6.54 -44.83 -22.85
N VAL D 92 -5.57 -45.18 -23.69
CA VAL D 92 -4.21 -44.56 -23.75
C VAL D 92 -4.09 -43.84 -25.09
N GLN D 93 -3.96 -42.52 -25.05
CA GLN D 93 -3.80 -41.63 -26.23
C GLN D 93 -2.35 -41.12 -26.27
N TYR D 94 -1.60 -41.49 -27.29
CA TYR D 94 -0.24 -40.95 -27.59
C TYR D 94 -0.38 -39.47 -27.97
N LEU D 95 0.37 -38.59 -27.29
CA LEU D 95 0.23 -37.11 -27.42
C LEU D 95 1.44 -36.51 -28.13
N HIS D 96 2.65 -36.87 -27.71
CA HIS D 96 3.88 -36.11 -28.02
C HIS D 96 5.09 -37.03 -28.13
N PRO D 97 6.01 -36.85 -29.11
CA PRO D 97 5.79 -35.97 -30.26
C PRO D 97 4.76 -36.57 -31.24
N LYS D 98 3.69 -35.82 -31.55
CA LYS D 98 2.46 -36.32 -32.20
C LYS D 98 2.79 -37.11 -33.48
N ASP D 99 3.62 -36.53 -34.35
CA ASP D 99 3.94 -37.06 -35.71
C ASP D 99 5.27 -37.83 -35.68
N GLY D 100 5.93 -37.93 -34.51
CA GLY D 100 7.28 -38.52 -34.35
C GLY D 100 8.38 -37.46 -34.42
N VAL D 101 8.13 -36.37 -35.15
CA VAL D 101 9.05 -35.21 -35.32
C VAL D 101 8.59 -34.10 -34.36
N LEU D 102 9.52 -33.35 -33.78
CA LEU D 102 9.20 -32.24 -32.85
C LEU D 102 8.42 -31.17 -33.59
N PRO D 103 7.45 -30.50 -32.92
CA PRO D 103 6.50 -29.63 -33.62
C PRO D 103 7.16 -28.40 -34.27
N TYR D 104 8.29 -27.93 -33.74
CA TYR D 104 9.01 -26.73 -34.23
C TYR D 104 9.86 -27.05 -35.48
N LEU D 105 10.00 -28.33 -35.83
CA LEU D 105 10.59 -28.77 -37.13
C LEU D 105 9.44 -29.01 -38.11
N VAL D 106 9.38 -28.23 -39.19
CA VAL D 106 8.33 -28.38 -40.25
C VAL D 106 8.42 -29.80 -40.80
N ASN D 107 7.26 -30.44 -40.96
CA ASN D 107 7.13 -31.87 -41.34
C ASN D 107 5.95 -32.01 -42.30
N GLU D 108 6.12 -32.80 -43.38
CA GLU D 108 5.08 -33.09 -44.38
C GLU D 108 4.01 -33.97 -43.71
N GLY D 109 2.74 -33.80 -44.09
CA GLY D 109 1.60 -34.55 -43.55
C GLY D 109 0.85 -33.77 -42.48
N ARG D 110 1.38 -32.63 -42.02
CA ARG D 110 0.72 -31.71 -41.07
C ARG D 110 -0.17 -30.74 -41.86
N GLU D 111 -1.47 -30.73 -41.57
CA GLU D 111 -2.46 -29.79 -42.15
C GLU D 111 -2.60 -28.59 -41.21
N GLN D 112 -2.43 -27.38 -41.75
CA GLN D 112 -2.59 -26.08 -41.06
C GLN D 112 -3.92 -26.06 -40.29
N VAL D 113 -3.89 -25.64 -39.02
CA VAL D 113 -5.10 -25.35 -38.19
C VAL D 113 -4.99 -23.94 -37.62
N GLY D 114 -6.05 -23.15 -37.77
CA GLY D 114 -6.20 -21.83 -37.13
C GLY D 114 -5.78 -20.68 -38.03
N ARG D 115 -5.50 -20.92 -39.31
CA ARG D 115 -5.09 -19.84 -40.25
C ARG D 115 -6.28 -18.88 -40.43
N ILE D 116 -6.00 -17.58 -40.36
CA ILE D 116 -6.91 -16.48 -40.80
C ILE D 116 -6.19 -15.74 -41.93
N LYS D 117 -6.89 -15.41 -43.02
CA LYS D 117 -6.32 -14.68 -44.17
C LYS D 117 -6.06 -13.23 -43.76
N ALA D 118 -5.05 -12.61 -44.37
CA ALA D 118 -4.61 -11.22 -44.11
C ALA D 118 -4.14 -11.09 -42.65
N THR D 119 -4.13 -9.87 -42.12
CA THR D 119 -3.58 -9.53 -40.78
C THR D 119 -4.74 -9.26 -39.81
N ILE D 120 -4.40 -9.07 -38.54
CA ILE D 120 -5.36 -8.74 -37.45
C ILE D 120 -6.11 -7.45 -37.80
N GLY D 121 -5.46 -6.52 -38.51
CA GLY D 121 -6.04 -5.23 -38.95
C GLY D 121 -7.30 -5.39 -39.77
N LYS D 122 -7.51 -6.54 -40.43
CA LYS D 122 -8.68 -6.81 -41.30
C LYS D 122 -9.84 -7.43 -40.50
N ASN D 123 -9.66 -7.71 -39.21
CA ASN D 123 -10.74 -8.23 -38.34
C ASN D 123 -11.87 -7.18 -38.28
N VAL D 124 -13.12 -7.64 -38.28
CA VAL D 124 -14.32 -6.76 -38.34
C VAL D 124 -14.60 -6.20 -36.94
N ASN D 125 -15.57 -5.29 -36.85
CA ASN D 125 -16.03 -4.70 -35.56
C ASN D 125 -16.98 -5.68 -34.87
N PRO D 126 -16.94 -5.78 -33.52
CA PRO D 126 -17.95 -6.52 -32.77
C PRO D 126 -19.40 -6.15 -33.11
N ALA D 127 -19.65 -4.87 -33.44
CA ALA D 127 -20.98 -4.37 -33.88
C ALA D 127 -21.48 -5.18 -35.07
N GLN D 128 -20.60 -5.48 -36.03
CA GLN D 128 -20.96 -6.17 -37.30
C GLN D 128 -21.32 -7.64 -37.04
N VAL D 129 -20.90 -8.20 -35.90
CA VAL D 129 -20.97 -9.66 -35.59
C VAL D 129 -21.91 -9.90 -34.39
N LYS D 130 -22.62 -8.86 -33.92
CA LYS D 130 -23.48 -8.92 -32.71
C LYS D 130 -24.71 -9.79 -32.98
N PHE D 131 -25.07 -10.65 -32.03
CA PHE D 131 -26.19 -11.64 -32.09
C PHE D 131 -25.94 -12.66 -33.21
N THR D 132 -24.67 -13.03 -33.44
CA THR D 132 -24.27 -14.09 -34.41
C THR D 132 -23.20 -15.00 -33.76
N SER D 133 -23.04 -16.20 -34.32
CA SER D 133 -22.02 -17.21 -33.92
C SER D 133 -20.61 -16.70 -34.26
N LYS D 134 -20.48 -15.90 -35.33
CA LYS D 134 -19.19 -15.42 -35.89
C LYS D 134 -18.42 -14.60 -34.85
N ALA D 135 -17.08 -14.71 -34.89
CA ALA D 135 -16.11 -13.84 -34.19
C ALA D 135 -15.60 -12.79 -35.17
N THR D 136 -14.85 -11.80 -34.69
CA THR D 136 -14.32 -10.66 -35.50
C THR D 136 -13.30 -11.18 -36.53
N TYR D 137 -12.63 -12.30 -36.23
CA TYR D 137 -11.56 -12.90 -37.09
C TYR D 137 -12.14 -13.91 -38.09
N ASP D 138 -13.41 -14.28 -37.97
CA ASP D 138 -14.12 -15.17 -38.94
C ASP D 138 -14.37 -14.37 -40.24
N ARG D 139 -13.60 -14.66 -41.29
CA ARG D 139 -13.61 -13.95 -42.58
C ARG D 139 -14.82 -14.40 -43.41
N MET E 1 7.97 1.24 -57.10
CA MET E 1 9.26 0.52 -57.34
C MET E 1 10.19 0.71 -56.13
N LEU E 2 10.14 -0.23 -55.18
CA LEU E 2 10.95 -0.22 -53.93
C LEU E 2 12.21 -1.07 -54.13
N LYS E 3 13.31 -0.64 -53.54
CA LYS E 3 14.60 -1.39 -53.47
C LYS E 3 15.25 -1.09 -52.12
N LYS E 4 16.33 -1.82 -51.78
CA LYS E 4 17.12 -1.63 -50.54
C LYS E 4 17.54 -0.16 -50.44
N GLY E 5 16.98 0.58 -49.47
CA GLY E 5 17.34 1.98 -49.17
C GLY E 5 16.18 2.94 -49.38
N SER E 6 15.14 2.52 -50.11
CA SER E 6 13.92 3.34 -50.40
C SER E 6 13.25 3.74 -49.09
N LEU E 7 12.79 4.99 -49.00
CA LEU E 7 11.99 5.52 -47.87
C LEU E 7 10.51 5.29 -48.16
N VAL E 8 9.80 4.66 -47.23
CA VAL E 8 8.36 4.28 -47.37
C VAL E 8 7.60 4.78 -46.14
N LYS E 9 6.39 5.30 -46.35
CA LYS E 9 5.41 5.64 -45.28
C LYS E 9 4.52 4.43 -45.07
N ILE E 10 4.30 4.02 -43.82
CA ILE E 10 3.51 2.80 -43.45
C ILE E 10 2.02 3.16 -43.46
N LEU E 11 1.20 2.31 -44.09
CA LEU E 11 -0.28 2.46 -44.19
C LEU E 11 -1.01 1.34 -43.41
N ARG E 12 -0.30 0.41 -42.76
CA ARG E 12 -0.88 -0.69 -41.94
C ARG E 12 -1.31 -0.13 -40.59
N PRO E 13 -2.62 0.00 -40.28
CA PRO E 13 -3.07 0.72 -39.08
C PRO E 13 -2.59 0.10 -37.75
N GLU E 14 -2.60 -1.22 -37.64
CA GLU E 14 -2.23 -1.93 -36.39
C GLU E 14 -0.71 -1.90 -36.18
N SER E 15 0.06 -1.45 -37.19
CA SER E 15 1.53 -1.28 -37.09
C SER E 15 1.86 -0.27 -36.00
N TYR E 16 2.89 -0.56 -35.20
CA TYR E 16 3.51 0.41 -34.27
C TYR E 16 3.96 1.65 -35.06
N TRP E 17 4.38 1.47 -36.32
CA TRP E 17 4.99 2.53 -37.17
C TRP E 17 4.00 3.11 -38.18
N PHE E 18 2.70 2.93 -37.98
CA PHE E 18 1.66 3.55 -38.85
C PHE E 18 1.97 5.06 -38.98
N ASN E 19 2.05 5.57 -40.22
CA ASN E 19 2.33 6.98 -40.59
C ASN E 19 3.83 7.31 -40.50
N GLU E 20 4.64 6.47 -39.86
CA GLU E 20 6.10 6.70 -39.74
C GLU E 20 6.77 6.35 -41.07
N VAL E 21 7.97 6.88 -41.29
CA VAL E 21 8.85 6.54 -42.43
C VAL E 21 9.83 5.47 -41.96
N GLY E 22 9.89 4.34 -42.67
CA GLY E 22 10.93 3.32 -42.54
C GLY E 22 11.79 3.28 -43.80
N THR E 23 12.90 2.55 -43.72
CA THR E 23 13.83 2.28 -44.85
C THR E 23 13.64 0.83 -45.29
N VAL E 24 13.43 0.62 -46.59
CA VAL E 24 13.35 -0.74 -47.20
C VAL E 24 14.72 -1.40 -47.04
N VAL E 25 14.76 -2.57 -46.40
CA VAL E 25 15.99 -3.41 -46.20
C VAL E 25 16.15 -4.31 -47.43
N SER E 26 15.05 -4.95 -47.85
CA SER E 26 15.01 -5.94 -48.95
C SER E 26 13.58 -6.05 -49.50
N VAL E 27 13.47 -6.43 -50.78
CA VAL E 27 12.18 -6.76 -51.47
C VAL E 27 12.31 -8.20 -51.99
N GLU E 28 11.53 -9.12 -51.45
CA GLU E 28 11.58 -10.57 -51.77
C GLU E 28 11.04 -10.78 -53.19
N THR E 29 11.86 -11.36 -54.07
CA THR E 29 11.55 -11.65 -55.50
C THR E 29 10.49 -12.74 -55.60
N SER E 30 10.64 -13.82 -54.83
CA SER E 30 9.72 -14.99 -54.78
C SER E 30 8.33 -14.53 -54.34
N LYS E 31 7.28 -15.17 -54.88
CA LYS E 31 5.86 -14.80 -54.67
C LYS E 31 5.47 -15.08 -53.21
N VAL E 32 5.75 -14.12 -52.32
CA VAL E 32 5.41 -14.17 -50.87
C VAL E 32 4.40 -13.05 -50.57
N LEU E 33 3.61 -13.23 -49.51
CA LEU E 33 2.46 -12.35 -49.17
C LEU E 33 2.96 -10.98 -48.69
N TYR E 34 4.07 -10.94 -47.94
CA TYR E 34 4.65 -9.72 -47.32
C TYR E 34 6.13 -9.64 -47.67
N PRO E 35 6.48 -9.24 -48.91
CA PRO E 35 7.85 -9.33 -49.39
C PRO E 35 8.81 -8.18 -49.02
N VAL E 36 8.27 -7.01 -48.63
CA VAL E 36 9.09 -5.79 -48.35
C VAL E 36 9.42 -5.74 -46.86
N LEU E 37 10.67 -6.07 -46.50
CA LEU E 37 11.22 -5.87 -45.14
C LEU E 37 11.59 -4.39 -44.98
N VAL E 38 10.97 -3.72 -44.00
CA VAL E 38 11.18 -2.28 -43.71
C VAL E 38 11.77 -2.15 -42.30
N ARG E 39 12.80 -1.32 -42.13
CA ARG E 39 13.50 -1.04 -40.85
C ARG E 39 13.18 0.39 -40.41
N PHE E 40 13.04 0.60 -39.10
CA PHE E 40 12.72 1.90 -38.46
C PHE E 40 13.78 2.21 -37.40
N GLU E 41 13.88 3.48 -36.99
CA GLU E 41 14.76 3.94 -35.89
C GLU E 41 14.08 3.65 -34.54
N LYS E 42 12.80 3.98 -34.41
CA LYS E 42 11.98 3.70 -33.20
C LYS E 42 11.83 2.19 -33.03
N VAL E 43 11.99 1.66 -31.83
CA VAL E 43 11.63 0.25 -31.52
C VAL E 43 10.16 0.22 -31.13
N ASN E 44 9.48 -0.88 -31.42
CA ASN E 44 8.08 -1.11 -31.00
C ASN E 44 8.09 -1.55 -29.53
N TYR E 45 6.98 -2.02 -29.00
CA TYR E 45 6.84 -2.36 -27.56
C TYR E 45 7.59 -3.65 -27.22
N SER E 46 7.93 -4.47 -28.22
CA SER E 46 8.75 -5.71 -28.07
C SER E 46 10.23 -5.41 -28.29
N GLY E 47 10.60 -4.15 -28.55
CA GLY E 47 12.00 -3.72 -28.74
C GLY E 47 12.55 -4.11 -30.11
N LEU E 48 11.68 -4.41 -31.08
CA LEU E 48 12.07 -4.76 -32.47
C LEU E 48 11.87 -3.53 -33.36
N ASN E 49 12.61 -3.43 -34.46
CA ASN E 49 12.70 -2.21 -35.29
C ASN E 49 12.43 -2.50 -36.77
N SER E 50 11.99 -3.71 -37.11
CA SER E 50 11.68 -4.12 -38.51
C SER E 50 10.51 -5.09 -38.53
N THR E 51 9.81 -5.12 -39.66
CA THR E 51 8.77 -6.13 -39.99
C THR E 51 8.53 -6.08 -41.50
N SER E 52 7.83 -7.06 -42.03
CA SER E 52 7.57 -7.23 -43.48
C SER E 52 6.18 -6.71 -43.82
N PHE E 53 6.06 -6.03 -44.96
CA PHE E 53 4.81 -5.40 -45.46
C PHE E 53 4.54 -5.87 -46.89
N ALA E 54 3.27 -5.80 -47.29
CA ALA E 54 2.82 -5.87 -48.70
C ALA E 54 3.04 -4.49 -49.32
N LEU E 55 3.18 -4.42 -50.65
CA LEU E 55 3.43 -3.16 -51.41
C LEU E 55 2.29 -2.17 -51.15
N GLU E 56 1.04 -2.67 -51.10
CA GLU E 56 -0.19 -1.87 -50.87
C GLU E 56 -0.16 -1.15 -49.51
N GLU E 57 0.57 -1.69 -48.52
CA GLU E 57 0.69 -1.12 -47.15
C GLU E 57 1.77 -0.04 -47.09
N LEU E 58 2.54 0.18 -48.16
CA LEU E 58 3.65 1.16 -48.21
C LEU E 58 3.34 2.26 -49.24
N GLN E 59 3.78 3.49 -48.95
CA GLN E 59 3.79 4.64 -49.88
C GLN E 59 5.24 5.13 -50.00
N GLU E 60 5.82 5.04 -51.19
CA GLU E 60 7.21 5.49 -51.50
C GLU E 60 7.27 7.01 -51.31
N ILE E 61 7.98 7.48 -50.27
CA ILE E 61 7.99 8.89 -49.78
C ILE E 61 9.32 9.54 -50.17
N ALA F 21 -15.81 47.43 0.47
CA ALA F 21 -15.41 46.02 0.81
C ALA F 21 -15.04 45.91 2.29
N ASP F 22 -15.83 45.17 3.07
CA ASP F 22 -15.60 44.88 4.51
C ASP F 22 -14.82 43.58 4.68
N VAL F 23 -15.00 42.62 3.75
CA VAL F 23 -14.35 41.27 3.76
C VAL F 23 -12.83 41.45 3.63
N LEU F 24 -12.38 42.30 2.69
CA LEU F 24 -10.95 42.64 2.51
C LEU F 24 -10.71 44.12 2.88
N THR F 25 -9.67 44.36 3.68
CA THR F 25 -9.13 45.72 4.00
C THR F 25 -7.60 45.68 3.89
N THR F 26 -6.98 46.82 3.62
CA THR F 26 -5.51 47.01 3.64
C THR F 26 -4.97 46.49 4.99
N CYS F 27 -3.95 45.63 4.94
CA CYS F 27 -3.39 44.93 6.13
C CYS F 27 -2.88 45.94 7.16
N GLN F 28 -2.31 47.07 6.69
CA GLN F 28 -1.88 48.23 7.53
C GLN F 28 -3.01 48.65 8.47
N GLN F 29 -4.26 48.68 7.99
CA GLN F 29 -5.44 49.19 8.74
C GLN F 29 -6.22 48.05 9.39
N ASN F 30 -5.68 46.83 9.37
CA ASN F 30 -6.38 45.59 9.82
C ASN F 30 -5.90 45.24 11.23
N GLU F 31 -6.82 45.18 12.20
CA GLU F 31 -6.50 44.99 13.64
C GLU F 31 -6.04 43.54 13.87
N ALA F 32 -6.69 42.56 13.22
CA ALA F 32 -6.34 41.12 13.28
C ALA F 32 -4.90 40.92 12.81
N PHE F 33 -4.49 41.62 11.74
CA PHE F 33 -3.12 41.61 11.16
C PHE F 33 -2.11 42.12 12.20
N HIS F 34 -2.40 43.26 12.84
CA HIS F 34 -1.57 43.84 13.93
C HIS F 34 -1.48 42.87 15.10
N LYS F 35 -2.59 42.21 15.44
CA LYS F 35 -2.68 41.22 16.55
C LYS F 35 -1.74 40.04 16.25
N ARG F 36 -1.72 39.56 15.01
CA ARG F 36 -0.87 38.44 14.55
C ARG F 36 0.61 38.83 14.70
N GLU F 37 0.97 40.05 14.28
CA GLU F 37 2.33 40.61 14.44
C GLU F 37 2.74 40.56 15.92
N ALA F 38 1.89 41.06 16.81
CA ALA F 38 2.11 41.14 18.27
C ALA F 38 2.27 39.73 18.85
N ASN F 39 1.38 38.80 18.49
CA ASN F 39 1.40 37.39 18.95
C ASN F 39 2.73 36.72 18.58
N GLU F 40 3.19 36.90 17.34
CA GLU F 40 4.41 36.23 16.80
C GLU F 40 5.66 36.76 17.52
N ILE F 41 5.71 38.07 17.79
CA ILE F 41 6.81 38.70 18.57
C ILE F 41 6.76 38.17 20.01
N ARG F 42 5.58 38.12 20.63
CA ARG F 42 5.36 37.67 22.03
C ARG F 42 5.89 36.24 22.21
N GLN F 43 5.52 35.33 21.30
CA GLN F 43 5.96 33.91 21.29
C GLN F 43 7.50 33.84 21.23
N LEU F 44 8.11 34.61 20.32
CA LEU F 44 9.59 34.70 20.14
C LEU F 44 10.24 35.30 21.39
N GLN F 45 9.59 36.28 22.03
CA GLN F 45 10.11 36.97 23.24
C GLN F 45 9.97 36.05 24.46
N ASN F 46 8.88 35.28 24.54
CA ASN F 46 8.65 34.24 25.60
C ASN F 46 9.76 33.17 25.55
N ARG F 47 10.23 32.83 24.34
CA ARG F 47 11.41 31.94 24.12
C ARG F 47 12.69 32.68 24.50
N GLN F 48 12.81 33.95 24.08
CA GLN F 48 14.01 34.80 24.26
C GLN F 48 14.27 35.07 25.75
N SER F 49 13.22 35.08 26.57
CA SER F 49 13.26 35.35 28.04
C SER F 49 14.10 34.30 28.78
N LYS F 50 14.23 33.09 28.22
CA LYS F 50 15.01 31.96 28.79
C LYS F 50 16.50 32.05 28.40
N TYR F 51 16.94 33.12 27.73
CA TYR F 51 18.33 33.34 27.28
C TYR F 51 18.86 34.68 27.83
N ASP F 52 20.18 34.80 27.96
CA ASP F 52 20.89 35.86 28.71
C ASP F 52 21.56 36.85 27.75
N ALA F 53 20.75 37.68 27.07
CA ALA F 53 21.13 38.92 26.36
C ALA F 53 22.18 38.65 25.26
N ASN F 54 23.44 38.38 25.65
CA ASN F 54 24.60 38.28 24.72
C ASN F 54 24.68 36.89 24.08
N SER F 55 23.90 35.92 24.57
CA SER F 55 23.89 34.50 24.12
C SER F 55 23.43 34.38 22.66
N GLY F 56 23.87 33.32 21.97
CA GLY F 56 23.47 32.97 20.60
C GLY F 56 21.97 32.71 20.50
N GLY F 57 21.39 32.07 21.52
CA GLY F 57 19.94 31.81 21.65
C GLY F 57 19.14 33.10 21.60
N TYR F 58 19.61 34.14 22.30
CA TYR F 58 18.99 35.49 22.35
C TYR F 58 19.10 36.17 20.98
N LEU F 59 20.32 36.20 20.43
CA LEU F 59 20.65 36.92 19.15
C LEU F 59 19.89 36.29 17.97
N ALA F 60 19.82 34.95 17.93
CA ALA F 60 19.07 34.18 16.91
C ALA F 60 17.58 34.56 16.99
N LEU F 61 17.02 34.54 18.20
CA LEU F 61 15.60 34.88 18.47
C LEU F 61 15.35 36.37 18.19
N GLN F 62 16.34 37.24 18.41
CA GLN F 62 16.23 38.70 18.14
C GLN F 62 16.19 38.95 16.63
N ALA F 63 17.00 38.22 15.85
CA ALA F 63 17.05 38.28 14.38
C ALA F 63 15.65 38.00 13.82
N GLN F 64 15.02 36.92 14.29
CA GLN F 64 13.65 36.49 13.91
C GLN F 64 12.64 37.60 14.27
N ILE F 65 12.80 38.23 15.44
CA ILE F 65 11.91 39.34 15.91
C ILE F 65 12.03 40.52 14.93
N ASP F 66 13.25 40.85 14.50
CA ASP F 66 13.53 41.96 13.55
C ASP F 66 12.85 41.67 12.21
N GLN F 67 12.91 40.41 11.74
CA GLN F 67 12.34 40.00 10.42
C GLN F 67 10.82 39.94 10.50
N VAL F 68 10.24 39.63 11.67
CA VAL F 68 8.76 39.66 11.90
C VAL F 68 8.26 41.07 11.61
N HIS F 69 8.90 42.10 12.20
CA HIS F 69 8.57 43.53 11.98
C HIS F 69 8.66 43.87 10.48
N LYS F 70 9.79 43.54 9.85
CA LYS F 70 10.05 43.84 8.41
C LYS F 70 8.98 43.18 7.53
N ARG F 71 8.60 41.93 7.82
CA ARG F 71 7.62 41.14 7.04
C ARG F 71 6.24 41.80 7.11
N PHE F 72 5.74 42.04 8.32
CA PHE F 72 4.39 42.62 8.57
C PHE F 72 4.31 44.03 7.98
N ASP F 73 5.38 44.81 8.07
CA ASP F 73 5.51 46.13 7.41
C ASP F 73 5.41 45.96 5.88
N LYS F 74 6.10 44.98 5.32
CA LYS F 74 6.13 44.70 3.86
C LYS F 74 4.72 44.30 3.38
N TYR F 75 4.02 43.43 4.11
CA TYR F 75 2.69 42.90 3.72
C TYR F 75 1.57 43.89 4.08
N GLY F 76 1.89 45.00 4.77
CA GLY F 76 0.93 46.05 5.13
C GLY F 76 0.13 46.54 3.94
N GLU F 77 0.77 46.68 2.78
CA GLU F 77 0.18 47.24 1.54
C GLU F 77 -0.80 46.24 0.88
N LEU F 78 -0.72 44.95 1.21
CA LEU F 78 -1.65 43.90 0.69
C LEU F 78 -3.04 44.07 1.32
N LEU F 79 -4.05 43.48 0.68
CA LEU F 79 -5.42 43.33 1.26
C LEU F 79 -5.40 42.15 2.23
N CYS F 80 -6.10 42.28 3.35
CA CYS F 80 -6.18 41.30 4.46
C CYS F 80 -7.65 40.88 4.65
N GLY F 81 -7.88 39.58 4.88
CA GLY F 81 -9.18 39.07 5.33
C GLY F 81 -9.44 39.39 6.79
N GLN F 82 -10.59 38.98 7.30
CA GLN F 82 -10.98 39.15 8.73
C GLN F 82 -10.07 38.29 9.62
N ASP F 83 -9.48 37.22 9.05
CA ASP F 83 -8.45 36.36 9.68
C ASP F 83 -7.17 37.15 10.00
N GLY F 84 -6.97 38.31 9.37
CA GLY F 84 -5.75 39.13 9.55
C GLY F 84 -4.57 38.55 8.77
N LEU F 85 -4.85 37.84 7.68
CA LEU F 85 -3.81 37.25 6.79
C LEU F 85 -3.91 37.90 5.41
N PRO F 86 -2.78 38.15 4.72
CA PRO F 86 -2.82 38.70 3.36
C PRO F 86 -3.56 37.77 2.39
N HIS F 87 -4.53 38.31 1.65
CA HIS F 87 -5.30 37.61 0.59
C HIS F 87 -4.90 38.22 -0.76
N LEU F 88 -4.51 37.38 -1.73
CA LEU F 88 -4.02 37.80 -3.07
C LEU F 88 -5.22 37.91 -4.03
N ILE F 89 -5.27 39.01 -4.78
CA ILE F 89 -6.24 39.25 -5.89
C ILE F 89 -5.54 38.87 -7.20
N THR F 90 -6.17 38.00 -8.00
CA THR F 90 -5.61 37.43 -9.25
C THR F 90 -6.64 37.56 -10.39
N ASP F 91 -7.42 38.66 -10.43
CA ASP F 91 -8.54 38.84 -11.39
C ASP F 91 -8.10 39.66 -12.62
N GLY F 92 -6.88 40.22 -12.60
CA GLY F 92 -6.31 41.01 -13.71
C GLY F 92 -6.25 42.49 -13.39
N ASP F 93 -6.90 42.92 -12.30
CA ASP F 93 -6.86 44.31 -11.76
C ASP F 93 -5.38 44.72 -11.58
N TRP F 94 -4.98 45.84 -12.20
CA TRP F 94 -3.56 46.29 -12.30
C TRP F 94 -3.04 46.77 -10.94
N ARG F 95 -3.94 47.17 -10.04
CA ARG F 95 -3.62 47.60 -8.65
C ARG F 95 -2.97 46.43 -7.88
N HIS F 96 -3.20 45.19 -8.31
CA HIS F 96 -2.67 43.94 -7.68
C HIS F 96 -1.69 43.23 -8.62
N ALA F 97 -1.19 43.90 -9.66
CA ALA F 97 -0.30 43.33 -10.71
C ALA F 97 0.89 42.60 -10.05
N ARG F 98 1.47 43.18 -9.00
CA ARG F 98 2.65 42.66 -8.26
C ARG F 98 2.33 41.31 -7.58
N GLU F 99 1.06 41.03 -7.29
CA GLU F 99 0.65 39.82 -6.52
C GLU F 99 0.67 38.61 -7.45
N PHE F 100 0.16 38.73 -8.68
CA PHE F 100 -0.01 37.60 -9.62
C PHE F 100 0.56 37.93 -11.01
N THR F 101 0.11 39.01 -11.64
CA THR F 101 0.35 39.31 -13.08
C THR F 101 1.85 39.32 -13.38
N ILE F 102 2.65 40.05 -12.59
CA ILE F 102 4.12 40.21 -12.84
C ILE F 102 4.82 38.88 -12.54
N PRO F 103 4.60 38.24 -11.37
CA PRO F 103 5.10 36.89 -11.15
C PRO F 103 4.67 35.88 -12.22
N ALA F 104 3.43 35.98 -12.71
CA ALA F 104 2.87 35.11 -13.78
C ALA F 104 3.70 35.27 -15.06
N ILE F 105 3.90 36.51 -15.51
CA ILE F 105 4.68 36.83 -16.73
C ILE F 105 6.11 36.28 -16.57
N LEU F 106 6.73 36.53 -15.42
CA LEU F 106 8.12 36.06 -15.12
C LEU F 106 8.14 34.54 -15.18
N PHE F 107 7.15 33.88 -14.58
CA PHE F 107 7.08 32.40 -14.56
C PHE F 107 7.12 31.90 -16.01
N LEU F 108 6.22 32.43 -16.85
CA LEU F 108 6.02 31.98 -18.26
C LEU F 108 7.26 32.28 -19.08
N TYR F 109 7.91 33.42 -18.85
CA TYR F 109 9.20 33.76 -19.50
C TYR F 109 10.27 32.70 -19.15
N ILE F 110 10.41 32.35 -17.87
CA ILE F 110 11.46 31.37 -17.43
C ILE F 110 11.11 29.98 -17.98
N THR F 111 9.88 29.52 -17.82
CA THR F 111 9.53 28.11 -18.15
C THR F 111 9.44 27.97 -19.68
N GLY F 112 8.99 29.01 -20.36
CA GLY F 112 9.01 29.08 -21.83
C GLY F 112 10.42 28.95 -22.35
N TRP F 113 11.38 29.56 -21.66
CA TRP F 113 12.83 29.47 -21.93
C TRP F 113 13.27 28.01 -21.77
N ILE F 114 12.98 27.41 -20.62
CA ILE F 114 13.37 26.01 -20.29
C ILE F 114 12.84 25.07 -21.38
N GLY F 115 11.54 25.15 -21.67
CA GLY F 115 10.87 24.33 -22.69
C GLY F 115 11.47 24.55 -24.06
N TRP F 116 11.68 25.81 -24.46
CA TRP F 116 12.18 26.17 -25.81
C TRP F 116 13.59 25.61 -26.04
N VAL F 117 14.50 25.80 -25.08
CA VAL F 117 15.93 25.39 -25.23
C VAL F 117 15.98 23.86 -25.16
N GLY F 118 15.08 23.24 -24.39
CA GLY F 118 14.94 21.78 -24.33
C GLY F 118 14.55 21.21 -25.68
N ARG F 119 13.55 21.80 -26.33
CA ARG F 119 13.08 21.47 -27.69
C ARG F 119 14.23 21.68 -28.69
N SER F 120 14.92 22.83 -28.62
CA SER F 120 16.09 23.16 -29.47
C SER F 120 17.15 22.06 -29.37
N TYR F 121 17.57 21.69 -28.17
CA TYR F 121 18.58 20.64 -27.94
C TYR F 121 18.07 19.31 -28.49
N LEU F 122 16.80 18.98 -28.21
CA LEU F 122 16.22 17.68 -28.61
C LEU F 122 16.29 17.57 -30.14
N GLN F 123 15.96 18.66 -30.84
CA GLN F 123 16.01 18.74 -32.32
C GLN F 123 17.46 18.56 -32.80
N TYR F 124 18.44 19.13 -32.10
CA TYR F 124 19.88 18.94 -32.39
C TYR F 124 20.24 17.45 -32.34
N THR F 125 19.85 16.75 -31.27
CA THR F 125 20.23 15.34 -30.99
C THR F 125 19.72 14.41 -32.12
N LYS F 126 18.56 14.71 -32.71
CA LYS F 126 17.93 13.89 -33.77
C LYS F 126 18.69 14.03 -35.11
N GLN F 127 19.56 15.03 -35.25
CA GLN F 127 20.47 15.20 -36.43
C GLN F 127 21.79 14.43 -36.24
N THR F 128 22.11 13.99 -35.01
CA THR F 128 23.38 13.28 -34.68
C THR F 128 23.22 11.79 -35.05
N LYS F 129 24.33 11.04 -34.99
CA LYS F 129 24.40 9.62 -35.43
C LYS F 129 23.72 8.70 -34.41
N ASN F 130 23.86 8.99 -33.11
CA ASN F 130 23.24 8.22 -31.99
C ASN F 130 22.39 9.17 -31.16
N PRO F 131 21.14 9.49 -31.58
CA PRO F 131 20.32 10.48 -30.90
C PRO F 131 20.07 10.17 -29.42
N THR F 132 19.86 8.89 -29.09
CA THR F 132 19.54 8.41 -27.72
C THR F 132 20.73 8.62 -26.80
N GLU F 133 21.96 8.42 -27.29
CA GLU F 133 23.21 8.63 -26.50
C GLU F 133 23.33 10.09 -26.06
N GLN F 134 22.87 11.04 -26.88
CA GLN F 134 22.93 12.50 -26.61
C GLN F 134 21.81 12.94 -25.64
N GLU F 135 20.89 12.05 -25.27
CA GLU F 135 19.81 12.32 -24.29
C GLU F 135 20.28 11.92 -22.87
N ILE F 136 21.13 10.90 -22.74
CA ILE F 136 21.62 10.40 -21.42
C ILE F 136 23.07 10.86 -21.16
N ILE F 137 23.82 11.17 -22.22
CA ILE F 137 25.17 11.80 -22.12
C ILE F 137 25.11 13.09 -22.92
N LEU F 138 24.90 14.22 -22.25
CA LEU F 138 24.65 15.54 -22.89
C LEU F 138 25.90 15.97 -23.67
N ASP F 139 25.68 16.50 -24.87
CA ASP F 139 26.66 17.38 -25.58
C ASP F 139 26.60 18.74 -24.89
N LEU F 140 27.45 18.96 -23.88
CA LEU F 140 27.38 20.15 -22.99
C LEU F 140 27.59 21.44 -23.80
N PRO F 141 28.59 21.53 -24.70
CA PRO F 141 28.72 22.70 -25.57
C PRO F 141 27.44 23.06 -26.32
N MET F 142 26.76 22.06 -26.90
CA MET F 142 25.50 22.27 -27.66
C MET F 142 24.37 22.62 -26.70
N ALA F 143 24.30 21.97 -25.53
CA ALA F 143 23.31 22.29 -24.47
C ALA F 143 23.46 23.76 -24.07
N PHE F 144 24.69 24.21 -23.80
CA PHE F 144 25.00 25.61 -23.42
C PHE F 144 24.58 26.56 -24.55
N LYS F 145 24.84 26.20 -25.80
CA LYS F 145 24.51 27.04 -26.98
C LYS F 145 23.01 27.34 -26.99
N TYR F 146 22.19 26.31 -26.85
CA TYR F 146 20.70 26.42 -26.88
C TYR F 146 20.21 27.09 -25.60
N MET F 147 20.80 26.78 -24.45
CA MET F 147 20.38 27.35 -23.14
C MET F 147 20.57 28.87 -23.15
N LEU F 148 21.70 29.35 -23.68
CA LEU F 148 22.03 30.80 -23.68
C LEU F 148 21.22 31.54 -24.76
N SER F 149 20.58 30.79 -25.68
CA SER F 149 19.79 31.33 -26.81
C SER F 149 18.28 31.37 -26.49
N GLY F 150 17.89 31.11 -25.24
CA GLY F 150 16.48 31.04 -24.82
C GLY F 150 15.88 32.40 -24.53
N PHE F 151 16.68 33.47 -24.43
CA PHE F 151 16.26 34.77 -23.84
C PHE F 151 15.24 35.49 -24.75
N LEU F 152 15.18 35.19 -26.06
CA LEU F 152 14.11 35.72 -26.97
C LEU F 152 13.27 34.57 -27.50
N TRP F 153 12.94 33.58 -26.66
CA TRP F 153 12.19 32.37 -27.07
C TRP F 153 10.81 32.73 -27.64
N PRO F 154 10.08 33.77 -27.14
CA PRO F 154 8.77 34.10 -27.71
C PRO F 154 8.84 34.51 -29.19
N LEU F 155 9.86 35.29 -29.56
CA LEU F 155 10.15 35.68 -30.97
C LEU F 155 10.61 34.44 -31.75
N SER F 156 11.58 33.70 -31.22
CA SER F 156 12.10 32.42 -31.80
C SER F 156 10.92 31.49 -32.12
N ALA F 157 10.01 31.30 -31.16
CA ALA F 157 8.83 30.43 -31.26
C ALA F 157 7.86 30.98 -32.31
N TRP F 158 7.67 32.29 -32.32
CA TRP F 158 6.81 32.99 -33.32
C TRP F 158 7.37 32.75 -34.73
N GLN F 159 8.68 32.91 -34.90
CA GLN F 159 9.39 32.75 -36.20
C GLN F 159 9.25 31.30 -36.69
N GLU F 160 9.38 30.31 -35.79
CA GLU F 160 9.17 28.87 -36.12
C GLU F 160 7.70 28.61 -36.48
N TYR F 161 6.77 29.24 -35.78
CA TYR F 161 5.30 29.08 -36.02
C TYR F 161 4.94 29.64 -37.41
N ARG F 162 5.32 30.89 -37.68
CA ARG F 162 5.12 31.60 -38.97
C ARG F 162 5.70 30.79 -40.13
N SER F 163 6.88 30.19 -39.95
CA SER F 163 7.67 29.48 -40.99
C SER F 163 7.18 28.03 -41.17
N GLY F 164 6.23 27.57 -40.34
CA GLY F 164 5.71 26.19 -40.38
C GLY F 164 6.74 25.16 -39.90
N LYS F 165 7.61 25.54 -38.97
CA LYS F 165 8.66 24.67 -38.38
C LYS F 165 8.31 24.25 -36.95
N LEU F 166 7.28 24.85 -36.33
CA LEU F 166 6.93 24.58 -34.91
C LEU F 166 6.28 23.21 -34.80
N LEU F 167 5.28 22.93 -35.65
CA LEU F 167 4.37 21.77 -35.53
C LEU F 167 4.70 20.72 -36.60
N ALA F 168 4.60 19.44 -36.24
CA ALA F 168 4.60 18.29 -37.16
C ALA F 168 3.23 18.20 -37.85
N LYS F 169 3.20 17.70 -39.09
CA LYS F 169 1.94 17.51 -39.86
C LYS F 169 1.19 16.29 -39.30
N GLU F 170 -0.14 16.33 -39.33
CA GLU F 170 -1.04 15.22 -38.91
C GLU F 170 -0.67 13.93 -39.66
N ASP F 171 -0.30 14.04 -40.94
CA ASP F 171 0.09 12.92 -41.83
C ASP F 171 1.25 12.12 -41.23
N GLU F 172 2.19 12.81 -40.58
CA GLU F 172 3.55 12.28 -40.22
C GLU F 172 3.57 11.72 -38.79
N ILE F 173 2.50 11.88 -38.01
CA ILE F 173 2.46 11.47 -36.57
C ILE F 173 1.72 10.13 -36.46
N SER F 174 2.33 9.17 -35.78
CA SER F 174 1.76 7.81 -35.56
C SER F 174 0.58 7.89 -34.59
N VAL F 175 -0.51 7.21 -34.92
CA VAL F 175 -1.75 7.09 -34.08
C VAL F 175 -2.19 5.63 -34.11
N SER F 176 -2.94 5.21 -33.08
CA SER F 176 -3.53 3.86 -32.94
C SER F 176 -4.77 3.79 -33.83
N PRO F 177 -5.25 2.58 -34.20
CA PRO F 177 -6.49 2.48 -34.99
C PRO F 177 -7.69 3.00 -34.18
N ARG F 178 -8.59 3.72 -34.85
CA ARG F 178 -9.79 4.38 -34.25
C ARG F 178 -10.92 3.35 -34.13
N MET G 1 -44.72 -0.82 20.10
CA MET G 1 -45.63 -1.04 18.93
C MET G 1 -46.82 -1.92 19.35
N SER G 2 -47.80 -2.08 18.47
CA SER G 2 -49.09 -2.79 18.73
C SER G 2 -48.85 -4.31 18.78
N ALA G 3 -48.30 -4.86 17.70
CA ALA G 3 -47.96 -6.29 17.53
C ALA G 3 -46.48 -6.50 17.88
N SER G 4 -46.11 -6.21 19.12
CA SER G 4 -44.71 -6.20 19.65
C SER G 4 -44.08 -7.60 19.72
N TYR G 5 -44.90 -8.64 19.54
CA TYR G 5 -44.48 -10.07 19.40
C TYR G 5 -43.84 -10.29 18.02
N LEU G 6 -44.31 -9.62 16.97
CA LEU G 6 -43.94 -9.89 15.55
C LEU G 6 -42.42 -9.90 15.35
N PRO G 7 -41.64 -8.92 15.86
CA PRO G 7 -40.19 -8.95 15.65
C PRO G 7 -39.54 -10.22 16.20
N SER G 8 -40.10 -10.82 17.25
CA SER G 8 -39.60 -12.08 17.87
C SER G 8 -39.78 -13.27 16.93
N ILE G 9 -40.71 -13.20 15.97
CA ILE G 9 -41.01 -14.29 15.00
C ILE G 9 -40.29 -13.99 13.68
N LEU G 10 -40.40 -12.75 13.18
CA LEU G 10 -39.97 -12.36 11.80
C LEU G 10 -38.45 -12.15 11.73
N VAL G 11 -37.79 -11.66 12.77
CA VAL G 11 -36.32 -11.39 12.72
C VAL G 11 -35.58 -12.72 12.67
N PRO G 12 -35.91 -13.73 13.52
CA PRO G 12 -35.34 -15.07 13.35
C PRO G 12 -35.62 -15.66 11.96
N THR G 13 -36.85 -15.49 11.45
CA THR G 13 -37.30 -16.02 10.14
C THR G 13 -36.41 -15.44 9.04
N VAL G 14 -36.37 -14.11 8.94
CA VAL G 14 -35.59 -13.35 7.90
C VAL G 14 -34.09 -13.48 8.16
N GLY G 15 -33.68 -13.71 9.41
CA GLY G 15 -32.28 -13.66 9.85
C GLY G 15 -31.60 -15.01 9.92
N LEU G 16 -32.33 -16.07 10.27
CA LEU G 16 -31.79 -17.45 10.44
C LEU G 16 -32.46 -18.42 9.46
N ILE G 17 -33.77 -18.62 9.58
CA ILE G 17 -34.52 -19.73 8.91
C ILE G 17 -34.46 -19.53 7.38
N LEU G 18 -34.85 -18.35 6.90
CA LEU G 18 -34.98 -18.06 5.46
C LEU G 18 -33.60 -18.03 4.78
N PRO G 19 -32.56 -17.37 5.36
CA PRO G 19 -31.21 -17.45 4.80
C PRO G 19 -30.64 -18.88 4.69
N PHE G 20 -30.93 -19.75 5.67
CA PHE G 20 -30.51 -21.18 5.63
C PHE G 20 -31.26 -21.89 4.50
N ALA G 21 -32.57 -21.66 4.40
CA ALA G 21 -33.44 -22.23 3.33
C ALA G 21 -32.94 -21.78 1.97
N THR G 22 -32.66 -20.48 1.81
CA THR G 22 -32.16 -19.83 0.57
C THR G 22 -30.76 -20.40 0.21
N MET G 23 -29.85 -20.47 1.17
CA MET G 23 -28.49 -21.06 0.98
C MET G 23 -28.65 -22.53 0.53
N ALA G 24 -29.48 -23.30 1.24
CA ALA G 24 -29.80 -24.72 0.91
C ALA G 24 -30.35 -24.81 -0.51
N ILE G 25 -31.33 -23.96 -0.85
CA ILE G 25 -32.03 -23.96 -2.17
C ILE G 25 -31.01 -23.63 -3.27
N LEU G 26 -30.19 -22.58 -3.05
CA LEU G 26 -29.21 -22.10 -4.05
C LEU G 26 -28.11 -23.15 -4.22
N PHE G 27 -27.66 -23.76 -3.12
CA PHE G 27 -26.64 -24.84 -3.12
C PHE G 27 -27.09 -25.95 -4.08
N VAL G 28 -28.29 -26.49 -3.90
CA VAL G 28 -28.88 -27.57 -4.76
C VAL G 28 -29.01 -27.05 -6.20
N ALA G 29 -29.49 -25.81 -6.38
CA ALA G 29 -29.72 -25.19 -7.71
C ALA G 29 -28.41 -25.05 -8.51
N ILE G 30 -27.32 -24.61 -7.87
CA ILE G 30 -26.01 -24.38 -8.55
C ILE G 30 -25.16 -25.66 -8.56
N GLU G 31 -25.58 -26.74 -7.90
CA GLU G 31 -24.87 -28.05 -7.87
C GLU G 31 -25.70 -29.16 -8.52
N LYS G 32 -26.64 -28.80 -9.42
CA LYS G 32 -27.45 -29.75 -10.23
C LYS G 32 -27.93 -29.07 -11.51
N MET H 1 38.89 13.19 -20.48
CA MET H 1 37.89 13.16 -21.60
C MET H 1 36.77 12.16 -21.28
N ASN H 2 37.12 11.01 -20.70
CA ASN H 2 36.14 9.99 -20.24
C ASN H 2 35.47 10.48 -18.96
N LEU H 3 36.23 11.11 -18.07
CA LEU H 3 35.72 11.74 -16.82
C LEU H 3 34.72 12.84 -17.18
N LYS H 4 35.01 13.64 -18.21
CA LYS H 4 34.13 14.72 -18.71
C LYS H 4 32.86 14.12 -19.32
N LYS H 5 32.96 12.99 -20.02
CA LYS H 5 31.79 12.25 -20.55
C LYS H 5 30.92 11.78 -19.39
N TYR H 6 31.53 11.23 -18.34
CA TYR H 6 30.82 10.81 -17.11
C TYR H 6 30.09 12.02 -16.51
N LEU H 7 30.79 13.15 -16.37
CA LEU H 7 30.22 14.37 -15.74
C LEU H 7 29.12 14.96 -16.63
N SER H 8 29.02 14.53 -17.88
CA SER H 8 27.94 14.89 -18.84
C SER H 8 26.78 13.90 -18.80
N THR H 9 26.86 12.84 -17.99
CA THR H 9 25.77 11.83 -17.88
C THR H 9 24.59 12.47 -17.18
N ALA H 10 23.38 12.09 -17.61
CA ALA H 10 22.08 12.60 -17.14
C ALA H 10 22.10 12.86 -15.63
N PRO H 11 22.39 11.86 -14.75
CA PRO H 11 22.22 12.08 -13.32
C PRO H 11 23.20 13.11 -12.76
N VAL H 12 24.41 13.19 -13.29
CA VAL H 12 25.46 14.13 -12.81
C VAL H 12 25.04 15.54 -13.19
N VAL H 13 24.69 15.78 -14.46
CA VAL H 13 24.29 17.12 -14.96
C VAL H 13 22.98 17.55 -14.28
N ALA H 14 22.02 16.63 -14.08
CA ALA H 14 20.76 16.90 -13.36
C ALA H 14 21.08 17.31 -11.91
N THR H 15 21.92 16.54 -11.23
CA THR H 15 22.34 16.82 -9.83
C THR H 15 22.96 18.23 -9.75
N LEU H 16 23.91 18.51 -10.63
CA LEU H 16 24.70 19.77 -10.62
C LEU H 16 23.80 20.94 -11.00
N TRP H 17 22.93 20.77 -12.00
CA TRP H 17 22.03 21.85 -12.46
C TRP H 17 21.01 22.17 -11.38
N LEU H 18 20.43 21.15 -10.73
CA LEU H 18 19.40 21.32 -9.68
C LEU H 18 20.05 21.81 -8.38
N PHE H 19 21.29 21.42 -8.10
CA PHE H 19 22.12 22.00 -7.02
C PHE H 19 22.26 23.51 -7.25
N LEU H 20 22.72 23.89 -8.45
CA LEU H 20 22.89 25.31 -8.85
C LEU H 20 21.56 26.05 -8.73
N THR H 21 20.48 25.47 -9.25
CA THR H 21 19.12 26.04 -9.21
C THR H 21 18.69 26.25 -7.76
N ALA H 22 18.84 25.21 -6.92
CA ALA H 22 18.46 25.23 -5.49
C ALA H 22 19.27 26.30 -4.77
N GLY H 23 20.57 26.37 -5.06
CA GLY H 23 21.48 27.39 -4.51
C GLY H 23 20.98 28.80 -4.81
N ILE H 24 20.64 29.09 -6.07
CA ILE H 24 20.12 30.42 -6.50
C ILE H 24 18.83 30.73 -5.71
N LEU H 25 17.86 29.82 -5.69
CA LEU H 25 16.57 30.02 -4.99
C LEU H 25 16.81 30.19 -3.48
N ILE H 26 17.67 29.37 -2.90
CA ILE H 26 17.99 29.44 -1.45
C ILE H 26 18.61 30.81 -1.18
N GLU H 27 19.60 31.21 -1.99
CA GLU H 27 20.36 32.47 -1.78
C GLU H 27 19.43 33.67 -2.01
N LEU H 28 18.51 33.61 -2.99
CA LEU H 28 17.51 34.69 -3.19
C LEU H 28 16.63 34.84 -1.95
N ASN H 29 16.23 33.73 -1.32
CA ASN H 29 15.38 33.76 -0.10
C ASN H 29 16.20 34.17 1.13
N ARG H 30 17.51 33.95 1.13
CA ARG H 30 18.41 34.42 2.22
C ARG H 30 18.47 35.96 2.19
N PHE H 31 18.64 36.56 1.00
CA PHE H 31 18.86 38.02 0.82
C PHE H 31 17.53 38.76 0.62
N TYR H 32 16.51 38.11 0.06
CA TYR H 32 15.17 38.69 -0.18
C TYR H 32 14.12 37.79 0.47
N PRO H 33 14.15 37.62 1.82
CA PRO H 33 13.23 36.71 2.49
C PRO H 33 11.79 37.21 2.43
N ASP H 34 10.84 36.27 2.47
CA ASP H 34 9.39 36.56 2.74
C ASP H 34 8.80 37.36 1.58
N SER H 35 9.24 37.11 0.34
CA SER H 35 8.70 37.74 -0.88
C SER H 35 7.39 37.04 -1.26
N LEU H 36 6.25 37.60 -0.83
CA LEU H 36 4.88 37.08 -1.13
C LEU H 36 4.33 37.73 -2.41
N PHE H 37 4.93 38.84 -2.87
CA PHE H 37 4.57 39.54 -4.13
C PHE H 37 5.84 40.17 -4.75
N TYR H 38 5.72 40.63 -6.00
CA TYR H 38 6.80 41.35 -6.74
C TYR H 38 6.84 42.80 -6.25
N SER I 6 50.78 -23.67 45.80
CA SER I 6 51.47 -24.99 45.63
C SER I 6 50.61 -25.95 44.80
N SER I 7 49.29 -25.98 45.05
CA SER I 7 48.31 -26.88 44.38
C SER I 7 48.06 -26.45 42.93
N ILE I 8 48.33 -25.19 42.58
CA ILE I 8 48.04 -24.60 41.24
C ILE I 8 48.99 -25.20 40.20
N PRO I 9 50.34 -25.11 40.35
CA PRO I 9 51.27 -25.82 39.47
C PRO I 9 51.04 -27.33 39.30
N VAL I 10 50.68 -28.03 40.39
CA VAL I 10 50.47 -29.51 40.39
C VAL I 10 49.28 -29.83 39.48
N ILE I 11 48.12 -29.20 39.72
CA ILE I 11 46.87 -29.40 38.94
C ILE I 11 47.16 -29.06 37.47
N MET I 12 47.88 -27.96 37.21
CA MET I 12 48.15 -27.45 35.85
C MET I 12 49.02 -28.44 35.07
N VAL I 13 50.07 -28.98 35.70
CA VAL I 13 50.97 -30.00 35.10
C VAL I 13 50.16 -31.26 34.77
N ILE I 14 49.34 -31.75 35.72
CA ILE I 14 48.47 -32.95 35.55
C ILE I 14 47.51 -32.71 34.37
N SER I 15 46.80 -31.58 34.38
CA SER I 15 45.81 -31.18 33.34
C SER I 15 46.49 -31.11 31.96
N ASN I 16 47.73 -30.59 31.91
CA ASN I 16 48.55 -30.53 30.68
C ASN I 16 49.00 -31.95 30.28
N LEU I 17 49.42 -32.77 31.25
CA LEU I 17 49.88 -34.16 31.02
C LEU I 17 48.71 -35.06 30.60
N LEU I 18 47.52 -34.84 31.16
CA LEU I 18 46.29 -35.60 30.80
C LEU I 18 45.85 -35.20 29.39
N ALA I 19 45.82 -33.90 29.09
CA ALA I 19 45.47 -33.34 27.76
C ALA I 19 46.44 -33.88 26.70
N LEU I 20 47.73 -34.00 27.06
CA LEU I 20 48.80 -34.61 26.22
C LEU I 20 48.48 -36.09 25.96
N ALA I 21 48.05 -36.83 26.99
CA ALA I 21 47.69 -38.26 26.93
C ALA I 21 46.38 -38.44 26.14
N ILE I 22 45.36 -37.63 26.46
CA ILE I 22 44.08 -37.52 25.70
C ILE I 22 44.40 -37.27 24.23
N GLY I 23 45.31 -36.31 23.96
CA GLY I 23 45.72 -35.86 22.62
C GLY I 23 46.21 -36.99 21.73
N ARG I 24 46.98 -37.93 22.29
CA ARG I 24 47.57 -39.09 21.56
C ARG I 24 46.45 -39.93 20.93
N TYR I 25 45.29 -40.02 21.58
CA TYR I 25 44.09 -40.79 21.12
C TYR I 25 43.09 -39.86 20.41
N ALA I 26 42.92 -38.63 20.92
CA ALA I 26 41.88 -37.67 20.48
C ALA I 26 42.19 -37.12 19.08
N ILE I 27 43.42 -36.62 18.86
CA ILE I 27 43.84 -35.94 17.60
C ILE I 27 43.85 -36.97 16.46
N GLN I 28 43.25 -36.60 15.31
CA GLN I 28 43.24 -37.41 14.07
C GLN I 28 44.65 -37.40 13.46
N ASN I 29 45.28 -38.58 13.37
CA ASN I 29 46.64 -38.80 12.81
C ASN I 29 47.67 -38.07 13.67
N PRO I 30 48.03 -38.62 14.87
CA PRO I 30 49.16 -38.09 15.64
C PRO I 30 50.51 -38.29 14.91
N SER I 31 51.54 -37.55 15.34
CA SER I 31 52.88 -37.51 14.72
C SER I 31 53.64 -38.82 14.98
N ASN I 32 54.07 -39.03 16.23
CA ASN I 32 54.98 -40.14 16.67
C ASN I 32 56.36 -39.93 16.03
N GLU I 33 56.79 -38.68 15.90
CA GLU I 33 58.17 -38.27 15.47
C GLU I 33 58.68 -37.18 16.43
N THR I 34 58.57 -37.44 17.75
CA THR I 34 59.04 -36.57 18.85
C THR I 34 59.59 -37.46 19.96
N PRO I 35 60.82 -37.20 20.48
CA PRO I 35 61.52 -38.14 21.37
C PRO I 35 60.69 -38.92 22.39
N ILE I 36 59.90 -38.23 23.22
CA ILE I 36 59.19 -38.83 24.41
C ILE I 36 57.67 -38.64 24.28
N ILE I 37 57.19 -37.44 23.92
CA ILE I 37 55.74 -37.09 23.93
C ILE I 37 55.05 -37.69 22.69
N GLY I 38 55.75 -37.80 21.56
CA GLY I 38 55.27 -38.41 20.31
C GLY I 38 54.15 -37.62 19.65
N LEU I 39 54.13 -36.30 19.81
CA LEU I 39 53.25 -35.34 19.08
C LEU I 39 54.13 -34.27 18.44
N ASN I 40 53.71 -33.76 17.27
CA ASN I 40 54.37 -32.61 16.58
C ASN I 40 54.07 -31.33 17.36
N LEU I 41 54.73 -30.23 17.00
CA LEU I 41 54.64 -28.93 17.71
C LEU I 41 53.21 -28.40 17.67
N ALA I 42 52.57 -28.43 16.50
CA ALA I 42 51.17 -28.00 16.28
C ALA I 42 50.25 -28.73 17.25
N GLN I 43 50.44 -30.04 17.43
CA GLN I 43 49.62 -30.91 18.29
C GLN I 43 49.97 -30.65 19.76
N LEU I 44 51.24 -30.40 20.08
CA LEU I 44 51.72 -30.08 21.45
C LEU I 44 51.05 -28.79 21.93
N VAL I 45 51.03 -27.75 21.09
CA VAL I 45 50.35 -26.44 21.37
C VAL I 45 48.84 -26.69 21.51
N ALA I 46 48.26 -27.55 20.69
CA ALA I 46 46.82 -27.89 20.70
C ALA I 46 46.43 -28.54 22.04
N THR I 47 47.18 -29.57 22.45
CA THR I 47 46.93 -30.36 23.69
C THR I 47 47.21 -29.49 24.92
N THR I 48 48.34 -28.77 24.95
CA THR I 48 48.72 -27.89 26.08
C THR I 48 47.67 -26.77 26.22
N SER I 49 47.16 -26.26 25.09
CA SER I 49 46.06 -25.26 25.05
C SER I 49 44.82 -25.85 25.74
N PHE I 50 44.48 -27.09 25.40
CA PHE I 50 43.34 -27.82 26.00
C PHE I 50 43.61 -28.05 27.50
N GLY I 51 44.82 -28.49 27.84
CA GLY I 51 45.30 -28.69 29.22
C GLY I 51 45.23 -27.44 30.08
N HIS I 52 45.51 -26.26 29.49
CA HIS I 52 45.36 -24.92 30.14
C HIS I 52 43.89 -24.60 30.42
N ILE I 53 43.03 -24.74 29.43
CA ILE I 53 41.57 -24.47 29.55
C ILE I 53 40.99 -25.38 30.65
N ILE I 54 41.31 -26.68 30.60
CA ILE I 54 40.84 -27.70 31.59
C ILE I 54 41.43 -27.35 32.96
N GLY I 55 42.71 -27.01 33.03
CA GLY I 55 43.44 -26.66 34.26
C GLY I 55 42.86 -25.43 34.94
N VAL I 56 42.73 -24.33 34.19
CA VAL I 56 42.18 -23.03 34.70
C VAL I 56 40.75 -23.28 35.22
N ALA I 57 39.92 -23.97 34.44
CA ALA I 57 38.49 -24.24 34.76
C ALA I 57 38.37 -25.11 36.03
N THR I 58 39.16 -26.18 36.14
CA THR I 58 39.21 -27.08 37.32
C THR I 58 39.66 -26.29 38.55
N ILE I 59 40.78 -25.58 38.44
CA ILE I 59 41.38 -24.74 39.52
C ILE I 59 40.32 -23.76 40.05
N LEU I 60 39.65 -23.04 39.14
CA LEU I 60 38.60 -22.04 39.48
C LEU I 60 37.38 -22.76 40.07
N GLY I 61 37.12 -24.00 39.63
CA GLY I 61 36.06 -24.86 40.18
C GLY I 61 36.30 -25.18 41.65
N LEU I 62 37.51 -25.63 41.98
CA LEU I 62 37.91 -26.08 43.35
C LEU I 62 38.11 -24.86 44.26
N SER I 63 38.59 -23.73 43.71
CA SER I 63 38.74 -22.43 44.42
C SER I 63 37.37 -21.86 44.81
N ASN I 64 36.37 -21.96 43.92
CA ASN I 64 34.98 -21.51 44.16
C ASN I 64 34.31 -22.41 45.22
N MET I 65 34.73 -23.67 45.34
CA MET I 65 34.18 -24.66 46.31
C MET I 65 35.01 -24.70 47.60
N GLY I 66 36.04 -23.85 47.72
CA GLY I 66 36.91 -23.74 48.90
C GLY I 66 37.66 -25.03 49.20
N ILE I 67 38.09 -25.74 48.15
CA ILE I 67 38.85 -27.02 48.22
C ILE I 67 40.35 -26.71 48.12
N ILE I 68 40.73 -25.69 47.34
CA ILE I 68 42.13 -25.17 47.25
C ILE I 68 42.10 -23.65 47.46
N PRO J 20 4.61 -53.19 13.94
CA PRO J 20 4.35 -51.80 14.29
C PRO J 20 5.17 -50.81 13.44
N ILE J 21 4.54 -50.22 12.43
CA ILE J 21 5.13 -49.23 11.47
C ILE J 21 4.84 -47.80 11.97
N ASN J 22 3.66 -47.58 12.57
CA ASN J 22 3.18 -46.32 13.21
C ASN J 22 2.49 -45.43 12.18
N SER J 23 3.18 -45.11 11.07
CA SER J 23 2.70 -44.23 9.98
C SER J 23 1.47 -44.83 9.27
N SER J 24 1.52 -46.13 8.97
CA SER J 24 0.48 -46.88 8.19
C SER J 24 -0.30 -47.84 9.11
N SER J 25 0.41 -48.69 9.86
CA SER J 25 -0.15 -49.85 10.62
C SER J 25 -1.12 -49.36 11.72
N LEU J 26 -0.61 -48.59 12.68
CA LEU J 26 -1.40 -48.05 13.84
C LEU J 26 -2.45 -47.05 13.33
N THR J 27 -2.08 -46.22 12.35
CA THR J 27 -2.94 -45.20 11.70
C THR J 27 -4.17 -45.89 11.09
N ARG J 28 -3.99 -46.73 10.08
CA ARG J 28 -5.10 -47.37 9.31
C ARG J 28 -5.81 -48.39 10.22
N GLY J 29 -5.07 -49.02 11.14
CA GLY J 29 -5.61 -49.95 12.15
C GLY J 29 -6.64 -49.28 13.06
N TYR J 30 -6.30 -48.10 13.59
CA TYR J 30 -7.23 -47.24 14.39
C TYR J 30 -8.38 -46.76 13.50
N LEU J 31 -8.05 -46.12 12.37
CA LEU J 31 -9.02 -45.53 11.42
C LEU J 31 -10.04 -46.58 10.98
N ALA J 32 -9.59 -47.83 10.75
CA ALA J 32 -10.44 -48.96 10.31
C ALA J 32 -11.58 -49.20 11.30
N GLN J 33 -11.32 -49.05 12.61
CA GLN J 33 -12.29 -49.36 13.70
C GLN J 33 -13.21 -48.17 14.01
N LEU J 34 -13.00 -47.00 13.38
CA LEU J 34 -13.89 -45.81 13.54
C LEU J 34 -15.22 -46.11 12.85
N PRO J 35 -16.35 -45.59 13.37
CA PRO J 35 -17.68 -45.97 12.88
C PRO J 35 -17.87 -45.73 11.38
N ILE J 36 -17.26 -44.69 10.83
CA ILE J 36 -17.41 -44.30 9.39
C ILE J 36 -16.77 -45.39 8.50
N TYR J 37 -15.75 -46.10 9.00
CA TYR J 37 -14.90 -47.06 8.24
C TYR J 37 -15.14 -48.52 8.64
N ARG J 38 -15.72 -48.80 9.82
CA ARG J 38 -15.78 -50.16 10.41
C ARG J 38 -16.66 -51.08 9.55
N SER J 39 -16.20 -52.30 9.29
CA SER J 39 -16.94 -53.34 8.53
C SER J 39 -18.09 -53.86 9.38
N GLY J 40 -19.26 -54.08 8.76
CA GLY J 40 -20.45 -54.70 9.38
C GLY J 40 -21.56 -53.70 9.65
N LEU J 41 -21.22 -52.46 10.02
CA LEU J 41 -22.19 -51.42 10.45
C LEU J 41 -23.07 -51.00 9.26
N SER J 42 -24.38 -50.95 9.47
CA SER J 42 -25.36 -50.27 8.58
C SER J 42 -25.10 -48.78 8.62
N PRO J 43 -25.47 -48.01 7.57
CA PRO J 43 -25.25 -46.56 7.59
C PRO J 43 -25.82 -45.89 8.85
N PHE J 44 -26.97 -46.36 9.33
CA PHE J 44 -27.71 -45.80 10.49
C PHE J 44 -26.86 -45.94 11.77
N LEU J 45 -26.26 -47.11 12.01
CA LEU J 45 -25.44 -47.38 13.22
C LEU J 45 -24.08 -46.66 13.15
N ARG J 46 -23.53 -46.45 11.95
CA ARG J 46 -22.32 -45.62 11.73
C ARG J 46 -22.67 -44.19 12.14
N GLY J 47 -23.76 -43.65 11.57
CA GLY J 47 -24.32 -42.34 11.91
C GLY J 47 -24.54 -42.21 13.40
N LEU J 48 -25.24 -43.19 13.99
CA LEU J 48 -25.65 -43.18 15.42
C LEU J 48 -24.42 -43.01 16.29
N GLU J 49 -23.39 -43.82 16.04
CA GLU J 49 -22.12 -43.80 16.83
C GLU J 49 -21.44 -42.44 16.65
N ILE J 50 -21.39 -41.93 15.41
CA ILE J 50 -20.76 -40.62 15.10
C ILE J 50 -21.52 -39.51 15.84
N GLY J 51 -22.85 -39.48 15.70
CA GLY J 51 -23.76 -38.58 16.45
C GLY J 51 -23.47 -38.59 17.94
N MET J 52 -23.67 -39.72 18.62
CA MET J 52 -23.44 -39.91 20.08
C MET J 52 -22.13 -39.25 20.52
N ALA J 53 -21.04 -39.50 19.80
CA ALA J 53 -19.70 -38.96 20.12
C ALA J 53 -19.73 -37.44 20.03
N HIS J 54 -20.34 -36.87 18.98
CA HIS J 54 -20.27 -35.43 18.68
C HIS J 54 -21.23 -34.64 19.57
N GLY J 55 -22.48 -35.08 19.67
CA GLY J 55 -23.54 -34.48 20.52
C GLY J 55 -23.07 -34.32 21.95
N TYR J 56 -22.45 -35.36 22.50
CA TYR J 56 -21.92 -35.42 23.89
C TYR J 56 -20.93 -34.28 24.15
N PHE J 57 -19.87 -34.15 23.35
CA PHE J 57 -18.80 -33.13 23.55
C PHE J 57 -19.29 -31.75 23.10
N LEU J 58 -20.19 -31.65 22.11
CA LEU J 58 -20.54 -30.35 21.49
C LEU J 58 -21.28 -29.45 22.49
N ILE J 59 -21.96 -30.04 23.48
CA ILE J 59 -22.72 -29.29 24.53
C ILE J 59 -21.76 -28.40 25.35
N GLY J 60 -20.52 -28.86 25.55
CA GLY J 60 -19.52 -28.27 26.46
C GLY J 60 -19.33 -26.78 26.24
N PRO J 61 -18.79 -26.34 25.08
CA PRO J 61 -18.56 -24.92 24.81
C PRO J 61 -19.80 -24.03 25.03
N PHE J 62 -20.98 -24.49 24.63
CA PHE J 62 -22.27 -23.75 24.78
C PHE J 62 -22.65 -23.60 26.25
N VAL J 63 -22.50 -24.65 27.04
CA VAL J 63 -22.82 -24.66 28.50
C VAL J 63 -21.93 -23.64 29.23
N GLU J 64 -20.62 -23.72 29.04
CA GLU J 64 -19.62 -23.06 29.92
C GLU J 64 -19.28 -21.65 29.44
N LEU J 65 -19.40 -21.36 28.15
CA LEU J 65 -18.94 -20.06 27.57
C LEU J 65 -20.08 -19.30 26.88
N GLY J 66 -21.29 -19.87 26.85
CA GLY J 66 -22.46 -19.24 26.21
C GLY J 66 -22.95 -18.02 26.99
N PRO J 67 -23.83 -17.20 26.38
CA PRO J 67 -24.30 -15.97 27.02
C PRO J 67 -25.06 -16.17 28.35
N LEU J 68 -25.62 -17.36 28.58
CA LEU J 68 -26.44 -17.67 29.78
C LEU J 68 -25.66 -18.57 30.76
N ARG J 69 -24.33 -18.59 30.67
CA ARG J 69 -23.45 -19.50 31.44
C ARG J 69 -23.54 -19.21 32.95
N ASN J 70 -23.81 -17.96 33.34
CA ASN J 70 -23.85 -17.51 34.77
C ASN J 70 -25.31 -17.35 35.24
N THR J 71 -26.27 -17.94 34.53
CA THR J 71 -27.73 -17.93 34.86
C THR J 71 -28.18 -19.33 35.27
N GLU J 72 -29.47 -19.50 35.57
CA GLU J 72 -30.13 -20.80 35.87
C GLU J 72 -30.26 -21.62 34.58
N MET J 73 -30.32 -20.96 33.42
CA MET J 73 -30.53 -21.59 32.09
C MET J 73 -29.20 -22.07 31.47
N LYS J 74 -28.07 -21.87 32.17
CA LYS J 74 -26.70 -22.33 31.78
C LYS J 74 -26.76 -23.63 30.98
N TYR J 75 -27.35 -24.68 31.56
CA TYR J 75 -27.32 -26.07 31.03
C TYR J 75 -28.36 -26.25 29.93
N LEU J 76 -29.59 -25.76 30.14
CA LEU J 76 -30.70 -25.81 29.16
C LEU J 76 -30.24 -25.12 27.87
N ALA J 77 -29.78 -23.87 27.99
CA ALA J 77 -29.24 -23.04 26.89
C ALA J 77 -28.14 -23.80 26.14
N GLY J 78 -27.24 -24.44 26.89
CA GLY J 78 -26.14 -25.28 26.38
C GLY J 78 -26.65 -26.45 25.56
N LEU J 79 -27.65 -27.16 26.07
CA LEU J 79 -28.28 -28.34 25.39
C LEU J 79 -28.99 -27.88 24.10
N LEU J 80 -29.84 -26.86 24.19
CA LEU J 80 -30.67 -26.37 23.05
C LEU J 80 -29.76 -25.85 21.93
N SER J 81 -28.69 -25.15 22.29
CA SER J 81 -27.67 -24.62 21.36
C SER J 81 -27.05 -25.78 20.57
N ALA J 82 -26.63 -26.83 21.29
CA ALA J 82 -26.00 -28.05 20.73
C ALA J 82 -26.97 -28.71 19.75
N VAL J 83 -28.24 -28.84 20.11
CA VAL J 83 -29.31 -29.40 19.23
C VAL J 83 -29.46 -28.48 18.01
N GLY J 84 -29.51 -27.16 18.23
CA GLY J 84 -29.52 -26.15 17.15
C GLY J 84 -28.39 -26.35 16.17
N LEU J 85 -27.15 -26.43 16.66
CA LEU J 85 -25.94 -26.66 15.82
C LEU J 85 -26.09 -28.00 15.08
N VAL J 86 -26.49 -29.06 15.81
CA VAL J 86 -26.59 -30.45 15.27
C VAL J 86 -27.59 -30.48 14.11
N VAL J 87 -28.71 -29.76 14.22
CA VAL J 87 -29.75 -29.64 13.16
C VAL J 87 -29.10 -29.04 11.91
N ILE J 88 -28.32 -27.96 12.05
CA ILE J 88 -27.63 -27.26 10.94
C ILE J 88 -26.65 -28.26 10.28
N LEU J 89 -25.88 -29.00 11.07
CA LEU J 89 -24.90 -30.02 10.61
C LEU J 89 -25.62 -31.12 9.80
N THR J 90 -26.76 -31.61 10.31
CA THR J 90 -27.58 -32.67 9.67
C THR J 90 -28.17 -32.16 8.35
N LEU J 91 -28.72 -30.95 8.33
CA LEU J 91 -29.22 -30.31 7.08
C LEU J 91 -28.05 -30.21 6.09
N GLY J 92 -26.88 -29.76 6.56
CA GLY J 92 -25.64 -29.72 5.77
C GLY J 92 -25.32 -31.09 5.19
N MET J 93 -25.36 -32.13 6.04
CA MET J 93 -25.15 -33.54 5.64
C MET J 93 -26.13 -33.89 4.52
N LEU J 94 -27.42 -33.60 4.71
CA LEU J 94 -28.49 -33.99 3.76
C LEU J 94 -28.22 -33.33 2.40
N LEU J 95 -27.93 -32.02 2.40
CA LEU J 95 -27.63 -31.24 1.18
C LEU J 95 -26.43 -31.84 0.45
N TYR J 96 -25.33 -32.11 1.16
CA TYR J 96 -24.12 -32.76 0.59
C TYR J 96 -24.52 -34.04 -0.15
N GLY J 97 -25.22 -34.95 0.55
CA GLY J 97 -25.64 -36.25 0.01
C GLY J 97 -26.49 -36.12 -1.24
N TYR J 98 -27.45 -35.18 -1.24
CA TYR J 98 -28.41 -34.96 -2.34
C TYR J 98 -27.65 -34.54 -3.60
N VAL J 99 -26.70 -33.62 -3.42
CA VAL J 99 -25.86 -33.00 -4.49
C VAL J 99 -24.87 -34.03 -5.00
N SER J 100 -24.19 -34.75 -4.10
CA SER J 100 -23.01 -35.61 -4.40
C SER J 100 -23.45 -36.93 -5.04
N PHE J 101 -24.59 -37.49 -4.61
CA PHE J 101 -25.06 -38.85 -4.98
C PHE J 101 -26.37 -38.76 -5.76
N THR J 102 -26.29 -38.71 -7.10
CA THR J 102 -27.42 -38.88 -8.04
C THR J 102 -27.80 -40.38 -8.04
N ASN J 103 -26.79 -41.26 -8.09
CA ASN J 103 -26.94 -42.73 -7.91
C ASN J 103 -27.38 -43.03 -6.49
N ASP J 104 -28.08 -44.17 -6.29
CA ASP J 104 -28.64 -44.62 -4.98
C ASP J 104 -28.30 -46.10 -4.77
N SER J 105 -27.88 -46.45 -3.55
CA SER J 105 -27.51 -47.82 -3.11
C SER J 105 -27.49 -47.90 -1.58
N GLN J 106 -27.06 -49.04 -1.02
CA GLN J 106 -27.05 -49.31 0.45
C GLN J 106 -25.79 -48.75 1.12
N ASP J 107 -24.67 -48.66 0.39
CA ASP J 107 -23.36 -48.15 0.88
C ASP J 107 -23.49 -46.68 1.29
N VAL J 108 -22.63 -46.21 2.19
CA VAL J 108 -22.66 -44.83 2.78
C VAL J 108 -22.57 -43.80 1.65
N GLU J 109 -21.55 -43.92 0.78
CA GLU J 109 -21.32 -43.01 -0.37
C GLU J 109 -22.37 -43.32 -1.46
N SER J 110 -23.62 -42.94 -1.20
CA SER J 110 -24.83 -43.15 -2.03
C SER J 110 -26.00 -42.38 -1.40
N LEU J 111 -27.05 -42.11 -2.16
CA LEU J 111 -28.16 -41.21 -1.74
C LEU J 111 -28.86 -41.81 -0.51
N GLU J 112 -29.23 -43.09 -0.57
CA GLU J 112 -30.00 -43.79 0.50
C GLU J 112 -29.14 -43.93 1.76
N GLY J 113 -27.92 -44.44 1.61
CA GLY J 113 -26.96 -44.68 2.71
C GLY J 113 -26.63 -43.40 3.46
N TRP J 114 -26.37 -42.31 2.74
CA TRP J 114 -25.97 -41.00 3.33
C TRP J 114 -27.12 -40.40 4.14
N ARG J 115 -28.37 -40.57 3.71
CA ARG J 115 -29.60 -40.12 4.43
C ARG J 115 -29.79 -40.91 5.73
N GLN J 116 -29.52 -42.23 5.69
CA GLN J 116 -29.57 -43.11 6.89
C GLN J 116 -28.46 -42.73 7.88
N LEU J 117 -27.25 -42.45 7.36
CA LEU J 117 -26.11 -41.95 8.16
C LEU J 117 -26.51 -40.64 8.84
N ALA J 118 -27.10 -39.71 8.09
CA ALA J 118 -27.56 -38.38 8.57
C ALA J 118 -28.58 -38.56 9.69
N SER J 119 -29.54 -39.47 9.49
CA SER J 119 -30.60 -39.86 10.46
C SER J 119 -29.95 -40.41 11.73
N GLY J 120 -28.99 -41.31 11.58
CA GLY J 120 -28.16 -41.85 12.68
C GLY J 120 -27.47 -40.73 13.45
N PHE J 121 -26.73 -39.86 12.73
CA PHE J 121 -25.98 -38.71 13.30
C PHE J 121 -26.90 -37.80 14.13
N LEU J 122 -28.07 -37.44 13.58
CA LEU J 122 -29.03 -36.50 14.26
C LEU J 122 -29.53 -37.15 15.55
N LEU J 123 -30.06 -38.38 15.49
CA LEU J 123 -30.54 -39.14 16.66
C LEU J 123 -29.41 -39.26 17.67
N GLY J 124 -28.23 -39.68 17.20
CA GLY J 124 -27.04 -39.89 18.04
C GLY J 124 -26.67 -38.62 18.77
N ALA J 125 -26.58 -37.51 18.06
CA ALA J 125 -26.05 -36.22 18.55
C ALA J 125 -27.06 -35.57 19.52
N VAL J 126 -28.35 -35.63 19.22
CA VAL J 126 -29.42 -35.14 20.15
C VAL J 126 -29.40 -36.00 21.42
N GLY J 127 -29.33 -37.33 21.27
CA GLY J 127 -29.21 -38.28 22.39
C GLY J 127 -27.90 -38.10 23.17
N GLY J 128 -26.78 -37.97 22.46
CA GLY J 128 -25.46 -37.71 23.05
C GLY J 128 -25.45 -36.42 23.84
N ALA J 129 -26.03 -35.35 23.27
CA ALA J 129 -26.21 -34.04 23.92
C ALA J 129 -27.04 -34.23 25.19
N GLY J 130 -28.23 -34.83 25.03
CA GLY J 130 -29.15 -35.19 26.13
C GLY J 130 -28.47 -35.99 27.23
N PHE J 131 -27.60 -36.93 26.85
CA PHE J 131 -26.87 -37.84 27.79
C PHE J 131 -25.81 -37.05 28.57
N ALA J 132 -25.08 -36.14 27.92
CA ALA J 132 -24.10 -35.23 28.54
C ALA J 132 -24.80 -34.30 29.53
N TYR J 133 -25.97 -33.77 29.16
CA TYR J 133 -26.84 -32.93 30.03
C TYR J 133 -27.31 -33.73 31.25
N LEU J 134 -27.63 -35.01 31.08
CA LEU J 134 -28.13 -35.90 32.15
C LEU J 134 -27.02 -36.15 33.19
N LEU J 135 -25.78 -36.36 32.74
CA LEU J 135 -24.62 -36.69 33.61
C LEU J 135 -24.21 -35.47 34.44
N ILE J 136 -24.14 -34.28 33.84
CA ILE J 136 -23.76 -33.01 34.54
C ILE J 136 -24.81 -32.67 35.60
N TYR J 137 -26.09 -32.95 35.35
CA TYR J 137 -27.20 -32.80 36.34
C TYR J 137 -27.07 -33.86 37.42
N SER J 138 -26.70 -35.09 37.05
CA SER J 138 -26.50 -36.25 37.97
C SER J 138 -25.28 -36.02 38.87
N PHE J 139 -24.19 -35.46 38.32
CA PHE J 139 -22.89 -35.21 39.01
C PHE J 139 -22.51 -33.73 38.86
N ILE J 140 -23.35 -32.83 39.38
CA ILE J 140 -23.16 -31.35 39.35
C ILE J 140 -22.16 -30.95 40.43
N MET K 1 -52.04 5.57 16.19
CA MET K 1 -51.45 4.21 16.45
C MET K 1 -51.98 3.20 15.42
N ILE K 2 -51.08 2.35 14.91
CA ILE K 2 -51.38 1.29 13.89
C ILE K 2 -51.79 0.01 14.63
N THR K 3 -53.02 -0.45 14.40
CA THR K 3 -53.65 -1.61 15.09
C THR K 3 -53.00 -2.91 14.61
N ASP K 4 -53.17 -3.99 15.37
CA ASP K 4 -52.72 -5.36 15.01
C ASP K 4 -53.28 -5.72 13.63
N ASN K 5 -54.57 -5.45 13.41
CA ASN K 5 -55.30 -5.72 12.14
C ASN K 5 -54.58 -5.01 10.98
N GLN K 6 -54.25 -3.73 11.14
CA GLN K 6 -53.55 -2.92 10.11
C GLN K 6 -52.20 -3.56 9.76
N VAL K 7 -51.42 -3.98 10.76
CA VAL K 7 -50.10 -4.66 10.56
C VAL K 7 -50.30 -5.97 9.79
N PHE K 8 -51.36 -6.73 10.11
CA PHE K 8 -51.66 -8.04 9.47
C PHE K 8 -52.22 -7.84 8.06
N VAL K 9 -53.03 -6.79 7.84
CA VAL K 9 -53.52 -6.41 6.49
C VAL K 9 -52.31 -6.10 5.60
N ALA K 10 -51.34 -5.36 6.12
CA ALA K 10 -50.08 -5.02 5.41
C ALA K 10 -49.39 -6.33 5.01
N LEU K 11 -49.31 -7.29 5.93
CA LEU K 11 -48.59 -8.58 5.72
C LEU K 11 -49.25 -9.42 4.62
N ILE K 12 -50.58 -9.47 4.54
CA ILE K 12 -51.29 -10.24 3.47
C ILE K 12 -51.04 -9.58 2.10
N MET K 13 -50.99 -8.25 2.04
CA MET K 13 -50.75 -7.51 0.78
C MET K 13 -49.29 -7.68 0.37
N ALA K 14 -48.37 -7.66 1.33
CA ALA K 14 -46.94 -8.00 1.11
C ALA K 14 -46.81 -9.46 0.64
N LEU K 15 -47.65 -10.36 1.16
CA LEU K 15 -47.71 -11.79 0.72
C LEU K 15 -48.11 -11.83 -0.76
N VAL K 16 -49.12 -11.04 -1.14
CA VAL K 16 -49.62 -10.93 -2.55
C VAL K 16 -48.47 -10.46 -3.44
N CYS K 17 -47.70 -9.46 -3.02
CA CYS K 17 -46.50 -8.97 -3.75
C CYS K 17 -45.49 -10.11 -3.87
N GLY K 18 -45.29 -10.88 -2.79
CA GLY K 18 -44.43 -12.09 -2.77
C GLY K 18 -44.82 -13.07 -3.87
N TYR K 19 -46.10 -13.45 -3.92
CA TYR K 19 -46.71 -14.33 -4.95
C TYR K 19 -46.42 -13.77 -6.36
N LEU K 20 -46.78 -12.51 -6.61
CA LEU K 20 -46.62 -11.84 -7.94
C LEU K 20 -45.13 -11.69 -8.28
N ALA K 21 -44.27 -11.46 -7.28
CA ALA K 21 -42.81 -11.33 -7.47
C ALA K 21 -42.24 -12.66 -7.95
N VAL K 22 -42.61 -13.76 -7.29
CA VAL K 22 -42.15 -15.14 -7.63
C VAL K 22 -42.62 -15.47 -9.04
N LYS K 23 -43.87 -15.12 -9.37
CA LYS K 23 -44.46 -15.33 -10.73
C LYS K 23 -43.59 -14.63 -11.78
N LEU K 24 -43.24 -13.36 -11.57
CA LEU K 24 -42.37 -12.58 -12.48
C LEU K 24 -40.98 -13.23 -12.54
N ALA K 25 -40.34 -13.44 -11.39
CA ALA K 25 -38.98 -14.03 -11.25
C ALA K 25 -38.88 -15.34 -12.03
N ALA K 26 -39.83 -16.25 -11.83
CA ALA K 26 -39.90 -17.59 -12.47
C ALA K 26 -39.94 -17.48 -14.00
N GLN K 27 -40.56 -16.42 -14.53
CA GLN K 27 -40.74 -16.21 -16.00
C GLN K 27 -39.51 -15.54 -16.60
N LEU K 28 -38.96 -14.52 -15.94
CA LEU K 28 -37.74 -13.78 -16.39
C LEU K 28 -36.56 -14.75 -16.49
N TYR L 64 13.73 -49.73 13.42
CA TYR L 64 13.84 -49.22 14.82
C TYR L 64 13.64 -50.36 15.81
N PRO L 65 14.70 -50.81 16.55
CA PRO L 65 14.56 -51.88 17.54
C PRO L 65 13.58 -51.64 18.70
N LEU L 66 13.19 -50.39 18.97
CA LEU L 66 12.30 -49.96 20.09
C LEU L 66 12.96 -50.31 21.44
N ASN L 67 12.70 -51.52 21.96
CA ASN L 67 13.18 -52.01 23.29
C ASN L 67 12.69 -51.07 24.39
N PRO L 68 11.50 -51.30 24.99
CA PRO L 68 11.01 -50.48 26.11
C PRO L 68 11.91 -50.37 27.35
N ALA L 69 12.99 -51.16 27.44
CA ALA L 69 14.01 -51.10 28.52
C ALA L 69 14.82 -49.80 28.46
N VAL L 70 14.77 -49.06 27.34
CA VAL L 70 15.32 -47.67 27.22
C VAL L 70 14.68 -46.76 28.28
N ILE L 71 13.37 -46.92 28.54
CA ILE L 71 12.59 -46.10 29.50
C ILE L 71 13.02 -46.47 30.94
N LEU L 72 13.32 -47.75 31.20
CA LEU L 72 13.81 -48.26 32.52
C LEU L 72 15.16 -47.61 32.86
N ILE L 73 16.06 -47.50 31.88
CA ILE L 73 17.42 -46.88 32.03
C ILE L 73 17.25 -45.36 32.12
N ALA L 74 16.32 -44.77 31.35
CA ALA L 74 16.02 -43.32 31.29
C ALA L 74 15.61 -42.81 32.67
N ILE L 75 14.79 -43.57 33.40
CA ILE L 75 14.29 -43.24 34.77
C ILE L 75 15.47 -43.28 35.75
N ILE L 76 16.08 -44.46 35.92
CA ILE L 76 17.16 -44.74 36.92
C ILE L 76 18.40 -43.90 36.58
N GLY L 77 18.73 -43.75 35.29
CA GLY L 77 19.88 -42.98 34.79
C GLY L 77 19.78 -41.50 35.15
N TRP L 78 18.62 -40.88 34.91
CA TRP L 78 18.36 -39.45 35.21
C TRP L 78 18.16 -39.24 36.71
N SER L 79 17.33 -40.07 37.35
CA SER L 79 16.91 -39.97 38.77
C SER L 79 18.13 -39.99 39.71
N ALA L 80 19.05 -40.93 39.48
CA ALA L 80 20.31 -41.12 40.26
C ALA L 80 21.22 -39.90 40.06
N ALA L 81 21.34 -39.40 38.83
CA ALA L 81 22.15 -38.22 38.45
C ALA L 81 21.54 -36.94 39.05
N ALA L 82 20.20 -36.88 39.14
CA ALA L 82 19.42 -35.72 39.64
C ALA L 82 19.28 -35.77 41.18
N ALA L 83 19.62 -36.90 41.82
CA ALA L 83 19.52 -37.12 43.28
C ALA L 83 20.81 -36.69 44.01
N VAL L 84 21.76 -36.06 43.31
CA VAL L 84 23.00 -35.48 43.92
C VAL L 84 22.61 -34.30 44.81
N PRO L 85 23.27 -34.12 45.98
CA PRO L 85 22.95 -33.00 46.87
C PRO L 85 23.43 -31.64 46.34
N SER L 86 22.51 -30.67 46.24
CA SER L 86 22.74 -29.29 45.73
C SER L 86 23.11 -28.38 46.90
N ASN L 87 23.26 -27.07 46.64
CA ASN L 87 23.73 -26.06 47.63
C ASN L 87 22.67 -25.87 48.73
N ILE L 88 21.57 -25.16 48.42
CA ILE L 88 20.51 -24.79 49.41
C ILE L 88 19.20 -24.41 48.71
N PRO L 89 19.08 -23.22 48.07
CA PRO L 89 17.80 -22.50 47.97
C PRO L 89 16.86 -23.01 46.87
N VAL L 90 15.55 -22.89 47.10
CA VAL L 90 14.43 -23.33 46.21
C VAL L 90 14.79 -24.69 45.60
N LEU L 91 15.16 -25.65 46.45
CA LEU L 91 15.58 -27.03 46.10
C LEU L 91 15.73 -27.85 47.38
N GLY L 92 16.49 -27.33 48.36
CA GLY L 92 16.60 -27.85 49.74
C GLY L 92 18.03 -28.18 50.13
N GLY L 93 18.77 -28.84 49.23
CA GLY L 93 20.11 -29.42 49.50
C GLY L 93 20.12 -30.93 49.33
N THR L 94 18.94 -31.56 49.38
CA THR L 94 18.72 -33.02 49.16
C THR L 94 18.99 -33.36 47.69
N GLY L 95 18.38 -32.61 46.77
CA GLY L 95 18.55 -32.77 45.30
C GLY L 95 17.35 -32.24 44.53
N LEU L 96 17.16 -32.70 43.30
CA LEU L 96 16.02 -32.36 42.42
C LEU L 96 14.89 -33.37 42.64
N THR L 97 15.19 -34.66 42.52
CA THR L 97 14.23 -35.80 42.67
C THR L 97 13.65 -35.82 44.09
N GLN L 98 14.51 -35.74 45.11
CA GLN L 98 14.14 -35.74 46.56
C GLN L 98 13.22 -34.55 46.86
N ALA L 99 13.39 -33.42 46.16
CA ALA L 99 12.53 -32.21 46.24
C ALA L 99 11.25 -32.45 45.43
N PHE L 100 11.38 -33.02 44.22
CA PHE L 100 10.27 -33.27 43.26
C PHE L 100 9.32 -34.35 43.82
N LEU L 101 9.87 -35.43 44.37
CA LEU L 101 9.11 -36.56 44.98
C LEU L 101 8.50 -36.11 46.32
N ALA L 102 9.08 -35.12 46.99
CA ALA L 102 8.54 -34.47 48.20
C ALA L 102 7.41 -33.50 47.83
N SER L 103 7.52 -32.85 46.67
CA SER L 103 6.54 -31.85 46.15
C SER L 103 5.23 -32.54 45.75
N ILE L 104 5.30 -33.71 45.11
CA ILE L 104 4.11 -34.53 44.71
C ILE L 104 3.44 -35.13 45.97
N GLN L 105 4.24 -35.52 46.98
CA GLN L 105 3.77 -36.13 48.25
C GLN L 105 2.85 -35.16 48.99
N ARG L 106 3.24 -33.88 49.07
CA ARG L 106 2.48 -32.80 49.77
C ARG L 106 1.42 -32.16 48.85
N LEU L 107 1.33 -32.59 47.58
CA LEU L 107 0.34 -32.09 46.60
C LEU L 107 -0.78 -33.13 46.39
N LEU L 108 -0.44 -34.42 46.31
CA LEU L 108 -1.43 -35.54 46.22
C LEU L 108 -2.12 -35.74 47.58
N ALA L 109 -1.52 -35.26 48.67
CA ALA L 109 -2.13 -35.18 50.03
C ALA L 109 -3.38 -34.30 49.98
N GLN L 110 -3.34 -33.21 49.21
CA GLN L 110 -4.50 -32.30 48.92
C GLN L 110 -4.88 -32.48 47.45
N TYR L 111 -5.42 -33.65 47.11
CA TYR L 111 -5.65 -34.16 45.72
C TYR L 111 -6.55 -33.21 44.92
N PRO L 112 -7.69 -32.72 45.48
CA PRO L 112 -8.56 -31.79 44.72
C PRO L 112 -7.89 -30.45 44.39
N THR L 113 -7.37 -29.75 45.39
CA THR L 113 -6.78 -28.39 45.29
C THR L 113 -5.34 -28.49 44.76
N GLY L 114 -5.13 -28.15 43.48
CA GLY L 114 -3.84 -28.24 42.78
C GLY L 114 -2.86 -27.15 43.19
N PRO L 115 -1.66 -27.09 42.57
CA PRO L 115 -0.63 -26.11 42.94
C PRO L 115 -0.92 -24.70 42.39
N LYS L 116 -0.26 -23.69 42.98
CA LYS L 116 -0.27 -22.27 42.54
C LYS L 116 0.98 -22.01 41.69
N LEU L 117 1.04 -20.84 41.04
CA LEU L 117 2.24 -20.38 40.26
C LEU L 117 3.41 -20.10 41.21
N ASP L 118 3.12 -19.72 42.45
CA ASP L 118 4.13 -19.41 43.52
C ASP L 118 4.93 -20.67 43.88
N ASP L 119 4.29 -21.84 43.83
CA ASP L 119 4.87 -23.15 44.26
C ASP L 119 6.06 -23.52 43.38
N PRO L 120 7.16 -24.06 43.96
CA PRO L 120 8.33 -24.50 43.16
C PRO L 120 8.18 -25.85 42.47
N PHE L 121 7.06 -26.57 42.70
CA PHE L 121 6.69 -27.85 42.04
C PHE L 121 6.83 -27.73 40.51
N TRP L 122 6.33 -26.62 39.95
CA TRP L 122 6.34 -26.32 38.49
C TRP L 122 7.77 -26.29 37.95
N PHE L 123 8.75 -25.82 38.73
CA PHE L 123 10.19 -25.78 38.37
C PHE L 123 10.79 -27.18 38.47
N TYR L 124 10.49 -27.90 39.55
CA TYR L 124 10.91 -29.31 39.79
C TYR L 124 10.35 -30.21 38.68
N LEU L 125 9.15 -29.89 38.16
CA LEU L 125 8.49 -30.62 37.05
C LEU L 125 9.28 -30.41 35.74
N VAL L 126 9.45 -29.16 35.33
CA VAL L 126 10.04 -28.76 34.01
C VAL L 126 11.50 -29.24 33.94
N VAL L 127 12.32 -28.90 34.94
CA VAL L 127 13.79 -29.17 34.96
C VAL L 127 14.04 -30.69 35.04
N TYR L 128 13.14 -31.45 35.67
CA TYR L 128 13.18 -32.94 35.73
C TYR L 128 12.86 -33.51 34.35
N HIS L 129 11.70 -33.13 33.79
CA HIS L 129 11.15 -33.66 32.51
C HIS L 129 12.05 -33.26 31.33
N VAL L 130 12.51 -32.00 31.29
CA VAL L 130 13.44 -31.47 30.24
C VAL L 130 14.81 -32.16 30.37
N GLY L 131 15.13 -32.71 31.56
CA GLY L 131 16.30 -33.56 31.80
C GLY L 131 16.03 -35.01 31.45
N LEU L 132 14.83 -35.51 31.75
CA LEU L 132 14.38 -36.91 31.49
C LEU L 132 14.22 -37.12 29.98
N PHE L 133 13.49 -36.22 29.30
CA PHE L 133 13.23 -36.26 27.84
C PHE L 133 14.56 -36.19 27.07
N ALA L 134 15.53 -35.41 27.58
CA ALA L 134 16.90 -35.29 27.02
C ALA L 134 17.62 -36.65 27.12
N LEU L 135 17.56 -37.30 28.28
CA LEU L 135 18.32 -38.54 28.59
C LEU L 135 17.69 -39.75 27.87
N LEU L 136 16.37 -39.75 27.64
CA LEU L 136 15.64 -40.88 27.00
C LEU L 136 15.69 -40.76 25.47
N ILE L 137 15.67 -39.54 24.91
CA ILE L 137 15.81 -39.28 23.44
C ILE L 137 17.23 -39.69 23.00
N PHE L 138 18.26 -39.31 23.76
CA PHE L 138 19.67 -39.71 23.55
C PHE L 138 19.86 -41.21 23.89
N GLY L 139 18.92 -41.79 24.63
CA GLY L 139 18.80 -43.25 24.87
C GLY L 139 18.32 -44.02 23.64
N GLN L 140 17.43 -43.42 22.83
CA GLN L 140 16.85 -44.06 21.61
C GLN L 140 17.94 -44.20 20.55
N ILE L 141 18.64 -43.09 20.25
CA ILE L 141 19.70 -42.98 19.20
C ILE L 141 20.83 -43.96 19.49
N GLY L 142 21.20 -44.13 20.76
CA GLY L 142 22.33 -44.97 21.22
C GLY L 142 22.07 -46.44 20.99
N TYR L 143 20.92 -46.94 21.46
CA TYR L 143 20.49 -48.36 21.36
C TYR L 143 20.21 -48.72 19.90
N ALA L 144 19.46 -47.87 19.19
CA ALA L 144 19.06 -48.06 17.77
C ALA L 144 20.29 -47.93 16.87
N GLY L 145 21.01 -46.81 16.98
CA GLY L 145 22.26 -46.53 16.23
C GLY L 145 23.49 -46.72 17.11
N TYR L 146 24.01 -47.95 17.18
CA TYR L 146 25.17 -48.35 18.01
C TYR L 146 26.42 -47.57 17.59
N GLN M 41 53.60 24.93 -24.31
CA GLN M 41 53.23 25.26 -25.72
C GLN M 41 52.47 26.59 -25.75
N SER M 42 51.52 26.79 -24.82
CA SER M 42 50.78 28.07 -24.61
C SER M 42 51.76 29.20 -24.30
N PRO M 43 51.84 30.27 -25.12
CA PRO M 43 52.78 31.38 -24.85
C PRO M 43 52.66 31.99 -23.45
N ALA M 44 51.44 32.23 -22.97
CA ALA M 44 51.15 32.87 -21.67
C ALA M 44 51.47 31.92 -20.51
N MET M 45 51.26 30.61 -20.68
CA MET M 45 51.44 29.56 -19.64
C MET M 45 52.13 28.35 -20.26
N PRO M 46 53.46 28.43 -20.52
CA PRO M 46 54.19 27.40 -21.26
C PRO M 46 54.04 25.95 -20.75
N PHE M 47 53.90 25.80 -19.44
CA PHE M 47 53.64 24.52 -18.72
C PHE M 47 52.31 23.88 -19.16
N LEU M 48 51.31 24.67 -19.56
CA LEU M 48 50.04 24.18 -20.14
C LEU M 48 50.18 24.09 -21.67
N SER M 49 49.54 23.08 -22.28
CA SER M 49 49.36 22.91 -23.74
C SER M 49 48.54 24.08 -24.30
N LYS M 50 48.73 24.39 -25.58
CA LYS M 50 48.06 25.51 -26.29
C LYS M 50 46.56 25.21 -26.39
N PRO M 51 45.66 26.16 -26.04
CA PRO M 51 44.24 26.03 -26.33
C PRO M 51 44.02 25.83 -27.84
N PRO M 52 43.55 24.64 -28.30
CA PRO M 52 43.51 24.33 -29.73
C PRO M 52 42.68 25.29 -30.60
N ASN M 53 41.50 25.70 -30.11
CA ASN M 53 40.49 26.49 -30.88
C ASN M 53 40.92 27.94 -31.02
N LEU M 54 41.77 28.44 -30.12
CA LEU M 54 42.41 29.78 -30.23
C LEU M 54 43.46 29.75 -31.35
N SER M 55 43.80 30.91 -31.91
CA SER M 55 44.79 31.09 -33.00
C SER M 55 45.50 32.42 -32.83
N PRO M 56 46.77 32.57 -33.28
CA PRO M 56 47.52 33.82 -33.16
C PRO M 56 46.95 35.00 -33.96
N ASP M 57 46.19 34.71 -35.03
CA ASP M 57 45.53 35.72 -35.91
C ASP M 57 44.49 36.51 -35.11
N MET M 58 43.80 35.87 -34.15
CA MET M 58 42.77 36.48 -33.27
C MET M 58 43.41 37.60 -32.45
N PRO M 59 42.73 38.77 -32.28
CA PRO M 59 43.34 39.92 -31.62
C PRO M 59 43.46 39.76 -30.10
N GLY M 60 44.66 39.95 -29.55
CA GLY M 60 44.98 39.82 -28.12
C GLY M 60 45.24 38.39 -27.71
N TYR M 61 45.65 37.53 -28.65
CA TYR M 61 46.01 36.11 -28.40
C TYR M 61 47.33 36.05 -27.62
N ARG M 62 47.30 35.46 -26.43
CA ARG M 62 48.48 35.00 -25.66
C ARG M 62 48.42 33.48 -25.46
N GLY M 63 47.41 32.82 -26.06
CA GLY M 63 47.05 31.42 -25.80
C GLY M 63 46.64 31.20 -24.35
N PHE M 64 46.02 32.21 -23.72
CA PHE M 64 45.60 32.19 -22.29
C PHE M 64 44.16 31.69 -22.19
N ASP M 65 44.00 30.40 -21.86
CA ASP M 65 42.69 29.76 -21.54
C ASP M 65 42.93 28.53 -20.68
N PRO M 66 43.38 28.68 -19.42
CA PRO M 66 43.60 27.52 -18.54
C PRO M 66 42.33 26.70 -18.25
N LEU M 67 41.15 27.32 -18.18
CA LEU M 67 39.85 26.62 -17.95
C LEU M 67 39.33 25.97 -19.25
N ARG M 68 39.88 26.33 -20.41
CA ARG M 68 39.51 25.80 -21.75
C ARG M 68 38.01 26.06 -22.01
N LEU M 69 37.59 27.32 -21.81
CA LEU M 69 36.23 27.81 -22.14
C LEU M 69 36.06 27.89 -23.66
N SER M 70 37.15 28.05 -24.40
CA SER M 70 37.20 28.02 -25.89
C SER M 70 36.87 26.62 -26.45
N ASP M 71 37.00 25.57 -25.62
CA ASP M 71 36.52 24.19 -25.94
C ASP M 71 35.02 24.09 -25.65
N ALA M 72 34.55 24.71 -24.55
CA ALA M 72 33.16 24.67 -24.06
C ALA M 72 32.24 25.50 -24.96
N PHE M 73 32.71 26.67 -25.42
CA PHE M 73 31.94 27.66 -26.22
C PHE M 73 32.67 27.94 -27.54
N ASP M 74 31.91 28.33 -28.57
CA ASP M 74 32.44 28.69 -29.92
C ASP M 74 33.27 29.96 -29.78
N VAL M 75 34.51 29.96 -30.29
CA VAL M 75 35.50 31.06 -30.14
C VAL M 75 34.92 32.37 -30.69
N ASN M 76 34.24 32.32 -31.85
CA ASN M 76 33.65 33.51 -32.54
C ASN M 76 32.70 34.25 -31.59
N TRP M 77 31.89 33.51 -30.82
CA TRP M 77 30.97 34.06 -29.79
C TRP M 77 31.76 34.69 -28.64
N LEU M 78 32.70 33.94 -28.07
CA LEU M 78 33.57 34.41 -26.94
C LEU M 78 34.30 35.69 -27.36
N LEU M 79 34.93 35.66 -28.55
CA LEU M 79 35.65 36.80 -29.16
C LEU M 79 34.72 38.02 -29.24
N GLU M 80 33.52 37.83 -29.79
CA GLU M 80 32.48 38.89 -29.93
C GLU M 80 32.08 39.39 -28.52
N GLY M 81 31.85 38.46 -27.59
CA GLY M 81 31.49 38.75 -26.19
C GLY M 81 32.57 39.53 -25.47
N GLU M 82 33.84 39.14 -25.66
CA GLU M 82 35.02 39.79 -25.04
C GLU M 82 35.08 41.27 -25.45
N VAL M 83 35.11 41.54 -26.76
CA VAL M 83 35.27 42.92 -27.33
C VAL M 83 34.05 43.77 -26.93
N LYS M 84 32.84 43.18 -26.91
CA LYS M 84 31.59 43.88 -26.52
C LYS M 84 31.64 44.26 -25.04
N ASN M 85 31.84 43.27 -24.17
CA ASN M 85 31.99 43.48 -22.70
C ASN M 85 33.05 44.56 -22.46
N GLY M 86 34.15 44.52 -23.25
CA GLY M 86 35.20 45.57 -23.30
C GLY M 86 34.62 46.93 -23.64
N ARG M 87 34.08 47.07 -24.86
CA ARG M 87 33.52 48.33 -25.42
C ARG M 87 32.49 48.96 -24.45
N VAL M 88 31.65 48.13 -23.81
CA VAL M 88 30.63 48.59 -22.82
C VAL M 88 31.36 49.09 -21.55
N ALA M 89 32.33 48.31 -21.06
CA ALA M 89 33.14 48.61 -19.85
C ALA M 89 34.00 49.86 -20.08
N MET M 90 34.56 50.01 -21.28
CA MET M 90 35.32 51.21 -21.74
C MET M 90 34.48 52.47 -21.50
N LEU M 91 33.27 52.50 -22.06
CA LEU M 91 32.31 53.64 -21.95
C LEU M 91 31.91 53.85 -20.48
N ALA M 92 31.73 52.76 -19.73
CA ALA M 92 31.35 52.77 -18.29
C ALA M 92 32.47 53.42 -17.46
N CYS M 93 33.74 53.11 -17.75
CA CYS M 93 34.95 53.69 -17.09
C CYS M 93 35.06 55.18 -17.39
N LEU M 94 34.76 55.61 -18.62
CA LEU M 94 34.76 57.04 -19.04
C LEU M 94 33.62 57.78 -18.32
N HIS M 95 32.41 57.20 -18.34
CA HIS M 95 31.18 57.74 -17.66
C HIS M 95 31.53 58.22 -16.24
N PHE M 96 32.17 57.35 -15.44
CA PHE M 96 32.53 57.61 -14.02
C PHE M 96 33.62 58.69 -13.94
N PHE M 97 34.58 58.70 -14.88
CA PHE M 97 35.70 59.68 -14.93
C PHE M 97 35.18 61.07 -15.33
N VAL M 98 34.27 61.13 -16.30
CA VAL M 98 33.77 62.38 -16.96
C VAL M 98 32.72 63.03 -16.04
N THR M 99 31.95 62.22 -15.28
CA THR M 99 31.12 62.66 -14.12
C THR M 99 31.98 63.40 -13.07
N GLU M 100 32.24 64.68 -13.31
CA GLU M 100 32.96 65.60 -12.40
C GLU M 100 32.62 67.05 -12.77
N TYR M 101 33.03 67.48 -13.97
CA TYR M 101 32.73 68.81 -14.57
C TYR M 101 32.85 68.74 -16.11
N TYR M 102 31.93 68.02 -16.74
CA TYR M 102 31.86 67.82 -18.21
C TYR M 102 30.41 67.54 -18.66
N GLN M 103 29.66 68.60 -19.01
CA GLN M 103 28.27 68.57 -19.52
C GLN M 103 27.35 67.90 -18.50
N PHE M 104 26.96 68.65 -17.45
CA PHE M 104 25.80 68.34 -16.55
C PHE M 104 24.59 69.19 -16.92
N PRO M 105 23.48 68.59 -17.38
CA PRO M 105 22.32 69.36 -17.88
C PRO M 105 21.36 69.88 -16.80
N PHE M 106 20.27 70.51 -17.24
CA PHE M 106 19.13 70.98 -16.40
C PHE M 106 18.34 69.77 -15.83
N TYR M 107 18.61 68.54 -16.28
CA TYR M 107 18.07 67.27 -15.73
C TYR M 107 19.15 66.51 -14.93
N ALA M 108 20.21 67.19 -14.48
CA ALA M 108 21.26 66.67 -13.58
C ALA M 108 20.78 66.77 -12.12
N GLY M 109 21.71 66.71 -11.17
CA GLY M 109 21.44 66.81 -9.71
C GLY M 109 21.07 65.46 -9.12
N ALA M 110 21.83 64.42 -9.46
CA ALA M 110 21.68 63.03 -8.99
C ALA M 110 23.04 62.49 -8.53
N PRO M 111 23.13 61.70 -7.43
CA PRO M 111 24.41 61.17 -6.98
C PRO M 111 24.95 60.07 -7.90
N LYS M 112 26.27 59.84 -7.81
CA LYS M 112 27.04 58.84 -8.61
C LYS M 112 27.03 57.47 -7.93
N LEU M 113 26.48 57.38 -6.69
CA LEU M 113 26.23 56.10 -5.97
C LEU M 113 25.47 55.13 -6.90
N ALA M 114 26.07 53.97 -7.16
CA ALA M 114 25.70 53.05 -8.27
C ALA M 114 24.26 52.55 -8.12
N ALA M 115 23.94 51.93 -6.97
CA ALA M 115 22.64 51.27 -6.71
C ALA M 115 21.53 52.31 -6.50
N PRO M 116 21.72 53.37 -5.67
CA PRO M 116 20.74 54.46 -5.58
C PRO M 116 20.40 55.15 -6.93
N ALA M 117 21.42 55.36 -7.78
CA ALA M 117 21.27 55.97 -9.12
C ALA M 117 20.40 55.06 -10.00
N HIS M 118 20.74 53.78 -10.10
CA HIS M 118 19.99 52.73 -10.83
C HIS M 118 18.51 52.79 -10.43
N ASP M 119 18.22 52.77 -9.12
CA ASP M 119 16.86 52.76 -8.53
C ASP M 119 16.10 54.05 -8.92
N TYR M 120 16.80 55.19 -8.98
CA TYR M 120 16.21 56.53 -9.25
C TYR M 120 15.74 56.61 -10.71
N PHE M 121 16.62 56.30 -11.67
CA PHE M 121 16.38 56.47 -13.13
C PHE M 121 15.43 55.39 -13.68
N VAL M 122 15.33 54.23 -13.01
CA VAL M 122 14.33 53.16 -13.33
C VAL M 122 12.94 53.68 -12.93
N LYS M 123 12.82 54.24 -11.71
CA LYS M 123 11.59 54.89 -11.18
C LYS M 123 11.19 56.07 -12.08
N SER M 124 12.17 56.89 -12.50
CA SER M 124 12.01 58.06 -13.40
C SER M 124 11.44 57.61 -14.76
N GLY M 125 11.92 56.46 -15.28
CA GLY M 125 11.56 55.93 -16.60
C GLY M 125 12.53 56.36 -17.68
N ALA M 126 13.81 56.56 -17.32
CA ALA M 126 14.91 56.93 -18.24
C ALA M 126 15.66 55.66 -18.67
N MET M 127 15.93 54.75 -17.73
CA MET M 127 16.67 53.48 -17.94
C MET M 127 15.90 52.57 -18.92
N ILE M 128 14.56 52.60 -18.87
CA ILE M 128 13.67 51.80 -19.77
C ILE M 128 13.79 52.31 -21.22
N GLN M 129 13.98 53.63 -21.42
CA GLN M 129 14.22 54.23 -22.75
C GLN M 129 15.61 53.82 -23.27
N ILE M 130 16.61 53.79 -22.39
CA ILE M 130 18.02 53.37 -22.68
C ILE M 130 18.03 51.88 -23.04
N LEU M 131 17.28 51.06 -22.28
CA LEU M 131 17.17 49.58 -22.46
C LEU M 131 16.68 49.27 -23.88
N VAL M 132 15.58 49.90 -24.30
CA VAL M 132 14.94 49.70 -25.64
C VAL M 132 15.87 50.23 -26.73
N PHE M 133 16.59 51.33 -26.49
CA PHE M 133 17.55 51.94 -27.45
C PHE M 133 18.77 51.03 -27.64
N ILE M 134 19.29 50.46 -26.54
CA ILE M 134 20.40 49.46 -26.58
C ILE M 134 19.87 48.20 -27.28
N GLY M 135 18.65 47.77 -26.92
CA GLY M 135 17.93 46.66 -27.58
C GLY M 135 17.79 46.88 -29.07
N PHE M 136 17.51 48.12 -29.49
CA PHE M 136 17.40 48.55 -30.91
C PHE M 136 18.76 48.41 -31.58
N LEU M 137 19.81 48.99 -30.98
CA LEU M 137 21.20 48.98 -31.50
C LEU M 137 21.69 47.53 -31.69
N GLU M 138 21.45 46.68 -30.68
CA GLU M 138 21.85 45.24 -30.68
C GLU M 138 21.26 44.52 -31.90
N MET M 139 19.96 44.71 -32.16
CA MET M 139 19.23 44.12 -33.31
C MET M 139 19.74 44.70 -34.64
N VAL M 140 20.03 46.00 -34.67
CA VAL M 140 20.48 46.74 -35.90
C VAL M 140 21.91 46.28 -36.26
N LEU M 141 22.84 46.34 -35.30
CA LEU M 141 24.28 46.06 -35.51
C LEU M 141 24.48 44.59 -35.93
N HIS M 142 23.77 43.65 -35.29
CA HIS M 142 23.87 42.19 -35.55
C HIS M 142 22.88 41.76 -36.65
N ARG M 143 21.99 42.66 -37.08
CA ARG M 143 21.07 42.50 -38.25
C ARG M 143 20.12 41.32 -38.02
N GLY M 144 19.58 41.18 -36.81
CA GLY M 144 18.57 40.17 -36.44
C GLY M 144 19.17 38.97 -35.72
N LYS M 145 20.30 38.45 -36.21
CA LYS M 145 20.96 37.23 -35.66
C LYS M 145 21.68 37.62 -34.36
N VAL M 146 20.94 37.60 -33.24
CA VAL M 146 21.39 38.09 -31.89
C VAL M 146 21.71 36.91 -30.97
N LEU M 147 21.12 35.72 -31.21
CA LEU M 147 21.27 34.54 -30.32
C LEU M 147 22.64 33.89 -30.56
N TYR M 148 23.16 33.20 -29.54
CA TYR M 148 24.37 32.34 -29.62
C TYR M 148 24.17 31.25 -30.67
N SER M 149 22.93 30.77 -30.83
CA SER M 149 22.53 29.77 -31.86
C SER M 149 22.49 30.41 -33.27
N ASP M 150 22.09 31.69 -33.38
CA ASP M 150 21.75 32.38 -34.66
C ASP M 150 22.95 33.19 -35.18
N MET M 151 23.67 33.90 -34.31
CA MET M 151 24.74 34.87 -34.69
C MET M 151 25.78 34.18 -35.57
N GLU M 152 26.08 34.79 -36.72
CA GLU M 152 26.97 34.23 -37.78
C GLU M 152 28.00 35.30 -38.20
N TRP M 153 29.11 34.83 -38.78
CA TRP M 153 30.29 35.65 -39.18
C TRP M 153 30.66 35.31 -40.64
N LYS M 154 29.81 35.74 -41.58
CA LYS M 154 29.95 35.47 -43.05
C LYS M 154 31.19 36.21 -43.59
N GLY M 155 31.11 37.54 -43.70
CA GLY M 155 32.19 38.42 -44.20
C GLY M 155 32.61 39.44 -43.16
N ARG M 156 32.77 38.99 -41.91
CA ARG M 156 33.11 39.84 -40.73
C ARG M 156 33.76 38.97 -39.65
N LYS M 157 35.02 39.25 -39.29
CA LYS M 157 35.72 38.62 -38.14
C LYS M 157 35.08 39.15 -36.85
N PRO M 158 35.03 38.36 -35.75
CA PRO M 158 34.40 38.80 -34.50
C PRO M 158 34.83 40.21 -34.04
N GLY M 159 33.86 41.08 -33.78
CA GLY M 159 34.07 42.49 -33.39
C GLY M 159 33.72 43.46 -34.51
N GLU M 160 33.93 43.06 -35.77
CA GLU M 160 33.63 43.89 -36.98
C GLU M 160 32.11 44.02 -37.14
N LEU M 161 31.53 45.09 -36.56
CA LEU M 161 30.08 45.42 -36.63
C LEU M 161 29.83 46.49 -37.69
N GLY M 162 30.86 46.90 -38.44
CA GLY M 162 30.77 47.85 -39.57
C GLY M 162 30.50 49.26 -39.09
N PHE M 163 31.24 49.72 -38.09
CA PHE M 163 31.18 51.09 -37.51
C PHE M 163 32.58 51.72 -37.58
N ASN M 164 32.86 52.46 -38.66
CA ASN M 164 34.16 53.13 -38.92
C ASN M 164 33.90 54.39 -39.75
N PRO M 165 33.20 55.40 -39.19
CA PRO M 165 32.86 56.62 -39.92
C PRO M 165 34.08 57.47 -40.33
N LEU M 166 35.06 57.62 -39.44
CA LEU M 166 36.33 58.36 -39.70
C LEU M 166 37.20 57.57 -40.70
N ASN M 167 37.04 56.24 -40.75
CA ASN M 167 37.76 55.33 -41.68
C ASN M 167 39.23 55.24 -41.25
N LEU M 168 39.48 54.94 -39.97
CA LEU M 168 40.83 54.71 -39.40
C LEU M 168 41.25 53.28 -39.73
N PRO M 169 42.57 52.94 -39.68
CA PRO M 169 43.03 51.62 -40.13
C PRO M 169 42.60 50.50 -39.15
N ASN M 170 41.92 49.48 -39.66
CA ASN M 170 41.25 48.39 -38.88
C ASN M 170 42.11 47.13 -38.94
N ASP M 171 42.24 46.52 -40.12
CA ASP M 171 42.87 45.18 -40.34
C ASP M 171 44.38 45.31 -40.11
N LYS M 172 44.79 45.29 -38.84
CA LYS M 172 46.21 45.39 -38.38
C LYS M 172 46.27 45.03 -36.89
N ALA M 173 47.24 45.58 -36.14
CA ALA M 173 47.40 45.40 -34.67
C ALA M 173 46.48 46.34 -33.88
N MET M 174 45.70 47.20 -34.58
CA MET M 174 44.71 48.14 -33.98
C MET M 174 43.64 47.36 -33.21
N LYS M 175 43.28 46.16 -33.68
CA LYS M 175 42.33 45.24 -33.00
C LYS M 175 42.91 44.81 -31.64
N ASP M 176 44.22 44.55 -31.57
CA ASP M 176 44.94 44.17 -30.32
C ASP M 176 44.97 45.35 -29.34
N ARG M 177 45.00 46.59 -29.86
CA ARG M 177 45.01 47.84 -29.06
C ARG M 177 43.61 48.07 -28.45
N GLU M 178 42.55 47.80 -29.21
CA GLU M 178 41.14 47.83 -28.74
C GLU M 178 40.96 46.81 -27.61
N ILE M 179 41.41 45.58 -27.84
CA ILE M 179 41.28 44.42 -26.90
C ILE M 179 41.97 44.77 -25.58
N ASN M 180 43.23 45.21 -25.63
CA ASN M 180 44.05 45.55 -24.43
C ASN M 180 43.38 46.66 -23.62
N ASN M 181 42.89 47.71 -24.28
CA ASN M 181 42.12 48.83 -23.66
C ASN M 181 40.80 48.31 -23.11
N GLY M 182 40.13 47.40 -23.84
CA GLY M 182 38.85 46.79 -23.43
C GLY M 182 39.02 45.90 -22.21
N ARG M 183 40.04 45.03 -22.22
CA ARG M 183 40.40 44.11 -21.10
C ARG M 183 40.73 44.93 -19.85
N LEU M 184 41.52 46.00 -20.01
CA LEU M 184 41.94 46.91 -18.91
C LEU M 184 40.72 47.65 -18.36
N ALA M 185 39.80 48.07 -19.24
CA ALA M 185 38.56 48.80 -18.90
C ALA M 185 37.61 47.90 -18.09
N MET M 186 37.54 46.61 -18.41
CA MET M 186 36.67 45.61 -17.73
C MET M 186 37.14 45.43 -16.28
N LEU M 187 38.44 45.24 -16.06
CA LEU M 187 39.07 45.20 -14.71
C LEU M 187 38.99 46.59 -14.07
N GLY M 188 39.26 47.64 -14.84
CA GLY M 188 39.12 49.05 -14.43
C GLY M 188 37.77 49.31 -13.80
N PHE M 189 36.69 49.09 -14.56
CA PHE M 189 35.27 49.26 -14.15
C PHE M 189 35.00 48.50 -12.86
N ALA M 190 35.44 47.25 -12.78
CA ALA M 190 35.31 46.36 -11.61
C ALA M 190 35.99 47.01 -10.38
N GLY M 191 37.16 47.62 -10.58
CA GLY M 191 37.90 48.38 -9.55
C GLY M 191 37.16 49.63 -9.09
N ILE M 192 36.46 50.32 -10.00
CA ILE M 192 35.68 51.55 -9.71
C ILE M 192 34.51 51.18 -8.79
N ILE M 193 33.62 50.32 -9.26
CA ILE M 193 32.31 49.98 -8.61
C ILE M 193 32.56 49.35 -7.22
N HIS M 194 33.63 48.56 -7.06
CA HIS M 194 33.98 47.89 -5.78
C HIS M 194 34.52 48.93 -4.79
N GLY M 195 35.32 49.89 -5.27
CA GLY M 195 35.72 51.09 -4.52
C GLY M 195 34.52 51.92 -4.11
N GLU M 196 33.51 52.03 -4.98
CA GLU M 196 32.25 52.78 -4.75
C GLU M 196 31.37 52.08 -3.70
N PHE M 197 31.44 50.75 -3.60
CA PHE M 197 30.66 49.93 -2.62
C PHE M 197 31.37 49.86 -1.27
N LEU M 198 32.71 49.89 -1.26
CA LEU M 198 33.54 49.64 -0.05
C LEU M 198 33.36 50.79 0.96
N ASN M 199 33.75 52.01 0.58
CA ASN M 199 33.82 53.20 1.48
C ASN M 199 32.99 54.37 0.92
N GLY M 200 32.10 54.11 -0.06
CA GLY M 200 31.19 55.12 -0.65
C GLY M 200 31.92 56.36 -1.15
N LYS M 201 33.05 56.17 -1.86
CA LYS M 201 34.03 57.23 -2.18
C LYS M 201 34.21 57.35 -3.71
N MET M 202 34.62 58.54 -4.17
CA MET M 202 34.67 58.95 -5.60
C MET M 202 35.81 58.23 -6.31
N PRO M 203 35.60 57.73 -7.56
CA PRO M 203 36.62 56.96 -8.28
C PRO M 203 38.03 57.58 -8.34
N ILE M 204 38.12 58.88 -8.64
CA ILE M 204 39.39 59.61 -8.97
C ILE M 204 40.04 60.13 -7.67
N GLU M 205 39.26 60.35 -6.61
CA GLU M 205 39.75 60.82 -5.28
C GLU M 205 40.60 59.73 -4.61
N GLN M 206 40.33 58.45 -4.89
CA GLN M 206 41.00 57.25 -4.31
C GLN M 206 42.51 57.30 -4.51
N ILE M 207 42.98 57.79 -5.68
CA ILE M 207 44.41 57.74 -6.11
C ILE M 207 45.09 59.10 -5.84
N THR M 208 44.89 59.66 -4.64
CA THR M 208 45.51 60.92 -4.16
C THR M 208 46.42 60.59 -2.97
N ASN M 209 45.83 60.27 -1.81
CA ASN M 209 46.54 59.82 -0.58
C ASN M 209 45.50 59.43 0.49
N PHE M 210 44.92 58.23 0.35
CA PHE M 210 43.84 57.68 1.22
C PHE M 210 44.03 56.16 1.38
N GLN M 211 43.87 55.65 2.60
CA GLN M 211 43.95 54.21 2.95
C GLN M 211 42.78 53.83 3.87
N PRO M 212 42.29 52.58 3.84
CA PRO M 212 41.15 52.17 4.67
C PRO M 212 41.55 51.95 6.14
N GLN N 34 75.46 -9.90 1.25
CA GLN N 34 74.57 -10.93 0.62
C GLN N 34 73.57 -10.23 -0.31
N ALA N 35 72.67 -9.41 0.26
CA ALA N 35 71.70 -8.55 -0.46
C ALA N 35 70.61 -9.39 -1.14
N PRO N 36 69.48 -8.79 -1.58
CA PRO N 36 68.51 -9.50 -2.42
C PRO N 36 69.05 -9.82 -3.82
N SER N 37 68.34 -10.70 -4.54
CA SER N 37 68.77 -11.34 -5.81
C SER N 37 69.07 -10.30 -6.89
N GLY N 38 68.04 -9.55 -7.33
CA GLY N 38 68.12 -8.59 -8.45
C GLY N 38 68.57 -7.21 -7.99
N ALA N 39 67.93 -6.16 -8.51
CA ALA N 39 68.22 -4.74 -8.21
C ALA N 39 67.75 -4.41 -6.79
N ALA N 40 68.64 -3.90 -5.95
CA ALA N 40 68.39 -3.47 -4.55
C ALA N 40 68.23 -1.94 -4.50
N MET N 41 67.40 -1.46 -3.56
CA MET N 41 67.17 -0.01 -3.30
C MET N 41 68.46 0.60 -2.76
N PRO N 42 69.09 1.57 -3.45
CA PRO N 42 70.32 2.21 -2.96
C PRO N 42 70.26 2.75 -1.52
N SER N 43 69.17 3.43 -1.17
CA SER N 43 68.92 4.06 0.16
C SER N 43 68.83 2.99 1.26
N MET N 44 68.27 1.82 0.93
CA MET N 44 68.08 0.67 1.85
C MET N 44 68.51 -0.60 1.14
N PRO N 45 69.84 -0.91 1.09
CA PRO N 45 70.37 -2.03 0.29
C PRO N 45 69.79 -3.43 0.54
N PHE N 46 69.05 -3.61 1.64
CA PHE N 46 68.41 -4.89 2.06
C PHE N 46 67.05 -5.03 1.36
N LEU N 47 66.34 -3.93 1.12
CA LEU N 47 65.02 -3.91 0.42
C LEU N 47 65.25 -3.89 -1.10
N LYS N 48 64.41 -4.62 -1.86
CA LYS N 48 64.39 -4.62 -3.34
C LYS N 48 64.01 -3.23 -3.85
N ARG N 49 64.59 -2.81 -4.98
CA ARG N 49 64.37 -1.48 -5.61
C ARG N 49 62.92 -1.40 -6.10
N PRO N 50 62.16 -0.32 -5.76
CA PRO N 50 60.82 -0.13 -6.32
C PRO N 50 60.82 -0.11 -7.86
N SER N 51 59.80 -0.73 -8.47
CA SER N 51 59.68 -0.99 -9.92
C SER N 51 59.77 0.31 -10.72
N LYS N 52 59.14 1.38 -10.24
CA LYS N 52 59.00 2.69 -10.95
C LYS N 52 60.24 3.57 -10.70
N LEU N 53 60.77 3.55 -9.47
CA LEU N 53 61.95 4.37 -9.07
C LEU N 53 63.24 3.68 -9.55
N ASP N 54 63.83 4.19 -10.63
CA ASP N 54 65.02 3.61 -11.31
C ASP N 54 66.29 4.41 -10.99
N GLY N 55 66.19 5.45 -10.14
CA GLY N 55 67.34 6.27 -9.69
C GLY N 55 67.61 7.47 -10.59
N SER N 56 66.85 7.64 -11.68
CA SER N 56 67.07 8.64 -12.75
C SER N 56 66.59 10.03 -12.32
N LEU N 57 65.60 10.11 -11.42
CA LEU N 57 64.92 11.39 -11.04
C LEU N 57 65.90 12.27 -10.27
N PRO N 58 65.81 13.61 -10.37
CA PRO N 58 66.81 14.52 -9.78
C PRO N 58 67.16 14.24 -8.32
N GLY N 59 66.16 14.22 -7.43
CA GLY N 59 66.34 14.04 -5.97
C GLY N 59 65.91 12.65 -5.51
N GLY N 60 65.96 11.66 -6.41
CA GLY N 60 65.52 10.28 -6.16
C GLY N 60 66.57 9.26 -6.57
N GLU N 61 67.84 9.52 -6.24
CA GLU N 61 68.99 8.60 -6.49
C GLU N 61 68.85 7.40 -5.56
N GLY N 62 68.41 7.63 -4.31
CA GLY N 62 68.15 6.61 -3.28
C GLY N 62 67.04 5.63 -3.67
N CYS N 63 66.07 6.06 -4.50
CA CYS N 63 64.86 5.31 -4.88
C CYS N 63 64.04 4.96 -3.63
N PHE N 64 64.04 5.88 -2.65
CA PHE N 64 63.53 5.66 -1.27
C PHE N 64 62.00 5.56 -1.27
N ASP N 65 61.49 4.33 -1.23
CA ASP N 65 60.04 4.00 -1.09
C ASP N 65 59.90 2.64 -0.42
N PRO N 66 60.29 2.48 0.87
CA PRO N 66 60.15 1.20 1.57
C PRO N 66 58.70 0.72 1.74
N LEU N 67 57.76 1.62 2.04
CA LEU N 67 56.32 1.30 2.26
C LEU N 67 55.60 1.09 0.92
N GLY N 68 56.25 1.37 -0.22
CA GLY N 68 55.79 0.98 -1.57
C GLY N 68 54.55 1.76 -2.00
N PHE N 69 54.55 3.08 -1.79
CA PHE N 69 53.49 4.01 -2.23
C PHE N 69 53.44 4.06 -3.76
N THR N 70 54.60 4.17 -4.41
CA THR N 70 54.75 4.30 -5.88
C THR N 70 54.28 3.03 -6.60
N GLU N 71 54.32 1.87 -5.92
CA GLU N 71 53.84 0.56 -6.43
C GLU N 71 52.33 0.61 -6.70
N VAL N 72 51.58 1.38 -5.89
CA VAL N 72 50.09 1.46 -5.96
C VAL N 72 49.64 2.83 -6.51
N PHE N 73 50.34 3.92 -6.17
CA PHE N 73 49.94 5.32 -6.52
C PHE N 73 50.76 5.84 -7.72
N SER N 74 50.17 6.78 -8.46
CA SER N 74 50.78 7.53 -9.59
C SER N 74 52.01 8.28 -9.08
N LEU N 75 53.16 8.10 -9.76
CA LEU N 75 54.43 8.78 -9.42
C LEU N 75 54.30 10.28 -9.75
N GLU N 76 53.67 10.62 -10.88
CA GLU N 76 53.48 12.01 -11.36
C GLU N 76 52.67 12.81 -10.33
N TRP N 77 51.64 12.19 -9.74
CA TRP N 77 50.83 12.76 -8.62
C TRP N 77 51.73 13.00 -7.40
N MET N 78 52.39 11.93 -6.91
CA MET N 78 53.23 11.96 -5.69
C MET N 78 54.34 13.02 -5.84
N ARG N 79 54.98 13.07 -7.00
CA ARG N 79 56.06 14.04 -7.32
C ARG N 79 55.52 15.46 -7.26
N GLU N 80 54.35 15.72 -7.86
CA GLU N 80 53.67 17.04 -7.85
C GLU N 80 53.42 17.47 -6.40
N ALA N 81 52.92 16.54 -5.57
CA ALA N 81 52.62 16.74 -4.14
C ALA N 81 53.90 17.07 -3.37
N GLU N 82 54.95 16.24 -3.52
CA GLU N 82 56.26 16.42 -2.84
C GLU N 82 56.83 17.82 -3.15
N VAL N 83 56.92 18.17 -4.43
CA VAL N 83 57.50 19.46 -4.92
C VAL N 83 56.62 20.62 -4.45
N LYS N 84 55.30 20.44 -4.41
CA LYS N 84 54.33 21.47 -3.90
C LYS N 84 54.60 21.69 -2.40
N HIS N 85 54.65 20.61 -1.62
CA HIS N 85 54.94 20.63 -0.16
C HIS N 85 56.31 21.27 0.10
N CYS N 86 57.32 20.89 -0.68
CA CYS N 86 58.71 21.46 -0.65
C CYS N 86 58.66 22.99 -0.69
N ARG N 87 57.96 23.54 -1.69
CA ARG N 87 57.90 24.99 -2.00
C ARG N 87 57.07 25.74 -0.96
N VAL N 88 55.95 25.15 -0.50
CA VAL N 88 55.09 25.73 0.57
C VAL N 88 55.88 25.76 1.88
N ALA N 89 56.51 24.63 2.24
CA ALA N 89 57.29 24.44 3.49
C ALA N 89 58.47 25.42 3.54
N MET N 90 59.22 25.54 2.44
CA MET N 90 60.43 26.39 2.33
C MET N 90 60.06 27.85 2.61
N LEU N 91 59.02 28.37 1.95
CA LEU N 91 58.51 29.75 2.18
C LEU N 91 58.08 29.90 3.65
N ALA N 92 57.43 28.87 4.20
CA ALA N 92 56.83 28.88 5.57
C ALA N 92 57.94 28.90 6.63
N VAL N 93 58.99 28.09 6.47
CA VAL N 93 60.17 28.01 7.39
C VAL N 93 60.89 29.37 7.39
N LEU N 94 61.14 29.94 6.20
CA LEU N 94 61.79 31.26 6.03
C LEU N 94 60.86 32.36 6.57
N GLY N 95 59.55 32.24 6.31
CA GLY N 95 58.50 33.14 6.81
C GLY N 95 58.55 33.27 8.33
N VAL N 96 58.60 32.14 9.04
CA VAL N 96 58.66 32.07 10.53
C VAL N 96 59.90 32.83 11.02
N ILE N 97 61.07 32.52 10.46
CA ILE N 97 62.40 33.13 10.83
C ILE N 97 62.34 34.63 10.57
N ALA N 98 61.87 35.05 9.39
CA ALA N 98 61.77 36.46 8.95
C ALA N 98 60.79 37.23 9.86
N GLN N 99 59.62 36.64 10.13
CA GLN N 99 58.57 37.24 11.00
C GLN N 99 59.06 37.33 12.45
N GLU N 100 59.88 36.37 12.91
CA GLU N 100 60.48 36.37 14.27
C GLU N 100 61.42 37.57 14.42
N PHE N 101 62.35 37.74 13.46
CA PHE N 101 63.37 38.82 13.44
C PHE N 101 62.68 40.19 13.48
N GLY N 102 61.66 40.39 12.65
CA GLY N 102 60.89 41.65 12.59
C GLY N 102 59.59 41.51 11.81
N THR N 103 58.51 42.10 12.33
CA THR N 103 57.17 42.22 11.68
C THR N 103 56.90 43.69 11.35
N LEU N 104 56.00 43.94 10.39
CA LEU N 104 55.57 45.31 9.98
C LEU N 104 54.76 45.95 11.10
N ASP N 105 54.77 47.29 11.18
CA ASP N 105 54.17 48.10 12.27
C ASP N 105 52.64 48.02 12.18
N PHE N 106 52.07 48.36 11.02
CA PHE N 106 50.62 48.46 10.75
C PHE N 106 49.92 47.12 11.01
N TYR N 107 50.61 46.00 10.80
CA TYR N 107 50.21 44.65 11.29
C TYR N 107 50.58 44.53 12.77
N HIS N 108 49.68 44.93 13.66
CA HIS N 108 49.88 44.98 15.14
C HIS N 108 49.89 43.54 15.69
N ALA N 109 51.02 42.83 15.49
CA ALA N 109 51.22 41.41 15.90
C ALA N 109 51.44 41.35 17.42
N GLN N 110 50.40 40.92 18.16
CA GLN N 110 50.43 40.81 19.64
C GLN N 110 51.28 39.59 20.05
N SER N 111 51.12 38.47 19.35
CA SER N 111 51.86 37.19 19.57
C SER N 111 53.22 37.26 18.85
N LYS N 112 54.29 36.87 19.54
CA LYS N 112 55.67 36.73 18.98
C LYS N 112 55.88 35.29 18.49
N LEU N 113 54.96 34.37 18.84
CA LEU N 113 54.95 32.95 18.37
C LEU N 113 54.18 32.89 17.04
N GLN N 114 54.89 32.59 15.94
CA GLN N 114 54.37 32.71 14.55
C GLN N 114 53.46 31.52 14.23
N LEU N 115 53.80 30.32 14.74
CA LEU N 115 53.04 29.06 14.57
C LEU N 115 52.16 28.78 15.79
N SER N 116 51.58 29.84 16.38
CA SER N 116 50.57 29.76 17.47
C SER N 116 49.18 29.90 16.87
N PRO N 117 48.14 29.27 17.45
CA PRO N 117 46.74 29.59 17.09
C PRO N 117 46.43 31.09 17.23
N ASP N 118 46.95 31.73 18.29
CA ASP N 118 46.73 33.15 18.66
C ASP N 118 47.04 34.05 17.45
N LEU N 119 48.21 33.88 16.82
CA LEU N 119 48.68 34.73 15.69
C LEU N 119 47.87 34.39 14.43
N HIS N 120 47.76 33.10 14.09
CA HIS N 120 46.96 32.58 12.95
C HIS N 120 45.56 33.21 12.99
N ASN N 121 44.88 33.12 14.14
CA ASN N 121 43.50 33.62 14.37
C ASN N 121 43.44 35.13 14.11
N GLN N 122 44.45 35.89 14.55
CA GLN N 122 44.50 37.37 14.41
C GLN N 122 44.50 37.76 12.93
N PHE N 123 45.35 37.12 12.12
CA PHE N 123 45.57 37.44 10.69
C PHE N 123 44.53 36.77 9.79
N VAL N 124 43.66 35.92 10.35
CA VAL N 124 42.36 35.52 9.71
C VAL N 124 41.37 36.67 9.90
N GLN N 125 41.30 37.25 11.10
CA GLN N 125 40.35 38.34 11.48
C GLN N 125 40.77 39.66 10.83
N ASN N 126 42.07 39.93 10.71
CA ASN N 126 42.62 41.10 9.97
C ASN N 126 42.14 41.06 8.52
N GLY N 127 42.06 39.86 7.93
CA GLY N 127 41.73 39.62 6.51
C GLY N 127 42.99 39.47 5.66
N ALA N 128 44.15 39.31 6.30
CA ALA N 128 45.47 39.13 5.64
C ALA N 128 45.55 37.71 5.06
N LEU N 129 45.28 36.70 5.88
CA LEU N 129 45.26 35.27 5.48
C LEU N 129 44.02 35.00 4.60
N GLN N 130 42.94 35.76 4.77
CA GLN N 130 41.74 35.72 3.88
C GLN N 130 42.12 36.13 2.45
N GLN N 131 43.01 37.13 2.32
CA GLN N 131 43.45 37.67 1.00
C GLN N 131 44.37 36.67 0.30
N VAL N 132 45.37 36.13 1.00
CA VAL N 132 46.38 35.20 0.40
C VAL N 132 45.70 33.84 0.14
N LEU N 133 44.68 33.47 0.93
CA LEU N 133 43.82 32.27 0.67
C LEU N 133 43.15 32.42 -0.70
N LEU N 134 42.62 33.61 -1.01
CA LEU N 134 41.91 33.91 -2.28
C LEU N 134 42.83 33.63 -3.47
N PHE N 135 44.06 34.15 -3.44
CA PHE N 135 45.05 34.08 -4.55
C PHE N 135 45.76 32.72 -4.57
N VAL N 136 45.88 32.05 -3.42
CA VAL N 136 46.35 30.63 -3.35
C VAL N 136 45.28 29.72 -3.97
N CYS N 137 44.02 29.89 -3.58
CA CYS N 137 42.83 29.17 -4.13
C CYS N 137 42.70 29.45 -5.62
N ALA N 138 42.89 30.71 -6.02
CA ALA N 138 42.89 31.16 -7.44
C ALA N 138 43.97 30.38 -8.21
N TRP N 139 45.21 30.38 -7.70
CA TRP N 139 46.37 29.67 -8.29
C TRP N 139 46.01 28.19 -8.46
N GLU N 140 45.61 27.54 -7.37
CA GLU N 140 45.37 26.07 -7.32
C GLU N 140 44.28 25.67 -8.33
N PHE N 141 43.21 26.46 -8.44
CA PHE N 141 42.05 26.16 -9.33
C PHE N 141 42.39 26.49 -10.80
N PHE N 142 43.03 27.63 -11.07
CA PHE N 142 43.28 28.16 -12.44
C PHE N 142 44.67 27.78 -12.96
N VAL N 143 45.57 27.27 -12.11
CA VAL N 143 46.99 26.95 -12.49
C VAL N 143 47.36 25.56 -11.98
N GLY N 144 47.31 25.35 -10.67
CA GLY N 144 47.75 24.11 -9.98
C GLY N 144 47.00 22.89 -10.47
N LEU N 145 45.68 22.98 -10.63
CA LEU N 145 44.81 21.85 -11.03
C LEU N 145 44.99 21.55 -12.52
N PRO N 146 44.94 22.54 -13.45
CA PRO N 146 45.34 22.32 -14.84
C PRO N 146 46.74 21.71 -14.98
N ALA N 147 47.70 22.23 -14.21
CA ALA N 147 49.12 21.77 -14.17
C ALA N 147 49.20 20.31 -13.73
N LEU N 148 48.45 19.93 -12.68
CA LEU N 148 48.41 18.54 -12.16
C LEU N 148 47.85 17.60 -13.25
N ILE N 149 46.72 17.98 -13.88
CA ILE N 149 46.03 17.16 -14.92
C ILE N 149 46.97 16.94 -16.11
N GLU N 150 47.70 17.98 -16.54
CA GLU N 150 48.73 17.90 -17.62
C GLU N 150 49.77 16.83 -17.27
N SER N 151 50.23 16.79 -16.02
CA SER N 151 51.27 15.85 -15.52
C SER N 151 50.74 14.41 -15.50
N LEU N 152 49.47 14.21 -15.14
CA LEU N 152 48.82 12.86 -15.09
C LEU N 152 48.64 12.32 -16.51
N GLU N 153 48.32 13.19 -17.47
CA GLU N 153 48.25 12.86 -18.93
C GLU N 153 49.67 12.54 -19.47
N GLY N 154 50.71 13.08 -18.83
CA GLY N 154 52.13 12.81 -19.16
C GLY N 154 52.69 13.84 -20.14
N ARG N 155 52.20 15.08 -20.06
CA ARG N 155 52.54 16.21 -20.96
C ARG N 155 53.22 17.34 -20.17
N ARG N 156 53.60 17.08 -18.91
CA ARG N 156 54.28 18.04 -18.01
C ARG N 156 55.07 17.27 -16.94
N GLU N 157 56.32 17.65 -16.70
CA GLU N 157 57.12 17.12 -15.56
C GLU N 157 56.56 17.72 -14.28
N PRO N 158 56.22 16.89 -13.25
CA PRO N 158 55.67 17.42 -12.00
C PRO N 158 56.53 18.53 -11.38
N GLY N 159 55.90 19.67 -11.05
CA GLY N 159 56.55 20.85 -10.45
C GLY N 159 56.95 21.92 -11.46
N TYR N 160 57.01 21.57 -12.76
CA TYR N 160 57.46 22.50 -13.83
C TYR N 160 56.35 23.52 -14.14
N PHE N 161 56.61 24.80 -13.85
CA PHE N 161 55.82 25.96 -14.34
C PHE N 161 56.70 26.83 -15.26
N GLY N 162 57.87 26.33 -15.66
CA GLY N 162 58.85 27.03 -16.51
C GLY N 162 59.21 28.42 -16.00
N PHE N 163 59.17 28.62 -14.67
CA PHE N 163 59.46 29.91 -14.00
C PHE N 163 60.97 29.97 -13.66
N ASP N 164 61.73 30.69 -14.48
CA ASP N 164 63.18 30.98 -14.24
C ASP N 164 63.52 32.31 -14.91
N PRO N 165 62.97 33.45 -14.43
CA PRO N 165 63.31 34.77 -14.98
C PRO N 165 64.80 35.08 -15.04
N LEU N 166 65.55 34.76 -13.97
CA LEU N 166 66.99 35.09 -13.80
C LEU N 166 67.88 34.03 -14.47
N LYS N 167 67.33 32.87 -14.85
CA LYS N 167 68.04 31.72 -15.47
C LYS N 167 69.16 31.26 -14.53
N LEU N 168 68.78 30.85 -13.31
CA LEU N 168 69.67 30.25 -12.27
C LEU N 168 69.57 28.71 -12.33
N GLY N 169 68.88 28.17 -13.35
CA GLY N 169 68.75 26.73 -13.64
C GLY N 169 69.36 26.36 -14.99
N GLY N 170 69.24 27.24 -16.00
CA GLY N 170 69.76 27.03 -17.36
C GLY N 170 68.68 26.54 -18.31
N THR N 171 69.03 25.63 -19.22
CA THR N 171 68.10 25.01 -20.21
C THR N 171 67.35 23.86 -19.54
N TYR N 172 66.06 23.73 -19.82
CA TYR N 172 65.13 22.73 -19.21
C TYR N 172 65.55 21.31 -19.64
N GLY N 173 66.14 20.55 -18.72
CA GLY N 173 66.56 19.15 -18.91
C GLY N 173 68.07 18.95 -18.87
N SER N 174 68.85 20.01 -18.60
CA SER N 174 70.33 19.98 -18.54
C SER N 174 70.81 19.40 -17.20
N ALA N 175 72.10 19.10 -17.09
CA ALA N 175 72.78 18.61 -15.87
C ALA N 175 72.75 19.70 -14.78
N GLN N 176 72.74 20.98 -15.18
CA GLN N 176 72.61 22.15 -14.28
C GLN N 176 71.19 22.18 -13.70
N TRP N 177 70.18 21.96 -14.55
CA TRP N 177 68.74 21.92 -14.18
C TRP N 177 68.47 20.79 -13.18
N LYS N 178 69.04 19.60 -13.43
CA LYS N 178 68.89 18.40 -12.56
C LYS N 178 69.52 18.66 -11.19
N ARG N 179 70.68 19.32 -11.14
CA ARG N 179 71.40 19.70 -9.89
C ARG N 179 70.51 20.63 -9.06
N MET N 180 69.87 21.60 -9.70
CA MET N 180 68.94 22.58 -9.05
C MET N 180 67.64 21.87 -8.67
N ALA N 181 67.13 20.96 -9.51
CA ALA N 181 65.92 20.14 -9.27
C ALA N 181 66.14 19.22 -8.06
N ALA N 182 67.32 18.57 -7.99
CA ALA N 182 67.76 17.75 -6.84
C ALA N 182 67.95 18.65 -5.61
N GLY N 183 68.48 19.86 -5.81
CA GLY N 183 68.68 20.88 -4.76
C GLY N 183 67.37 21.36 -4.17
N GLU N 184 66.36 21.58 -5.02
CA GLU N 184 65.00 22.05 -4.66
C GLU N 184 64.36 21.09 -3.65
N LEU N 185 64.36 19.79 -3.98
CA LEU N 185 63.74 18.71 -3.16
C LEU N 185 64.50 18.59 -1.83
N ARG N 186 65.83 18.48 -1.87
CA ARG N 186 66.71 18.34 -0.67
C ARG N 186 66.52 19.54 0.26
N ASN N 187 66.42 20.76 -0.27
CA ASN N 187 66.11 22.00 0.51
C ASN N 187 64.66 21.94 1.01
N GLY N 188 63.73 21.48 0.16
CA GLY N 188 62.30 21.42 0.46
C GLY N 188 61.97 20.36 1.50
N ARG N 189 62.53 19.15 1.34
CA ARG N 189 62.39 18.02 2.29
C ARG N 189 62.90 18.43 3.67
N LEU N 190 64.00 19.19 3.72
CA LEU N 190 64.63 19.68 4.98
C LEU N 190 63.69 20.69 5.65
N ALA N 191 63.12 21.63 4.87
CA ALA N 191 62.17 22.66 5.32
C ALA N 191 60.88 22.01 5.83
N MET N 192 60.34 21.03 5.08
CA MET N 192 59.14 20.24 5.45
C MET N 192 59.32 19.69 6.88
N ILE N 193 60.41 18.96 7.13
CA ILE N 193 60.75 18.37 8.45
C ILE N 193 61.01 19.51 9.45
N ALA N 194 61.86 20.48 9.08
CA ALA N 194 62.24 21.64 9.92
C ALA N 194 60.99 22.31 10.50
N PHE N 195 59.95 22.49 9.67
CA PHE N 195 58.67 23.16 10.04
C PHE N 195 57.95 22.34 11.13
N GLY N 196 58.10 21.01 11.10
CA GLY N 196 57.64 20.12 12.17
C GLY N 196 58.31 20.45 13.50
N GLY N 197 59.64 20.52 13.50
CA GLY N 197 60.46 20.96 14.64
C GLY N 197 60.03 22.34 15.13
N PHE N 198 59.91 23.30 14.22
CA PHE N 198 59.48 24.70 14.51
C PHE N 198 58.18 24.69 15.31
N PHE N 199 57.11 24.13 14.72
CA PHE N 199 55.74 24.11 15.29
C PHE N 199 55.72 23.45 16.68
N HIS N 200 56.25 22.23 16.77
CA HIS N 200 56.15 21.35 17.97
C HIS N 200 56.96 21.93 19.15
N GLN N 201 58.17 22.41 18.89
CA GLN N 201 59.06 23.02 19.91
C GLN N 201 58.44 24.30 20.47
N GLN N 202 57.88 25.15 19.60
CA GLN N 202 57.18 26.41 19.97
C GLN N 202 55.94 26.09 20.83
N LEU N 203 55.29 24.95 20.58
CA LEU N 203 54.04 24.53 21.27
C LEU N 203 54.34 24.12 22.72
N LEU N 204 55.48 23.46 22.97
CA LEU N 204 55.93 23.09 24.34
C LEU N 204 56.48 24.33 25.06
N THR N 205 57.54 24.92 24.53
CA THR N 205 58.37 25.97 25.18
C THR N 205 57.60 27.29 25.31
N LYS N 206 56.72 27.59 24.36
CA LYS N 206 56.01 28.91 24.23
C LYS N 206 57.05 30.01 24.02
N GLN N 207 58.12 29.70 23.27
CA GLN N 207 59.25 30.62 22.95
C GLN N 207 59.44 30.66 21.43
N GLY N 208 60.08 31.73 20.93
CA GLY N 208 60.53 31.85 19.53
C GLY N 208 61.59 30.81 19.18
N ILE N 209 61.70 30.45 17.91
CA ILE N 209 62.73 29.50 17.37
C ILE N 209 64.13 30.09 17.59
N ILE N 210 64.29 31.39 17.34
CA ILE N 210 65.55 32.16 17.59
C ILE N 210 65.72 32.36 19.10
N GLU N 211 64.62 32.66 19.80
CA GLU N 211 64.58 32.85 21.28
C GLU N 211 65.02 31.56 22.00
N GLN N 212 64.60 30.40 21.49
CA GLN N 212 64.92 29.05 22.05
C GLN N 212 66.42 28.77 21.86
N LEU N 213 66.96 29.06 20.67
CA LEU N 213 68.39 28.85 20.32
C LEU N 213 69.31 29.66 21.25
N THR N 214 68.99 30.93 21.47
CA THR N 214 69.75 31.89 22.33
C THR N 214 69.68 31.42 23.80
N HIS N 215 68.47 31.16 24.30
CA HIS N 215 68.19 30.78 25.71
C HIS N 215 67.99 29.25 25.80
N PHE N 216 69.09 28.50 25.93
CA PHE N 216 69.13 27.02 26.12
C PHE N 216 68.46 26.34 24.91
N ALA O 63 67.76 -27.63 9.47
CA ALA O 63 68.34 -27.23 10.81
C ALA O 63 69.04 -28.44 11.45
N GLU O 64 70.14 -28.18 12.17
CA GLU O 64 70.96 -29.22 12.87
C GLU O 64 70.26 -29.62 14.17
N PHE O 65 70.08 -28.68 15.10
CA PHE O 65 69.36 -28.86 16.39
C PHE O 65 67.98 -28.20 16.29
N ASP O 66 66.95 -29.01 16.02
CA ASP O 66 65.52 -28.60 15.96
C ASP O 66 64.66 -29.79 16.35
N PRO O 67 64.69 -30.25 17.62
CA PRO O 67 63.91 -31.42 18.04
C PRO O 67 62.38 -31.22 17.99
N LEU O 68 61.90 -30.02 18.35
CA LEU O 68 60.46 -29.64 18.27
C LEU O 68 60.01 -29.53 16.81
N GLN O 69 60.95 -29.29 15.88
CA GLN O 69 60.71 -29.13 14.42
C GLN O 69 59.86 -27.87 14.18
N ILE O 70 60.30 -26.73 14.73
CA ILE O 70 59.65 -25.40 14.58
C ILE O 70 59.81 -24.94 13.13
N THR O 71 60.96 -25.23 12.52
CA THR O 71 61.32 -24.95 11.10
C THR O 71 60.30 -25.58 10.14
N SER O 72 59.66 -26.69 10.54
CA SER O 72 58.59 -27.39 9.78
C SER O 72 57.30 -26.56 9.73
N TYR O 73 57.13 -25.58 10.61
CA TYR O 73 55.87 -24.80 10.79
C TYR O 73 56.07 -23.34 10.36
N LEU O 74 57.13 -22.69 10.88
CA LEU O 74 57.57 -21.34 10.45
C LEU O 74 58.83 -21.49 9.62
N PRO O 75 59.02 -20.70 8.53
CA PRO O 75 60.16 -20.89 7.63
C PRO O 75 61.48 -20.44 8.28
N ILE O 76 62.57 -21.18 8.01
CA ILE O 76 63.91 -21.00 8.64
C ILE O 76 64.40 -19.56 8.44
N SER O 77 64.17 -18.97 7.26
CA SER O 77 64.53 -17.57 6.90
C SER O 77 63.93 -16.60 7.92
N TRP O 78 62.66 -16.79 8.28
CA TRP O 78 61.92 -15.99 9.30
C TRP O 78 62.50 -16.25 10.70
N MET O 79 62.70 -17.52 11.06
CA MET O 79 63.25 -17.94 12.37
C MET O 79 64.66 -17.37 12.56
N ARG O 80 65.51 -17.46 11.52
CA ARG O 80 66.92 -17.02 11.52
C ARG O 80 67.00 -15.49 11.56
N GLU O 81 65.96 -14.80 11.07
CA GLU O 81 65.79 -13.33 11.22
C GLU O 81 65.55 -13.02 12.70
N SER O 82 64.66 -13.78 13.35
CA SER O 82 64.24 -13.62 14.77
C SER O 82 65.42 -13.90 15.70
N GLU O 83 66.10 -15.02 15.51
CA GLU O 83 67.28 -15.46 16.32
C GLU O 83 68.36 -14.37 16.29
N VAL O 84 68.76 -13.95 15.09
CA VAL O 84 69.81 -12.91 14.83
C VAL O 84 69.32 -11.58 15.41
N LYS O 85 68.04 -11.24 15.24
CA LYS O 85 67.44 -9.99 15.79
C LYS O 85 67.53 -10.03 17.32
N HIS O 86 67.02 -11.10 17.93
CA HIS O 86 67.06 -11.36 19.39
C HIS O 86 68.50 -11.26 19.91
N GLY O 87 69.44 -11.94 19.24
CA GLY O 87 70.87 -12.01 19.61
C GLY O 87 71.52 -10.63 19.69
N ARG O 88 71.31 -9.80 18.67
CA ARG O 88 71.84 -8.42 18.56
C ARG O 88 71.26 -7.53 19.67
N ILE O 89 69.98 -7.70 19.99
CA ILE O 89 69.28 -6.98 21.10
C ILE O 89 69.88 -7.45 22.43
N ALA O 90 70.01 -8.77 22.60
CA ALA O 90 70.57 -9.43 23.82
C ALA O 90 72.03 -9.03 24.04
N MET O 91 72.80 -8.87 22.96
CA MET O 91 74.26 -8.56 23.01
C MET O 91 74.47 -7.11 23.46
N LEU O 92 73.68 -6.16 22.92
CA LEU O 92 73.69 -4.73 23.36
C LEU O 92 73.16 -4.62 24.79
N ALA O 93 72.16 -5.45 25.14
CA ALA O 93 71.49 -5.46 26.47
C ALA O 93 72.46 -5.90 27.56
N PHE O 94 73.31 -6.90 27.28
CA PHE O 94 74.28 -7.49 28.25
C PHE O 94 75.38 -6.47 28.60
N VAL O 95 76.01 -5.88 27.58
CA VAL O 95 77.08 -4.85 27.76
C VAL O 95 76.44 -3.53 28.20
N GLY O 96 75.17 -3.30 27.84
CA GLY O 96 74.35 -2.17 28.31
C GLY O 96 74.10 -2.21 29.80
N THR O 97 73.80 -3.40 30.36
CA THR O 97 73.53 -3.63 31.80
C THR O 97 74.83 -3.45 32.60
N LEU O 98 75.95 -3.98 32.11
CA LEU O 98 77.30 -3.83 32.74
C LEU O 98 77.74 -2.36 32.71
N ALA O 99 77.42 -1.64 31.62
CA ALA O 99 77.77 -0.21 31.41
C ALA O 99 77.01 0.69 32.40
N GLN O 100 75.69 0.55 32.46
CA GLN O 100 74.79 1.43 33.29
C GLN O 100 75.04 1.17 34.78
N GLN O 101 75.31 -0.08 35.18
CA GLN O 101 75.59 -0.48 36.59
C GLN O 101 76.98 0.03 37.01
N ALA O 102 77.91 0.17 36.06
CA ALA O 102 79.29 0.69 36.28
C ALA O 102 79.26 2.23 36.28
N TYR O 103 78.89 2.83 35.15
CA TYR O 103 78.94 4.30 34.89
C TYR O 103 77.52 4.85 34.71
N GLN O 104 77.30 6.08 35.20
CA GLN O 104 76.03 6.86 35.08
C GLN O 104 76.34 8.16 34.32
N PHE O 105 75.44 8.58 33.41
CA PHE O 105 75.54 9.86 32.68
C PHE O 105 75.25 11.02 33.64
N PRO O 106 75.80 12.24 33.40
CA PRO O 106 75.50 13.40 34.25
C PRO O 106 74.04 13.89 34.21
N TRP O 107 73.31 13.57 33.14
CA TRP O 107 71.92 14.07 32.86
C TRP O 107 70.93 13.49 33.87
N TYR O 108 71.07 12.20 34.21
CA TYR O 108 70.12 11.40 35.03
C TYR O 108 70.54 11.46 36.50
N LYS O 109 71.80 11.12 36.79
CA LYS O 109 72.44 11.16 38.14
C LYS O 109 71.77 10.14 39.06
N GLY O 110 70.56 10.43 39.55
CA GLY O 110 69.83 9.62 40.56
C GLY O 110 68.91 8.61 39.89
N ALA O 111 69.47 7.60 39.22
CA ALA O 111 68.76 6.48 38.58
C ALA O 111 68.99 5.20 39.40
N PRO O 112 68.03 4.25 39.42
CA PRO O 112 68.19 2.99 40.17
C PRO O 112 69.40 2.13 39.78
N THR O 113 69.68 1.99 38.48
CA THR O 113 70.74 1.13 37.88
C THR O 113 70.48 -0.35 38.23
N THR O 114 69.23 -0.79 38.08
CA THR O 114 68.76 -2.20 38.24
C THR O 114 67.80 -2.52 37.09
N LEU O 115 67.97 -3.69 36.46
CA LEU O 115 67.23 -4.14 35.24
C LEU O 115 65.73 -3.80 35.37
N VAL O 116 65.13 -4.08 36.53
CA VAL O 116 63.69 -3.83 36.83
C VAL O 116 63.48 -2.35 37.12
N GLY O 117 64.24 -1.79 38.08
CA GLY O 117 64.12 -0.41 38.56
C GLY O 117 64.40 0.62 37.48
N ALA O 118 65.52 0.46 36.76
CA ALA O 118 65.97 1.34 35.65
C ALA O 118 64.92 1.37 34.54
N HIS O 119 64.36 0.21 34.18
CA HIS O 119 63.25 0.06 33.19
C HIS O 119 62.05 0.89 33.65
N ASP O 120 61.56 0.64 34.87
CA ASP O 120 60.38 1.30 35.47
C ASP O 120 60.61 2.82 35.56
N HIS O 121 61.84 3.24 35.85
CA HIS O 121 62.26 4.66 35.98
C HIS O 121 62.18 5.37 34.63
N PHE O 122 62.72 4.76 33.57
CA PHE O 122 62.94 5.37 32.23
C PHE O 122 61.81 4.99 31.25
N VAL O 123 60.69 4.47 31.75
CA VAL O 123 59.56 3.92 30.93
C VAL O 123 58.82 5.07 30.22
N THR O 124 58.57 6.19 30.92
CA THR O 124 57.76 7.34 30.45
C THR O 124 58.58 8.24 29.51
N THR O 125 59.92 8.24 29.65
CA THR O 125 60.86 9.16 28.97
C THR O 125 61.76 8.41 27.99
N ALA O 126 62.89 7.88 28.46
CA ALA O 126 64.01 7.35 27.64
C ALA O 126 63.56 6.13 26.82
N LEU O 127 62.90 5.16 27.46
CA LEU O 127 62.42 3.92 26.79
C LEU O 127 61.24 4.22 25.86
N ALA O 128 60.44 5.25 26.15
CA ALA O 128 59.34 5.75 25.28
C ALA O 128 59.93 6.30 23.97
N GLN O 129 61.04 7.04 24.07
CA GLN O 129 61.78 7.59 22.90
C GLN O 129 62.46 6.45 22.15
N ILE O 130 63.14 5.54 22.87
CA ILE O 130 63.80 4.33 22.29
C ILE O 130 62.73 3.53 21.52
N LEU O 131 61.57 3.28 22.15
CA LEU O 131 60.41 2.57 21.55
C LEU O 131 60.01 3.25 20.24
N LEU O 132 59.90 4.58 20.23
CA LEU O 132 59.42 5.40 19.08
C LEU O 132 60.35 5.21 17.87
N PHE O 133 61.68 5.31 18.07
CA PHE O 133 62.70 5.27 16.99
C PHE O 133 63.09 3.82 16.67
N THR O 134 62.95 2.90 17.63
CA THR O 134 63.13 1.43 17.43
C THR O 134 61.94 0.91 16.60
N SER O 135 60.72 1.31 16.96
CA SER O 135 59.46 0.99 16.23
C SER O 135 59.53 1.53 14.80
N ALA O 136 60.01 2.78 14.64
CA ALA O 136 60.20 3.46 13.35
C ALA O 136 61.02 2.57 12.41
N PHE O 137 62.20 2.14 12.86
CA PHE O 137 63.13 1.26 12.10
C PHE O 137 62.39 -0.03 11.71
N GLU O 138 61.71 -0.66 12.65
CA GLU O 138 60.98 -1.95 12.46
C GLU O 138 59.88 -1.77 11.40
N ILE O 139 59.14 -0.65 11.45
CA ILE O 139 58.04 -0.32 10.50
C ILE O 139 58.62 -0.12 9.09
N LEU O 140 59.69 0.66 8.96
CA LEU O 140 60.25 1.11 7.66
C LEU O 140 61.21 0.07 7.09
N ALA O 141 62.12 -0.47 7.91
CA ALA O 141 63.20 -1.41 7.49
C ALA O 141 62.87 -2.84 7.90
N GLY O 142 62.59 -3.07 9.19
CA GLY O 142 62.41 -4.40 9.79
C GLY O 142 61.27 -5.18 9.16
N VAL O 143 60.14 -4.53 8.89
CA VAL O 143 58.90 -5.18 8.36
C VAL O 143 59.11 -5.55 6.90
N PRO O 144 59.40 -4.59 5.97
CA PRO O 144 59.62 -4.94 4.56
C PRO O 144 60.77 -5.95 4.35
N ALA O 145 61.83 -5.86 5.16
CA ALA O 145 62.99 -6.80 5.16
C ALA O 145 62.49 -8.21 5.45
N ALA O 146 61.78 -8.39 6.58
CA ALA O 146 61.26 -9.70 7.08
C ALA O 146 60.24 -10.29 6.11
N ILE O 147 59.39 -9.45 5.50
CA ILE O 147 58.33 -9.87 4.54
C ILE O 147 58.99 -10.28 3.21
N GLN O 148 60.03 -9.56 2.77
CA GLN O 148 60.71 -9.80 1.46
C GLN O 148 61.52 -11.10 1.52
N THR O 149 62.12 -11.44 2.67
CA THR O 149 62.94 -12.66 2.87
C THR O 149 62.09 -13.92 2.69
N VAL O 150 60.94 -13.99 3.37
CA VAL O 150 60.01 -15.17 3.37
C VAL O 150 59.37 -15.32 1.97
N ARG O 151 58.98 -14.20 1.35
CA ARG O 151 58.36 -14.18 -0.01
C ARG O 151 59.39 -14.58 -1.08
N GLY O 152 60.69 -14.39 -0.79
CA GLY O 152 61.81 -14.91 -1.61
C GLY O 152 62.51 -13.82 -2.39
N SER O 153 63.08 -12.83 -1.70
CA SER O 153 63.90 -11.73 -2.27
C SER O 153 65.32 -12.23 -2.56
N GLY O 154 65.82 -13.18 -1.77
CA GLY O 154 67.19 -13.72 -1.84
C GLY O 154 68.12 -13.08 -0.82
N ARG O 155 67.59 -12.24 0.08
CA ARG O 155 68.35 -11.58 1.17
C ARG O 155 68.61 -12.60 2.28
N LEU O 156 69.84 -12.59 2.83
CA LEU O 156 70.21 -13.39 4.02
C LEU O 156 69.52 -12.77 5.24
N PRO O 157 68.89 -13.57 6.14
CA PRO O 157 68.25 -13.01 7.33
C PRO O 157 69.28 -12.43 8.31
N GLY O 158 69.12 -11.15 8.64
CA GLY O 158 70.08 -10.36 9.46
C GLY O 158 70.76 -9.27 8.65
N TYR O 159 70.95 -9.49 7.34
CA TYR O 159 71.61 -8.53 6.41
C TYR O 159 70.78 -7.24 6.30
N TYR O 160 71.28 -6.15 6.88
CA TYR O 160 70.77 -4.76 6.68
C TYR O 160 71.82 -3.93 5.95
N GLY O 161 72.85 -4.58 5.39
CA GLY O 161 73.96 -3.93 4.66
C GLY O 161 74.78 -3.00 5.53
N PHE O 162 74.83 -3.24 6.85
CA PHE O 162 75.56 -2.42 7.84
C PHE O 162 76.97 -3.00 8.03
N ASP O 163 77.93 -2.48 7.26
CA ASP O 163 79.38 -2.80 7.38
C ASP O 163 80.18 -1.60 6.88
N PRO O 164 80.19 -0.46 7.63
CA PRO O 164 81.11 0.65 7.35
C PRO O 164 82.58 0.23 7.18
N LEU O 165 83.06 -0.63 8.08
CA LEU O 165 84.42 -1.23 8.07
C LEU O 165 84.40 -2.51 7.21
N GLY O 166 85.53 -3.20 7.10
CA GLY O 166 85.66 -4.49 6.36
C GLY O 166 85.94 -5.64 7.29
N LEU O 167 85.09 -5.84 8.30
CA LEU O 167 85.29 -6.81 9.42
C LEU O 167 84.61 -8.16 9.11
N TRP O 168 83.66 -8.20 8.18
CA TRP O 168 82.94 -9.43 7.74
C TRP O 168 83.96 -10.47 7.26
N GLY O 169 84.79 -10.09 6.29
CA GLY O 169 85.87 -10.91 5.70
C GLY O 169 85.74 -11.03 4.20
N LYS O 170 86.52 -11.92 3.59
CA LYS O 170 86.56 -12.19 2.13
C LYS O 170 86.20 -13.67 1.89
N ASP O 171 85.94 -14.04 0.62
CA ASP O 171 85.59 -15.41 0.18
C ASP O 171 84.19 -15.74 0.74
N GLU O 172 83.98 -16.97 1.23
CA GLU O 172 82.73 -17.42 1.91
C GLU O 172 83.04 -17.97 3.31
N ALA O 173 84.05 -18.85 3.43
CA ALA O 173 84.47 -19.54 4.67
C ALA O 173 84.57 -18.57 5.84
N SER O 174 85.30 -17.46 5.65
CA SER O 174 85.55 -16.40 6.67
C SER O 174 84.26 -15.64 7.00
N ARG O 175 83.37 -15.46 6.01
CA ARG O 175 82.09 -14.73 6.13
C ARG O 175 81.11 -15.56 6.97
N LYS O 176 80.94 -16.85 6.62
CA LYS O 176 80.03 -17.81 7.29
C LYS O 176 80.50 -18.08 8.73
N ARG O 177 81.81 -18.06 8.98
CA ARG O 177 82.42 -18.16 10.34
C ARG O 177 82.00 -16.92 11.15
N MET O 178 82.12 -15.73 10.55
CA MET O 178 81.71 -14.43 11.16
C MET O 178 80.19 -14.38 11.32
N GLU O 179 79.44 -15.00 10.39
CA GLU O 179 77.96 -15.12 10.42
C GLU O 179 77.57 -16.06 11.57
N LEU O 180 78.25 -17.21 11.69
CA LEU O 180 78.07 -18.20 12.80
C LEU O 180 78.49 -17.56 14.13
N ALA O 181 79.58 -16.81 14.13
CA ALA O 181 80.14 -16.10 15.31
C ALA O 181 79.08 -15.18 15.91
N GLU O 182 78.44 -14.35 15.07
CA GLU O 182 77.35 -13.41 15.44
C GLU O 182 76.24 -14.16 16.20
N VAL O 183 75.77 -15.26 15.62
CA VAL O 183 74.62 -16.08 16.12
C VAL O 183 75.00 -16.68 17.48
N LYS O 184 76.17 -17.34 17.56
CA LYS O 184 76.65 -18.04 18.79
C LYS O 184 76.99 -17.02 19.88
N ASN O 185 77.48 -15.83 19.51
CA ASN O 185 77.67 -14.67 20.43
C ASN O 185 76.29 -14.12 20.85
N GLY O 186 75.33 -14.13 19.92
CA GLY O 186 73.91 -13.76 20.17
C GLY O 186 73.25 -14.70 21.15
N ARG O 187 73.39 -16.01 20.95
CA ARG O 187 72.79 -17.11 21.77
C ARG O 187 73.31 -17.03 23.21
N LEU O 188 74.62 -16.83 23.39
CA LEU O 188 75.28 -16.78 24.72
C LEU O 188 74.83 -15.53 25.48
N ALA O 189 74.72 -14.39 24.78
CA ALA O 189 74.16 -13.12 25.30
C ALA O 189 72.66 -13.28 25.57
N MET O 190 71.96 -14.06 24.74
CA MET O 190 70.50 -14.38 24.92
C MET O 190 70.30 -15.19 26.21
N ILE O 191 71.09 -16.24 26.42
CA ILE O 191 71.08 -17.07 27.67
C ILE O 191 71.46 -16.16 28.85
N ALA O 192 72.52 -15.37 28.71
CA ALA O 192 73.07 -14.47 29.74
C ALA O 192 71.96 -13.56 30.28
N MET O 193 71.23 -12.89 29.38
CA MET O 193 70.21 -11.86 29.74
C MET O 193 69.03 -12.49 30.51
N LEU O 194 68.70 -13.76 30.23
CA LEU O 194 67.68 -14.53 31.00
C LEU O 194 68.19 -14.78 32.42
N ALA O 195 69.46 -15.17 32.55
CA ALA O 195 70.15 -15.49 33.83
C ALA O 195 70.25 -14.25 34.72
N LEU O 196 70.61 -13.09 34.15
CA LEU O 196 70.84 -11.81 34.88
C LEU O 196 69.53 -11.35 35.53
N TRP O 197 68.38 -11.55 34.88
CA TRP O 197 67.04 -11.17 35.42
C TRP O 197 66.69 -12.08 36.60
N HIS O 198 66.87 -13.39 36.45
CA HIS O 198 66.64 -14.44 37.49
C HIS O 198 67.51 -14.14 38.73
N GLN O 199 68.80 -13.84 38.50
CA GLN O 199 69.82 -13.60 39.55
C GLN O 199 69.48 -12.31 40.32
N GLU O 200 69.16 -11.22 39.61
CA GLU O 200 68.82 -9.90 40.20
C GLU O 200 67.52 -10.00 41.01
N ALA O 201 66.54 -10.77 40.50
CA ALA O 201 65.22 -11.01 41.15
C ALA O 201 65.40 -11.75 42.48
N LEU O 202 66.22 -12.81 42.49
CA LEU O 202 66.44 -13.72 43.65
C LEU O 202 67.80 -13.43 44.31
N SER O 203 68.17 -12.14 44.43
CA SER O 203 69.30 -11.64 45.26
C SER O 203 68.93 -10.32 45.96
N GLY O 204 67.64 -10.00 46.08
CA GLY O 204 67.13 -8.74 46.67
C GLY O 204 67.60 -7.51 45.90
N GLY O 205 67.59 -7.57 44.57
CA GLY O 205 68.01 -6.47 43.67
C GLY O 205 69.50 -6.21 43.73
N MET O 206 70.31 -7.26 43.58
CA MET O 206 71.80 -7.20 43.61
C MET O 206 72.31 -6.93 42.19
N GLY O 207 73.35 -6.08 42.05
CA GLY O 207 74.03 -5.79 40.78
C GLY O 207 74.75 -7.01 40.23
N VAL O 208 75.05 -7.00 38.93
CA VAL O 208 75.68 -8.14 38.18
C VAL O 208 77.12 -8.32 38.67
N ILE O 209 77.82 -7.23 38.99
CA ILE O 209 79.21 -7.23 39.56
C ILE O 209 79.12 -7.46 41.07
N GLU O 210 78.08 -6.91 41.73
CA GLU O 210 77.81 -7.05 43.19
C GLU O 210 77.40 -8.50 43.51
N GLN O 211 76.88 -9.24 42.52
CA GLN O 211 76.50 -10.68 42.63
C GLN O 211 77.68 -11.51 43.13
N LEU O 212 78.91 -11.18 42.68
CA LEU O 212 80.17 -11.90 43.05
C LEU O 212 80.59 -11.44 44.46
N VAL O 213 79.79 -11.81 45.48
CA VAL O 213 79.96 -11.45 46.92
C VAL O 213 80.37 -9.98 47.05
N GLN P 41 -63.62 -26.50 -17.26
CA GLN P 41 -63.09 -27.90 -17.22
C GLN P 41 -62.89 -28.35 -15.77
N SER P 42 -62.35 -27.48 -14.91
CA SER P 42 -62.19 -27.69 -13.44
C SER P 42 -63.58 -27.91 -12.82
N PRO P 43 -63.85 -29.07 -12.17
CA PRO P 43 -65.16 -29.32 -11.57
C PRO P 43 -65.63 -28.24 -10.58
N ALA P 44 -64.74 -27.77 -9.70
CA ALA P 44 -65.03 -26.77 -8.64
C ALA P 44 -65.25 -25.37 -9.26
N MET P 45 -64.52 -25.04 -10.33
CA MET P 45 -64.53 -23.71 -10.98
C MET P 45 -64.55 -23.90 -12.50
N PRO P 46 -65.71 -24.28 -13.10
CA PRO P 46 -65.79 -24.65 -14.51
C PRO P 46 -65.24 -23.63 -15.51
N PHE P 47 -65.36 -22.34 -15.18
CA PHE P 47 -64.82 -21.18 -15.95
C PHE P 47 -63.29 -21.24 -16.05
N LEU P 48 -62.60 -21.81 -15.06
CA LEU P 48 -61.13 -22.06 -15.10
C LEU P 48 -60.86 -23.45 -15.69
N SER P 49 -59.77 -23.58 -16.46
CA SER P 49 -59.21 -24.86 -16.96
C SER P 49 -58.78 -25.73 -15.78
N LYS P 50 -58.76 -27.06 -15.98
CA LYS P 50 -58.41 -28.07 -14.94
C LYS P 50 -56.93 -27.90 -14.58
N PRO P 51 -56.56 -27.83 -13.27
CA PRO P 51 -55.16 -27.93 -12.86
C PRO P 51 -54.53 -29.22 -13.39
N PRO P 52 -53.57 -29.16 -14.33
CA PRO P 52 -53.06 -30.37 -15.00
C PRO P 52 -52.47 -31.45 -14.08
N ASN P 53 -51.68 -31.03 -13.08
CA ASN P 53 -50.87 -31.92 -12.21
C ASN P 53 -51.77 -32.62 -11.18
N LEU P 54 -52.93 -32.04 -10.85
CA LEU P 54 -53.98 -32.70 -10.00
C LEU P 54 -54.63 -33.83 -10.81
N SER P 55 -55.22 -34.81 -10.11
CA SER P 55 -55.91 -35.99 -10.69
C SER P 55 -57.10 -36.39 -9.80
N PRO P 56 -58.17 -37.00 -10.37
CA PRO P 56 -59.33 -37.40 -9.58
C PRO P 56 -59.06 -38.52 -8.55
N ASP P 57 -58.01 -39.33 -8.77
CA ASP P 57 -57.59 -40.43 -7.87
C ASP P 57 -57.14 -39.87 -6.50
N MET P 58 -56.54 -38.67 -6.49
CA MET P 58 -56.06 -37.97 -5.26
C MET P 58 -57.25 -37.69 -4.35
N PRO P 59 -57.12 -37.88 -3.02
CA PRO P 59 -58.27 -37.76 -2.10
C PRO P 59 -58.69 -36.30 -1.86
N GLY P 60 -59.98 -36.00 -2.06
CA GLY P 60 -60.58 -34.66 -1.90
C GLY P 60 -60.37 -33.79 -3.14
N TYR P 61 -60.19 -34.40 -4.31
CA TYR P 61 -60.03 -33.68 -5.61
C TYR P 61 -61.38 -33.09 -6.02
N ARG P 62 -61.43 -31.75 -6.16
CA ARG P 62 -62.50 -30.99 -6.85
C ARG P 62 -61.91 -30.25 -8.06
N GLY P 63 -60.61 -30.46 -8.35
CA GLY P 63 -59.83 -29.67 -9.32
C GLY P 63 -59.70 -28.22 -8.90
N PHE P 64 -59.67 -27.95 -7.59
CA PHE P 64 -59.63 -26.59 -7.00
C PHE P 64 -58.17 -26.17 -6.77
N ASP P 65 -57.63 -25.38 -7.70
CA ASP P 65 -56.29 -24.72 -7.59
C ASP P 65 -56.28 -23.49 -8.49
N PRO P 66 -57.04 -22.43 -8.17
CA PRO P 66 -57.04 -21.20 -8.98
C PRO P 66 -55.67 -20.50 -9.09
N LEU P 67 -54.85 -20.55 -8.03
CA LEU P 67 -53.49 -19.94 -7.99
C LEU P 67 -52.46 -20.83 -8.73
N ARG P 68 -52.81 -22.10 -9.00
CA ARG P 68 -51.94 -23.09 -9.71
C ARG P 68 -50.64 -23.28 -8.93
N LEU P 69 -50.75 -23.52 -7.62
CA LEU P 69 -49.61 -23.86 -6.72
C LEU P 69 -49.11 -25.27 -7.05
N SER P 70 -49.97 -26.13 -7.61
CA SER P 70 -49.63 -27.50 -8.09
C SER P 70 -48.70 -27.45 -9.31
N ASP P 71 -48.64 -26.32 -10.01
CA ASP P 71 -47.64 -26.05 -11.09
C ASP P 71 -46.31 -25.59 -10.45
N ALA P 72 -46.39 -24.76 -9.41
CA ALA P 72 -45.24 -24.15 -8.70
C ALA P 72 -44.49 -25.20 -7.87
N PHE P 73 -45.22 -26.11 -7.22
CA PHE P 73 -44.68 -27.14 -6.30
C PHE P 73 -45.12 -28.54 -6.75
N ASP P 74 -44.34 -29.57 -6.38
CA ASP P 74 -44.65 -31.00 -6.60
C ASP P 74 -45.94 -31.36 -5.83
N VAL P 75 -46.91 -31.96 -6.51
CA VAL P 75 -48.26 -32.30 -5.96
C VAL P 75 -48.10 -33.20 -4.73
N ASN P 76 -47.18 -34.18 -4.80
CA ASN P 76 -46.92 -35.18 -3.72
C ASN P 76 -46.57 -34.46 -2.41
N TRP P 77 -45.76 -33.40 -2.49
CA TRP P 77 -45.39 -32.53 -1.33
C TRP P 77 -46.63 -31.80 -0.80
N LEU P 78 -47.35 -31.10 -1.68
CA LEU P 78 -48.57 -30.32 -1.34
C LEU P 78 -49.60 -31.24 -0.69
N LEU P 79 -49.85 -32.40 -1.31
CA LEU P 79 -50.77 -33.47 -0.81
C LEU P 79 -50.36 -33.88 0.60
N GLU P 80 -49.07 -34.17 0.81
CA GLU P 80 -48.49 -34.55 2.13
C GLU P 80 -48.68 -33.39 3.11
N GLY P 81 -48.38 -32.16 2.68
CA GLY P 81 -48.53 -30.93 3.47
C GLY P 81 -49.97 -30.68 3.87
N GLU P 82 -50.92 -30.88 2.95
CA GLU P 82 -52.37 -30.69 3.16
C GLU P 82 -52.85 -31.60 4.31
N VAL P 83 -52.63 -32.91 4.17
CA VAL P 83 -53.11 -33.95 5.13
C VAL P 83 -52.44 -33.72 6.49
N LYS P 84 -51.16 -33.34 6.52
CA LYS P 84 -50.39 -33.08 7.76
C LYS P 84 -50.96 -31.84 8.47
N ASN P 85 -51.01 -30.70 7.76
CA ASN P 85 -51.60 -29.44 8.27
C ASN P 85 -53.00 -29.73 8.82
N GLY P 86 -53.76 -30.57 8.11
CA GLY P 86 -55.07 -31.11 8.56
C GLY P 86 -54.95 -31.85 9.89
N ARG P 87 -54.21 -32.96 9.92
CA ARG P 87 -54.01 -33.86 11.09
C ARG P 87 -53.56 -33.05 12.32
N VAL P 88 -52.68 -32.06 12.14
CA VAL P 88 -52.18 -31.19 13.23
C VAL P 88 -53.32 -30.26 13.69
N ALA P 89 -54.05 -29.66 12.75
CA ALA P 89 -55.19 -28.74 13.00
C ALA P 89 -56.35 -29.49 13.66
N MET P 90 -56.61 -30.73 13.23
CA MET P 90 -57.59 -31.67 13.83
C MET P 90 -57.35 -31.78 15.33
N LEU P 91 -56.12 -32.16 15.71
CA LEU P 91 -55.69 -32.33 17.14
C LEU P 91 -55.77 -30.99 17.87
N ALA P 92 -55.41 -29.89 17.21
CA ALA P 92 -55.45 -28.50 17.75
C ALA P 92 -56.89 -28.10 18.10
N CYS P 93 -57.85 -28.44 17.22
CA CYS P 93 -59.31 -28.17 17.40
C CYS P 93 -59.85 -28.98 18.59
N LEU P 94 -59.41 -30.23 18.76
CA LEU P 94 -59.80 -31.12 19.89
C LEU P 94 -59.21 -30.56 21.20
N HIS P 95 -57.91 -30.22 21.18
CA HIS P 95 -57.16 -29.62 22.32
C HIS P 95 -57.98 -28.50 22.97
N PHE P 96 -58.47 -27.54 22.16
CA PHE P 96 -59.26 -26.36 22.61
C PHE P 96 -60.62 -26.81 23.16
N PHE P 97 -61.26 -27.81 22.52
CA PHE P 97 -62.59 -28.36 22.90
C PHE P 97 -62.50 -29.12 24.23
N VAL P 98 -61.44 -29.90 24.46
CA VAL P 98 -61.27 -30.66 25.74
C VAL P 98 -60.82 -29.72 26.86
N THR P 99 -59.76 -28.92 26.65
CA THR P 99 -59.17 -28.06 27.72
C THR P 99 -60.05 -26.81 27.84
N GLU P 100 -61.23 -26.95 28.45
CA GLU P 100 -62.26 -25.87 28.57
C GLU P 100 -63.27 -26.23 29.66
N TYR P 101 -63.70 -27.50 29.77
CA TYR P 101 -64.47 -28.06 30.91
C TYR P 101 -63.59 -29.01 31.73
N TYR P 102 -62.24 -28.91 31.67
CA TYR P 102 -61.31 -29.93 32.21
C TYR P 102 -59.97 -29.29 32.63
N GLN P 103 -59.00 -29.20 31.72
CA GLN P 103 -57.57 -28.85 31.99
C GLN P 103 -56.97 -29.83 33.02
N PHE P 104 -56.57 -31.01 32.55
CA PHE P 104 -55.84 -32.10 33.27
C PHE P 104 -55.35 -31.64 34.64
N PRO P 105 -55.81 -32.27 35.75
CA PRO P 105 -55.44 -31.86 37.11
C PRO P 105 -54.02 -31.33 37.39
N PHE P 106 -52.99 -32.04 36.96
CA PHE P 106 -51.57 -31.79 37.29
C PHE P 106 -51.05 -30.49 36.64
N TYR P 107 -51.73 -29.97 35.61
CA TYR P 107 -51.41 -28.67 34.95
C TYR P 107 -52.49 -27.63 35.30
N ALA P 108 -53.26 -27.82 36.36
CA ALA P 108 -54.37 -26.90 36.76
C ALA P 108 -53.76 -25.55 37.20
N GLY P 109 -54.50 -24.45 36.97
CA GLY P 109 -54.03 -23.07 37.21
C GLY P 109 -53.19 -22.54 36.05
N ALA P 110 -53.65 -22.77 34.81
CA ALA P 110 -53.07 -22.22 33.56
C ALA P 110 -54.20 -21.66 32.70
N PRO P 111 -54.04 -20.48 32.05
CA PRO P 111 -55.11 -19.92 31.22
C PRO P 111 -55.32 -20.73 29.94
N LYS P 112 -56.57 -20.94 29.52
CA LYS P 112 -56.96 -21.83 28.39
C LYS P 112 -57.02 -21.01 27.08
N LEU P 113 -56.87 -19.69 27.17
CA LEU P 113 -56.69 -18.78 26.00
C LEU P 113 -55.37 -19.13 25.30
N ALA P 114 -55.34 -18.98 23.97
CA ALA P 114 -54.30 -19.49 23.05
C ALA P 114 -52.92 -18.91 23.40
N ALA P 115 -52.80 -17.57 23.39
CA ALA P 115 -51.52 -16.84 23.57
C ALA P 115 -51.03 -16.92 25.03
N PRO P 116 -51.88 -16.66 26.05
CA PRO P 116 -51.51 -16.90 27.45
C PRO P 116 -51.03 -18.32 27.76
N ALA P 117 -51.68 -19.35 27.19
CA ALA P 117 -51.34 -20.78 27.34
C ALA P 117 -49.93 -21.04 26.75
N HIS P 118 -49.70 -20.62 25.52
CA HIS P 118 -48.39 -20.70 24.80
C HIS P 118 -47.28 -20.13 25.70
N ASP P 119 -47.50 -18.92 26.24
CA ASP P 119 -46.52 -18.18 27.09
C ASP P 119 -46.25 -18.95 28.39
N TYR P 120 -47.26 -19.62 28.96
CA TYR P 120 -47.20 -20.35 30.25
C TYR P 120 -46.34 -21.61 30.10
N PHE P 121 -46.62 -22.45 29.11
CA PHE P 121 -46.00 -23.80 28.94
C PHE P 121 -44.59 -23.67 28.34
N VAL P 122 -44.29 -22.57 27.65
CA VAL P 122 -42.90 -22.24 27.19
C VAL P 122 -42.05 -21.88 28.42
N LYS P 123 -42.58 -21.03 29.30
CA LYS P 123 -41.95 -20.64 30.61
C LYS P 123 -41.77 -21.89 31.48
N SER P 124 -42.77 -22.77 31.53
CA SER P 124 -42.77 -24.06 32.27
C SER P 124 -41.65 -24.97 31.76
N GLY P 125 -41.44 -25.02 30.44
CA GLY P 125 -40.49 -25.92 29.76
C GLY P 125 -41.15 -27.22 29.32
N ALA P 126 -42.45 -27.17 28.99
CA ALA P 126 -43.26 -28.31 28.48
C ALA P 126 -43.29 -28.30 26.96
N MET P 127 -43.47 -27.12 26.35
CA MET P 127 -43.57 -26.90 24.88
C MET P 127 -42.25 -27.32 24.18
N ILE P 128 -41.11 -27.09 24.85
CA ILE P 128 -39.75 -27.46 24.33
C ILE P 128 -39.61 -28.98 24.28
N GLN P 129 -40.21 -29.72 25.23
CA GLN P 129 -40.24 -31.20 25.25
C GLN P 129 -41.13 -31.71 24.11
N ILE P 130 -42.27 -31.05 23.89
CA ILE P 130 -43.24 -31.37 22.80
C ILE P 130 -42.59 -31.09 21.44
N LEU P 131 -41.86 -29.97 21.31
CA LEU P 131 -41.15 -29.54 20.07
C LEU P 131 -40.18 -30.64 19.61
N VAL P 132 -39.32 -31.12 20.54
CA VAL P 132 -38.27 -32.15 20.28
C VAL P 132 -38.96 -33.50 19.98
N PHE P 133 -40.07 -33.80 20.65
CA PHE P 133 -40.85 -35.06 20.47
C PHE P 133 -41.54 -35.06 19.09
N ILE P 134 -42.12 -33.92 18.68
CA ILE P 134 -42.70 -33.73 17.31
C ILE P 134 -41.55 -33.81 16.29
N GLY P 135 -40.42 -33.14 16.58
CA GLY P 135 -39.19 -33.22 15.78
C GLY P 135 -38.71 -34.66 15.60
N PHE P 136 -38.80 -35.46 16.67
CA PHE P 136 -38.45 -36.91 16.69
C PHE P 136 -39.42 -37.67 15.76
N LEU P 137 -40.73 -37.48 15.96
CA LEU P 137 -41.82 -38.13 15.18
C LEU P 137 -41.65 -37.83 13.68
N GLU P 138 -41.39 -36.57 13.33
CA GLU P 138 -41.22 -36.09 11.93
C GLU P 138 -40.09 -36.90 11.24
N MET P 139 -38.94 -37.04 11.92
CA MET P 139 -37.76 -37.79 11.41
C MET P 139 -38.08 -39.29 11.32
N VAL P 140 -38.81 -39.82 12.31
CA VAL P 140 -39.16 -41.28 12.43
C VAL P 140 -40.17 -41.64 11.34
N LEU P 141 -41.27 -40.89 11.22
CA LEU P 141 -42.40 -41.18 10.29
C LEU P 141 -41.93 -41.08 8.83
N HIS P 142 -41.11 -40.07 8.50
CA HIS P 142 -40.57 -39.84 7.14
C HIS P 142 -39.26 -40.62 6.91
N ARG P 143 -38.69 -41.20 7.97
CA ARG P 143 -37.53 -42.15 7.93
C ARG P 143 -36.29 -41.43 7.38
N GLY P 144 -36.06 -40.17 7.79
CA GLY P 144 -34.86 -39.40 7.41
C GLY P 144 -35.10 -38.43 6.27
N LYS P 145 -35.80 -38.85 5.21
CA LYS P 145 -36.08 -38.03 4.01
C LYS P 145 -37.18 -37.01 4.36
N VAL P 146 -36.77 -35.87 4.94
CA VAL P 146 -37.66 -34.82 5.51
C VAL P 146 -37.71 -33.59 4.59
N LEU P 147 -36.70 -33.36 3.75
CA LEU P 147 -36.60 -32.15 2.88
C LEU P 147 -37.52 -32.31 1.68
N TYR P 148 -37.98 -31.19 1.11
CA TYR P 148 -38.75 -31.12 -0.17
C TYR P 148 -37.90 -31.73 -1.29
N SER P 149 -36.57 -31.58 -1.24
CA SER P 149 -35.60 -32.18 -2.19
C SER P 149 -35.46 -33.70 -1.97
N ASP P 150 -35.56 -34.17 -0.72
CA ASP P 150 -35.23 -35.56 -0.30
C ASP P 150 -36.49 -36.44 -0.25
N MET P 151 -37.60 -35.94 0.30
CA MET P 151 -38.84 -36.72 0.58
C MET P 151 -39.31 -37.40 -0.71
N GLU P 152 -39.54 -38.71 -0.66
CA GLU P 152 -39.88 -39.57 -1.83
C GLU P 152 -41.09 -40.45 -1.48
N TRP P 153 -41.80 -40.92 -2.51
CA TRP P 153 -43.06 -41.72 -2.42
C TRP P 153 -42.91 -42.97 -3.30
N LYS P 154 -42.07 -43.91 -2.88
CA LYS P 154 -41.75 -45.17 -3.61
C LYS P 154 -42.98 -46.08 -3.60
N GLY P 155 -43.31 -46.66 -2.44
CA GLY P 155 -44.47 -47.56 -2.22
C GLY P 155 -45.43 -46.99 -1.18
N ARG P 156 -45.73 -45.70 -1.28
CA ARG P 156 -46.64 -44.96 -0.35
C ARG P 156 -47.20 -43.73 -1.07
N LYS P 157 -48.52 -43.64 -1.26
CA LYS P 157 -49.21 -42.43 -1.76
C LYS P 157 -49.15 -41.35 -0.68
N PRO P 158 -49.10 -40.05 -1.03
CA PRO P 158 -49.00 -38.98 -0.04
C PRO P 158 -50.02 -39.10 1.11
N GLY P 159 -49.53 -39.05 2.36
CA GLY P 159 -50.32 -39.22 3.58
C GLY P 159 -50.05 -40.55 4.27
N GLU P 160 -49.77 -41.60 3.50
CA GLU P 160 -49.48 -42.97 3.99
C GLU P 160 -48.11 -42.97 4.69
N LEU P 161 -48.11 -42.75 6.01
CA LEU P 161 -46.90 -42.74 6.87
C LEU P 161 -46.73 -44.08 7.60
N GLY P 162 -47.59 -45.07 7.30
CA GLY P 162 -47.53 -46.42 7.89
C GLY P 162 -47.94 -46.44 9.35
N PHE P 163 -49.06 -45.76 9.68
CA PHE P 163 -49.65 -45.68 11.03
C PHE P 163 -51.11 -46.14 10.96
N ASN P 164 -51.35 -47.43 11.19
CA ASN P 164 -52.70 -48.06 11.17
C ASN P 164 -52.70 -49.22 12.16
N PRO P 165 -52.56 -48.96 13.49
CA PRO P 165 -52.49 -50.03 14.50
C PRO P 165 -53.79 -50.84 14.63
N LEU P 166 -54.95 -50.17 14.59
CA LEU P 166 -56.30 -50.82 14.64
C LEU P 166 -56.57 -51.59 13.34
N ASN P 167 -55.95 -51.18 12.23
CA ASN P 167 -56.04 -51.82 10.90
C ASN P 167 -57.44 -51.59 10.33
N LEU P 168 -57.88 -50.31 10.31
CA LEU P 168 -59.16 -49.88 9.69
C LEU P 168 -58.96 -49.74 8.19
N PRO P 169 -60.04 -49.74 7.35
CA PRO P 169 -59.88 -49.74 5.90
C PRO P 169 -59.36 -48.39 5.38
N ASN P 170 -58.26 -48.42 4.63
CA ASN P 170 -57.48 -47.22 4.18
C ASN P 170 -57.79 -46.93 2.71
N ASP P 171 -57.38 -47.84 1.81
CA ASP P 171 -57.43 -47.66 0.33
C ASP P 171 -58.89 -47.69 -0.14
N LYS P 172 -59.58 -46.55 0.01
CA LYS P 172 -61.02 -46.35 -0.37
C LYS P 172 -61.33 -44.84 -0.30
N ALA P 173 -62.58 -44.46 -0.03
CA ALA P 173 -63.03 -43.05 0.13
C ALA P 173 -62.74 -42.54 1.55
N MET P 174 -62.19 -43.39 2.43
CA MET P 174 -61.78 -43.05 3.83
C MET P 174 -60.73 -41.92 3.82
N LYS P 175 -59.87 -41.88 2.80
CA LYS P 175 -58.86 -40.81 2.57
C LYS P 175 -59.58 -39.47 2.34
N ASP P 176 -60.69 -39.47 1.58
CA ASP P 176 -61.51 -38.27 1.30
C ASP P 176 -62.20 -37.79 2.59
N ARG P 177 -62.54 -38.71 3.50
CA ARG P 177 -63.21 -38.42 4.79
C ARG P 177 -62.19 -37.78 5.75
N GLU P 178 -60.94 -38.25 5.75
CA GLU P 178 -59.80 -37.65 6.51
C GLU P 178 -59.56 -36.23 6.02
N ILE P 179 -59.47 -36.04 4.69
CA ILE P 179 -59.20 -34.75 4.00
C ILE P 179 -60.28 -33.73 4.39
N ASN P 180 -61.56 -34.09 4.23
CA ASN P 180 -62.73 -33.21 4.50
C ASN P 180 -62.73 -32.78 5.97
N ASN P 181 -62.48 -33.71 6.90
CA ASN P 181 -62.36 -33.43 8.36
C ASN P 181 -61.12 -32.57 8.63
N GLY P 182 -60.02 -32.84 7.92
CA GLY P 182 -58.75 -32.08 8.03
C GLY P 182 -58.90 -30.66 7.54
N ARG P 183 -59.50 -30.48 6.36
CA ARG P 183 -59.78 -29.16 5.73
C ARG P 183 -60.70 -28.34 6.63
N LEU P 184 -61.74 -28.96 7.18
CA LEU P 184 -62.73 -28.31 8.10
C LEU P 184 -62.04 -27.91 9.40
N ALA P 185 -61.14 -28.77 9.91
CA ALA P 185 -60.36 -28.56 11.15
C ALA P 185 -59.40 -27.37 11.01
N MET P 186 -58.80 -27.21 9.83
CA MET P 186 -57.83 -26.12 9.51
C MET P 186 -58.54 -24.77 9.56
N LEU P 187 -59.70 -24.66 8.90
CA LEU P 187 -60.60 -23.47 8.95
C LEU P 187 -61.17 -23.34 10.38
N GLY P 188 -61.60 -24.47 10.96
CA GLY P 188 -62.11 -24.55 12.35
C GLY P 188 -61.13 -23.90 13.32
N PHE P 189 -59.89 -24.41 13.38
CA PHE P 189 -58.79 -23.92 14.24
C PHE P 189 -58.59 -22.41 14.06
N ALA P 190 -58.56 -21.96 12.80
CA ALA P 190 -58.40 -20.54 12.41
C ALA P 190 -59.53 -19.70 13.00
N GLY P 191 -60.76 -20.24 12.99
CA GLY P 191 -61.96 -19.61 13.58
C GLY P 191 -61.88 -19.53 15.09
N ILE P 192 -61.29 -20.54 15.75
CA ILE P 192 -61.15 -20.62 17.24
C ILE P 192 -60.19 -19.50 17.67
N ILE P 193 -58.94 -19.54 17.20
CA ILE P 193 -57.81 -18.68 17.68
C ILE P 193 -58.12 -17.21 17.42
N HIS P 194 -58.79 -16.89 16.30
CA HIS P 194 -59.16 -15.50 15.90
C HIS P 194 -60.29 -14.98 16.79
N GLY P 195 -61.25 -15.86 17.13
CA GLY P 195 -62.27 -15.61 18.16
C GLY P 195 -61.65 -15.38 19.53
N GLU P 196 -60.58 -16.14 19.85
CA GLU P 196 -59.83 -16.06 21.13
C GLU P 196 -59.05 -14.73 21.21
N PHE P 197 -58.59 -14.19 20.08
CA PHE P 197 -57.81 -12.92 20.00
C PHE P 197 -58.75 -11.70 19.96
N LEU P 198 -59.95 -11.84 19.38
CA LEU P 198 -60.88 -10.71 19.11
C LEU P 198 -61.43 -10.15 20.43
N ASN P 199 -62.17 -10.98 21.20
CA ASN P 199 -62.94 -10.56 22.40
C ASN P 199 -62.53 -11.38 23.63
N GLY P 200 -61.41 -12.12 23.57
CA GLY P 200 -60.86 -12.92 24.69
C GLY P 200 -61.89 -13.87 25.26
N LYS P 201 -62.62 -14.59 24.40
CA LYS P 201 -63.82 -15.39 24.75
C LYS P 201 -63.60 -16.86 24.38
N MET P 202 -64.26 -17.76 25.09
CA MET P 202 -64.09 -19.24 25.00
C MET P 202 -64.74 -19.73 23.70
N PRO P 203 -64.18 -20.74 22.99
CA PRO P 203 -64.83 -21.37 21.84
C PRO P 203 -66.32 -21.71 21.97
N ILE P 204 -66.74 -22.28 23.12
CA ILE P 204 -68.12 -22.80 23.35
C ILE P 204 -69.05 -21.67 23.84
N GLU P 205 -68.52 -20.63 24.49
CA GLU P 205 -69.28 -19.45 24.98
C GLU P 205 -69.74 -18.60 23.78
N GLN P 206 -68.97 -18.60 22.68
CA GLN P 206 -69.23 -17.80 21.45
C GLN P 206 -70.60 -18.16 20.84
N ILE P 207 -70.99 -19.44 20.89
CA ILE P 207 -72.22 -19.99 20.24
C ILE P 207 -73.33 -20.14 21.30
N THR P 208 -73.58 -19.07 22.07
CA THR P 208 -74.68 -18.96 23.06
C THR P 208 -75.65 -17.86 22.58
N ASN P 209 -75.24 -16.59 22.71
CA ASN P 209 -76.01 -15.39 22.25
C ASN P 209 -75.16 -14.14 22.51
N PHE P 210 -74.18 -13.86 21.63
CA PHE P 210 -73.23 -12.73 21.76
C PHE P 210 -72.97 -12.07 20.38
N GLN P 211 -73.00 -10.74 20.36
CA GLN P 211 -72.55 -9.86 19.25
C GLN P 211 -71.79 -8.68 19.85
N PRO P 212 -70.81 -8.08 19.11
CA PRO P 212 -70.05 -6.94 19.62
C PRO P 212 -70.85 -5.63 19.56
N GLN Q 34 -69.81 8.82 -50.07
CA GLN Q 34 -68.45 8.46 -50.57
C GLN Q 34 -67.95 7.20 -49.84
N ALA Q 35 -67.74 7.30 -48.52
CA ALA Q 35 -67.28 6.23 -47.61
C ALA Q 35 -65.84 5.85 -47.90
N PRO Q 36 -65.13 5.18 -46.96
CA PRO Q 36 -63.80 4.63 -47.24
C PRO Q 36 -63.85 3.43 -48.18
N SER Q 37 -62.69 3.03 -48.72
CA SER Q 37 -62.52 1.99 -49.78
C SER Q 37 -63.07 0.64 -49.31
N GLY Q 38 -62.46 0.07 -48.27
CA GLY Q 38 -62.76 -1.28 -47.75
C GLY Q 38 -63.88 -1.28 -46.73
N ALA Q 39 -63.75 -2.09 -45.68
CA ALA Q 39 -64.76 -2.31 -44.63
C ALA Q 39 -64.82 -1.09 -43.71
N ALA Q 40 -66.03 -0.50 -43.56
CA ALA Q 40 -66.31 0.70 -42.75
C ALA Q 40 -66.96 0.29 -41.42
N MET Q 41 -66.69 1.06 -40.36
CA MET Q 41 -67.29 0.88 -39.00
C MET Q 41 -68.78 1.13 -39.08
N PRO Q 42 -69.67 0.15 -38.79
CA PRO Q 42 -71.12 0.35 -38.83
C PRO Q 42 -71.63 1.56 -38.04
N SER Q 43 -71.13 1.75 -36.81
CA SER Q 43 -71.51 2.85 -35.88
C SER Q 43 -71.13 4.21 -36.45
N MET Q 44 -69.99 4.29 -37.16
CA MET Q 44 -69.45 5.53 -37.77
C MET Q 44 -69.01 5.21 -39.21
N PRO Q 45 -69.96 5.19 -40.18
CA PRO Q 45 -69.68 4.75 -41.56
C PRO Q 45 -68.54 5.43 -42.32
N PHE Q 46 -68.06 6.58 -41.81
CA PHE Q 46 -66.95 7.40 -42.39
C PHE Q 46 -65.60 6.85 -41.94
N LEU Q 47 -65.51 6.32 -40.72
CA LEU Q 47 -64.28 5.73 -40.13
C LEU Q 47 -64.17 4.26 -40.58
N LYS Q 48 -62.94 3.80 -40.87
CA LYS Q 48 -62.60 2.40 -41.23
C LYS Q 48 -62.89 1.49 -40.02
N ARG Q 49 -63.36 0.27 -40.28
CA ARG Q 49 -63.72 -0.74 -39.23
C ARG Q 49 -62.46 -1.15 -38.49
N PRO Q 50 -62.43 -1.14 -37.13
CA PRO Q 50 -61.31 -1.67 -36.37
C PRO Q 50 -60.99 -3.14 -36.72
N SER Q 51 -59.70 -3.47 -36.80
CA SER Q 51 -59.16 -4.77 -37.29
C SER Q 51 -59.75 -5.95 -36.50
N LYS Q 52 -59.85 -5.81 -35.17
CA LYS Q 52 -60.27 -6.90 -34.24
C LYS Q 52 -61.80 -6.98 -34.15
N LEU Q 53 -62.48 -5.82 -34.15
CA LEU Q 53 -63.96 -5.73 -34.04
C LEU Q 53 -64.60 -6.02 -35.40
N ASP Q 54 -65.13 -7.23 -35.58
CA ASP Q 54 -65.74 -7.73 -36.85
C ASP Q 54 -67.28 -7.70 -36.78
N GLY Q 55 -67.86 -7.24 -35.67
CA GLY Q 55 -69.32 -7.10 -35.48
C GLY Q 55 -69.97 -8.34 -34.88
N SER Q 56 -69.20 -9.40 -34.63
CA SER Q 56 -69.68 -10.74 -34.20
C SER Q 56 -70.00 -10.75 -32.70
N LEU Q 57 -69.36 -9.89 -31.89
CA LEU Q 57 -69.48 -9.90 -30.41
C LEU Q 57 -70.91 -9.49 -30.00
N PRO Q 58 -71.44 -10.03 -28.88
CA PRO Q 58 -72.84 -9.81 -28.49
C PRO Q 58 -73.30 -8.34 -28.52
N GLY Q 59 -72.62 -7.45 -27.79
CA GLY Q 59 -72.96 -6.02 -27.67
C GLY Q 59 -72.03 -5.12 -28.48
N GLY Q 60 -71.42 -5.65 -29.55
CA GLY Q 60 -70.42 -4.94 -30.37
C GLY Q 60 -70.74 -5.04 -31.86
N GLU Q 61 -72.02 -4.83 -32.23
CA GLU Q 61 -72.50 -4.85 -33.64
C GLU Q 61 -71.97 -3.59 -34.35
N GLY Q 62 -71.96 -2.46 -33.65
CA GLY Q 62 -71.45 -1.16 -34.15
C GLY Q 62 -69.96 -1.18 -34.44
N CYS Q 63 -69.19 -2.05 -33.76
CA CYS Q 63 -67.70 -2.13 -33.80
C CYS Q 63 -67.10 -0.79 -33.35
N PHE Q 64 -67.77 -0.14 -32.39
CA PHE Q 64 -67.52 1.27 -31.98
C PHE Q 64 -66.18 1.37 -31.24
N ASP Q 65 -65.14 1.81 -31.94
CA ASP Q 65 -63.78 2.10 -31.39
C ASP Q 65 -63.11 3.16 -32.26
N PRO Q 66 -63.62 4.41 -32.29
CA PRO Q 66 -63.00 5.48 -33.07
C PRO Q 66 -61.57 5.86 -32.63
N LEU Q 67 -61.32 5.89 -31.32
CA LEU Q 67 -59.99 6.25 -30.74
C LEU Q 67 -59.00 5.08 -30.84
N GLY Q 68 -59.46 3.90 -31.26
CA GLY Q 68 -58.61 2.76 -31.65
C GLY Q 68 -57.86 2.16 -30.48
N PHE Q 69 -58.56 1.92 -29.37
CA PHE Q 69 -58.04 1.24 -28.15
C PHE Q 69 -57.71 -0.22 -28.47
N THR Q 70 -58.62 -0.91 -29.19
CA THR Q 70 -58.51 -2.35 -29.57
C THR Q 70 -57.33 -2.58 -30.51
N GLU Q 71 -56.93 -1.57 -31.29
CA GLU Q 71 -55.75 -1.61 -32.19
C GLU Q 71 -54.45 -1.82 -31.40
N VAL Q 72 -54.38 -1.28 -30.17
CA VAL Q 72 -53.15 -1.30 -29.31
C VAL Q 72 -53.34 -2.23 -28.12
N PHE Q 73 -54.55 -2.34 -27.55
CA PHE Q 73 -54.85 -3.16 -26.34
C PHE Q 73 -55.49 -4.49 -26.73
N SER Q 74 -55.25 -5.50 -25.90
CA SER Q 74 -55.88 -6.85 -25.93
C SER Q 74 -57.40 -6.69 -25.83
N LEU Q 75 -58.16 -7.30 -26.73
CA LEU Q 75 -59.65 -7.27 -26.74
C LEU Q 75 -60.18 -8.05 -25.53
N GLU Q 76 -59.57 -9.21 -25.23
CA GLU Q 76 -59.95 -10.10 -24.10
C GLU Q 76 -59.84 -9.35 -22.77
N TRP Q 77 -58.78 -8.56 -22.59
CA TRP Q 77 -58.58 -7.65 -21.43
C TRP Q 77 -59.71 -6.61 -21.38
N MET Q 78 -59.87 -5.83 -22.47
CA MET Q 78 -60.85 -4.72 -22.56
C MET Q 78 -62.26 -5.23 -22.32
N ARG Q 79 -62.61 -6.38 -22.88
CA ARG Q 79 -63.94 -7.04 -22.73
C ARG Q 79 -64.16 -7.41 -21.26
N GLU Q 80 -63.15 -8.01 -20.61
CA GLU Q 80 -63.19 -8.38 -19.17
C GLU Q 80 -63.47 -7.13 -18.33
N ALA Q 81 -62.76 -6.03 -18.63
CA ALA Q 81 -62.87 -4.72 -17.94
C ALA Q 81 -64.28 -4.15 -18.15
N GLU Q 82 -64.75 -4.07 -19.39
CA GLU Q 82 -66.10 -3.52 -19.74
C GLU Q 82 -67.19 -4.28 -18.97
N VAL Q 83 -67.19 -5.61 -19.05
CA VAL Q 83 -68.19 -6.51 -18.40
C VAL Q 83 -68.07 -6.38 -16.88
N LYS Q 84 -66.86 -6.24 -16.34
CA LYS Q 84 -66.62 -6.04 -14.89
C LYS Q 84 -67.25 -4.71 -14.46
N HIS Q 85 -66.93 -3.63 -15.17
CA HIS Q 85 -67.47 -2.25 -14.93
C HIS Q 85 -69.00 -2.28 -15.04
N CYS Q 86 -69.54 -2.94 -16.07
CA CYS Q 86 -71.01 -3.14 -16.30
C CYS Q 86 -71.68 -3.68 -15.03
N ARG Q 87 -71.15 -4.77 -14.47
CA ARG Q 87 -71.72 -5.53 -13.33
C ARG Q 87 -71.57 -4.75 -12.03
N VAL Q 88 -70.42 -4.08 -11.83
CA VAL Q 88 -70.17 -3.22 -10.63
C VAL Q 88 -71.11 -2.01 -10.69
N ALA Q 89 -71.19 -1.33 -11.84
CA ALA Q 89 -72.02 -0.13 -12.08
C ALA Q 89 -73.49 -0.45 -11.85
N MET Q 90 -73.98 -1.56 -12.42
CA MET Q 90 -75.41 -1.97 -12.37
C MET Q 90 -75.84 -2.16 -10.91
N LEU Q 91 -75.06 -2.91 -10.13
CA LEU Q 91 -75.30 -3.12 -8.67
C LEU Q 91 -75.29 -1.76 -7.96
N ALA Q 92 -74.36 -0.87 -8.32
CA ALA Q 92 -74.13 0.44 -7.67
C ALA Q 92 -75.29 1.39 -7.94
N VAL Q 93 -75.78 1.45 -9.19
CA VAL Q 93 -76.95 2.28 -9.61
C VAL Q 93 -78.21 1.81 -8.85
N LEU Q 94 -78.45 0.50 -8.82
CA LEU Q 94 -79.59 -0.11 -8.08
C LEU Q 94 -79.40 0.09 -6.57
N GLY Q 95 -78.16 -0.05 -6.08
CA GLY Q 95 -77.78 0.18 -4.68
C GLY Q 95 -78.19 1.56 -4.21
N VAL Q 96 -77.85 2.60 -4.98
CA VAL Q 96 -78.18 4.03 -4.70
C VAL Q 96 -79.70 4.19 -4.56
N ILE Q 97 -80.45 3.70 -5.55
CA ILE Q 97 -81.94 3.79 -5.64
C ILE Q 97 -82.55 3.05 -4.43
N ALA Q 98 -82.09 1.83 -4.16
CA ALA Q 98 -82.56 0.96 -3.06
C ALA Q 98 -82.27 1.61 -1.70
N GLN Q 99 -81.05 2.12 -1.52
CA GLN Q 99 -80.59 2.79 -0.27
C GLN Q 99 -81.35 4.11 -0.06
N GLU Q 100 -81.70 4.81 -1.15
CA GLU Q 100 -82.50 6.07 -1.11
C GLU Q 100 -83.90 5.77 -0.55
N PHE Q 101 -84.58 4.76 -1.12
CA PHE Q 101 -85.96 4.34 -0.74
C PHE Q 101 -86.00 3.96 0.74
N GLY Q 102 -85.04 3.16 1.20
CA GLY Q 102 -84.94 2.73 2.62
C GLY Q 102 -83.59 2.10 2.94
N THR Q 103 -83.03 2.44 4.11
CA THR Q 103 -81.81 1.84 4.70
C THR Q 103 -82.18 1.06 5.97
N LEU Q 104 -81.32 0.12 6.39
CA LEU Q 104 -81.48 -0.69 7.62
C LEU Q 104 -81.31 0.21 8.85
N ASP Q 105 -81.95 -0.16 9.96
CA ASP Q 105 -82.04 0.64 11.21
C ASP Q 105 -80.67 0.68 11.91
N PHE Q 106 -80.09 -0.49 12.17
CA PHE Q 106 -78.82 -0.70 12.92
C PHE Q 106 -77.66 0.03 12.23
N TYR Q 107 -77.70 0.16 10.90
CA TYR Q 107 -76.83 1.08 10.10
C TYR Q 107 -77.42 2.50 10.20
N HIS Q 108 -77.01 3.26 11.22
CA HIS Q 108 -77.52 4.62 11.52
C HIS Q 108 -76.99 5.61 10.47
N ALA Q 109 -77.58 5.59 9.27
CA ALA Q 109 -77.19 6.42 8.11
C ALA Q 109 -77.64 7.86 8.33
N GLN Q 110 -76.70 8.75 8.67
CA GLN Q 110 -76.97 10.19 8.96
C GLN Q 110 -77.23 10.94 7.64
N SER Q 111 -76.44 10.65 6.60
CA SER Q 111 -76.55 11.25 5.25
C SER Q 111 -77.62 10.48 4.44
N LYS Q 112 -78.50 11.21 3.76
CA LYS Q 112 -79.51 10.65 2.81
C LYS Q 112 -78.93 10.64 1.39
N LEU Q 113 -77.80 11.32 1.17
CA LEU Q 113 -77.05 11.34 -0.12
C LEU Q 113 -76.09 10.15 -0.13
N GLN Q 114 -76.32 9.18 -1.01
CA GLN Q 114 -75.63 7.86 -1.02
C GLN Q 114 -74.24 7.99 -1.63
N LEU Q 115 -74.09 8.84 -2.65
CA LEU Q 115 -72.81 9.12 -3.36
C LEU Q 115 -72.20 10.43 -2.84
N SER Q 116 -72.30 10.68 -1.53
CA SER Q 116 -71.62 11.78 -0.81
C SER Q 116 -70.36 11.22 -0.16
N PRO Q 117 -69.28 12.03 0.00
CA PRO Q 117 -68.16 11.65 0.86
C PRO Q 117 -68.60 11.31 2.29
N ASP Q 118 -69.56 12.08 2.84
CA ASP Q 118 -70.09 11.95 4.22
C ASP Q 118 -70.52 10.51 4.50
N LEU Q 119 -71.34 9.92 3.61
CA LEU Q 119 -71.88 8.55 3.77
C LEU Q 119 -70.77 7.51 3.56
N HIS Q 120 -70.02 7.62 2.46
CA HIS Q 120 -68.86 6.76 2.13
C HIS Q 120 -67.95 6.65 3.36
N ASN Q 121 -67.55 7.80 3.92
CA ASN Q 121 -66.65 7.91 5.09
C ASN Q 121 -67.23 7.17 6.29
N GLN Q 122 -68.54 7.29 6.53
CA GLN Q 122 -69.25 6.66 7.69
C GLN Q 122 -69.12 5.14 7.62
N PHE Q 123 -69.38 4.55 6.45
CA PHE Q 123 -69.43 3.07 6.25
C PHE Q 123 -68.02 2.50 5.98
N VAL Q 124 -67.00 3.35 5.87
CA VAL Q 124 -65.57 2.96 6.02
C VAL Q 124 -65.28 2.82 7.52
N GLN Q 125 -65.75 3.77 8.34
CA GLN Q 125 -65.49 3.83 9.81
C GLN Q 125 -66.33 2.76 10.54
N ASN Q 126 -67.57 2.50 10.08
CA ASN Q 126 -68.44 1.40 10.58
C ASN Q 126 -67.71 0.05 10.42
N GLY Q 127 -66.96 -0.11 9.32
CA GLY Q 127 -66.28 -1.36 8.93
C GLY Q 127 -67.11 -2.18 7.97
N ALA Q 128 -68.17 -1.59 7.40
CA ALA Q 128 -69.08 -2.23 6.43
C ALA Q 128 -68.37 -2.34 5.07
N LEU Q 129 -67.83 -1.22 4.58
CA LEU Q 129 -67.06 -1.16 3.31
C LEU Q 129 -65.70 -1.85 3.50
N GLN Q 130 -65.16 -1.88 4.71
CA GLN Q 130 -63.93 -2.64 5.07
C GLN Q 130 -64.17 -4.15 4.88
N GLN Q 131 -65.37 -4.63 5.21
CA GLN Q 131 -65.74 -6.07 5.13
C GLN Q 131 -65.92 -6.47 3.66
N VAL Q 132 -66.67 -5.69 2.88
CA VAL Q 132 -66.98 -6.02 1.45
C VAL Q 132 -65.70 -5.82 0.61
N LEU Q 133 -64.81 -4.91 1.01
CA LEU Q 133 -63.46 -4.74 0.41
C LEU Q 133 -62.69 -6.06 0.52
N LEU Q 134 -62.72 -6.70 1.70
CA LEU Q 134 -62.00 -7.96 2.01
C LEU Q 134 -62.41 -9.05 1.02
N PHE Q 135 -63.72 -9.25 0.84
CA PHE Q 135 -64.31 -10.35 0.03
C PHE Q 135 -64.28 -9.99 -1.47
N VAL Q 136 -64.31 -8.69 -1.81
CA VAL Q 136 -64.08 -8.21 -3.21
C VAL Q 136 -62.62 -8.46 -3.57
N CYS Q 137 -61.69 -8.07 -2.70
CA CYS Q 137 -60.22 -8.29 -2.84
C CYS Q 137 -59.92 -9.79 -2.89
N ALA Q 138 -60.59 -10.58 -2.05
CA ALA Q 138 -60.50 -12.06 -2.02
C ALA Q 138 -60.90 -12.61 -3.39
N TRP Q 139 -62.08 -12.20 -3.89
CA TRP Q 139 -62.61 -12.63 -5.21
C TRP Q 139 -61.60 -12.28 -6.30
N GLU Q 140 -61.19 -11.02 -6.37
CA GLU Q 140 -60.32 -10.48 -7.45
C GLU Q 140 -58.99 -11.23 -7.48
N PHE Q 141 -58.40 -11.53 -6.32
CA PHE Q 141 -57.07 -12.21 -6.23
C PHE Q 141 -57.21 -13.72 -6.50
N PHE Q 142 -58.22 -14.38 -5.94
CA PHE Q 142 -58.38 -15.86 -5.96
C PHE Q 142 -59.28 -16.32 -7.12
N VAL Q 143 -60.02 -15.41 -7.78
CA VAL Q 143 -61.01 -15.76 -8.85
C VAL Q 143 -60.81 -14.83 -10.05
N GLY Q 144 -60.96 -13.52 -9.86
CA GLY Q 144 -60.92 -12.50 -10.93
C GLY Q 144 -59.59 -12.50 -11.69
N LEU Q 145 -58.46 -12.61 -10.99
CA LEU Q 145 -57.11 -12.56 -11.59
C LEU Q 145 -56.80 -13.88 -12.31
N PRO Q 146 -57.03 -15.07 -11.71
CA PRO Q 146 -56.97 -16.33 -12.46
C PRO Q 146 -57.88 -16.35 -13.69
N ALA Q 147 -59.11 -15.84 -13.55
CA ALA Q 147 -60.13 -15.75 -14.61
C ALA Q 147 -59.62 -14.86 -15.75
N LEU Q 148 -59.02 -13.70 -15.42
CA LEU Q 148 -58.45 -12.75 -16.41
C LEU Q 148 -57.31 -13.43 -17.18
N ILE Q 149 -56.38 -14.08 -16.48
CA ILE Q 149 -55.18 -14.76 -17.06
C ILE Q 149 -55.65 -15.87 -18.03
N GLU Q 150 -56.66 -16.65 -17.65
CA GLU Q 150 -57.29 -17.69 -18.52
C GLU Q 150 -57.77 -17.07 -19.83
N SER Q 151 -58.42 -15.90 -19.76
CA SER Q 151 -58.98 -15.17 -20.93
C SER Q 151 -57.86 -14.65 -21.84
N LEU Q 152 -56.75 -14.20 -21.27
CA LEU Q 152 -55.58 -13.66 -22.04
C LEU Q 152 -54.89 -14.82 -22.79
N GLU Q 153 -54.81 -16.00 -22.16
CA GLU Q 153 -54.31 -17.25 -22.78
C GLU Q 153 -55.27 -17.74 -23.88
N GLY Q 154 -56.55 -17.36 -23.81
CA GLY Q 154 -57.59 -17.65 -24.81
C GLY Q 154 -58.34 -18.93 -24.49
N ARG Q 155 -58.50 -19.24 -23.20
CA ARG Q 155 -59.16 -20.47 -22.68
C ARG Q 155 -60.42 -20.13 -21.87
N ARG Q 156 -60.88 -18.86 -21.95
CA ARG Q 156 -62.09 -18.36 -21.25
C ARG Q 156 -62.62 -17.14 -22.02
N GLU Q 157 -63.93 -17.08 -22.26
CA GLU Q 157 -64.61 -15.88 -22.81
C GLU Q 157 -64.67 -14.82 -21.72
N PRO Q 158 -64.20 -13.58 -21.96
CA PRO Q 158 -64.22 -12.53 -20.93
C PRO Q 158 -65.61 -12.35 -20.29
N GLY Q 159 -65.66 -12.38 -18.95
CA GLY Q 159 -66.88 -12.20 -18.14
C GLY Q 159 -67.52 -13.52 -17.72
N TYR Q 160 -67.16 -14.64 -18.36
CA TYR Q 160 -67.74 -15.98 -18.10
C TYR Q 160 -67.20 -16.54 -16.78
N PHE Q 161 -68.08 -16.69 -15.78
CA PHE Q 161 -67.83 -17.48 -14.55
C PHE Q 161 -68.79 -18.69 -14.50
N GLY Q 162 -69.48 -18.98 -15.60
CA GLY Q 162 -70.47 -20.07 -15.72
C GLY Q 162 -71.53 -20.04 -14.62
N PHE Q 163 -71.86 -18.85 -14.11
CA PHE Q 163 -72.86 -18.63 -13.04
C PHE Q 163 -74.22 -18.39 -13.68
N ASP Q 164 -75.07 -19.42 -13.71
CA ASP Q 164 -76.49 -19.33 -14.14
C ASP Q 164 -77.29 -20.41 -13.43
N PRO Q 165 -77.44 -20.34 -12.07
CA PRO Q 165 -78.25 -21.30 -11.32
C PRO Q 165 -79.69 -21.49 -11.84
N LEU Q 166 -80.36 -20.39 -12.18
CA LEU Q 166 -81.79 -20.33 -12.59
C LEU Q 166 -81.95 -20.63 -14.09
N LYS Q 167 -80.85 -20.61 -14.86
CA LYS Q 167 -80.81 -20.84 -16.33
C LYS Q 167 -81.73 -19.81 -17.03
N LEU Q 168 -81.42 -18.53 -16.84
CA LEU Q 168 -82.09 -17.37 -17.50
C LEU Q 168 -81.30 -16.95 -18.74
N GLY Q 169 -80.22 -17.70 -19.09
CA GLY Q 169 -79.43 -17.53 -20.33
C GLY Q 169 -79.52 -18.71 -21.28
N GLY Q 170 -79.65 -19.94 -20.75
CA GLY Q 170 -79.75 -21.19 -21.53
C GLY Q 170 -78.41 -21.90 -21.62
N THR Q 171 -78.11 -22.48 -22.79
CA THR Q 171 -76.84 -23.20 -23.08
C THR Q 171 -75.78 -22.18 -23.48
N TYR Q 172 -74.54 -22.37 -23.00
CA TYR Q 172 -73.39 -21.45 -23.19
C TYR Q 172 -73.00 -21.41 -24.66
N GLY Q 173 -73.31 -20.30 -25.35
CA GLY Q 173 -72.97 -20.05 -26.77
C GLY Q 173 -74.18 -19.99 -27.69
N SER Q 174 -75.40 -20.12 -27.16
CA SER Q 174 -76.68 -20.11 -27.93
C SER Q 174 -77.07 -18.67 -28.31
N ALA Q 175 -78.05 -18.53 -29.19
CA ALA Q 175 -78.66 -17.25 -29.62
C ALA Q 175 -79.34 -16.56 -28.44
N GLN Q 176 -79.87 -17.34 -27.49
CA GLN Q 176 -80.48 -16.85 -26.22
C GLN Q 176 -79.39 -16.25 -25.33
N TRP Q 177 -78.25 -16.94 -25.22
CA TRP Q 177 -77.06 -16.52 -24.42
C TRP Q 177 -76.50 -15.20 -24.97
N LYS Q 178 -76.39 -15.08 -26.29
CA LYS Q 178 -75.87 -13.87 -26.99
C LYS Q 178 -76.80 -12.68 -26.77
N ARG Q 179 -78.13 -12.91 -26.79
CA ARG Q 179 -79.17 -11.88 -26.53
C ARG Q 179 -79.00 -11.34 -25.09
N MET Q 180 -78.77 -12.23 -24.13
CA MET Q 180 -78.54 -11.89 -22.69
C MET Q 180 -77.17 -11.22 -22.52
N ALA Q 181 -76.14 -11.71 -23.25
CA ALA Q 181 -74.76 -11.15 -23.26
C ALA Q 181 -74.79 -9.73 -23.82
N ALA Q 182 -75.51 -9.51 -24.93
CA ALA Q 182 -75.75 -8.18 -25.54
C ALA Q 182 -76.58 -7.31 -24.58
N GLY Q 183 -77.56 -7.92 -23.90
CA GLY Q 183 -78.41 -7.25 -22.90
C GLY Q 183 -77.63 -6.79 -21.69
N GLU Q 184 -76.69 -7.62 -21.22
CA GLU Q 184 -75.82 -7.36 -20.04
C GLU Q 184 -75.04 -6.06 -20.26
N LEU Q 185 -74.36 -5.96 -21.41
CA LEU Q 185 -73.50 -4.81 -21.78
C LEU Q 185 -74.35 -3.55 -21.93
N ARG Q 186 -75.44 -3.61 -22.71
CA ARG Q 186 -76.37 -2.47 -22.97
C ARG Q 186 -76.96 -1.96 -21.65
N ASN Q 187 -77.34 -2.86 -20.74
CA ASN Q 187 -77.82 -2.51 -19.37
C ASN Q 187 -76.66 -1.95 -18.54
N GLY Q 188 -75.48 -2.57 -18.65
CA GLY Q 188 -74.28 -2.20 -17.88
C GLY Q 188 -73.70 -0.86 -18.31
N ARG Q 189 -73.57 -0.65 -19.63
CA ARG Q 189 -73.09 0.61 -20.25
C ARG Q 189 -74.01 1.77 -19.82
N LEU Q 190 -75.32 1.53 -19.76
CA LEU Q 190 -76.34 2.53 -19.35
C LEU Q 190 -76.17 2.87 -17.87
N ALA Q 191 -75.97 1.86 -17.02
CA ALA Q 191 -75.73 1.99 -15.56
C ALA Q 191 -74.41 2.74 -15.30
N MET Q 192 -73.34 2.36 -16.01
CA MET Q 192 -72.01 3.03 -15.96
C MET Q 192 -72.19 4.55 -16.13
N ILE Q 193 -72.82 4.97 -17.23
CA ILE Q 193 -73.11 6.40 -17.55
C ILE Q 193 -74.07 6.96 -16.49
N ALA Q 194 -75.19 6.26 -16.23
CA ALA Q 194 -76.23 6.66 -15.25
C ALA Q 194 -75.59 7.05 -13.92
N PHE Q 195 -74.61 6.26 -13.45
CA PHE Q 195 -73.91 6.45 -12.15
C PHE Q 195 -73.13 7.76 -12.17
N GLY Q 196 -72.62 8.17 -13.34
CA GLY Q 196 -72.02 9.50 -13.58
C GLY Q 196 -73.01 10.60 -13.31
N GLY Q 197 -74.20 10.52 -13.94
CA GLY Q 197 -75.34 11.42 -13.70
C GLY Q 197 -75.73 11.46 -12.24
N PHE Q 198 -75.89 10.30 -11.61
CA PHE Q 198 -76.25 10.14 -10.18
C PHE Q 198 -75.28 10.97 -9.31
N PHE Q 199 -73.98 10.64 -9.38
CA PHE Q 199 -72.90 11.24 -8.54
C PHE Q 199 -72.86 12.76 -8.73
N HIS Q 200 -72.77 13.22 -9.98
CA HIS Q 200 -72.52 14.65 -10.35
C HIS Q 200 -73.70 15.53 -9.97
N GLN Q 201 -74.93 15.08 -10.27
CA GLN Q 201 -76.20 15.80 -9.96
C GLN Q 201 -76.36 15.96 -8.45
N GLN Q 202 -76.12 14.88 -7.69
CA GLN Q 202 -76.20 14.85 -6.20
C GLN Q 202 -75.15 15.80 -5.60
N LEU Q 203 -74.00 15.98 -6.27
CA LEU Q 203 -72.87 16.81 -5.79
C LEU Q 203 -73.22 18.30 -5.89
N LEU Q 204 -73.94 18.70 -6.95
CA LEU Q 204 -74.42 20.10 -7.14
C LEU Q 204 -75.63 20.36 -6.23
N THR Q 205 -76.71 19.62 -6.44
CA THR Q 205 -78.05 19.86 -5.85
C THR Q 205 -78.05 19.59 -4.34
N LYS Q 206 -77.24 18.63 -3.87
CA LYS Q 206 -77.25 18.10 -2.47
C LYS Q 206 -78.63 17.52 -2.16
N GLN Q 207 -79.25 16.86 -3.16
CA GLN Q 207 -80.59 16.22 -3.08
C GLN Q 207 -80.47 14.75 -3.53
N GLY Q 208 -81.41 13.91 -3.10
CA GLY Q 208 -81.56 12.51 -3.56
C GLY Q 208 -81.92 12.47 -5.04
N ILE Q 209 -81.57 11.37 -5.72
CA ILE Q 209 -81.88 11.12 -7.16
C ILE Q 209 -83.41 11.04 -7.32
N ILE Q 210 -84.08 10.35 -6.39
CA ILE Q 210 -85.56 10.21 -6.33
C ILE Q 210 -86.15 11.55 -5.86
N GLU Q 211 -85.51 12.21 -4.89
CA GLU Q 211 -85.89 13.54 -4.33
C GLU Q 211 -85.87 14.59 -5.45
N GLN Q 212 -84.87 14.54 -6.33
CA GLN Q 212 -84.69 15.49 -7.47
C GLN Q 212 -85.81 15.29 -8.50
N LEU Q 213 -86.13 14.03 -8.82
CA LEU Q 213 -87.18 13.63 -9.80
C LEU Q 213 -88.55 14.17 -9.34
N THR Q 214 -88.90 13.96 -8.07
CA THR Q 214 -90.18 14.38 -7.44
C THR Q 214 -90.29 15.90 -7.42
N HIS Q 215 -89.24 16.58 -6.93
CA HIS Q 215 -89.17 18.06 -6.77
C HIS Q 215 -88.36 18.67 -7.94
N PHE Q 216 -89.04 18.90 -9.06
CA PHE Q 216 -88.50 19.52 -10.31
C PHE Q 216 -87.32 18.71 -10.84
#